data_8JNS
#
_entry.id   8JNS
#
loop_
_entity.id
_entity.type
_entity.pdbx_description
1 polymer 'Cell death protein 4'
2 non-polymer 'MAGNESIUM ION'
3 non-polymer "ADENOSINE-5'-TRIPHOSPHATE"
#
_entity_poly.entity_id   1
_entity_poly.type   'polypeptide(L)'
_entity_poly.pdbx_seq_one_letter_code
;MLCEIECRALSTAHTRLIHDFEPRDALTYLEGKNIFTEDHSELISKMSTRLERIANFLRIYRRQASELGPLIDFFNYNNQ
SHLADFLEDYIDFAINEPDLLRPVVIAPQFSRQMLDRKLLLGNVPKQMTCYIREYHVDRVIKKLDEMCDLDSFFLFLHGR
AGSGKSVIASQALSKSDQLIGINYDSIVWLKDSGTAPKSTFDLFTDILLMLKSEDDLLNFPSVEHVTSVVLKRMICNALI
DRPNTLFVFDDVVQEETIRWAQELRLRCLVTTRDVEISNAASQTCEFIEVTSLEIDECYDFLEAYGMPMPVGEKEEDVLN
KTIELSSGNPATLMMFFKSCEPKTFEKMAQLNNKLESRGLVGVECITPYSYKSLAMALQRCVEVLSDEDRSALAFAVVMP
PGVDIPVKLWSCVIPVDICSNEEEQLDDEVADRLKRLSKRGALLSGKRMPVLTFKIDHIIHMFLKHVVDAQTIANGISIL
EQRLLEIGNNNVSVPERHIPSHFQKFRRSSASEMYPKTTEETVIRPEDFPKFMQLHQKFYDSLKNFACC
;
_entity_poly.pdbx_strand_id   A,B,C,D,E,F,G,H,I
#
loop_
_chem_comp.id
_chem_comp.type
_chem_comp.name
_chem_comp.formula
ATP non-polymer ADENOSINE-5'-TRIPHOSPHATE 'C10 H16 N5 O13 P3'
MG non-polymer 'MAGNESIUM ION' 'Mg 2'
#
# COMPACT_ATOMS: atom_id res chain seq x y z
N MET A 1 5.16 37.59 -17.99
CA MET A 1 5.91 38.09 -16.80
C MET A 1 6.45 39.49 -17.09
N LEU A 2 6.91 40.19 -16.06
CA LEU A 2 7.48 41.56 -16.25
C LEU A 2 8.99 41.52 -16.04
N CYS A 3 9.49 42.20 -15.00
CA CYS A 3 10.93 42.28 -14.74
C CYS A 3 11.18 43.11 -13.48
N GLU A 4 12.45 43.39 -13.18
CA GLU A 4 12.80 44.14 -11.97
C GLU A 4 12.29 45.59 -11.97
N ILE A 5 12.31 46.25 -13.13
CA ILE A 5 11.82 47.63 -13.23
C ILE A 5 10.31 47.71 -13.01
N GLU A 6 9.58 46.91 -13.77
CA GLU A 6 8.12 46.91 -13.74
C GLU A 6 7.56 46.36 -12.42
N CYS A 7 8.31 45.48 -11.75
CA CYS A 7 7.91 44.93 -10.46
C CYS A 7 8.37 45.80 -9.29
N ARG A 8 9.47 46.54 -9.50
CA ARG A 8 9.97 47.49 -8.51
C ARG A 8 8.98 48.65 -8.38
N ALA A 9 8.25 48.92 -9.47
CA ALA A 9 7.24 49.96 -9.50
C ALA A 9 5.98 49.57 -8.72
N LEU A 10 5.52 48.34 -8.92
CA LEU A 10 4.36 47.84 -8.18
C LEU A 10 4.69 47.78 -6.70
N SER A 11 5.97 47.72 -6.38
CA SER A 11 6.42 47.67 -4.99
C SER A 11 6.65 49.05 -4.36
N THR A 12 7.27 49.95 -5.12
CA THR A 12 7.52 51.31 -4.65
C THR A 12 6.21 52.04 -4.37
N ALA A 13 5.30 51.94 -5.34
CA ALA A 13 3.96 52.50 -5.23
C ALA A 13 3.02 51.56 -4.47
N HIS A 14 3.51 50.99 -3.38
CA HIS A 14 2.70 50.05 -2.60
C HIS A 14 2.03 50.67 -1.38
N THR A 15 2.72 51.61 -0.73
CA THR A 15 2.10 52.36 0.36
C THR A 15 0.78 52.95 -0.10
N ARG A 16 0.67 53.25 -1.40
CA ARG A 16 -0.50 53.86 -2.03
C ARG A 16 -1.59 52.86 -2.47
N LEU A 17 -1.19 51.78 -3.12
CA LEU A 17 -2.12 50.75 -3.60
C LEU A 17 -2.87 50.05 -2.47
N ILE A 18 -2.48 50.35 -1.23
CA ILE A 18 -3.15 49.82 -0.04
C ILE A 18 -4.23 50.77 0.51
N HIS A 19 -3.99 52.08 0.40
CA HIS A 19 -4.92 53.11 0.92
C HIS A 19 -6.19 53.28 0.07
N ASP A 20 -6.08 53.09 -1.24
CA ASP A 20 -7.22 53.19 -2.15
C ASP A 20 -7.07 52.36 -3.43
N PHE A 21 -7.78 51.24 -3.50
CA PHE A 21 -7.69 50.30 -4.62
C PHE A 21 -8.53 49.07 -4.29
N GLU A 22 -8.83 48.26 -5.29
CA GLU A 22 -9.57 47.03 -5.05
C GLU A 22 -9.47 46.14 -6.26
N PRO A 23 -8.96 44.92 -6.06
CA PRO A 23 -8.75 43.99 -7.16
C PRO A 23 -10.06 43.54 -7.80
N ARG A 24 -11.18 43.62 -7.09
CA ARG A 24 -12.47 43.25 -7.68
C ARG A 24 -12.80 44.21 -8.82
N ASP A 25 -12.40 45.47 -8.64
CA ASP A 25 -12.64 46.51 -9.61
C ASP A 25 -11.92 46.25 -10.93
N ALA A 26 -10.78 45.56 -10.87
CA ALA A 26 -9.95 45.36 -12.06
C ALA A 26 -10.10 44.00 -12.73
N LEU A 27 -10.73 43.06 -12.02
CA LEU A 27 -10.85 41.68 -12.51
C LEU A 27 -11.62 41.59 -13.83
N THR A 28 -12.72 42.34 -13.92
CA THR A 28 -13.51 42.35 -15.14
C THR A 28 -12.74 42.96 -16.31
N TYR A 29 -12.04 44.05 -16.03
CA TYR A 29 -11.23 44.73 -17.05
C TYR A 29 -10.01 43.90 -17.49
N LEU A 30 -9.62 42.93 -16.68
CA LEU A 30 -8.47 42.09 -17.03
C LEU A 30 -8.79 40.66 -17.54
N GLU A 31 -9.90 40.08 -17.10
CA GLU A 31 -10.37 38.85 -17.72
C GLU A 31 -10.57 39.19 -19.19
N GLY A 32 -10.82 40.49 -19.43
CA GLY A 32 -11.10 41.04 -20.74
C GLY A 32 -9.89 41.29 -21.63
N LYS A 33 -8.99 42.18 -21.22
CA LYS A 33 -7.82 42.49 -22.03
C LYS A 33 -6.87 41.29 -22.13
N ASN A 34 -7.36 40.12 -21.73
CA ASN A 34 -6.66 38.84 -21.86
C ASN A 34 -5.36 38.74 -21.06
N ILE A 35 -5.51 38.65 -19.73
CA ILE A 35 -4.31 38.55 -18.84
C ILE A 35 -4.53 37.39 -17.85
N PHE A 36 -5.73 37.29 -17.26
CA PHE A 36 -5.98 36.25 -16.23
C PHE A 36 -7.00 35.22 -16.73
N THR A 37 -7.50 34.36 -15.83
CA THR A 37 -8.46 33.28 -16.22
C THR A 37 -9.71 33.34 -15.35
N GLU A 38 -10.61 32.36 -15.49
CA GLU A 38 -11.80 32.34 -14.63
C GLU A 38 -11.55 31.66 -13.28
N ASP A 39 -10.41 31.01 -13.13
CA ASP A 39 -9.97 30.63 -11.78
C ASP A 39 -9.18 31.77 -11.12
N HIS A 40 -8.43 32.53 -11.91
CA HIS A 40 -7.66 33.67 -11.41
C HIS A 40 -8.57 34.62 -10.68
N SER A 41 -9.64 35.03 -11.37
CA SER A 41 -10.63 35.97 -10.82
C SER A 41 -11.39 35.37 -9.65
N GLU A 42 -11.58 34.05 -9.68
CA GLU A 42 -12.18 33.34 -8.54
C GLU A 42 -11.25 33.46 -7.33
N LEU A 43 -9.96 33.18 -7.55
CA LEU A 43 -8.99 33.18 -6.46
C LEU A 43 -8.81 34.55 -5.78
N ILE A 44 -8.80 35.62 -6.58
CA ILE A 44 -8.65 36.98 -6.04
C ILE A 44 -9.98 37.65 -5.63
N SER A 45 -11.08 37.18 -6.22
CA SER A 45 -12.42 37.70 -5.97
C SER A 45 -13.06 37.23 -4.67
N LYS A 46 -12.82 35.98 -4.26
CA LYS A 46 -13.25 35.51 -2.93
C LYS A 46 -12.11 35.54 -1.90
N MET A 47 -11.83 36.72 -1.36
CA MET A 47 -10.81 36.89 -0.35
C MET A 47 -11.33 37.81 0.73
N SER A 48 -11.34 37.35 1.98
CA SER A 48 -11.96 38.09 3.07
C SER A 48 -11.46 39.54 3.20
N THR A 49 -10.14 39.72 3.37
CA THR A 49 -9.56 41.06 3.45
C THR A 49 -9.07 41.53 2.06
N ARG A 50 -8.85 42.84 1.91
CA ARG A 50 -8.39 43.40 0.64
C ARG A 50 -6.87 43.25 0.43
N LEU A 51 -6.09 43.32 1.52
CA LEU A 51 -4.64 43.11 1.44
C LEU A 51 -4.34 41.72 0.88
N GLU A 52 -5.31 40.81 1.03
CA GLU A 52 -5.23 39.50 0.38
C GLU A 52 -5.49 39.60 -1.13
N ARG A 53 -6.59 40.24 -1.50
CA ARG A 53 -6.92 40.43 -2.91
C ARG A 53 -5.86 41.27 -3.60
N ILE A 54 -5.22 42.16 -2.85
CA ILE A 54 -4.17 43.00 -3.39
C ILE A 54 -2.85 42.25 -3.61
N ALA A 55 -2.43 41.46 -2.62
CA ALA A 55 -1.19 40.67 -2.69
C ALA A 55 -1.27 39.55 -3.73
N ASN A 56 -2.47 38.96 -3.90
CA ASN A 56 -2.76 38.02 -4.99
C ASN A 56 -2.86 38.66 -6.38
N PHE A 57 -3.34 39.91 -6.44
CA PHE A 57 -3.46 40.64 -7.69
C PHE A 57 -2.07 41.04 -8.19
N LEU A 58 -1.22 41.48 -7.26
CA LEU A 58 0.14 41.84 -7.58
C LEU A 58 1.08 40.63 -7.80
N ARG A 59 0.80 39.51 -7.15
CA ARG A 59 1.52 38.26 -7.41
C ARG A 59 1.11 37.69 -8.79
N ILE A 60 -0.18 37.39 -8.94
CA ILE A 60 -0.73 36.84 -10.20
C ILE A 60 -0.44 37.73 -11.40
N TYR A 61 -0.48 39.04 -11.19
CA TYR A 61 -0.27 39.97 -12.29
C TYR A 61 1.15 39.94 -12.84
N ARG A 62 2.14 39.89 -11.96
CA ARG A 62 3.54 39.98 -12.38
C ARG A 62 3.94 38.82 -13.30
N ARG A 63 3.14 37.77 -13.32
CA ARG A 63 3.42 36.57 -14.10
C ARG A 63 2.76 36.60 -15.48
N GLN A 64 1.57 37.20 -15.53
CA GLN A 64 0.66 37.09 -16.66
C GLN A 64 0.85 38.07 -17.84
N ALA A 65 1.14 39.33 -17.53
CA ALA A 65 1.22 40.38 -18.55
C ALA A 65 2.59 40.48 -19.22
N SER A 66 2.59 40.71 -20.53
CA SER A 66 3.83 40.94 -21.29
C SER A 66 4.44 42.31 -20.93
N GLU A 67 3.66 43.14 -20.25
CA GLU A 67 4.09 44.50 -19.89
C GLU A 67 3.17 45.16 -18.85
N LEU A 68 3.49 46.39 -18.46
CA LEU A 68 2.71 47.12 -17.46
C LEU A 68 1.77 48.15 -18.11
N GLY A 69 1.05 47.72 -19.16
CA GLY A 69 0.11 48.64 -19.85
C GLY A 69 -1.27 48.63 -19.22
N PRO A 70 -2.13 47.63 -19.53
CA PRO A 70 -3.52 47.65 -19.05
C PRO A 70 -3.75 48.22 -17.65
N LEU A 71 -2.83 48.02 -16.73
CA LEU A 71 -3.04 48.48 -15.35
C LEU A 71 -3.22 49.99 -15.29
N ILE A 72 -2.40 50.73 -16.02
CA ILE A 72 -2.51 52.18 -16.04
C ILE A 72 -3.88 52.58 -16.56
N ASP A 73 -4.31 51.95 -17.64
CA ASP A 73 -5.62 52.26 -18.21
C ASP A 73 -6.70 52.04 -17.17
N PHE A 74 -6.62 50.91 -16.47
CA PHE A 74 -7.60 50.62 -15.44
C PHE A 74 -7.63 51.70 -14.38
N PHE A 75 -6.47 52.05 -13.84
CA PHE A 75 -6.43 53.04 -12.79
C PHE A 75 -7.05 54.34 -13.29
N ASN A 76 -6.74 54.70 -14.52
CA ASN A 76 -7.29 55.93 -15.09
C ASN A 76 -8.81 55.90 -15.17
N TYR A 77 -9.37 54.84 -15.75
CA TYR A 77 -10.82 54.79 -15.92
C TYR A 77 -11.51 54.68 -14.58
N ASN A 78 -10.84 54.08 -13.61
CA ASN A 78 -11.47 53.84 -12.30
C ASN A 78 -11.50 55.05 -11.34
N ASN A 79 -11.28 56.26 -11.86
CA ASN A 79 -11.25 57.48 -11.04
C ASN A 79 -10.11 57.46 -10.02
N GLN A 80 -9.25 56.45 -10.15
CA GLN A 80 -8.02 56.35 -9.36
C GLN A 80 -6.83 56.78 -10.22
N SER A 81 -7.01 57.83 -11.00
CA SER A 81 -5.96 58.28 -11.90
C SER A 81 -4.74 58.84 -11.21
N HIS A 82 -4.90 59.25 -9.95
CA HIS A 82 -3.73 59.69 -9.17
C HIS A 82 -2.77 58.54 -8.99
N LEU A 83 -3.24 57.32 -9.28
CA LEU A 83 -2.40 56.11 -9.29
C LEU A 83 -1.73 55.86 -10.65
N ALA A 84 -2.52 55.66 -11.70
CA ALA A 84 -1.97 55.38 -13.03
C ALA A 84 -1.03 56.47 -13.51
N ASP A 85 -1.16 57.66 -12.94
CA ASP A 85 -0.25 58.77 -13.24
C ASP A 85 1.11 58.58 -12.57
N PHE A 86 1.12 58.19 -11.29
CA PHE A 86 2.37 57.90 -10.57
C PHE A 86 3.18 56.78 -11.24
N LEU A 87 2.50 55.71 -11.63
CA LEU A 87 3.19 54.58 -12.26
C LEU A 87 3.69 54.91 -13.68
N GLU A 88 2.93 55.67 -14.46
CA GLU A 88 3.42 56.07 -15.78
C GLU A 88 4.60 57.05 -15.67
N ASP A 89 4.62 57.85 -14.61
CA ASP A 89 5.74 58.76 -14.34
C ASP A 89 6.99 57.94 -14.05
N TYR A 90 6.83 56.87 -13.28
CA TYR A 90 7.93 55.99 -12.87
C TYR A 90 8.52 55.20 -14.06
N ILE A 91 7.66 54.70 -14.93
CA ILE A 91 8.08 53.97 -16.13
C ILE A 91 8.81 54.89 -17.10
N ASP A 92 8.55 56.19 -16.99
CA ASP A 92 9.18 57.17 -17.89
C ASP A 92 10.57 57.61 -17.41
N PHE A 93 10.74 57.75 -16.09
CA PHE A 93 12.05 58.08 -15.53
C PHE A 93 13.00 56.85 -15.52
N ALA A 94 12.83 55.95 -16.48
CA ALA A 94 13.71 54.79 -16.58
C ALA A 94 14.23 54.61 -18.01
N ILE A 95 13.32 54.51 -18.98
CA ILE A 95 13.70 54.33 -20.38
C ILE A 95 14.36 55.57 -21.02
N ASN A 96 13.65 56.70 -20.98
CA ASN A 96 14.14 57.93 -21.59
C ASN A 96 15.22 58.62 -20.74
N GLU A 97 14.81 59.18 -19.61
CA GLU A 97 15.75 59.83 -18.70
C GLU A 97 16.15 58.90 -17.54
N PRO A 98 17.33 58.25 -17.66
CA PRO A 98 17.89 57.40 -16.61
C PRO A 98 18.45 58.26 -15.48
N ASP A 99 18.87 57.62 -14.38
CA ASP A 99 19.44 58.35 -13.24
C ASP A 99 18.38 59.08 -12.43
N LEU A 100 17.55 59.87 -13.12
CA LEU A 100 16.59 60.78 -12.48
C LEU A 100 15.55 60.07 -11.61
N LEU A 101 15.48 58.74 -11.73
CA LEU A 101 14.47 57.96 -11.01
C LEU A 101 14.65 57.99 -9.48
N ARG A 102 15.88 57.82 -9.03
CA ARG A 102 16.19 57.82 -7.60
C ARG A 102 16.05 59.20 -6.92
N PRO A 103 16.61 60.27 -7.53
CA PRO A 103 16.46 61.62 -6.95
C PRO A 103 15.01 62.09 -6.99
N VAL A 104 14.32 61.87 -8.09
CA VAL A 104 12.95 62.38 -8.23
C VAL A 104 11.83 61.44 -7.78
N VAL A 105 11.65 60.32 -8.48
CA VAL A 105 10.52 59.44 -8.16
C VAL A 105 10.79 58.41 -7.06
N ILE A 106 12.01 58.38 -6.54
CA ILE A 106 12.32 57.36 -5.54
C ILE A 106 12.70 57.95 -4.18
N ALA A 107 13.38 59.08 -4.17
CA ALA A 107 13.83 59.69 -2.92
C ALA A 107 12.67 60.07 -1.97
N PRO A 108 11.65 60.78 -2.48
CA PRO A 108 10.62 61.18 -1.52
C PRO A 108 9.99 59.97 -0.84
N GLN A 109 10.11 58.80 -1.47
CA GLN A 109 9.52 57.59 -0.93
C GLN A 109 10.27 57.09 0.29
N PHE A 110 11.41 57.68 0.58
CA PHE A 110 12.21 57.25 1.72
C PHE A 110 11.41 57.37 3.01
N SER A 111 11.60 56.42 3.92
CA SER A 111 10.89 56.45 5.19
C SER A 111 11.66 55.67 6.24
N ARG A 112 12.26 56.37 7.20
CA ARG A 112 13.08 55.69 8.20
C ARG A 112 12.29 54.63 8.94
N GLN A 113 11.05 54.94 9.31
CA GLN A 113 10.20 53.97 9.99
C GLN A 113 10.04 52.74 9.11
N MET A 114 9.85 52.95 7.81
CA MET A 114 9.76 51.84 6.90
C MET A 114 11.07 51.07 6.89
N LEU A 115 12.17 51.80 6.98
CA LEU A 115 13.47 51.16 7.02
C LEU A 115 13.50 50.21 8.19
N ASP A 116 13.04 50.67 9.36
CA ASP A 116 12.95 49.80 10.51
C ASP A 116 12.16 48.59 10.08
N ARG A 117 10.87 48.81 9.79
CA ARG A 117 10.05 47.72 9.26
C ARG A 117 10.83 46.81 8.32
N LYS A 118 11.49 47.39 7.33
CA LYS A 118 12.24 46.59 6.35
C LYS A 118 13.49 45.93 6.96
N LEU A 119 14.20 46.66 7.83
CA LEU A 119 15.36 46.08 8.51
C LEU A 119 14.95 44.90 9.35
N LEU A 120 13.96 45.08 10.21
CA LEU A 120 13.52 43.99 11.07
C LEU A 120 13.11 42.73 10.29
N LEU A 121 12.39 42.92 9.20
CA LEU A 121 11.87 41.78 8.47
C LEU A 121 12.93 41.05 7.66
N GLY A 122 14.00 41.78 7.32
CA GLY A 122 15.14 41.22 6.62
C GLY A 122 16.16 40.68 7.60
N ASN A 123 15.74 40.59 8.87
CA ASN A 123 16.56 40.03 9.95
C ASN A 123 17.91 40.70 10.13
N VAL A 124 17.95 42.00 9.84
CA VAL A 124 19.11 42.84 10.11
C VAL A 124 19.21 43.15 11.60
N PRO A 125 20.42 42.99 12.19
CA PRO A 125 20.57 43.30 13.61
C PRO A 125 20.78 44.78 13.86
N LYS A 126 20.77 45.19 15.13
CA LYS A 126 20.97 46.60 15.47
C LYS A 126 22.42 47.01 15.25
N GLN A 127 22.63 48.26 14.88
CA GLN A 127 23.99 48.74 14.65
C GLN A 127 24.58 49.37 15.92
N MET A 128 25.89 49.55 15.94
CA MET A 128 26.54 50.13 17.11
C MET A 128 26.36 51.64 17.14
N THR A 129 25.29 52.09 17.78
CA THR A 129 25.02 53.52 17.84
C THR A 129 26.13 54.29 18.54
N CYS A 130 26.79 53.65 19.49
CA CYS A 130 27.84 54.32 20.24
C CYS A 130 28.98 54.77 19.34
N TYR A 131 29.94 53.88 19.10
CA TYR A 131 31.09 54.22 18.27
C TYR A 131 30.78 53.73 16.88
N ILE A 132 31.10 54.54 15.90
CA ILE A 132 30.90 54.15 14.52
C ILE A 132 32.20 54.31 13.78
N ARG A 133 32.62 53.25 13.08
CA ARG A 133 33.80 53.39 12.24
C ARG A 133 33.40 54.18 11.00
N GLU A 134 33.76 55.46 11.04
CA GLU A 134 33.40 56.40 10.01
C GLU A 134 33.73 55.82 8.64
N TYR A 135 35.03 55.79 8.40
CA TYR A 135 35.63 55.45 7.12
C TYR A 135 34.90 54.30 6.44
N HIS A 136 34.77 53.22 7.19
CA HIS A 136 34.34 51.94 6.64
C HIS A 136 32.87 51.87 6.31
N VAL A 137 32.02 52.16 7.29
CA VAL A 137 30.59 52.15 7.07
C VAL A 137 30.25 53.03 5.87
N ASP A 138 31.01 54.11 5.73
CA ASP A 138 30.83 55.02 4.61
C ASP A 138 31.14 54.35 3.27
N ARG A 139 32.32 53.72 3.20
CA ARG A 139 32.85 53.14 1.97
C ARG A 139 32.05 51.95 1.53
N VAL A 140 31.56 51.19 2.51
CA VAL A 140 30.60 50.12 2.24
C VAL A 140 29.36 50.65 1.52
N ILE A 141 28.73 51.67 2.11
CA ILE A 141 27.49 52.23 1.57
C ILE A 141 27.69 52.77 0.17
N LYS A 142 28.82 53.43 -0.01
CA LYS A 142 29.20 53.99 -1.29
C LYS A 142 29.23 52.91 -2.36
N LYS A 143 30.04 51.89 -2.13
CA LYS A 143 30.21 50.83 -3.12
C LYS A 143 28.93 50.02 -3.34
N LEU A 144 27.98 50.14 -2.42
CA LEU A 144 26.68 49.50 -2.60
C LEU A 144 25.77 50.36 -3.49
N ASP A 145 25.84 51.68 -3.27
CA ASP A 145 25.12 52.64 -4.13
C ASP A 145 25.57 52.50 -5.59
N GLU A 146 26.86 52.28 -5.81
CA GLU A 146 27.39 52.23 -7.18
C GLU A 146 26.83 51.04 -7.95
N MET A 147 26.25 50.10 -7.22
CA MET A 147 25.91 48.82 -7.81
C MET A 147 24.42 48.49 -7.87
N CYS A 148 23.57 49.28 -7.23
CA CYS A 148 22.12 49.01 -7.30
C CYS A 148 21.67 48.91 -8.74
N ASP A 149 22.46 49.49 -9.63
CA ASP A 149 22.24 49.40 -11.06
C ASP A 149 22.48 47.97 -11.56
N LEU A 150 23.60 47.39 -11.14
CA LEU A 150 24.00 46.02 -11.48
C LEU A 150 22.93 44.94 -11.25
N ASP A 151 22.98 43.89 -12.06
CA ASP A 151 21.97 42.82 -12.03
C ASP A 151 22.23 41.75 -10.95
N SER A 152 23.52 41.57 -10.61
CA SER A 152 24.01 40.63 -9.59
C SER A 152 25.51 40.91 -9.33
N PHE A 153 25.93 40.85 -8.06
CA PHE A 153 27.28 41.27 -7.70
C PHE A 153 27.68 40.84 -6.27
N PHE A 154 28.98 40.65 -6.04
CA PHE A 154 29.49 40.30 -4.69
C PHE A 154 30.25 41.44 -4.05
N LEU A 155 29.87 41.79 -2.84
CA LEU A 155 30.67 42.71 -2.06
C LEU A 155 31.27 41.99 -0.87
N PHE A 156 32.60 41.94 -0.80
CA PHE A 156 33.29 41.19 0.25
C PHE A 156 33.85 42.07 1.34
N LEU A 157 33.13 42.11 2.45
CA LEU A 157 33.59 42.82 3.62
C LEU A 157 34.39 41.84 4.47
N HIS A 158 35.62 41.58 4.05
CA HIS A 158 36.47 40.56 4.67
C HIS A 158 37.47 41.10 5.69
N GLY A 159 37.67 40.37 6.79
CA GLY A 159 38.67 40.78 7.79
C GLY A 159 39.13 39.72 8.77
N ARG A 160 39.95 40.14 9.73
CA ARG A 160 40.38 39.21 10.80
C ARG A 160 39.14 38.75 11.55
N ALA A 161 39.31 37.86 12.53
CA ALA A 161 38.18 37.35 13.27
C ALA A 161 37.93 38.29 14.41
N GLY A 162 36.66 38.59 14.66
CA GLY A 162 36.31 39.59 15.66
C GLY A 162 36.77 40.98 15.27
N SER A 163 37.25 41.10 14.03
CA SER A 163 37.80 42.35 13.49
C SER A 163 36.71 43.36 13.26
N GLY A 164 35.45 42.95 13.36
CA GLY A 164 34.33 43.89 13.33
C GLY A 164 33.52 44.04 12.05
N LYS A 165 33.69 43.12 11.10
CA LYS A 165 33.00 43.18 9.79
C LYS A 165 31.47 43.20 9.89
N SER A 166 30.91 42.30 10.67
CA SER A 166 29.47 42.09 10.71
C SER A 166 28.79 43.34 11.26
N VAL A 167 29.41 43.99 12.26
CA VAL A 167 28.84 45.21 12.86
C VAL A 167 28.69 46.36 11.84
N ILE A 168 29.71 46.55 11.02
CA ILE A 168 29.70 47.52 9.93
C ILE A 168 28.57 47.28 8.90
N ALA A 169 28.16 46.05 8.66
CA ALA A 169 27.09 45.83 7.71
C ALA A 169 25.80 46.23 8.41
N SER A 170 25.77 46.10 9.72
CA SER A 170 24.59 46.48 10.48
C SER A 170 24.39 47.98 10.37
N GLN A 171 25.51 48.70 10.34
CA GLN A 171 25.52 50.17 10.35
C GLN A 171 25.37 50.75 8.95
N ALA A 172 26.02 50.12 7.99
CA ALA A 172 25.98 50.55 6.59
C ALA A 172 24.58 50.41 6.01
N LEU A 173 23.80 49.48 6.54
CA LEU A 173 22.39 49.37 6.14
C LEU A 173 21.44 50.07 7.13
N SER A 174 22.00 50.84 8.06
CA SER A 174 21.16 51.46 9.08
C SER A 174 21.33 52.99 9.19
N LYS A 175 22.43 53.52 8.65
CA LYS A 175 22.64 54.98 8.62
C LYS A 175 21.74 55.67 7.61
N SER A 176 22.11 55.58 6.33
CA SER A 176 21.34 56.28 5.26
C SER A 176 19.94 55.70 5.09
N ASP A 177 19.07 56.44 4.40
CA ASP A 177 17.69 55.99 4.14
C ASP A 177 17.62 55.54 2.68
N GLN A 178 18.77 55.63 2.00
CA GLN A 178 18.88 55.37 0.55
C GLN A 178 19.02 53.89 0.22
N LEU A 179 19.95 53.21 0.87
CA LEU A 179 20.21 51.81 0.57
C LEU A 179 18.95 50.95 0.53
N ILE A 180 18.09 51.16 1.52
CA ILE A 180 16.80 50.47 1.57
C ILE A 180 15.61 51.43 1.26
N GLY A 181 15.01 51.24 0.08
CA GLY A 181 13.91 52.08 -0.38
C GLY A 181 14.25 52.79 -1.68
N ILE A 182 15.41 53.44 -1.68
CA ILE A 182 15.92 54.19 -2.82
C ILE A 182 16.75 53.32 -3.79
N ASN A 183 17.80 52.66 -3.26
CA ASN A 183 18.71 51.83 -4.08
C ASN A 183 18.29 50.36 -4.20
N TYR A 184 17.81 49.81 -3.10
CA TYR A 184 17.29 48.43 -3.07
C TYR A 184 15.94 48.44 -2.34
N ASP A 185 14.99 47.65 -2.84
CA ASP A 185 13.63 47.61 -2.29
C ASP A 185 13.53 46.90 -0.96
N SER A 186 14.17 45.73 -0.85
CA SER A 186 14.12 44.93 0.37
C SER A 186 15.51 44.43 0.82
N ILE A 187 15.57 43.94 2.06
CA ILE A 187 16.80 43.34 2.62
C ILE A 187 16.59 41.90 3.15
N VAL A 188 17.52 41.01 2.83
CA VAL A 188 17.60 39.66 3.43
C VAL A 188 18.99 39.40 4.01
N TRP A 189 19.07 39.36 5.34
CA TRP A 189 20.34 39.18 6.03
C TRP A 189 20.29 37.86 6.77
N LEU A 190 21.16 36.96 6.32
CA LEU A 190 21.24 35.58 6.79
C LEU A 190 22.66 35.27 7.23
N LYS A 191 22.79 34.69 8.43
CA LYS A 191 24.10 34.25 8.91
C LYS A 191 24.38 32.84 8.43
N ASP A 192 25.56 32.64 7.83
CA ASP A 192 25.95 31.37 7.25
C ASP A 192 26.60 30.48 8.31
N SER A 193 27.94 30.54 8.39
CA SER A 193 28.72 29.77 9.36
C SER A 193 28.69 28.27 9.08
N GLY A 194 28.44 27.92 7.81
CA GLY A 194 28.29 26.54 7.38
C GLY A 194 29.60 25.81 7.16
N THR A 195 29.66 24.60 7.69
CA THR A 195 30.86 23.77 7.66
C THR A 195 30.57 22.42 7.01
N ALA A 196 29.42 21.83 7.36
CA ALA A 196 28.94 20.60 6.76
C ALA A 196 28.69 20.83 5.28
N PRO A 197 28.51 19.76 4.49
CA PRO A 197 28.19 19.88 3.06
C PRO A 197 26.69 20.11 2.80
N LYS A 198 25.88 19.79 3.80
CA LYS A 198 24.45 20.06 3.79
C LYS A 198 24.17 21.51 4.14
N SER A 199 25.17 22.22 4.63
CA SER A 199 24.97 23.58 5.12
C SER A 199 24.65 24.57 3.96
N THR A 200 25.31 24.38 2.83
CA THR A 200 25.14 25.30 1.70
C THR A 200 23.76 25.15 1.10
N PHE A 201 23.10 24.03 1.39
CA PHE A 201 21.74 23.83 0.92
C PHE A 201 20.79 24.31 1.99
N ASP A 202 21.11 24.06 3.24
CA ASP A 202 20.25 24.46 4.34
C ASP A 202 20.13 25.99 4.39
N LEU A 203 21.20 26.66 4.00
CA LEU A 203 21.23 28.10 3.99
C LEU A 203 20.11 28.55 3.10
N PHE A 204 20.19 28.10 1.85
CA PHE A 204 19.26 28.50 0.81
C PHE A 204 17.83 28.00 1.03
N THR A 205 17.66 27.09 1.99
CA THR A 205 16.33 26.74 2.45
C THR A 205 15.75 27.89 3.25
N ASP A 206 16.59 28.61 3.97
CA ASP A 206 16.10 29.64 4.86
C ASP A 206 16.10 30.98 4.15
N ILE A 207 16.79 31.07 3.01
CA ILE A 207 16.56 32.22 2.13
C ILE A 207 15.13 32.14 1.57
N LEU A 208 14.88 31.12 0.74
CA LEU A 208 13.51 30.93 0.20
C LEU A 208 12.48 31.33 1.26
N LEU A 209 12.68 30.92 2.52
CA LEU A 209 11.68 31.24 3.53
C LEU A 209 11.78 32.68 4.00
N MET A 210 12.97 33.28 3.92
CA MET A 210 13.11 34.71 4.12
C MET A 210 12.31 35.47 3.04
N LEU A 211 12.13 34.81 1.90
CA LEU A 211 11.36 35.39 0.79
C LEU A 211 9.87 35.19 0.93
N LYS A 212 9.46 33.95 1.22
CA LYS A 212 8.04 33.62 1.23
C LYS A 212 7.17 34.47 2.14
N SER A 213 5.96 34.72 1.61
CA SER A 213 4.95 35.58 2.20
C SER A 213 4.59 35.13 3.60
N GLU A 214 4.08 36.05 4.40
CA GLU A 214 3.65 35.75 5.77
C GLU A 214 2.59 34.67 5.68
N ASP A 215 1.74 34.79 4.67
CA ASP A 215 0.84 33.72 4.29
C ASP A 215 1.70 32.59 3.72
N ASP A 216 1.24 31.36 3.91
CA ASP A 216 1.96 30.19 3.43
C ASP A 216 3.36 30.12 4.02
N LEU A 217 3.43 30.30 5.33
CA LEU A 217 4.50 29.76 6.15
C LEU A 217 3.86 28.59 6.86
N LEU A 218 2.53 28.62 6.90
CA LEU A 218 1.73 27.49 7.37
C LEU A 218 1.86 26.32 6.40
N ASN A 219 1.66 26.63 5.12
CA ASN A 219 1.80 25.63 4.07
C ASN A 219 3.25 25.16 3.81
N PHE A 220 4.22 25.83 4.42
CA PHE A 220 5.62 25.42 4.28
C PHE A 220 5.58 23.91 4.30
N PRO A 221 6.03 23.28 3.20
CA PRO A 221 6.13 21.81 3.07
C PRO A 221 7.38 21.17 3.72
N SER A 222 7.45 19.85 3.65
CA SER A 222 8.66 19.16 4.04
C SER A 222 9.69 19.45 2.95
N VAL A 223 9.94 20.75 2.70
CA VAL A 223 10.92 21.16 1.71
C VAL A 223 12.28 20.65 2.12
N GLU A 224 12.39 20.33 3.41
CA GLU A 224 13.55 19.65 3.97
C GLU A 224 14.01 18.52 3.03
N HIS A 225 13.08 17.86 2.34
CA HIS A 225 13.46 16.81 1.38
C HIS A 225 13.04 17.11 -0.06
N VAL A 226 13.98 17.62 -0.83
CA VAL A 226 13.76 18.07 -2.22
C VAL A 226 15.11 18.47 -2.80
N THR A 227 15.36 18.13 -4.05
CA THR A 227 16.70 18.29 -4.63
C THR A 227 17.24 19.71 -4.63
N SER A 228 18.54 19.83 -4.87
CA SER A 228 19.17 21.14 -4.97
C SER A 228 18.69 21.92 -6.19
N VAL A 229 18.51 21.22 -7.31
CA VAL A 229 18.04 21.84 -8.55
C VAL A 229 16.65 22.49 -8.37
N VAL A 230 15.89 21.94 -7.43
CA VAL A 230 14.53 22.39 -7.17
C VAL A 230 14.43 23.52 -6.15
N LEU A 231 15.15 23.43 -5.03
CA LEU A 231 15.22 24.56 -4.10
C LEU A 231 15.72 25.78 -4.86
N LYS A 232 16.69 25.56 -5.75
CA LYS A 232 17.25 26.64 -6.57
C LYS A 232 16.21 27.21 -7.53
N ARG A 233 15.52 26.32 -8.26
CA ARG A 233 14.49 26.76 -9.21
C ARG A 233 13.32 27.36 -8.43
N MET A 234 12.94 26.71 -7.34
CA MET A 234 11.89 27.18 -6.46
C MET A 234 12.15 28.59 -5.89
N ILE A 235 13.43 28.93 -5.66
CA ILE A 235 13.81 30.26 -5.18
C ILE A 235 13.75 31.31 -6.26
N CYS A 236 14.47 31.08 -7.36
CA CYS A 236 14.52 32.09 -8.41
C CYS A 236 13.12 32.36 -8.98
N ASN A 237 12.19 31.45 -8.66
CA ASN A 237 10.78 31.69 -9.04
C ASN A 237 10.18 32.65 -8.02
N ALA A 238 10.12 32.27 -6.74
CA ALA A 238 9.59 33.15 -5.67
C ALA A 238 10.40 34.44 -5.58
N LEU A 239 11.40 34.61 -6.46
CA LEU A 239 12.28 35.78 -6.47
C LEU A 239 11.81 36.87 -7.44
N ILE A 240 10.73 36.59 -8.18
CA ILE A 240 10.17 37.56 -9.11
C ILE A 240 9.56 38.71 -8.34
N ASP A 241 9.01 38.43 -7.17
CA ASP A 241 8.37 39.47 -6.37
C ASP A 241 9.36 40.07 -5.40
N ARG A 242 10.65 39.92 -5.71
CA ARG A 242 11.69 40.48 -4.86
C ARG A 242 12.54 41.45 -5.65
N PRO A 243 11.93 42.54 -6.12
CA PRO A 243 12.69 43.49 -6.95
C PRO A 243 13.75 44.20 -6.14
N ASN A 244 14.95 44.35 -6.71
CA ASN A 244 16.02 45.07 -6.01
C ASN A 244 16.17 44.58 -4.59
N THR A 245 16.19 43.27 -4.39
CA THR A 245 16.36 42.71 -3.06
C THR A 245 17.83 42.46 -2.78
N LEU A 246 18.31 42.94 -1.65
CA LEU A 246 19.72 42.75 -1.30
C LEU A 246 19.90 41.56 -0.38
N PHE A 247 21.11 40.99 -0.38
CA PHE A 247 21.39 39.83 0.44
C PHE A 247 22.64 40.04 1.24
N VAL A 248 22.50 40.10 2.57
CA VAL A 248 23.67 40.02 3.43
C VAL A 248 23.83 38.59 3.89
N PHE A 249 25.03 38.05 3.64
CA PHE A 249 25.39 36.71 4.03
C PHE A 249 26.45 36.78 5.12
N ASP A 250 25.99 37.03 6.33
CA ASP A 250 26.91 37.28 7.40
C ASP A 250 27.59 35.96 7.69
N ASP A 251 28.92 35.98 7.59
CA ASP A 251 29.84 34.87 7.95
C ASP A 251 29.88 33.66 7.01
N VAL A 252 30.34 33.86 5.79
CA VAL A 252 30.52 32.74 4.89
C VAL A 252 31.88 32.14 5.16
N VAL A 253 31.90 30.82 5.30
CA VAL A 253 33.13 30.05 5.38
C VAL A 253 33.35 29.19 4.14
N GLN A 254 32.28 28.59 3.63
CA GLN A 254 32.37 27.74 2.43
C GLN A 254 32.14 28.43 1.09
N GLU A 255 33.08 28.27 0.17
CA GLU A 255 32.95 28.78 -1.20
C GLU A 255 31.81 28.15 -2.00
N GLU A 256 31.11 27.19 -1.40
CA GLU A 256 29.96 26.58 -2.08
C GLU A 256 28.77 27.53 -2.03
N THR A 257 28.67 28.25 -0.91
CA THR A 257 27.63 29.32 -0.83
C THR A 257 27.90 30.29 -1.98
N ILE A 258 29.10 30.89 -2.02
CA ILE A 258 29.41 31.73 -3.17
C ILE A 258 29.09 31.11 -4.55
N ARG A 259 29.25 29.81 -4.74
CA ARG A 259 28.84 29.25 -6.02
C ARG A 259 27.34 29.29 -6.21
N TRP A 260 26.57 29.02 -5.15
CA TRP A 260 25.10 29.10 -5.23
C TRP A 260 24.63 30.53 -5.45
N ALA A 261 25.16 31.47 -4.69
CA ALA A 261 24.85 32.88 -4.89
C ALA A 261 24.98 33.33 -6.36
N GLN A 262 25.91 32.72 -7.11
CA GLN A 262 26.17 33.11 -8.51
C GLN A 262 25.33 32.29 -9.52
N GLU A 263 24.80 31.16 -9.08
CA GLU A 263 23.90 30.41 -9.95
C GLU A 263 22.55 31.06 -9.83
N LEU A 264 22.30 31.68 -8.67
CA LEU A 264 21.03 32.31 -8.34
C LEU A 264 21.02 33.80 -8.71
N ARG A 265 22.06 34.21 -9.43
CA ARG A 265 22.16 35.59 -9.88
C ARG A 265 21.75 36.61 -8.80
N LEU A 266 22.29 36.43 -7.59
CA LEU A 266 21.95 37.29 -6.46
C LEU A 266 22.81 38.52 -6.30
N ARG A 267 22.26 39.48 -5.57
CA ARG A 267 22.98 40.68 -5.18
C ARG A 267 23.39 40.48 -3.73
N CYS A 268 24.70 40.35 -3.47
CA CYS A 268 25.22 39.94 -2.15
C CYS A 268 26.23 40.88 -1.45
N LEU A 269 25.91 41.24 -0.23
CA LEU A 269 26.92 41.71 0.70
C LEU A 269 27.43 40.45 1.37
N VAL A 270 28.72 40.37 1.65
CA VAL A 270 29.31 39.17 2.24
C VAL A 270 30.35 39.51 3.32
N THR A 271 30.05 39.16 4.57
CA THR A 271 31.10 39.19 5.58
C THR A 271 31.72 37.80 5.68
N THR A 272 33.06 37.76 5.71
CA THR A 272 33.85 36.53 5.77
C THR A 272 35.22 36.82 6.35
N ARG A 273 35.94 35.77 6.73
CA ARG A 273 37.31 35.93 7.21
C ARG A 273 38.30 35.49 6.14
N ASP A 274 37.96 34.38 5.49
CA ASP A 274 38.76 33.87 4.37
C ASP A 274 38.36 34.54 3.07
N VAL A 275 39.32 35.24 2.46
CA VAL A 275 38.98 36.08 1.30
C VAL A 275 38.91 35.30 0.00
N GLU A 276 39.60 34.16 -0.05
CA GLU A 276 39.73 33.43 -1.29
C GLU A 276 38.45 32.76 -1.77
N ILE A 277 37.42 32.75 -0.93
CA ILE A 277 36.14 32.15 -1.34
C ILE A 277 35.58 32.85 -2.57
N SER A 278 36.18 33.99 -2.89
CA SER A 278 35.74 34.83 -4.00
C SER A 278 36.24 34.29 -5.33
N ASN A 279 37.27 33.46 -5.28
CA ASN A 279 37.72 32.81 -6.49
C ASN A 279 36.65 31.87 -7.09
N ALA A 280 35.69 31.48 -6.26
CA ALA A 280 34.54 30.70 -6.72
C ALA A 280 33.69 31.46 -7.75
N ALA A 281 33.63 32.80 -7.62
CA ALA A 281 32.84 33.65 -8.52
C ALA A 281 33.65 34.20 -9.67
N SER A 282 33.20 33.94 -10.90
CA SER A 282 33.75 34.59 -12.10
C SER A 282 32.91 35.81 -12.41
N GLN A 283 33.23 36.93 -11.77
CA GLN A 283 32.28 38.03 -11.74
C GLN A 283 32.80 39.33 -11.14
N THR A 284 31.89 40.32 -11.13
CA THR A 284 32.20 41.65 -10.56
C THR A 284 32.37 41.54 -9.05
N CYS A 285 33.57 41.23 -8.61
CA CYS A 285 33.89 41.12 -7.20
C CYS A 285 34.65 42.35 -6.77
N GLU A 286 34.15 42.98 -5.72
CA GLU A 286 34.73 44.22 -5.22
C GLU A 286 34.94 43.98 -3.74
N PHE A 287 35.96 44.60 -3.16
CA PHE A 287 36.40 44.21 -1.83
C PHE A 287 36.63 45.37 -0.88
N ILE A 288 36.34 45.14 0.40
CA ILE A 288 36.65 46.11 1.47
C ILE A 288 37.20 45.40 2.70
N GLU A 289 38.44 45.69 3.07
CA GLU A 289 39.10 44.94 4.14
C GLU A 289 38.98 45.63 5.51
N VAL A 290 38.50 44.91 6.51
CA VAL A 290 38.39 45.51 7.83
C VAL A 290 39.72 45.33 8.54
N THR A 291 40.54 46.37 8.48
CA THR A 291 41.87 46.36 9.08
C THR A 291 41.86 46.41 10.61
N SER A 292 43.03 46.22 11.20
CA SER A 292 43.15 46.38 12.64
C SER A 292 42.91 47.87 12.96
N LEU A 293 42.19 48.16 14.04
CA LEU A 293 41.94 49.54 14.45
C LEU A 293 43.21 50.39 14.60
N GLU A 294 43.37 51.42 13.75
CA GLU A 294 44.49 52.36 13.82
C GLU A 294 44.66 52.93 15.22
N ILE A 295 45.86 53.42 15.54
CA ILE A 295 46.17 53.84 16.91
C ILE A 295 45.27 54.95 17.42
N ASP A 296 44.87 55.84 16.50
CA ASP A 296 44.01 56.97 16.85
C ASP A 296 42.57 56.54 17.06
N GLU A 297 42.11 55.61 16.22
CA GLU A 297 40.76 55.05 16.29
C GLU A 297 40.57 54.29 17.60
N CYS A 298 41.65 53.76 18.12
CA CYS A 298 41.56 53.01 19.35
C CYS A 298 41.21 53.95 20.49
N TYR A 299 41.84 55.11 20.47
CA TYR A 299 41.54 56.12 21.48
C TYR A 299 40.05 56.45 21.46
N ASP A 300 39.55 56.80 20.28
CA ASP A 300 38.16 57.21 20.05
C ASP A 300 37.20 56.17 20.62
N PHE A 301 37.50 54.91 20.30
CA PHE A 301 36.73 53.75 20.73
C PHE A 301 36.70 53.60 22.26
N LEU A 302 37.80 53.98 22.89
CA LEU A 302 37.92 53.86 24.33
C LEU A 302 37.11 54.93 25.04
N GLU A 303 37.39 56.17 24.68
CA GLU A 303 36.60 57.31 25.15
C GLU A 303 35.09 57.07 24.97
N ALA A 304 34.71 56.60 23.79
CA ALA A 304 33.31 56.36 23.48
C ALA A 304 32.64 55.48 24.54
N TYR A 305 33.38 54.48 25.03
CA TYR A 305 32.88 53.63 26.10
C TYR A 305 33.57 53.96 27.40
N GLY A 306 33.34 55.19 27.87
CA GLY A 306 33.80 55.65 29.17
C GLY A 306 35.21 55.30 29.62
N MET A 307 36.12 55.08 28.68
CA MET A 307 37.47 54.68 29.07
C MET A 307 38.39 55.89 29.22
N PRO A 308 39.03 56.03 30.40
CA PRO A 308 39.87 57.17 30.78
C PRO A 308 41.09 57.37 29.88
N MET A 309 41.26 58.59 29.36
CA MET A 309 42.36 58.92 28.46
C MET A 309 43.59 59.43 29.22
N PRO A 310 44.80 59.11 28.71
CA PRO A 310 46.07 59.26 29.44
C PRO A 310 46.41 60.69 29.83
N VAL A 311 47.45 60.81 30.68
CA VAL A 311 47.97 62.14 31.12
C VAL A 311 49.47 61.93 31.36
N GLY A 312 49.84 61.24 32.45
CA GLY A 312 51.23 60.87 32.69
C GLY A 312 51.78 60.12 31.50
N GLU A 313 53.10 60.04 31.37
CA GLU A 313 53.67 59.38 30.21
C GLU A 313 53.56 57.86 30.34
N LYS A 314 53.89 57.33 31.52
CA LYS A 314 53.63 55.91 31.78
C LYS A 314 52.18 55.71 32.22
N GLU A 315 51.29 56.13 31.34
CA GLU A 315 49.84 55.93 31.45
C GLU A 315 49.28 55.87 30.02
N GLU A 316 49.74 56.79 29.16
CA GLU A 316 49.51 56.64 27.73
C GLU A 316 50.19 55.36 27.28
N ASP A 317 51.28 55.01 27.95
CA ASP A 317 51.98 53.75 27.73
C ASP A 317 51.20 52.54 28.24
N VAL A 318 50.53 52.68 29.39
CA VAL A 318 49.68 51.60 29.92
C VAL A 318 48.63 51.28 28.88
N LEU A 319 48.19 52.33 28.19
CA LEU A 319 47.16 52.22 27.18
C LEU A 319 47.70 51.79 25.82
N ASN A 320 48.94 52.15 25.51
CA ASN A 320 49.62 51.61 24.32
C ASN A 320 49.94 50.13 24.48
N LYS A 321 50.10 49.69 25.72
CA LYS A 321 50.18 48.26 26.00
C LYS A 321 48.88 47.52 25.62
N THR A 322 47.72 48.03 26.03
CA THR A 322 46.47 47.38 25.64
C THR A 322 46.31 47.39 24.13
N ILE A 323 46.59 48.53 23.52
CA ILE A 323 46.43 48.64 22.08
C ILE A 323 47.39 47.74 21.31
N GLU A 324 48.58 47.56 21.88
CA GLU A 324 49.56 46.65 21.29
C GLU A 324 49.13 45.20 21.45
N LEU A 325 48.73 44.84 22.67
CA LEU A 325 48.25 43.48 22.90
C LEU A 325 47.04 43.21 22.03
N SER A 326 46.02 44.06 22.16
CA SER A 326 44.81 43.90 21.36
C SER A 326 45.13 44.10 19.88
N SER A 327 46.23 44.79 19.59
CA SER A 327 46.61 45.04 18.21
C SER A 327 45.42 45.56 17.43
N GLY A 328 44.66 46.48 18.04
CA GLY A 328 43.51 47.05 17.38
C GLY A 328 42.44 46.03 17.03
N ASN A 329 42.03 45.23 18.00
CA ASN A 329 40.96 44.27 17.76
C ASN A 329 39.66 44.51 18.51
N PRO A 330 38.65 45.00 17.78
CA PRO A 330 37.31 45.34 18.24
C PRO A 330 36.81 44.41 19.32
N ALA A 331 36.67 43.14 18.94
CA ALA A 331 36.10 42.09 19.79
C ALA A 331 36.82 41.88 21.12
N THR A 332 38.14 41.67 21.10
CA THR A 332 38.94 41.49 22.34
C THR A 332 39.11 42.77 23.13
N LEU A 333 39.03 43.90 22.42
CA LEU A 333 39.05 45.22 23.04
C LEU A 333 37.79 45.36 23.86
N MET A 334 36.67 44.96 23.27
CA MET A 334 35.40 45.06 23.97
C MET A 334 35.38 44.18 25.20
N MET A 335 35.91 42.97 25.07
CA MET A 335 36.00 42.03 26.19
C MET A 335 36.81 42.66 27.31
N PHE A 336 37.80 43.47 26.92
CA PHE A 336 38.66 44.19 27.86
C PHE A 336 37.86 45.17 28.72
N PHE A 337 37.11 46.03 28.06
CA PHE A 337 36.31 47.02 28.75
C PHE A 337 35.36 46.33 29.74
N LYS A 338 34.53 45.41 29.25
CA LYS A 338 33.56 44.71 30.09
C LYS A 338 34.24 44.14 31.33
N SER A 339 35.56 44.01 31.23
CA SER A 339 36.36 43.36 32.26
C SER A 339 37.33 44.31 32.96
N CYS A 340 37.26 45.59 32.62
CA CYS A 340 38.07 46.60 33.35
C CYS A 340 37.10 47.44 34.18
N GLU A 341 36.10 46.80 34.80
CA GLU A 341 35.09 47.51 35.61
C GLU A 341 35.75 48.64 36.42
N PRO A 342 36.79 48.38 37.26
CA PRO A 342 37.40 49.43 38.07
C PRO A 342 37.74 50.67 37.22
N LYS A 343 37.99 50.47 35.93
CA LYS A 343 38.23 51.60 34.99
C LYS A 343 39.59 52.26 35.29
N THR A 344 40.06 52.21 36.54
CA THR A 344 41.38 52.77 36.86
C THR A 344 42.39 52.47 35.76
N PHE A 345 43.29 53.41 35.49
CA PHE A 345 44.49 53.11 34.71
C PHE A 345 45.21 51.91 35.33
N GLU A 346 45.10 51.80 36.65
CA GLU A 346 45.70 50.71 37.43
C GLU A 346 45.17 49.33 37.04
N LYS A 347 43.87 49.10 37.27
CA LYS A 347 43.23 47.83 36.92
C LYS A 347 43.27 47.56 35.42
N MET A 348 43.54 48.60 34.64
CA MET A 348 43.73 48.48 33.20
C MET A 348 45.09 47.86 32.94
N ALA A 349 46.07 48.24 33.75
CA ALA A 349 47.41 47.65 33.65
C ALA A 349 47.51 46.25 34.27
N GLN A 350 46.70 45.97 35.29
CA GLN A 350 46.61 44.63 35.88
C GLN A 350 46.33 43.64 34.77
N LEU A 351 45.34 43.99 33.95
CA LEU A 351 44.89 43.16 32.85
C LEU A 351 45.99 43.03 31.80
N ASN A 352 46.69 44.12 31.52
CA ASN A 352 47.77 44.09 30.55
C ASN A 352 48.75 42.97 30.87
N ASN A 353 48.86 42.66 32.15
CA ASN A 353 49.66 41.53 32.63
C ASN A 353 48.98 40.19 32.36
N LYS A 354 47.78 40.04 32.93
CA LYS A 354 46.93 38.86 32.78
C LYS A 354 46.95 38.36 31.34
N LEU A 355 47.17 39.29 30.41
CA LEU A 355 47.15 38.98 28.98
C LEU A 355 48.43 38.26 28.53
N GLU A 356 49.55 38.57 29.17
CA GLU A 356 50.83 37.94 28.84
C GLU A 356 50.98 36.56 29.51
N SER A 357 50.40 36.44 30.71
CA SER A 357 50.47 35.20 31.46
C SER A 357 49.18 34.36 31.48
N ARG A 358 48.31 34.56 30.49
CA ARG A 358 47.09 33.75 30.39
C ARG A 358 46.47 33.83 28.99
N GLY A 359 47.15 34.54 28.08
CA GLY A 359 46.64 34.71 26.73
C GLY A 359 45.27 35.38 26.74
N LEU A 360 44.50 35.19 25.68
CA LEU A 360 43.21 35.86 25.57
C LEU A 360 42.25 35.44 26.69
N VAL A 361 42.57 34.36 27.40
CA VAL A 361 41.66 33.78 28.40
C VAL A 361 41.65 34.60 29.68
N GLY A 362 42.47 35.63 29.70
CA GLY A 362 42.62 36.45 30.88
C GLY A 362 41.55 37.52 30.92
N VAL A 363 40.96 37.74 29.76
CA VAL A 363 39.99 38.82 29.56
C VAL A 363 38.68 38.30 28.89
N GLU A 364 38.60 37.00 28.69
CA GLU A 364 37.38 36.39 28.19
C GLU A 364 36.22 36.77 29.11
N CYS A 365 35.15 37.25 28.48
CA CYS A 365 33.99 37.85 29.15
C CYS A 365 32.71 37.66 28.33
N ILE A 366 31.56 37.87 28.98
CA ILE A 366 30.26 37.97 28.28
C ILE A 366 30.21 39.24 27.45
N THR A 367 30.09 39.09 26.13
CA THR A 367 30.14 40.24 25.24
C THR A 367 29.09 40.09 24.13
N PRO A 368 28.63 41.21 23.55
CA PRO A 368 27.82 41.15 22.33
C PRO A 368 28.34 40.15 21.26
N TYR A 369 29.61 39.78 21.34
CA TYR A 369 30.17 38.69 20.51
C TYR A 369 29.56 37.32 20.91
N SER A 370 29.27 36.47 19.92
CA SER A 370 28.72 35.15 20.23
C SER A 370 29.73 34.37 21.04
N TYR A 371 30.94 34.91 21.13
CA TYR A 371 32.10 34.21 21.68
C TYR A 371 32.63 34.80 23.00
N LYS A 372 32.90 33.93 23.97
CA LYS A 372 33.50 34.32 25.23
C LYS A 372 34.88 34.96 25.03
N SER A 373 35.68 34.43 24.10
CA SER A 373 37.01 34.98 23.81
C SER A 373 37.39 34.73 22.36
N LEU A 374 38.29 35.57 21.85
CA LEU A 374 38.66 35.53 20.43
C LEU A 374 39.23 34.14 20.03
N ALA A 375 39.58 33.36 21.05
CA ALA A 375 40.17 32.05 20.79
C ALA A 375 39.10 31.07 20.31
N MET A 376 37.85 31.29 20.73
CA MET A 376 36.74 30.41 20.35
C MET A 376 36.46 30.61 18.87
N ALA A 377 36.78 31.80 18.39
CA ALA A 377 36.49 32.15 17.00
C ALA A 377 37.55 31.57 16.10
N LEU A 378 38.78 31.89 16.46
CA LEU A 378 39.95 31.54 15.69
C LEU A 378 40.11 30.02 15.60
N GLN A 379 39.62 29.32 16.61
CA GLN A 379 39.54 27.88 16.57
C GLN A 379 39.22 27.50 15.13
N ARG A 380 38.06 27.92 14.66
CA ARG A 380 37.58 27.53 13.33
C ARG A 380 38.54 27.94 12.19
N CYS A 381 39.00 29.19 12.25
CA CYS A 381 39.87 29.72 11.20
C CYS A 381 41.07 28.81 10.97
N VAL A 382 41.37 28.02 11.99
CA VAL A 382 42.57 27.18 12.03
C VAL A 382 42.30 25.73 11.61
N GLU A 383 41.05 25.29 11.83
CA GLU A 383 40.60 23.96 11.47
C GLU A 383 40.49 23.86 9.96
N VAL A 384 39.93 24.90 9.37
CA VAL A 384 39.72 24.98 7.95
C VAL A 384 41.02 24.92 7.14
N LEU A 385 42.12 25.23 7.81
CA LEU A 385 43.39 25.44 7.15
C LEU A 385 43.89 24.18 6.49
N SER A 386 44.41 24.31 5.28
CA SER A 386 45.10 23.20 4.62
C SER A 386 45.96 22.47 5.66
N ASP A 387 45.90 21.13 5.68
CA ASP A 387 46.65 20.30 6.65
C ASP A 387 48.14 20.74 6.78
N GLU A 388 48.74 21.11 5.65
CA GLU A 388 50.12 21.57 5.56
C GLU A 388 50.31 22.98 6.11
N ASP A 389 49.30 23.83 5.88
CA ASP A 389 49.24 25.22 6.34
C ASP A 389 48.99 25.31 7.85
N ARG A 390 48.26 24.34 8.37
CA ARG A 390 47.97 24.22 9.80
C ARG A 390 49.28 24.10 10.59
N SER A 391 50.25 23.51 9.90
CA SER A 391 51.60 23.24 10.39
C SER A 391 52.41 24.52 10.41
N ALA A 392 52.51 25.16 9.25
CA ALA A 392 53.16 26.48 9.10
C ALA A 392 52.75 27.48 10.17
N LEU A 393 51.44 27.58 10.40
CA LEU A 393 50.89 28.51 11.38
C LEU A 393 51.36 28.13 12.74
N ALA A 394 51.30 26.84 13.01
CA ALA A 394 51.53 26.31 14.34
C ALA A 394 52.94 26.64 14.84
N PHE A 395 53.89 26.83 13.92
CA PHE A 395 55.27 27.13 14.31
C PHE A 395 55.56 28.62 14.39
N ALA A 396 54.61 29.44 13.96
CA ALA A 396 54.82 30.89 13.95
C ALA A 396 54.98 31.46 15.35
N VAL A 397 54.62 30.67 16.36
CA VAL A 397 54.67 31.16 17.74
C VAL A 397 56.07 31.64 18.10
N VAL A 398 57.09 30.95 17.62
CA VAL A 398 58.47 31.32 17.96
C VAL A 398 58.81 32.75 17.54
N MET A 399 58.26 33.19 16.41
CA MET A 399 58.56 34.53 15.92
C MET A 399 58.03 35.61 16.85
N PRO A 400 58.85 36.65 17.09
CA PRO A 400 58.42 37.76 17.94
C PRO A 400 57.34 38.59 17.25
N PRO A 401 56.23 38.83 17.94
CA PRO A 401 55.12 39.60 17.34
C PRO A 401 55.47 41.05 17.10
N GLY A 402 54.79 41.70 16.16
CA GLY A 402 55.03 43.10 15.88
C GLY A 402 56.45 43.40 15.41
N VAL A 403 56.98 42.56 14.54
CA VAL A 403 58.33 42.77 14.03
C VAL A 403 58.32 42.34 12.58
N ASP A 404 58.86 43.19 11.72
CA ASP A 404 58.94 42.86 10.30
C ASP A 404 60.19 42.01 10.05
N ILE A 405 59.99 40.78 9.57
CA ILE A 405 61.10 39.83 9.53
C ILE A 405 61.15 39.04 8.21
N PRO A 406 62.36 38.80 7.69
CA PRO A 406 62.62 38.18 6.38
C PRO A 406 62.08 36.78 6.18
N VAL A 407 61.99 36.36 4.92
CA VAL A 407 61.43 35.06 4.56
C VAL A 407 62.38 33.96 4.99
N LYS A 408 63.67 34.17 4.75
CA LYS A 408 64.65 33.16 5.12
C LYS A 408 64.67 32.93 6.64
N LEU A 409 64.66 34.01 7.41
CA LEU A 409 64.54 33.95 8.88
C LEU A 409 63.30 33.14 9.30
N TRP A 410 62.39 32.91 8.37
CA TRP A 410 61.20 32.12 8.67
C TRP A 410 61.42 30.70 8.20
N SER A 411 62.13 30.57 7.07
CA SER A 411 62.45 29.27 6.47
C SER A 411 63.07 28.31 7.50
N CYS A 412 63.51 28.90 8.61
CA CYS A 412 64.20 28.19 9.67
C CYS A 412 63.28 27.34 10.54
N VAL A 413 62.12 27.87 10.92
CA VAL A 413 61.19 27.11 11.77
C VAL A 413 60.13 26.32 10.97
N ILE A 414 59.78 26.79 9.79
CA ILE A 414 58.71 26.20 9.01
C ILE A 414 59.13 24.89 8.30
N PRO A 415 58.31 23.82 8.44
CA PRO A 415 58.45 22.51 7.77
C PRO A 415 58.43 22.52 6.22
N VAL A 416 58.77 21.38 5.60
CA VAL A 416 58.64 21.13 4.15
C VAL A 416 59.08 19.71 3.77
N GLU A 424 65.41 20.50 -2.74
CA GLU A 424 66.21 21.47 -3.48
C GLU A 424 66.65 22.64 -2.61
N GLN A 425 66.89 23.79 -3.23
CA GLN A 425 67.52 24.91 -2.53
C GLN A 425 66.71 26.22 -2.46
N LEU A 426 65.66 26.37 -3.26
CA LEU A 426 64.83 27.56 -3.10
C LEU A 426 63.54 27.35 -2.29
N ASP A 427 63.56 27.91 -1.09
CA ASP A 427 62.42 27.90 -0.19
C ASP A 427 61.58 29.15 -0.37
N ASP A 428 60.83 29.17 -1.47
CA ASP A 428 59.81 30.17 -1.72
C ASP A 428 58.52 29.56 -1.22
N GLU A 429 58.47 28.24 -1.22
CA GLU A 429 57.32 27.51 -0.71
C GLU A 429 56.91 28.05 0.64
N VAL A 430 57.87 28.53 1.43
CA VAL A 430 57.53 29.15 2.71
C VAL A 430 56.65 30.38 2.48
N ALA A 431 57.07 31.23 1.55
CA ALA A 431 56.28 32.42 1.23
C ALA A 431 54.86 32.10 0.74
N ASP A 432 54.71 31.05 -0.06
CA ASP A 432 53.40 30.67 -0.60
C ASP A 432 52.44 30.30 0.52
N ARG A 433 52.95 29.61 1.52
CA ARG A 433 52.15 29.23 2.66
C ARG A 433 51.77 30.47 3.46
N LEU A 434 52.74 31.35 3.68
CA LEU A 434 52.51 32.58 4.45
C LEU A 434 51.53 33.57 3.80
N LYS A 435 51.44 33.56 2.47
CA LYS A 435 50.39 34.30 1.81
C LYS A 435 49.01 33.68 2.07
N ARG A 436 48.82 32.41 1.70
CA ARG A 436 47.59 31.67 2.04
C ARG A 436 47.18 31.98 3.49
N LEU A 437 48.20 32.16 4.34
CA LEU A 437 48.03 32.38 5.77
C LEU A 437 47.48 33.76 6.14
N SER A 438 47.91 34.79 5.42
CA SER A 438 47.28 36.10 5.59
C SER A 438 45.94 36.19 4.84
N LYS A 439 45.85 35.66 3.61
CA LYS A 439 44.57 35.56 2.91
C LYS A 439 43.43 34.86 3.69
N ARG A 440 43.77 33.96 4.61
CA ARG A 440 42.74 33.06 5.16
C ARG A 440 42.45 33.20 6.63
N GLY A 441 42.11 34.40 7.05
CA GLY A 441 41.76 34.64 8.44
C GLY A 441 42.64 35.78 8.86
N ALA A 442 43.48 36.20 7.91
CA ALA A 442 44.39 37.30 8.12
C ALA A 442 45.14 37.01 9.39
N LEU A 443 45.89 35.92 9.37
CA LEU A 443 46.59 35.48 10.56
C LEU A 443 48.00 36.05 10.49
N LEU A 444 48.53 36.11 9.26
CA LEU A 444 49.90 36.65 9.05
C LEU A 444 49.80 38.11 8.59
N SER A 445 50.73 38.54 7.75
CA SER A 445 50.70 39.93 7.22
C SER A 445 51.79 40.08 6.14
N GLY A 446 51.39 40.24 4.87
CA GLY A 446 52.37 40.36 3.80
C GLY A 446 52.81 41.77 3.46
N LYS A 447 54.10 41.92 3.12
CA LYS A 447 54.71 43.23 2.85
C LYS A 447 55.86 43.13 1.82
N ARG A 448 55.55 43.47 0.56
CA ARG A 448 56.38 43.16 -0.62
C ARG A 448 57.82 43.68 -0.62
N MET A 449 57.98 45.01 -0.67
CA MET A 449 59.29 45.64 -0.52
C MET A 449 59.36 46.42 0.79
N PRO A 450 60.56 46.81 1.24
CA PRO A 450 61.88 46.72 0.58
C PRO A 450 62.27 45.29 0.22
N VAL A 451 62.02 44.36 1.13
CA VAL A 451 62.25 42.93 0.89
C VAL A 451 61.05 42.11 1.40
N LEU A 452 60.74 41.02 0.70
CA LEU A 452 59.61 40.14 1.09
C LEU A 452 59.67 39.66 2.54
N THR A 453 58.82 40.24 3.37
CA THR A 453 58.82 39.96 4.80
C THR A 453 57.38 39.86 5.28
N PHE A 454 57.15 39.02 6.28
CA PHE A 454 55.84 38.93 6.89
C PHE A 454 55.92 39.36 8.33
N LYS A 455 54.83 39.23 9.06
CA LYS A 455 54.83 39.63 10.46
C LYS A 455 53.60 39.06 11.16
N ILE A 456 53.78 38.62 12.39
CA ILE A 456 52.66 38.16 13.20
C ILE A 456 52.38 39.16 14.31
N ASP A 457 51.12 39.57 14.43
CA ASP A 457 50.67 40.53 15.44
C ASP A 457 50.55 39.80 16.80
N HIS A 458 50.13 40.50 17.85
CA HIS A 458 50.04 39.88 19.19
C HIS A 458 48.77 39.10 19.47
N ILE A 459 47.63 39.59 19.02
CA ILE A 459 46.38 38.87 19.24
C ILE A 459 46.52 37.56 18.50
N ILE A 460 47.02 37.63 17.26
CA ILE A 460 47.29 36.42 16.46
C ILE A 460 48.42 35.58 17.08
N HIS A 461 49.08 36.13 18.10
CA HIS A 461 50.13 35.39 18.77
C HIS A 461 49.69 34.69 20.05
N MET A 462 49.24 35.43 21.06
CA MET A 462 48.85 34.80 22.34
C MET A 462 47.74 33.83 22.14
N PHE A 463 47.23 33.80 20.90
CA PHE A 463 46.33 32.75 20.50
C PHE A 463 47.17 31.49 20.48
N LEU A 464 48.17 31.45 19.59
CA LEU A 464 49.10 30.32 19.48
C LEU A 464 49.90 30.00 20.76
N LYS A 465 50.28 31.06 21.49
CA LYS A 465 51.00 30.87 22.77
C LYS A 465 50.30 29.83 23.64
N HIS A 466 49.11 30.16 24.17
CA HIS A 466 48.36 29.15 24.95
C HIS A 466 47.51 28.10 24.17
N VAL A 467 47.99 27.64 23.03
CA VAL A 467 47.20 26.75 22.18
C VAL A 467 47.98 25.63 21.47
N VAL A 468 49.21 25.93 21.03
CA VAL A 468 50.08 24.90 20.45
C VAL A 468 50.72 24.04 21.56
N ASP A 469 51.16 22.83 21.18
CA ASP A 469 51.77 21.88 22.11
C ASP A 469 52.93 22.52 22.84
N ALA A 470 52.85 22.56 24.17
CA ALA A 470 53.89 23.22 24.96
C ALA A 470 55.28 22.78 24.50
N GLN A 471 55.37 21.55 23.98
CA GLN A 471 56.61 21.01 23.43
C GLN A 471 57.00 21.71 22.12
N THR A 472 56.07 21.75 21.18
CA THR A 472 56.34 22.26 19.84
C THR A 472 56.84 23.71 19.84
N ILE A 473 56.49 24.45 20.89
CA ILE A 473 57.07 25.76 21.07
C ILE A 473 58.57 25.61 21.28
N ALA A 474 58.94 24.89 22.34
CA ALA A 474 60.35 24.71 22.67
C ALA A 474 61.16 24.00 21.56
N ASN A 475 60.53 23.10 20.81
CA ASN A 475 61.20 22.42 19.69
C ASN A 475 61.49 23.33 18.52
N GLY A 476 60.60 24.30 18.31
CA GLY A 476 60.78 25.25 17.22
C GLY A 476 61.85 26.25 17.57
N ILE A 477 61.94 26.57 18.85
CA ILE A 477 62.94 27.49 19.34
C ILE A 477 64.34 26.91 19.14
N SER A 478 64.52 25.64 19.49
CA SER A 478 65.79 24.94 19.27
C SER A 478 66.07 24.77 17.78
N ILE A 479 65.08 24.33 17.03
CA ILE A 479 65.18 24.19 15.57
C ILE A 479 65.58 25.52 14.89
N LEU A 480 65.40 26.63 15.62
CA LEU A 480 65.83 27.94 15.14
C LEU A 480 67.29 28.25 15.50
N GLU A 481 67.62 28.11 16.78
CA GLU A 481 68.97 28.38 17.25
C GLU A 481 70.00 27.60 16.44
N GLN A 482 69.55 26.56 15.76
CA GLN A 482 70.46 25.77 14.91
C GLN A 482 70.76 26.54 13.65
N ARG A 483 69.72 27.08 13.02
CA ARG A 483 69.90 27.85 11.80
C ARG A 483 70.48 29.22 12.11
N LEU A 484 70.66 29.51 13.39
CA LEU A 484 71.18 30.81 13.78
C LEU A 484 72.54 31.03 13.15
N LEU A 485 73.39 30.02 13.23
CA LEU A 485 74.73 30.14 12.65
C LEU A 485 74.71 29.86 11.16
N GLU A 486 74.30 28.65 10.78
CA GLU A 486 74.28 28.28 9.37
C GLU A 486 75.57 28.68 8.69
N ILE A 487 75.47 29.46 7.63
CA ILE A 487 76.66 29.90 6.90
C ILE A 487 77.71 30.51 7.82
N GLU A 521 63.21 48.91 15.19
CA GLU A 521 63.21 50.27 14.66
C GLU A 521 62.77 50.27 13.20
N THR A 522 62.56 51.46 12.63
CA THR A 522 62.06 51.59 11.23
C THR A 522 63.03 50.92 10.24
N VAL A 523 63.95 50.09 10.74
CA VAL A 523 64.92 49.39 9.89
C VAL A 523 64.74 47.89 10.01
N ILE A 524 64.63 47.25 8.85
CA ILE A 524 64.51 45.80 8.75
C ILE A 524 65.85 45.16 9.09
N ARG A 525 65.82 43.94 9.59
CA ARG A 525 67.05 43.23 10.00
C ARG A 525 67.85 42.72 8.80
N PRO A 526 69.12 43.17 8.70
CA PRO A 526 70.05 42.88 7.59
C PRO A 526 70.59 41.45 7.60
N GLU A 527 71.06 40.98 6.44
CA GLU A 527 71.56 39.62 6.29
C GLU A 527 72.97 39.41 6.85
N ASP A 528 73.61 40.50 7.28
CA ASP A 528 74.91 40.42 7.94
C ASP A 528 74.70 40.11 9.41
N PHE A 529 73.47 40.36 9.86
CA PHE A 529 73.13 40.25 11.28
C PHE A 529 71.99 39.27 11.59
N PRO A 530 71.77 38.24 10.74
CA PRO A 530 70.73 37.27 11.10
C PRO A 530 71.28 36.28 12.13
N LYS A 531 72.58 36.03 12.06
CA LYS A 531 73.21 35.09 12.96
C LYS A 531 72.77 35.40 14.40
N PHE A 532 72.41 36.66 14.65
CA PHE A 532 71.88 37.01 15.97
C PHE A 532 70.42 37.54 16.02
N MET A 533 69.48 36.62 16.16
CA MET A 533 68.10 36.95 16.49
C MET A 533 68.07 37.50 17.91
N GLN A 534 69.26 37.73 18.44
CA GLN A 534 69.44 38.12 19.83
C GLN A 534 68.91 39.52 20.13
N LEU A 535 68.60 40.30 19.09
CA LEU A 535 68.01 41.61 19.32
C LEU A 535 66.74 41.45 20.14
N HIS A 536 65.97 40.41 19.81
CA HIS A 536 64.70 40.10 20.46
C HIS A 536 64.85 39.10 21.61
N GLN A 537 66.05 39.04 22.19
CA GLN A 537 66.26 38.19 23.36
C GLN A 537 65.18 38.51 24.38
N LYS A 538 64.86 39.79 24.51
CA LYS A 538 63.83 40.22 25.45
C LYS A 538 62.55 39.40 25.22
N PHE A 539 62.01 39.53 24.00
CA PHE A 539 60.76 38.89 23.59
C PHE A 539 60.93 37.39 23.26
N TYR A 540 62.04 36.81 23.72
CA TYR A 540 62.34 35.38 23.50
C TYR A 540 62.62 34.66 24.81
N ASP A 541 63.14 35.40 25.78
CA ASP A 541 63.47 34.85 27.07
C ASP A 541 62.21 34.46 27.84
N SER A 542 61.09 35.10 27.48
CA SER A 542 59.79 34.87 28.12
C SER A 542 59.13 33.58 27.62
N LEU A 543 59.96 32.55 27.43
CA LEU A 543 59.52 31.19 27.11
C LEU A 543 60.36 30.19 27.95
N MET B 1 -23.63 -1.48 -18.54
CA MET B 1 -22.39 -1.11 -19.23
C MET B 1 -22.60 -0.95 -20.73
N LEU B 2 -21.73 -0.19 -21.39
CA LEU B 2 -21.83 -0.03 -22.83
C LEU B 2 -20.97 -1.07 -23.53
N CYS B 3 -20.77 -0.91 -24.83
CA CYS B 3 -19.92 -1.84 -25.57
C CYS B 3 -18.80 -1.09 -26.26
N GLU B 4 -17.73 -1.79 -26.60
CA GLU B 4 -16.59 -1.14 -27.24
C GLU B 4 -17.09 -0.18 -28.31
N ILE B 5 -17.99 -0.64 -29.15
CA ILE B 5 -18.56 0.25 -30.19
C ILE B 5 -19.01 1.58 -29.59
N GLU B 6 -19.83 1.50 -28.56
CA GLU B 6 -20.41 2.67 -27.91
C GLU B 6 -19.37 3.52 -27.17
N CYS B 7 -18.29 2.88 -26.71
CA CYS B 7 -17.20 3.58 -26.02
C CYS B 7 -16.14 4.09 -27.00
N ARG B 8 -16.01 3.41 -28.14
CA ARG B 8 -15.12 3.84 -29.21
C ARG B 8 -15.64 5.14 -29.81
N ALA B 9 -16.95 5.32 -29.74
CA ALA B 9 -17.61 6.53 -30.24
C ALA B 9 -17.37 7.74 -29.34
N LEU B 10 -17.50 7.53 -28.03
CA LEU B 10 -17.23 8.59 -27.07
C LEU B 10 -15.76 9.00 -27.14
N SER B 11 -14.93 8.09 -27.65
CA SER B 11 -13.50 8.35 -27.77
C SER B 11 -13.11 9.00 -29.11
N THR B 12 -13.70 8.51 -30.20
CA THR B 12 -13.44 9.07 -31.54
C THR B 12 -13.89 10.52 -31.62
N ALA B 13 -15.10 10.76 -31.13
CA ALA B 13 -15.67 12.10 -31.05
C ALA B 13 -15.21 12.83 -29.80
N HIS B 14 -13.92 12.72 -29.47
CA HIS B 14 -13.39 13.35 -28.27
C HIS B 14 -12.70 14.70 -28.53
N THR B 15 -12.02 14.81 -29.67
CA THR B 15 -11.45 16.10 -30.06
C THR B 15 -12.53 17.17 -30.01
N ARG B 16 -13.79 16.77 -30.25
CA ARG B 16 -14.95 17.66 -30.29
C ARG B 16 -15.60 17.93 -28.92
N LEU B 17 -15.80 16.88 -28.13
CA LEU B 17 -16.42 17.01 -26.80
C LEU B 17 -15.59 17.85 -25.83
N ILE B 18 -14.38 18.22 -26.26
CA ILE B 18 -13.51 19.09 -25.48
C ILE B 18 -13.65 20.58 -25.86
N HIS B 19 -13.91 20.85 -27.14
CA HIS B 19 -14.03 22.23 -27.66
C HIS B 19 -15.35 22.94 -27.26
N ASP B 20 -16.42 22.16 -27.15
CA ASP B 20 -17.73 22.69 -26.75
C ASP B 20 -18.65 21.65 -26.08
N PHE B 21 -18.78 21.75 -24.76
CA PHE B 21 -19.56 20.79 -23.96
C PHE B 21 -19.38 21.14 -22.49
N GLU B 22 -20.23 20.60 -21.64
CA GLU B 22 -20.10 20.82 -20.21
C GLU B 22 -20.95 19.83 -19.46
N PRO B 23 -20.33 19.04 -18.58
CA PRO B 23 -21.04 17.99 -17.84
C PRO B 23 -22.06 18.58 -16.88
N ARG B 24 -21.91 19.83 -16.46
CA ARG B 24 -22.90 20.43 -15.56
C ARG B 24 -24.23 20.56 -16.30
N ASP B 25 -24.15 20.79 -17.60
CA ASP B 25 -25.32 20.96 -18.43
C ASP B 25 -26.14 19.67 -18.53
N ALA B 26 -25.47 18.53 -18.41
CA ALA B 26 -26.15 17.24 -18.61
C ALA B 26 -26.54 16.52 -17.32
N LEU B 27 -26.00 16.98 -16.20
CA LEU B 27 -26.21 16.31 -14.91
C LEU B 27 -27.69 16.28 -14.50
N THR B 28 -28.37 17.41 -14.69
CA THR B 28 -29.78 17.49 -14.37
C THR B 28 -30.62 16.57 -15.26
N TYR B 29 -30.29 16.57 -16.56
CA TYR B 29 -30.99 15.73 -17.53
C TYR B 29 -30.72 14.23 -17.31
N LEU B 30 -29.64 13.90 -16.61
CA LEU B 30 -29.32 12.49 -16.36
C LEU B 30 -29.63 11.96 -14.94
N GLU B 31 -29.58 12.81 -13.93
CA GLU B 31 -30.10 12.43 -12.61
C GLU B 31 -31.55 12.05 -12.85
N GLY B 32 -32.15 12.64 -13.87
CA GLY B 32 -33.55 12.37 -14.17
C GLY B 32 -33.73 11.05 -14.87
N LYS B 33 -32.72 10.64 -15.64
CA LYS B 33 -32.80 9.38 -16.36
C LYS B 33 -32.21 8.27 -15.51
N ASN B 34 -32.02 8.54 -14.23
CA ASN B 34 -31.51 7.53 -13.31
C ASN B 34 -30.15 7.00 -13.75
N ILE B 35 -29.35 7.88 -14.35
CA ILE B 35 -28.02 7.48 -14.77
C ILE B 35 -26.98 8.08 -13.84
N PHE B 36 -27.37 9.10 -13.09
CA PHE B 36 -26.44 9.76 -12.19
C PHE B 36 -27.02 9.97 -10.80
N THR B 37 -26.50 9.25 -9.81
CA THR B 37 -26.95 9.41 -8.43
C THR B 37 -26.64 10.82 -7.93
N GLU B 38 -26.96 11.09 -6.66
CA GLU B 38 -26.68 12.42 -6.10
C GLU B 38 -25.25 12.57 -5.59
N ASP B 39 -24.51 11.49 -5.51
CA ASP B 39 -23.05 11.59 -5.35
C ASP B 39 -22.36 11.73 -6.72
N HIS B 40 -22.90 11.06 -7.73
CA HIS B 40 -22.35 11.13 -9.09
C HIS B 40 -22.27 12.56 -9.54
N SER B 41 -23.41 13.26 -9.44
CA SER B 41 -23.52 14.66 -9.86
C SER B 41 -22.67 15.57 -8.96
N GLU B 42 -22.53 15.19 -7.70
CA GLU B 42 -21.63 15.91 -6.79
C GLU B 42 -20.19 15.77 -7.29
N LEU B 43 -19.79 14.55 -7.60
CA LEU B 43 -18.41 14.28 -8.02
C LEU B 43 -18.01 14.98 -9.32
N ILE B 44 -18.91 15.03 -10.30
CA ILE B 44 -18.64 15.69 -11.58
C ILE B 44 -18.96 17.20 -11.60
N SER B 45 -19.85 17.61 -10.71
CA SER B 45 -20.28 19.00 -10.59
C SER B 45 -19.30 19.93 -9.86
N LYS B 46 -18.60 19.43 -8.85
CA LYS B 46 -17.51 20.20 -8.23
C LYS B 46 -16.13 19.77 -8.74
N MET B 47 -15.75 20.26 -9.91
CA MET B 47 -14.46 19.97 -10.50
C MET B 47 -13.91 21.26 -11.09
N SER B 48 -12.71 21.65 -10.66
CA SER B 48 -12.14 22.94 -11.05
C SER B 48 -12.09 23.17 -12.57
N THR B 49 -11.44 22.27 -13.31
CA THR B 49 -11.39 22.36 -14.77
C THR B 49 -12.49 21.53 -15.42
N ARG B 50 -12.80 21.80 -16.69
CA ARG B 50 -13.83 21.06 -17.42
C ARG B 50 -13.36 19.70 -17.94
N LEU B 51 -12.09 19.60 -18.33
CA LEU B 51 -11.51 18.34 -18.79
C LEU B 51 -11.62 17.30 -17.67
N GLU B 52 -11.71 17.76 -16.42
CA GLU B 52 -12.00 16.90 -15.29
C GLU B 52 -13.46 16.45 -15.28
N ARG B 53 -14.38 17.41 -15.37
CA ARG B 53 -15.80 17.10 -15.41
C ARG B 53 -16.14 16.27 -16.64
N ILE B 54 -15.39 16.45 -17.72
CA ILE B 54 -15.59 15.69 -18.94
C ILE B 54 -15.09 14.24 -18.84
N ALA B 55 -13.87 14.05 -18.30
CA ALA B 55 -13.27 12.73 -18.13
C ALA B 55 -14.01 11.88 -17.10
N ASN B 56 -14.55 12.52 -16.05
CA ASN B 56 -15.45 11.88 -15.09
C ASN B 56 -16.86 11.58 -15.63
N PHE B 57 -17.34 12.42 -16.56
CA PHE B 57 -18.65 12.22 -17.16
C PHE B 57 -18.59 11.05 -18.13
N LEU B 58 -17.50 10.97 -18.88
CA LEU B 58 -17.29 9.87 -19.81
C LEU B 58 -16.85 8.55 -19.14
N ARG B 59 -16.17 8.64 -18.00
CA ARG B 59 -15.88 7.45 -17.20
C ARG B 59 -17.14 6.92 -16.52
N ILE B 60 -17.77 7.76 -15.68
CA ILE B 60 -19.01 7.41 -14.96
C ILE B 60 -20.12 6.98 -15.90
N TYR B 61 -20.20 7.61 -17.06
CA TYR B 61 -21.28 7.31 -17.99
C TYR B 61 -21.16 5.91 -18.59
N ARG B 62 -19.96 5.51 -18.98
CA ARG B 62 -19.78 4.24 -19.67
C ARG B 62 -20.18 3.04 -18.82
N ARG B 63 -20.34 3.27 -17.52
CA ARG B 63 -20.69 2.19 -16.57
C ARG B 63 -22.19 2.11 -16.32
N GLN B 64 -22.85 3.27 -16.34
CA GLN B 64 -24.22 3.42 -15.85
C GLN B 64 -25.36 3.12 -16.83
N ALA B 65 -25.21 3.52 -18.09
CA ALA B 65 -26.29 3.40 -19.07
C ALA B 65 -26.33 2.05 -19.76
N SER B 66 -27.55 1.53 -19.98
CA SER B 66 -27.74 0.29 -20.74
C SER B 66 -27.44 0.50 -22.24
N GLU B 67 -27.33 1.76 -22.65
CA GLU B 67 -27.09 2.12 -24.05
C GLU B 67 -26.67 3.59 -24.22
N LEU B 68 -26.43 3.99 -25.47
CA LEU B 68 -26.02 5.36 -25.78
C LEU B 68 -27.18 6.21 -26.29
N GLY B 69 -28.34 6.09 -25.66
CA GLY B 69 -29.51 6.88 -26.02
C GLY B 69 -29.57 8.24 -25.37
N PRO B 70 -29.71 8.31 -24.02
CA PRO B 70 -29.89 9.64 -23.41
C PRO B 70 -28.93 10.73 -23.89
N LEU B 71 -27.66 10.39 -24.09
CA LEU B 71 -26.68 11.40 -24.47
C LEU B 71 -27.03 12.08 -25.79
N ILE B 72 -27.49 11.32 -26.76
CA ILE B 72 -27.87 11.89 -28.04
C ILE B 72 -29.07 12.81 -27.88
N ASP B 73 -30.07 12.33 -27.14
CA ASP B 73 -31.25 13.14 -26.91
C ASP B 73 -30.82 14.46 -26.33
N PHE B 74 -29.80 14.42 -25.47
CA PHE B 74 -29.31 15.63 -24.83
C PHE B 74 -28.65 16.66 -25.78
N PHE B 75 -27.61 16.28 -26.50
CA PHE B 75 -26.89 17.26 -27.31
C PHE B 75 -27.86 17.94 -28.29
N ASN B 76 -28.93 17.22 -28.63
CA ASN B 76 -30.04 17.80 -29.35
C ASN B 76 -30.61 18.99 -28.59
N TYR B 77 -31.22 18.75 -27.42
CA TYR B 77 -31.83 19.82 -26.65
C TYR B 77 -30.87 20.96 -26.26
N ASN B 78 -29.58 20.66 -26.06
CA ASN B 78 -28.64 21.68 -25.57
C ASN B 78 -28.03 22.62 -26.63
N ASN B 79 -28.64 22.68 -27.82
CA ASN B 79 -28.13 23.51 -28.92
C ASN B 79 -26.75 23.05 -29.39
N GLN B 80 -26.31 21.91 -28.87
CA GLN B 80 -25.08 21.26 -29.29
C GLN B 80 -25.43 20.08 -30.22
N SER B 81 -26.40 20.28 -31.10
CA SER B 81 -26.86 19.21 -31.97
C SER B 81 -25.84 18.78 -33.00
N HIS B 82 -24.86 19.64 -33.28
CA HIS B 82 -23.77 19.24 -34.18
C HIS B 82 -22.98 18.10 -33.56
N LEU B 83 -23.20 17.86 -32.27
CA LEU B 83 -22.63 16.72 -31.56
C LEU B 83 -23.50 15.46 -31.62
N ALA B 84 -24.74 15.54 -31.11
CA ALA B 84 -25.63 14.37 -31.11
C ALA B 84 -25.88 13.83 -32.52
N ASP B 85 -25.65 14.66 -33.53
CA ASP B 85 -25.76 14.23 -34.92
C ASP B 85 -24.55 13.38 -35.33
N PHE B 86 -23.34 13.81 -34.97
CA PHE B 86 -22.12 13.04 -35.26
C PHE B 86 -22.16 11.64 -34.61
N LEU B 87 -22.58 11.57 -33.35
CA LEU B 87 -22.64 10.30 -32.64
C LEU B 87 -23.75 9.38 -33.17
N GLU B 88 -24.91 9.92 -33.54
CA GLU B 88 -25.95 9.09 -34.12
C GLU B 88 -25.56 8.58 -35.52
N ASP B 89 -24.76 9.37 -36.23
CA ASP B 89 -24.23 8.96 -37.53
C ASP B 89 -23.29 7.76 -37.34
N TYR B 90 -22.47 7.83 -36.31
CA TYR B 90 -21.49 6.78 -35.99
C TYR B 90 -22.13 5.46 -35.55
N ILE B 91 -23.19 5.56 -34.73
CA ILE B 91 -23.91 4.38 -34.27
C ILE B 91 -24.65 3.73 -35.43
N ASP B 92 -24.92 4.48 -36.49
CA ASP B 92 -25.64 3.96 -37.65
C ASP B 92 -24.72 3.24 -38.64
N PHE B 93 -23.51 3.77 -38.84
CA PHE B 93 -22.54 3.11 -39.70
C PHE B 93 -21.89 1.89 -39.01
N ALA B 94 -22.63 1.21 -38.14
CA ALA B 94 -22.14 0.00 -37.49
C ALA B 94 -23.15 -1.13 -37.55
N ILE B 95 -24.37 -0.89 -37.09
CA ILE B 95 -25.44 -1.91 -37.09
C ILE B 95 -25.95 -2.24 -38.50
N ASN B 96 -26.43 -1.21 -39.21
CA ASN B 96 -27.01 -1.39 -40.53
C ASN B 96 -25.95 -1.60 -41.61
N GLU B 97 -25.22 -0.54 -41.94
CA GLU B 97 -24.14 -0.61 -42.92
C GLU B 97 -22.76 -0.76 -42.26
N PRO B 98 -22.26 -2.01 -42.18
CA PRO B 98 -20.92 -2.30 -41.65
C PRO B 98 -19.85 -1.90 -42.66
N ASP B 99 -18.58 -1.97 -42.27
CA ASP B 99 -17.47 -1.62 -43.16
C ASP B 99 -17.34 -0.11 -43.34
N LEU B 100 -18.44 0.54 -43.69
CA LEU B 100 -18.45 1.95 -44.09
C LEU B 100 -17.98 2.90 -42.99
N LEU B 101 -17.86 2.39 -41.77
CA LEU B 101 -17.48 3.22 -40.61
C LEU B 101 -16.06 3.78 -40.71
N ARG B 102 -15.11 2.94 -41.08
CA ARG B 102 -13.71 3.35 -41.21
C ARG B 102 -13.43 4.32 -42.38
N PRO B 103 -13.95 4.01 -43.60
CA PRO B 103 -13.77 4.92 -44.74
C PRO B 103 -14.48 6.26 -44.53
N VAL B 104 -15.72 6.18 -44.05
CA VAL B 104 -16.61 7.35 -43.97
C VAL B 104 -16.48 8.19 -42.70
N VAL B 105 -16.86 7.60 -41.56
CA VAL B 105 -17.00 8.35 -40.30
C VAL B 105 -15.76 8.39 -39.38
N ILE B 106 -14.69 7.67 -39.78
CA ILE B 106 -13.47 7.53 -38.96
C ILE B 106 -12.23 8.24 -39.54
N ALA B 107 -12.02 8.13 -40.84
CA ALA B 107 -10.86 8.72 -41.55
C ALA B 107 -10.77 10.27 -41.69
N PRO B 108 -11.90 10.95 -41.92
CA PRO B 108 -11.81 12.41 -41.98
C PRO B 108 -11.35 12.97 -40.66
N GLN B 109 -11.44 12.16 -39.60
CA GLN B 109 -11.05 12.62 -38.28
C GLN B 109 -9.60 12.28 -38.00
N PHE B 110 -8.92 11.69 -38.98
CA PHE B 110 -7.53 11.29 -38.78
C PHE B 110 -6.58 12.48 -38.77
N SER B 111 -5.48 12.36 -38.02
CA SER B 111 -4.48 13.42 -38.01
C SER B 111 -3.15 12.82 -37.57
N ARG B 112 -2.08 13.16 -38.27
CA ARG B 112 -0.78 12.58 -37.95
C ARG B 112 -0.19 13.13 -36.67
N GLN B 113 -0.35 14.44 -36.45
CA GLN B 113 0.25 15.06 -35.29
C GLN B 113 -0.40 14.46 -34.05
N MET B 114 -1.58 13.87 -34.27
CA MET B 114 -2.35 13.14 -33.26
C MET B 114 -1.75 11.75 -33.00
N LEU B 115 -1.26 11.12 -34.07
CA LEU B 115 -0.55 9.84 -33.98
C LEU B 115 0.54 9.98 -32.97
N ASP B 116 1.44 10.91 -33.26
CA ASP B 116 2.63 11.10 -32.43
C ASP B 116 2.29 11.26 -30.94
N ARG B 117 1.27 12.04 -30.62
CA ARG B 117 0.67 12.03 -29.28
C ARG B 117 0.33 10.62 -28.81
N LYS B 118 -0.39 9.87 -29.64
CA LYS B 118 -0.79 8.51 -29.26
C LYS B 118 0.40 7.53 -29.21
N LEU B 119 1.33 7.64 -30.16
CA LEU B 119 2.53 6.80 -30.14
C LEU B 119 3.33 7.06 -28.89
N LEU B 120 3.64 8.32 -28.60
CA LEU B 120 4.44 8.64 -27.43
C LEU B 120 3.82 8.10 -26.13
N LEU B 121 2.51 8.25 -26.00
CA LEU B 121 1.87 7.89 -24.74
C LEU B 121 1.73 6.38 -24.57
N GLY B 122 1.74 5.66 -25.69
CA GLY B 122 1.70 4.21 -25.70
C GLY B 122 3.10 3.64 -25.64
N ASN B 123 4.07 4.51 -25.37
CA ASN B 123 5.48 4.13 -25.21
C ASN B 123 6.06 3.41 -26.40
N VAL B 124 5.58 3.76 -27.60
CA VAL B 124 6.14 3.29 -28.86
C VAL B 124 7.44 4.01 -29.16
N PRO B 125 8.48 3.24 -29.51
CA PRO B 125 9.84 3.68 -29.83
C PRO B 125 9.93 4.43 -31.18
N LYS B 126 10.92 5.30 -31.35
CA LYS B 126 11.07 5.98 -32.63
C LYS B 126 11.39 4.97 -33.72
N GLN B 127 10.62 5.00 -34.81
CA GLN B 127 10.83 4.03 -35.89
C GLN B 127 12.08 4.33 -36.70
N MET B 128 12.65 3.30 -37.32
CA MET B 128 13.81 3.52 -38.18
C MET B 128 13.37 4.22 -39.45
N THR B 129 14.27 4.99 -40.04
CA THR B 129 13.92 5.74 -41.24
C THR B 129 14.94 5.54 -42.35
N CYS B 130 16.22 5.54 -42.00
CA CYS B 130 17.25 5.43 -43.04
C CYS B 130 17.21 4.13 -43.89
N TYR B 131 16.49 3.12 -43.44
CA TYR B 131 16.17 1.96 -44.25
C TYR B 131 14.91 1.38 -43.69
N ILE B 132 14.00 0.99 -44.57
CA ILE B 132 12.77 0.36 -44.15
C ILE B 132 12.63 -0.97 -44.86
N ARG B 133 12.38 -2.03 -44.10
CA ARG B 133 12.11 -3.29 -44.75
C ARG B 133 10.69 -3.23 -45.30
N GLU B 134 10.63 -3.00 -46.60
CA GLU B 134 9.38 -2.83 -47.30
C GLU B 134 8.41 -3.93 -46.95
N TYR B 135 8.74 -5.10 -47.48
CA TYR B 135 7.91 -6.30 -47.45
C TYR B 135 7.24 -6.49 -46.10
N HIS B 136 8.05 -6.46 -45.06
CA HIS B 136 7.64 -6.87 -43.74
C HIS B 136 6.74 -5.88 -43.03
N VAL B 137 7.21 -4.64 -42.91
CA VAL B 137 6.41 -3.60 -42.27
C VAL B 137 5.04 -3.54 -42.93
N ASP B 138 5.03 -3.79 -44.24
CA ASP B 138 3.77 -3.79 -44.98
C ASP B 138 2.84 -4.92 -44.52
N ARG B 139 3.40 -6.14 -44.48
CA ARG B 139 2.63 -7.35 -44.21
C ARG B 139 2.15 -7.39 -42.78
N VAL B 140 2.96 -6.85 -41.88
CA VAL B 140 2.53 -6.62 -40.50
C VAL B 140 1.26 -5.76 -40.44
N ILE B 141 1.33 -4.59 -41.08
CA ILE B 141 0.23 -3.62 -41.04
C ILE B 141 -1.03 -4.22 -41.62
N LYS B 142 -0.85 -4.94 -42.73
CA LYS B 142 -1.94 -5.62 -43.40
C LYS B 142 -2.68 -6.55 -42.45
N LYS B 143 -1.93 -7.50 -41.89
CA LYS B 143 -2.54 -8.51 -41.01
C LYS B 143 -3.11 -7.90 -39.73
N LEU B 144 -2.71 -6.67 -39.41
CA LEU B 144 -3.29 -5.97 -38.27
C LEU B 144 -4.62 -5.32 -38.65
N ASP B 145 -4.66 -4.75 -39.87
CA ASP B 145 -5.90 -4.20 -40.43
C ASP B 145 -6.99 -5.28 -40.51
N GLU B 146 -6.60 -6.49 -40.88
CA GLU B 146 -7.58 -7.56 -41.08
C GLU B 146 -8.27 -7.95 -39.77
N MET B 147 -7.69 -7.52 -38.66
CA MET B 147 -8.10 -8.02 -37.37
C MET B 147 -8.71 -7.00 -36.43
N CYS B 148 -8.65 -5.70 -36.76
CA CYS B 148 -9.26 -4.69 -35.88
C CYS B 148 -10.71 -5.02 -35.60
N ASP B 149 -11.28 -5.85 -36.48
CA ASP B 149 -12.63 -6.35 -36.32
C ASP B 149 -12.69 -7.34 -35.13
N LEU B 150 -11.74 -8.26 -35.11
CA LEU B 150 -11.62 -9.28 -34.06
C LEU B 150 -11.65 -8.75 -32.62
N ASP B 151 -12.14 -9.58 -31.69
CA ASP B 151 -12.32 -9.17 -30.29
C ASP B 151 -11.05 -9.30 -29.43
N SER B 152 -10.18 -10.25 -29.83
CA SER B 152 -8.89 -10.55 -29.20
C SER B 152 -8.08 -11.50 -30.09
N PHE B 153 -6.78 -11.27 -30.22
CA PHE B 153 -5.97 -12.02 -31.18
C PHE B 153 -4.45 -11.86 -30.95
N PHE B 154 -3.66 -12.86 -31.36
CA PHE B 154 -2.19 -12.78 -31.25
C PHE B 154 -1.52 -12.64 -32.60
N LEU B 155 -0.68 -11.65 -32.74
CA LEU B 155 0.17 -11.57 -33.92
C LEU B 155 1.62 -11.78 -33.52
N PHE B 156 2.24 -12.83 -34.04
CA PHE B 156 3.61 -13.19 -33.67
C PHE B 156 4.64 -12.79 -34.69
N LEU B 157 5.32 -11.69 -34.40
CA LEU B 157 6.41 -11.23 -35.23
C LEU B 157 7.68 -11.87 -34.69
N HIS B 158 7.87 -13.15 -34.99
CA HIS B 158 9.03 -13.88 -34.47
C HIS B 158 10.21 -13.82 -35.40
N GLY B 159 11.39 -14.18 -34.89
CA GLY B 159 12.59 -14.17 -35.70
C GLY B 159 13.82 -14.45 -34.86
N ARG B 160 14.99 -14.47 -35.49
CA ARG B 160 16.23 -14.73 -34.77
C ARG B 160 16.58 -13.56 -33.88
N ALA B 161 17.58 -13.73 -33.03
CA ALA B 161 18.02 -12.62 -32.18
C ALA B 161 18.60 -11.52 -33.03
N GLY B 162 18.32 -10.27 -32.67
CA GLY B 162 18.87 -9.14 -33.41
C GLY B 162 18.44 -9.14 -34.87
N SER B 163 17.50 -10.04 -35.20
CA SER B 163 17.02 -10.24 -36.56
C SER B 163 16.17 -9.08 -37.00
N GLY B 164 15.81 -8.19 -36.07
CA GLY B 164 15.13 -6.95 -36.42
C GLY B 164 13.62 -6.83 -36.22
N LYS B 165 13.03 -7.77 -35.47
CA LYS B 165 11.58 -7.80 -35.25
C LYS B 165 11.03 -6.52 -34.59
N SER B 166 11.66 -6.07 -33.52
CA SER B 166 11.14 -4.98 -32.71
C SER B 166 11.10 -3.70 -33.54
N VAL B 167 12.12 -3.48 -34.38
CA VAL B 167 12.18 -2.28 -35.22
C VAL B 167 10.98 -2.16 -36.20
N ILE B 168 10.65 -3.28 -36.83
CA ILE B 168 9.49 -3.40 -37.69
C ILE B 168 8.14 -3.06 -37.00
N ALA B 169 8.00 -3.33 -35.71
CA ALA B 169 6.75 -3.01 -35.05
C ALA B 169 6.75 -1.50 -34.85
N SER B 170 7.95 -0.92 -34.71
CA SER B 170 8.05 0.52 -34.51
C SER B 170 7.58 1.22 -35.78
N GLN B 171 7.88 0.60 -36.93
CA GLN B 171 7.60 1.17 -38.25
C GLN B 171 6.18 0.88 -38.72
N ALA B 172 5.72 -0.33 -38.45
CA ALA B 172 4.39 -0.78 -38.83
C ALA B 172 3.31 0.02 -38.09
N LEU B 173 3.63 0.52 -36.91
CA LEU B 173 2.71 1.41 -36.20
C LEU B 173 3.06 2.89 -36.40
N SER B 174 3.96 3.18 -37.33
CA SER B 174 4.41 4.56 -37.51
C SER B 174 4.28 5.07 -38.96
N LYS B 175 4.13 4.16 -39.91
CA LYS B 175 3.95 4.57 -41.30
C LYS B 175 2.51 5.00 -41.50
N SER B 176 1.61 4.05 -41.66
CA SER B 176 0.20 4.37 -41.86
C SER B 176 -0.42 5.01 -40.63
N ASP B 177 -1.35 5.92 -40.84
CA ASP B 177 -2.03 6.54 -39.71
C ASP B 177 -3.30 5.77 -39.38
N GLN B 178 -3.66 4.83 -40.23
CA GLN B 178 -4.88 4.07 -40.03
C GLN B 178 -4.80 3.21 -38.77
N LEU B 179 -3.72 2.44 -38.63
CA LEU B 179 -3.62 1.54 -37.49
C LEU B 179 -4.00 2.19 -36.16
N ILE B 180 -3.53 3.42 -35.95
CA ILE B 180 -3.89 4.20 -34.78
C ILE B 180 -4.85 5.37 -35.13
N GLY B 181 -6.10 5.25 -34.70
CA GLY B 181 -7.13 6.24 -34.99
C GLY B 181 -8.29 5.65 -35.78
N ILE B 182 -7.93 4.97 -36.87
CA ILE B 182 -8.88 4.34 -37.79
C ILE B 182 -9.22 2.89 -37.37
N ASN B 183 -8.19 2.04 -37.23
CA ASN B 183 -8.37 0.61 -36.89
C ASN B 183 -8.37 0.32 -35.40
N TYR B 184 -7.48 0.98 -34.67
CA TYR B 184 -7.41 0.88 -33.20
C TYR B 184 -7.33 2.29 -32.61
N ASP B 185 -8.01 2.51 -31.49
CA ASP B 185 -8.09 3.83 -30.85
C ASP B 185 -6.81 4.24 -30.17
N SER B 186 -6.22 3.32 -29.39
CA SER B 186 -4.99 3.60 -28.64
C SER B 186 -3.93 2.52 -28.79
N ILE B 187 -2.70 2.83 -28.36
CA ILE B 187 -1.58 1.89 -28.36
C ILE B 187 -0.91 1.73 -26.97
N VAL B 188 -0.64 0.49 -26.59
CA VAL B 188 0.18 0.17 -25.40
C VAL B 188 1.34 -0.78 -25.77
N TRP B 189 2.55 -0.25 -25.75
CA TRP B 189 3.73 -1.00 -26.13
C TRP B 189 4.63 -1.14 -24.92
N LEU B 190 4.77 -2.39 -24.50
CA LEU B 190 5.48 -2.79 -23.29
C LEU B 190 6.53 -3.83 -23.63
N LYS B 191 7.76 -3.62 -23.15
CA LYS B 191 8.82 -4.61 -23.33
C LYS B 191 8.78 -5.61 -22.19
N ASP B 192 8.78 -6.90 -22.53
CA ASP B 192 8.67 -7.98 -21.55
C ASP B 192 10.06 -8.36 -21.04
N SER B 193 10.67 -9.37 -21.67
CA SER B 193 12.01 -9.84 -21.32
C SER B 193 12.04 -10.54 -19.95
N GLY B 194 10.88 -11.05 -19.55
CA GLY B 194 10.70 -11.68 -18.24
C GLY B 194 11.18 -13.11 -18.16
N THR B 195 11.92 -13.39 -17.09
CA THR B 195 12.55 -14.69 -16.86
C THR B 195 12.12 -15.28 -15.54
N ALA B 196 12.07 -14.43 -14.51
CA ALA B 196 11.57 -14.82 -13.19
C ALA B 196 10.11 -15.20 -13.31
N PRO B 197 9.55 -15.84 -12.27
CA PRO B 197 8.11 -16.20 -12.25
C PRO B 197 7.21 -15.03 -11.81
N LYS B 198 7.83 -14.05 -11.16
CA LYS B 198 7.17 -12.82 -10.76
C LYS B 198 7.07 -11.86 -11.95
N SER B 199 7.80 -12.16 -13.02
CA SER B 199 7.87 -11.23 -14.15
C SER B 199 6.54 -11.12 -14.91
N THR B 200 5.83 -12.24 -15.04
CA THR B 200 4.60 -12.26 -15.80
C THR B 200 3.51 -11.50 -15.06
N PHE B 201 3.70 -11.28 -13.77
CA PHE B 201 2.76 -10.49 -13.00
C PHE B 201 3.21 -9.05 -13.00
N ASP B 202 4.51 -8.84 -12.91
CA ASP B 202 5.05 -7.48 -12.89
C ASP B 202 4.75 -6.77 -14.20
N LEU B 203 4.72 -7.55 -15.28
CA LEU B 203 4.44 -7.00 -16.58
C LEU B 203 3.09 -6.34 -16.51
N PHE B 204 2.11 -7.15 -16.15
CA PHE B 204 0.71 -6.73 -16.11
C PHE B 204 0.42 -5.70 -15.03
N THR B 205 1.38 -5.47 -14.14
CA THR B 205 1.19 -4.42 -13.16
C THR B 205 1.42 -3.14 -13.94
N ASP B 206 2.48 -3.13 -14.73
CA ASP B 206 2.79 -1.96 -15.54
C ASP B 206 1.70 -1.72 -16.57
N ILE B 207 1.09 -2.78 -17.08
CA ILE B 207 0.01 -2.61 -18.05
C ILE B 207 -1.13 -1.84 -17.42
N LEU B 208 -1.51 -2.26 -16.21
CA LEU B 208 -2.59 -1.57 -15.52
C LEU B 208 -2.18 -0.13 -15.24
N LEU B 209 -0.93 0.07 -14.85
CA LEU B 209 -0.47 1.42 -14.57
C LEU B 209 -0.67 2.30 -15.80
N MET B 210 -0.29 1.80 -16.96
CA MET B 210 -0.45 2.55 -18.19
C MET B 210 -1.91 2.83 -18.48
N LEU B 211 -2.74 1.80 -18.39
CA LEU B 211 -4.17 1.97 -18.68
C LEU B 211 -4.75 3.07 -17.81
N LYS B 212 -4.06 3.40 -16.72
CA LYS B 212 -4.57 4.40 -15.80
C LYS B 212 -4.31 5.86 -16.17
N SER B 213 -5.31 6.67 -15.88
CA SER B 213 -5.38 8.08 -16.20
C SER B 213 -4.19 8.83 -15.63
N GLU B 214 -3.88 9.97 -16.23
CA GLU B 214 -2.78 10.81 -15.75
C GLU B 214 -3.10 11.21 -14.32
N ASP B 215 -4.37 11.47 -14.07
CA ASP B 215 -4.88 11.59 -12.71
C ASP B 215 -4.81 10.20 -12.08
N ASP B 216 -4.60 10.17 -10.77
CA ASP B 216 -4.49 8.92 -10.03
C ASP B 216 -3.37 8.05 -10.58
N LEU B 217 -2.21 8.67 -10.76
CA LEU B 217 -0.93 7.97 -10.75
C LEU B 217 -0.33 8.35 -9.40
N LEU B 218 -0.86 9.43 -8.84
CA LEU B 218 -0.57 9.85 -7.48
C LEU B 218 -1.14 8.85 -6.49
N ASN B 219 -2.42 8.53 -6.69
CA ASN B 219 -3.11 7.55 -5.86
C ASN B 219 -2.64 6.10 -6.08
N PHE B 220 -1.82 5.86 -7.10
CA PHE B 220 -1.28 4.52 -7.33
C PHE B 220 -0.99 3.96 -5.95
N PRO B 221 -1.67 2.86 -5.60
CA PRO B 221 -1.43 2.14 -4.33
C PRO B 221 -0.22 1.18 -4.30
N SER B 222 -0.01 0.59 -3.14
CA SER B 222 0.98 -0.48 -3.05
C SER B 222 0.39 -1.67 -3.77
N VAL B 223 0.03 -1.48 -5.04
CA VAL B 223 -0.54 -2.56 -5.86
C VAL B 223 0.50 -3.65 -5.98
N GLU B 224 1.75 -3.27 -5.73
CA GLU B 224 2.86 -4.21 -5.63
C GLU B 224 2.44 -5.45 -4.82
N HIS B 225 1.57 -5.28 -3.82
CA HIS B 225 1.08 -6.44 -3.05
C HIS B 225 -0.43 -6.65 -3.16
N VAL B 226 -0.83 -7.56 -4.05
CA VAL B 226 -2.23 -7.83 -4.35
C VAL B 226 -2.27 -9.02 -5.31
N THR B 227 -3.22 -9.93 -5.13
CA THR B 227 -3.21 -11.21 -5.86
C THR B 227 -3.25 -11.07 -7.37
N SER B 228 -2.94 -12.18 -8.05
CA SER B 228 -3.03 -12.20 -9.52
C SER B 228 -4.46 -12.09 -10.01
N VAL B 229 -5.39 -12.73 -9.31
CA VAL B 229 -6.81 -12.67 -9.68
C VAL B 229 -7.36 -11.24 -9.65
N VAL B 230 -6.74 -10.41 -8.82
CA VAL B 230 -7.15 -9.03 -8.63
C VAL B 230 -6.51 -8.04 -9.58
N LEU B 231 -5.19 -8.13 -9.80
CA LEU B 231 -4.56 -7.32 -10.84
C LEU B 231 -5.27 -7.59 -12.17
N LYS B 232 -5.71 -8.80 -12.44
CA LYS B 232 -6.47 -8.99 -13.68
C LYS B 232 -7.70 -8.05 -13.76
N ARG B 233 -8.47 -8.02 -12.67
CA ARG B 233 -9.70 -7.22 -12.66
C ARG B 233 -9.50 -5.72 -12.90
N MET B 234 -8.53 -5.13 -12.20
CA MET B 234 -8.30 -3.72 -12.36
C MET B 234 -7.90 -3.45 -13.80
N ILE B 235 -7.06 -4.33 -14.34
CA ILE B 235 -6.62 -4.16 -15.72
C ILE B 235 -7.81 -4.15 -16.65
N CYS B 236 -8.71 -5.11 -16.49
CA CYS B 236 -9.87 -5.18 -17.38
C CYS B 236 -10.79 -3.96 -17.22
N ASN B 237 -10.93 -3.46 -16.00
CA ASN B 237 -11.73 -2.25 -15.79
C ASN B 237 -11.13 -1.07 -16.52
N ALA B 238 -9.81 -0.92 -16.42
CA ALA B 238 -9.15 0.19 -17.08
C ALA B 238 -9.26 0.05 -18.59
N LEU B 239 -9.92 -1.01 -19.03
CA LEU B 239 -10.08 -1.23 -20.46
C LEU B 239 -11.46 -0.79 -20.92
N ILE B 240 -12.37 -0.60 -19.97
CA ILE B 240 -13.73 -0.19 -20.33
C ILE B 240 -13.71 1.15 -21.04
N ASP B 241 -12.77 2.02 -20.67
CA ASP B 241 -12.68 3.33 -21.28
C ASP B 241 -11.68 3.32 -22.43
N ARG B 242 -11.13 2.15 -22.74
CA ARG B 242 -10.15 2.05 -23.82
C ARG B 242 -10.51 0.96 -24.81
N PRO B 243 -11.48 1.23 -25.70
CA PRO B 243 -11.82 0.25 -26.74
C PRO B 243 -10.78 0.25 -27.85
N ASN B 244 -10.70 -0.84 -28.61
CA ASN B 244 -9.73 -0.94 -29.70
C ASN B 244 -8.36 -0.41 -29.30
N THR B 245 -7.81 -0.96 -28.22
CA THR B 245 -6.46 -0.56 -27.80
C THR B 245 -5.51 -1.68 -28.14
N LEU B 246 -4.48 -1.38 -28.93
CA LEU B 246 -3.55 -2.42 -29.34
C LEU B 246 -2.43 -2.61 -28.32
N PHE B 247 -1.99 -3.86 -28.17
CA PHE B 247 -0.91 -4.15 -27.24
C PHE B 247 0.28 -4.69 -27.96
N VAL B 248 1.38 -3.96 -27.94
CA VAL B 248 2.66 -4.51 -28.38
C VAL B 248 3.40 -5.01 -27.16
N PHE B 249 3.79 -6.27 -27.20
CA PHE B 249 4.54 -6.91 -26.15
C PHE B 249 5.94 -7.23 -26.66
N ASP B 250 6.77 -6.21 -26.68
CA ASP B 250 8.06 -6.35 -27.30
C ASP B 250 8.85 -7.28 -26.41
N ASP B 251 9.31 -8.38 -27.00
CA ASP B 251 10.23 -9.38 -26.40
C ASP B 251 9.66 -10.32 -25.34
N VAL B 252 8.72 -11.17 -25.73
CA VAL B 252 8.21 -12.17 -24.82
C VAL B 252 9.13 -13.36 -24.88
N VAL B 253 9.53 -13.83 -23.69
CA VAL B 253 10.25 -15.09 -23.53
C VAL B 253 9.41 -16.16 -22.88
N GLN B 254 8.62 -15.78 -21.87
CA GLN B 254 7.77 -16.73 -21.15
C GLN B 254 6.34 -16.89 -21.68
N GLU B 255 5.88 -18.12 -21.90
CA GLU B 255 4.49 -18.34 -22.33
C GLU B 255 3.44 -17.84 -21.32
N GLU B 256 3.89 -17.57 -20.10
CA GLU B 256 2.97 -17.12 -19.07
C GLU B 256 2.34 -15.78 -19.43
N THR B 257 3.13 -14.90 -20.03
CA THR B 257 2.61 -13.61 -20.45
C THR B 257 1.51 -13.82 -21.47
N ILE B 258 1.75 -14.71 -22.43
CA ILE B 258 0.74 -15.02 -23.42
C ILE B 258 -0.54 -15.50 -22.76
N ARG B 259 -0.40 -16.45 -21.82
CA ARG B 259 -1.58 -16.98 -21.16
C ARG B 259 -2.36 -15.88 -20.44
N TRP B 260 -1.63 -15.00 -19.76
CA TRP B 260 -2.28 -13.89 -19.07
C TRP B 260 -3.05 -13.02 -20.04
N ALA B 261 -2.42 -12.64 -21.14
CA ALA B 261 -3.08 -11.79 -22.11
C ALA B 261 -4.34 -12.47 -22.64
N GLN B 262 -4.25 -13.77 -22.87
CA GLN B 262 -5.41 -14.52 -23.35
C GLN B 262 -6.56 -14.47 -22.36
N GLU B 263 -6.28 -14.75 -21.08
CA GLU B 263 -7.34 -14.65 -20.07
C GLU B 263 -7.89 -13.23 -20.07
N LEU B 264 -7.05 -12.27 -20.38
CA LEU B 264 -7.41 -10.85 -20.40
C LEU B 264 -8.02 -10.44 -21.74
N ARG B 265 -8.31 -11.43 -22.57
CA ARG B 265 -8.94 -11.18 -23.85
C ARG B 265 -8.34 -9.96 -24.57
N LEU B 266 -7.02 -9.90 -24.64
CA LEU B 266 -6.33 -8.77 -25.25
C LEU B 266 -6.06 -8.89 -26.74
N ARG B 267 -5.81 -7.75 -27.35
CA ARG B 267 -5.41 -7.67 -28.74
C ARG B 267 -3.91 -7.40 -28.73
N CYS B 268 -3.11 -8.38 -29.19
CA CYS B 268 -1.63 -8.35 -29.03
C CYS B 268 -0.79 -8.47 -30.31
N LEU B 269 0.11 -7.51 -30.49
CA LEU B 269 1.25 -7.71 -31.35
C LEU B 269 2.31 -8.29 -30.42
N VAL B 270 3.10 -9.23 -30.92
CA VAL B 270 4.11 -9.90 -30.09
C VAL B 270 5.44 -10.09 -30.84
N THR B 271 6.50 -9.42 -30.39
CA THR B 271 7.82 -9.78 -30.86
C THR B 271 8.44 -10.78 -29.88
N THR B 272 9.03 -11.84 -30.44
CA THR B 272 9.65 -12.92 -29.67
C THR B 272 10.68 -13.64 -30.52
N ARG B 273 11.53 -14.45 -29.89
CA ARG B 273 12.49 -15.25 -30.64
C ARG B 273 12.03 -16.71 -30.68
N ASP B 274 11.53 -17.18 -29.55
CA ASP B 274 10.97 -18.52 -29.44
C ASP B 274 9.52 -18.54 -29.88
N VAL B 275 9.23 -19.31 -30.94
CA VAL B 275 7.90 -19.25 -31.55
C VAL B 275 6.87 -20.08 -30.83
N GLU B 276 7.33 -21.11 -30.12
CA GLU B 276 6.44 -22.09 -29.53
C GLU B 276 5.60 -21.53 -28.37
N ILE B 277 5.92 -20.33 -27.89
CA ILE B 277 5.13 -19.74 -26.80
C ILE B 277 3.67 -19.58 -27.20
N SER B 278 3.42 -19.76 -28.48
CA SER B 278 2.09 -19.60 -29.05
C SER B 278 1.22 -20.81 -28.81
N ASN B 279 1.85 -21.93 -28.51
CA ASN B 279 1.10 -23.12 -28.13
C ASN B 279 0.30 -22.90 -26.82
N ALA B 280 0.71 -21.90 -26.04
CA ALA B 280 -0.03 -21.51 -24.85
C ALA B 280 -1.44 -21.01 -25.17
N ALA B 281 -1.61 -20.37 -26.34
CA ALA B 281 -2.90 -19.82 -26.77
C ALA B 281 -3.70 -20.77 -27.63
N SER B 282 -4.91 -21.10 -27.21
CA SER B 282 -5.77 -21.95 -28.01
C SER B 282 -6.41 -21.10 -29.09
N GLN B 283 -6.54 -19.81 -28.81
CA GLN B 283 -7.13 -18.90 -29.79
C GLN B 283 -6.24 -18.81 -31.01
N THR B 284 -6.84 -18.60 -32.18
CA THR B 284 -6.06 -18.55 -33.42
C THR B 284 -4.96 -17.49 -33.36
N CYS B 285 -3.76 -17.87 -33.78
CA CYS B 285 -2.66 -16.92 -33.81
C CYS B 285 -2.02 -16.89 -35.18
N GLU B 286 -1.87 -15.70 -35.75
CA GLU B 286 -1.24 -15.59 -37.06
C GLU B 286 0.25 -15.36 -36.87
N PHE B 287 1.04 -15.55 -37.93
CA PHE B 287 2.48 -15.44 -37.76
C PHE B 287 3.19 -14.73 -38.89
N ILE B 288 4.26 -14.00 -38.56
CA ILE B 288 5.14 -13.36 -39.54
C ILE B 288 6.60 -13.52 -39.15
N GLU B 289 7.38 -14.24 -39.94
CA GLU B 289 8.77 -14.55 -39.55
C GLU B 289 9.79 -13.57 -40.09
N VAL B 290 10.62 -13.01 -39.24
CA VAL B 290 11.62 -12.07 -39.71
C VAL B 290 12.85 -12.88 -40.13
N THR B 291 12.94 -13.14 -41.42
CA THR B 291 14.03 -13.94 -41.99
C THR B 291 15.38 -13.21 -42.02
N SER B 292 16.43 -13.94 -42.36
CA SER B 292 17.72 -13.31 -42.54
C SER B 292 17.62 -12.40 -43.76
N LEU B 293 18.22 -11.21 -43.70
CA LEU B 293 18.22 -10.28 -44.82
C LEU B 293 18.71 -10.89 -46.15
N GLU B 294 17.81 -11.00 -47.14
CA GLU B 294 18.17 -11.51 -48.49
C GLU B 294 19.37 -10.76 -49.06
N ILE B 295 20.05 -11.37 -50.02
CA ILE B 295 21.32 -10.83 -50.53
C ILE B 295 21.18 -9.44 -51.13
N ASP B 296 20.04 -9.19 -51.76
CA ASP B 296 19.77 -7.91 -52.40
C ASP B 296 19.43 -6.84 -51.38
N GLU B 297 18.67 -7.23 -50.34
CA GLU B 297 18.28 -6.32 -49.25
C GLU B 297 19.51 -5.86 -48.47
N CYS B 298 20.53 -6.70 -48.46
CA CYS B 298 21.73 -6.36 -47.73
C CYS B 298 22.41 -5.19 -48.42
N TYR B 299 22.43 -5.24 -49.74
CA TYR B 299 23.01 -4.15 -50.51
C TYR B 299 22.32 -2.84 -50.15
N ASP B 300 20.98 -2.85 -50.26
CA ASP B 300 20.13 -1.68 -50.01
C ASP B 300 20.43 -1.07 -48.66
N PHE B 301 20.51 -1.94 -47.66
CA PHE B 301 20.80 -1.59 -46.27
C PHE B 301 22.17 -0.92 -46.11
N LEU B 302 23.12 -1.35 -46.93
CA LEU B 302 24.48 -0.84 -46.86
C LEU B 302 24.56 0.55 -47.46
N GLU B 303 24.11 0.66 -48.70
CA GLU B 303 23.99 1.94 -49.37
C GLU B 303 23.25 2.97 -48.51
N ALA B 304 22.12 2.55 -47.92
CA ALA B 304 21.31 3.42 -47.10
C ALA B 304 22.15 4.11 -46.01
N TYR B 305 23.08 3.35 -45.43
CA TYR B 305 23.98 3.89 -44.43
C TYR B 305 25.37 4.08 -45.03
N GLY B 306 25.45 4.96 -46.03
CA GLY B 306 26.71 5.37 -46.62
C GLY B 306 27.77 4.32 -46.92
N MET B 307 27.35 3.07 -47.13
CA MET B 307 28.34 2.02 -47.36
C MET B 307 28.61 1.85 -48.85
N PRO B 308 29.90 1.91 -49.24
CA PRO B 308 30.37 1.86 -50.64
C PRO B 308 30.04 0.56 -51.36
N MET B 309 29.41 0.67 -52.53
CA MET B 309 29.00 -0.49 -53.33
C MET B 309 30.09 -0.93 -54.32
N PRO B 310 30.29 -2.25 -54.47
CA PRO B 310 31.43 -2.72 -55.28
C PRO B 310 31.46 -2.37 -56.75
N VAL B 311 32.65 -2.32 -57.32
CA VAL B 311 32.79 -2.06 -58.75
C VAL B 311 33.75 -3.10 -59.30
N GLY B 312 34.41 -3.85 -58.41
CA GLY B 312 35.37 -4.85 -58.85
C GLY B 312 35.08 -6.24 -58.33
N GLU B 313 35.48 -7.27 -59.09
CA GLU B 313 35.22 -8.65 -58.70
C GLU B 313 35.55 -8.93 -57.24
N LYS B 314 36.84 -8.90 -56.91
CA LYS B 314 37.23 -9.13 -55.52
C LYS B 314 37.06 -7.85 -54.70
N GLU B 315 35.82 -7.37 -54.69
CA GLU B 315 35.36 -6.26 -53.88
C GLU B 315 33.87 -6.49 -53.59
N GLU B 316 33.12 -6.89 -54.62
CA GLU B 316 31.78 -7.42 -54.40
C GLU B 316 31.91 -8.68 -53.56
N ASP B 317 33.03 -9.37 -53.72
CA ASP B 317 33.37 -10.53 -52.89
C ASP B 317 33.73 -10.13 -51.45
N VAL B 318 34.44 -9.01 -51.27
CA VAL B 318 34.77 -8.52 -49.93
C VAL B 318 33.46 -8.30 -49.19
N LEU B 319 32.47 -7.84 -49.95
CA LEU B 319 31.17 -7.53 -49.41
C LEU B 319 30.27 -8.76 -49.27
N ASN B 320 30.43 -9.75 -50.15
CA ASN B 320 29.77 -11.04 -49.96
C ASN B 320 30.33 -11.81 -48.77
N LYS B 321 31.58 -11.53 -48.42
CA LYS B 321 32.14 -12.03 -47.18
C LYS B 321 31.41 -11.47 -45.95
N THR B 322 31.20 -10.16 -45.89
CA THR B 322 30.46 -9.59 -44.77
C THR B 322 29.04 -10.15 -44.72
N ILE B 323 28.40 -10.22 -45.88
CA ILE B 323 27.02 -10.70 -45.92
C ILE B 323 26.92 -12.17 -45.54
N GLU B 324 27.95 -12.93 -45.89
CA GLU B 324 28.02 -14.34 -45.50
C GLU B 324 28.27 -14.49 -44.01
N LEU B 325 29.22 -13.74 -43.49
CA LEU B 325 29.49 -13.77 -42.06
C LEU B 325 28.27 -13.30 -41.30
N SER B 326 27.81 -12.10 -41.60
CA SER B 326 26.64 -11.55 -40.93
C SER B 326 25.39 -12.36 -41.25
N SER B 327 25.41 -13.06 -42.37
CA SER B 327 24.27 -13.88 -42.77
C SER B 327 22.98 -13.08 -42.66
N GLY B 328 22.99 -11.84 -43.17
CA GLY B 328 21.79 -11.03 -43.15
C GLY B 328 21.26 -10.67 -41.77
N ASN B 329 22.14 -10.46 -40.81
CA ASN B 329 21.70 -10.04 -39.48
C ASN B 329 21.87 -8.54 -39.33
N PRO B 330 20.76 -7.79 -39.38
CA PRO B 330 20.86 -6.34 -39.33
C PRO B 330 21.60 -5.86 -38.09
N ALA B 331 21.32 -6.46 -36.94
CA ALA B 331 21.99 -6.06 -35.72
C ALA B 331 23.49 -6.09 -35.88
N THR B 332 24.05 -7.28 -36.04
CA THR B 332 25.52 -7.42 -36.20
C THR B 332 26.05 -6.69 -37.43
N LEU B 333 25.17 -6.50 -38.42
CA LEU B 333 25.48 -5.72 -39.60
C LEU B 333 25.64 -4.29 -39.17
N MET B 334 24.74 -3.82 -38.33
CA MET B 334 24.81 -2.45 -37.84
C MET B 334 26.07 -2.21 -37.04
N MET B 335 26.41 -3.18 -36.18
CA MET B 335 27.62 -3.10 -35.37
C MET B 335 28.83 -2.98 -36.28
N PHE B 336 28.78 -3.66 -37.42
CA PHE B 336 29.89 -3.67 -38.35
C PHE B 336 30.06 -2.35 -39.05
N PHE B 337 28.96 -1.71 -39.40
CA PHE B 337 29.03 -0.44 -40.10
C PHE B 337 29.76 0.58 -39.24
N LYS B 338 29.44 0.64 -37.95
CA LYS B 338 30.15 1.53 -37.06
C LYS B 338 31.61 1.15 -37.01
N SER B 339 31.87 -0.15 -36.96
CA SER B 339 33.25 -0.62 -36.86
C SER B 339 34.06 -0.25 -38.10
N CYS B 340 33.39 0.01 -39.20
CA CYS B 340 34.09 0.43 -40.42
C CYS B 340 34.22 1.95 -40.47
N GLU B 341 35.00 2.51 -39.55
CA GLU B 341 35.16 3.96 -39.53
C GLU B 341 35.78 4.47 -40.83
N PRO B 342 36.89 3.85 -41.27
CA PRO B 342 37.43 4.26 -42.56
C PRO B 342 36.41 3.96 -43.65
N LYS B 343 35.73 2.82 -43.54
CA LYS B 343 34.68 2.48 -44.50
C LYS B 343 35.24 2.13 -45.87
N THR B 344 36.56 2.11 -45.99
CA THR B 344 37.18 1.73 -47.24
C THR B 344 36.95 0.25 -47.47
N PHE B 345 36.71 -0.16 -48.72
CA PHE B 345 36.58 -1.60 -48.97
C PHE B 345 37.66 -2.36 -48.21
N GLU B 346 38.80 -1.71 -48.04
CA GLU B 346 39.96 -2.26 -47.32
C GLU B 346 39.65 -2.55 -45.85
N LYS B 347 39.35 -1.51 -45.08
CA LYS B 347 39.04 -1.66 -43.65
C LYS B 347 37.77 -2.49 -43.44
N MET B 348 36.99 -2.64 -44.51
CA MET B 348 35.81 -3.50 -44.49
C MET B 348 36.26 -4.96 -44.53
N ALA B 349 37.32 -5.21 -45.29
CA ALA B 349 37.90 -6.54 -45.35
C ALA B 349 38.77 -6.90 -44.12
N GLN B 350 39.40 -5.89 -43.52
CA GLN B 350 40.13 -6.09 -42.26
C GLN B 350 39.23 -6.75 -41.25
N LEU B 351 38.03 -6.20 -41.15
CA LEU B 351 37.01 -6.68 -40.22
C LEU B 351 36.56 -8.09 -40.59
N ASN B 352 36.40 -8.34 -41.88
CA ASN B 352 35.98 -9.67 -42.34
C ASN B 352 36.90 -10.74 -41.75
N ASN B 353 38.15 -10.36 -41.51
CA ASN B 353 39.13 -11.22 -40.84
C ASN B 353 38.85 -11.33 -39.34
N LYS B 354 38.90 -10.17 -38.67
CA LYS B 354 38.63 -10.02 -37.24
C LYS B 354 37.46 -10.89 -36.82
N LEU B 355 36.54 -11.13 -37.76
CA LEU B 355 35.34 -11.90 -37.49
C LEU B 355 35.60 -13.40 -37.40
N GLU B 356 36.58 -13.89 -38.17
CA GLU B 356 36.94 -15.29 -38.16
C GLU B 356 37.87 -15.65 -36.98
N SER B 357 38.71 -14.69 -36.61
CA SER B 357 39.65 -14.89 -35.52
C SER B 357 39.29 -14.19 -34.20
N ARG B 358 38.01 -13.86 -34.00
CA ARG B 358 37.57 -13.26 -32.74
C ARG B 358 36.05 -13.37 -32.56
N GLY B 359 35.39 -14.04 -33.50
CA GLY B 359 33.95 -14.20 -33.45
C GLY B 359 33.26 -12.84 -33.45
N LEU B 360 32.03 -12.79 -32.95
CA LEU B 360 31.27 -11.55 -32.99
C LEU B 360 31.94 -10.44 -32.18
N VAL B 361 32.92 -10.78 -31.34
CA VAL B 361 33.53 -9.83 -30.41
C VAL B 361 34.51 -8.91 -31.13
N GLY B 362 34.66 -9.16 -32.42
CA GLY B 362 35.62 -8.40 -33.21
C GLY B 362 35.00 -7.12 -33.70
N VAL B 363 33.68 -7.10 -33.65
CA VAL B 363 32.89 -5.98 -34.20
C VAL B 363 31.85 -5.46 -33.18
N GLU B 364 31.89 -6.00 -31.96
CA GLU B 364 31.06 -5.49 -30.89
C GLU B 364 31.32 -3.99 -30.71
N CYS B 365 30.22 -3.25 -30.68
CA CYS B 365 30.22 -1.78 -30.70
C CYS B 365 29.00 -1.21 -29.99
N ILE B 366 29.05 0.09 -29.66
CA ILE B 366 27.86 0.84 -29.19
C ILE B 366 26.86 1.01 -30.32
N THR B 367 25.68 0.44 -30.14
CA THR B 367 24.67 0.43 -31.21
C THR B 367 23.28 0.71 -30.62
N PRO B 368 22.35 1.24 -31.43
CA PRO B 368 20.95 1.30 -31.04
C PRO B 368 20.40 0.00 -30.38
N TYR B 369 21.07 -1.13 -30.59
CA TYR B 369 20.79 -2.37 -29.86
C TYR B 369 21.15 -2.24 -28.37
N SER B 370 20.32 -2.80 -27.49
CA SER B 370 20.62 -2.74 -26.06
C SER B 370 21.91 -3.47 -25.79
N TYR B 371 22.40 -4.18 -26.81
CA TYR B 371 23.50 -5.13 -26.68
C TYR B 371 24.78 -4.72 -27.44
N LYS B 372 25.92 -4.83 -26.75
CA LYS B 372 27.22 -4.57 -27.36
C LYS B 372 27.49 -5.52 -28.53
N SER B 373 27.10 -6.78 -28.42
CA SER B 373 27.28 -7.76 -29.50
C SER B 373 26.20 -8.84 -29.46
N LEU B 374 25.96 -9.46 -30.61
CA LEU B 374 24.86 -10.42 -30.74
C LEU B 374 25.02 -11.60 -29.75
N ALA B 375 26.21 -11.72 -29.19
CA ALA B 375 26.49 -12.81 -28.27
C ALA B 375 25.81 -12.57 -26.93
N MET B 376 25.63 -11.29 -26.57
CA MET B 376 24.99 -10.93 -25.31
C MET B 376 23.52 -11.31 -25.37
N ALA B 377 22.99 -11.32 -26.59
CA ALA B 377 21.57 -11.58 -26.79
C ALA B 377 21.34 -13.07 -26.73
N LEU B 378 22.10 -13.76 -27.57
CA LEU B 378 21.97 -15.19 -27.77
C LEU B 378 22.24 -15.96 -26.47
N GLN B 379 23.08 -15.37 -25.62
CA GLN B 379 23.29 -15.90 -24.29
C GLN B 379 21.94 -16.46 -23.81
N ARG B 380 20.97 -15.58 -23.69
CA ARG B 380 19.65 -15.96 -23.15
C ARG B 380 18.97 -17.08 -23.94
N CYS B 381 18.98 -16.94 -25.27
CA CYS B 381 18.30 -17.90 -26.13
C CYS B 381 18.77 -19.32 -25.84
N VAL B 382 19.96 -19.40 -25.25
CA VAL B 382 20.66 -20.67 -25.02
C VAL B 382 20.45 -21.21 -23.60
N GLU B 383 20.21 -20.29 -22.67
CA GLU B 383 19.96 -20.62 -21.27
C GLU B 383 18.59 -21.26 -21.15
N VAL B 384 17.64 -20.68 -21.84
CA VAL B 384 16.26 -21.13 -21.83
C VAL B 384 16.10 -22.57 -22.36
N LEU B 385 17.10 -23.01 -23.12
CA LEU B 385 17.00 -24.25 -23.87
C LEU B 385 16.87 -25.44 -22.95
N SER B 386 15.99 -26.38 -23.32
CA SER B 386 15.91 -27.65 -22.62
C SER B 386 17.33 -28.14 -22.32
N ASP B 387 17.57 -28.61 -21.10
CA ASP B 387 18.92 -29.09 -20.68
C ASP B 387 19.57 -30.04 -21.72
N GLU B 388 18.74 -30.90 -22.32
CA GLU B 388 19.14 -31.86 -23.34
C GLU B 388 19.44 -31.20 -24.69
N ASP B 389 18.65 -30.18 -25.01
CA ASP B 389 18.76 -29.37 -26.23
C ASP B 389 19.98 -28.44 -26.19
N ARG B 390 20.34 -28.00 -24.99
CA ARG B 390 21.51 -27.15 -24.75
C ARG B 390 22.77 -27.89 -25.21
N SER B 391 22.74 -29.20 -25.12
CA SER B 391 23.91 -30.01 -25.48
C SER B 391 23.96 -30.31 -26.97
N ALA B 392 22.82 -30.55 -27.58
CA ALA B 392 22.79 -30.84 -28.99
C ALA B 392 23.46 -29.70 -29.74
N LEU B 393 23.12 -28.47 -29.38
CA LEU B 393 23.73 -27.32 -30.01
C LEU B 393 25.23 -27.30 -29.75
N ALA B 394 25.61 -27.62 -28.52
CA ALA B 394 27.03 -27.62 -28.15
C ALA B 394 27.80 -28.60 -29.04
N PHE B 395 27.18 -29.71 -29.38
CA PHE B 395 27.84 -30.70 -30.23
C PHE B 395 27.66 -30.38 -31.71
N ALA B 396 26.79 -29.43 -32.01
CA ALA B 396 26.55 -29.05 -33.40
C ALA B 396 27.61 -28.07 -33.89
N VAL B 397 28.42 -27.56 -32.97
CA VAL B 397 29.45 -26.59 -33.33
C VAL B 397 30.38 -27.18 -34.38
N VAL B 398 30.66 -28.47 -34.26
CA VAL B 398 31.58 -29.12 -35.20
C VAL B 398 30.88 -29.45 -36.51
N MET B 399 30.33 -28.44 -37.17
CA MET B 399 29.64 -28.66 -38.45
C MET B 399 29.99 -27.56 -39.44
N PRO B 400 29.80 -27.83 -40.74
CA PRO B 400 30.09 -26.83 -41.74
C PRO B 400 28.95 -25.82 -41.78
N PRO B 401 29.26 -24.53 -41.71
CA PRO B 401 28.17 -23.58 -41.69
C PRO B 401 27.78 -23.29 -43.12
N GLY B 402 26.52 -22.95 -43.37
CA GLY B 402 26.08 -22.61 -44.71
C GLY B 402 26.29 -23.79 -45.63
N VAL B 403 25.90 -24.96 -45.14
CA VAL B 403 25.97 -26.19 -45.92
C VAL B 403 24.78 -27.02 -45.55
N ASP B 404 24.07 -27.51 -46.55
CA ASP B 404 22.90 -28.35 -46.30
C ASP B 404 23.36 -29.79 -46.08
N ILE B 405 23.09 -30.35 -44.90
CA ILE B 405 23.70 -31.61 -44.52
C ILE B 405 22.70 -32.56 -43.86
N PRO B 406 22.80 -33.87 -44.17
CA PRO B 406 21.86 -34.93 -43.75
C PRO B 406 21.74 -35.14 -42.25
N VAL B 407 20.66 -35.81 -41.85
CA VAL B 407 20.36 -36.04 -40.43
C VAL B 407 21.35 -37.03 -39.85
N LYS B 408 21.63 -38.08 -40.61
CA LYS B 408 22.56 -39.10 -40.13
C LYS B 408 23.96 -38.50 -39.92
N LEU B 409 24.45 -37.71 -40.88
CA LEU B 409 25.70 -36.96 -40.75
C LEU B 409 25.72 -36.11 -39.49
N TRP B 410 24.56 -35.89 -38.88
CA TRP B 410 24.48 -35.12 -37.65
C TRP B 410 24.43 -36.07 -36.47
N SER B 411 23.74 -37.20 -36.68
CA SER B 411 23.60 -38.24 -35.65
C SER B 411 24.95 -38.63 -35.06
N CYS B 412 26.01 -38.24 -35.76
CA CYS B 412 27.39 -38.60 -35.42
C CYS B 412 27.93 -37.78 -34.24
N VAL B 413 27.68 -36.48 -34.21
CA VAL B 413 28.20 -35.65 -33.11
C VAL B 413 27.21 -35.48 -31.94
N ILE B 414 25.91 -35.57 -32.24
CA ILE B 414 24.89 -35.30 -31.23
C ILE B 414 24.69 -36.48 -30.25
N PRO B 415 24.68 -36.18 -28.93
CA PRO B 415 24.39 -37.11 -27.82
C PRO B 415 23.00 -37.79 -27.82
N VAL B 416 22.82 -38.80 -26.95
CA VAL B 416 21.52 -39.46 -26.69
C VAL B 416 21.65 -40.55 -25.60
N GLU B 424 18.35 -48.28 -29.14
CA GLU B 424 17.84 -48.88 -30.38
C GLU B 424 18.57 -48.36 -31.62
N GLN B 425 17.89 -48.39 -32.77
CA GLN B 425 18.56 -48.12 -34.04
C GLN B 425 18.04 -46.95 -34.86
N LEU B 426 16.86 -46.42 -34.54
CA LEU B 426 16.41 -45.21 -35.24
C LEU B 426 16.64 -43.89 -34.49
N ASP B 427 17.61 -43.13 -34.99
CA ASP B 427 17.93 -41.82 -34.47
C ASP B 427 17.18 -40.73 -35.23
N ASP B 428 15.89 -40.64 -34.93
CA ASP B 428 15.05 -39.55 -35.38
C ASP B 428 15.07 -38.53 -34.27
N GLU B 429 15.31 -39.01 -33.05
CA GLU B 429 15.43 -38.15 -31.90
C GLU B 429 16.36 -36.98 -32.18
N VAL B 430 17.36 -37.19 -33.02
CA VAL B 430 18.23 -36.10 -33.44
C VAL B 430 17.42 -35.01 -34.16
N ALA B 431 16.61 -35.44 -35.12
CA ALA B 431 15.76 -34.50 -35.83
C ALA B 431 14.80 -33.71 -34.92
N ASP B 432 14.23 -34.38 -33.93
CA ASP B 432 13.28 -33.74 -33.01
C ASP B 432 13.93 -32.60 -32.26
N ARG B 433 15.18 -32.81 -31.85
CA ARG B 433 15.93 -31.80 -31.14
C ARG B 433 16.25 -30.64 -32.08
N LEU B 434 16.67 -30.97 -33.30
CA LEU B 434 17.02 -29.96 -34.29
C LEU B 434 15.83 -29.08 -34.77
N LYS B 435 14.63 -29.62 -34.73
CA LYS B 435 13.45 -28.80 -34.94
C LYS B 435 13.24 -27.82 -33.77
N ARG B 436 13.07 -28.34 -32.56
CA ARG B 436 13.01 -27.50 -31.36
C ARG B 436 14.06 -26.38 -31.45
N LEU B 437 15.20 -26.73 -32.04
CA LEU B 437 16.37 -25.86 -32.15
C LEU B 437 16.20 -24.71 -33.14
N SER B 438 15.54 -24.97 -34.26
CA SER B 438 15.17 -23.88 -35.16
C SER B 438 13.92 -23.13 -34.67
N LYS B 439 12.91 -23.83 -34.16
CA LYS B 439 11.76 -23.16 -33.51
C LYS B 439 12.12 -22.17 -32.38
N ARG B 440 13.25 -22.36 -31.71
CA ARG B 440 13.48 -21.66 -30.45
C ARG B 440 14.64 -20.70 -30.43
N GLY B 441 14.65 -19.76 -31.37
CA GLY B 441 15.68 -18.75 -31.41
C GLY B 441 16.20 -18.80 -32.81
N ALA B 442 15.63 -19.75 -33.56
CA ALA B 442 15.99 -19.95 -34.95
C ALA B 442 17.48 -20.07 -35.02
N LEU B 443 18.00 -21.12 -34.40
CA LEU B 443 19.43 -21.35 -34.38
C LEU B 443 19.82 -22.39 -35.41
N LEU B 444 18.82 -22.89 -36.14
CA LEU B 444 19.09 -23.92 -37.13
C LEU B 444 18.20 -23.72 -38.36
N SER B 445 18.54 -24.40 -39.45
CA SER B 445 17.75 -24.27 -40.67
C SER B 445 17.15 -25.60 -41.09
N GLY B 446 15.85 -25.75 -40.93
CA GLY B 446 15.17 -26.97 -41.34
C GLY B 446 14.90 -26.97 -42.82
N LYS B 447 14.69 -28.15 -43.40
CA LYS B 447 14.45 -28.26 -44.85
C LYS B 447 14.03 -29.69 -45.28
N ARG B 448 12.72 -29.88 -45.46
CA ARG B 448 12.07 -31.21 -45.55
C ARG B 448 12.58 -32.15 -46.65
N MET B 449 12.35 -31.78 -47.91
CA MET B 449 12.89 -32.52 -49.05
C MET B 449 13.94 -31.66 -49.77
N PRO B 450 14.76 -32.27 -50.65
CA PRO B 450 14.74 -33.63 -51.15
C PRO B 450 14.86 -34.68 -50.04
N VAL B 451 15.75 -34.43 -49.07
CA VAL B 451 15.91 -35.28 -47.90
C VAL B 451 16.03 -34.43 -46.64
N LEU B 452 15.48 -34.91 -45.51
CA LEU B 452 15.53 -34.19 -44.23
C LEU B 452 16.94 -33.75 -43.82
N THR B 453 17.21 -32.46 -43.97
CA THR B 453 18.53 -31.92 -43.70
C THR B 453 18.36 -30.59 -42.97
N PHE B 454 19.33 -30.27 -42.11
CA PHE B 454 19.34 -28.99 -41.44
C PHE B 454 20.58 -28.22 -41.85
N LYS B 455 20.79 -27.06 -41.26
CA LYS B 455 21.96 -26.27 -41.60
C LYS B 455 22.17 -25.19 -40.54
N ILE B 456 23.43 -24.95 -40.22
CA ILE B 456 23.77 -23.86 -39.30
C ILE B 456 24.45 -22.74 -40.07
N ASP B 457 23.94 -21.52 -39.89
CA ASP B 457 24.47 -20.31 -40.54
C ASP B 457 25.76 -19.88 -39.82
N HIS B 458 26.40 -18.79 -40.25
CA HIS B 458 27.66 -18.35 -39.65
C HIS B 458 27.54 -17.52 -38.38
N ILE B 459 26.57 -16.61 -38.33
CA ILE B 459 26.38 -15.81 -37.14
C ILE B 459 26.04 -16.77 -36.03
N ILE B 460 25.13 -17.71 -36.31
CA ILE B 460 24.77 -18.76 -35.36
C ILE B 460 25.96 -19.70 -35.09
N HIS B 461 26.99 -19.61 -35.92
CA HIS B 461 28.13 -20.53 -35.77
C HIS B 461 29.24 -19.94 -34.93
N MET B 462 29.77 -18.80 -35.36
CA MET B 462 30.87 -18.18 -34.63
C MET B 462 30.51 -18.03 -33.16
N PHE B 463 29.25 -17.73 -32.89
CA PHE B 463 28.81 -17.60 -31.51
C PHE B 463 29.15 -18.86 -30.74
N LEU B 464 28.72 -20.01 -31.26
CA LEU B 464 29.02 -21.27 -30.60
C LEU B 464 30.50 -21.57 -30.73
N LYS B 465 31.06 -21.32 -31.91
CA LYS B 465 32.45 -21.62 -32.16
C LYS B 465 33.38 -20.96 -31.16
N HIS B 466 33.11 -19.70 -30.83
CA HIS B 466 34.00 -18.96 -29.94
C HIS B 466 33.54 -18.99 -28.48
N VAL B 467 32.61 -19.89 -28.17
CA VAL B 467 32.10 -19.97 -26.80
C VAL B 467 32.23 -21.36 -26.19
N VAL B 468 31.77 -22.39 -26.89
CA VAL B 468 31.81 -23.74 -26.34
C VAL B 468 33.18 -24.15 -25.80
N ASP B 469 33.20 -25.02 -24.80
CA ASP B 469 34.47 -25.44 -24.20
C ASP B 469 35.47 -25.79 -25.28
N ALA B 470 36.61 -25.10 -25.26
CA ALA B 470 37.63 -25.30 -26.29
C ALA B 470 37.88 -26.80 -26.52
N GLN B 471 37.69 -27.58 -25.45
CA GLN B 471 37.83 -29.04 -25.53
C GLN B 471 36.70 -29.68 -26.32
N THR B 472 35.46 -29.35 -25.97
CA THR B 472 34.28 -29.98 -26.55
C THR B 472 34.21 -29.81 -28.08
N ILE B 473 34.85 -28.76 -28.58
CA ILE B 473 35.00 -28.62 -30.02
C ILE B 473 35.84 -29.78 -30.53
N ALA B 474 37.08 -29.87 -30.05
CA ALA B 474 37.98 -30.92 -30.50
C ALA B 474 37.48 -32.35 -30.22
N ASN B 475 36.72 -32.55 -29.13
CA ASN B 475 36.15 -33.86 -28.82
C ASN B 475 35.05 -34.26 -29.79
N GLY B 476 34.32 -33.28 -30.27
CA GLY B 476 33.23 -33.55 -31.20
C GLY B 476 33.79 -33.85 -32.58
N ILE B 477 34.91 -33.20 -32.89
CA ILE B 477 35.59 -33.43 -34.15
C ILE B 477 36.10 -34.85 -34.24
N SER B 478 36.73 -35.33 -33.18
CA SER B 478 37.19 -36.71 -33.10
C SER B 478 36.03 -37.70 -33.09
N ILE B 479 34.96 -37.44 -32.36
CA ILE B 479 33.82 -38.34 -32.46
C ILE B 479 33.36 -38.44 -33.92
N LEU B 480 33.32 -37.29 -34.59
CA LEU B 480 32.81 -37.23 -35.97
C LEU B 480 33.33 -38.27 -36.95
N GLU B 481 34.65 -38.28 -37.16
CA GLU B 481 35.25 -39.22 -38.11
C GLU B 481 34.91 -40.67 -37.79
N GLN B 482 34.85 -40.99 -36.51
CA GLN B 482 34.56 -42.36 -36.12
C GLN B 482 33.19 -42.77 -36.62
N ARG B 483 32.22 -41.89 -36.43
CA ARG B 483 30.87 -42.17 -36.89
C ARG B 483 30.73 -41.78 -38.35
N LEU B 484 31.78 -41.18 -38.90
CA LEU B 484 31.75 -40.79 -40.30
C LEU B 484 32.20 -41.92 -41.19
N LEU B 485 33.32 -42.54 -40.85
CA LEU B 485 33.85 -43.63 -41.64
C LEU B 485 32.86 -44.78 -41.70
N GLU B 486 32.28 -45.13 -40.55
CA GLU B 486 31.32 -46.22 -40.50
C GLU B 486 31.86 -47.43 -41.24
N ILE B 487 31.10 -47.95 -42.18
CA ILE B 487 31.54 -49.10 -42.95
C ILE B 487 32.87 -48.84 -43.62
N GLU B 521 27.19 -27.85 -50.89
CA GLU B 521 26.80 -27.56 -52.26
C GLU B 521 25.30 -27.72 -52.46
N THR B 522 24.82 -27.35 -53.65
CA THR B 522 23.40 -27.51 -53.93
C THR B 522 23.02 -28.97 -53.81
N VAL B 523 23.89 -29.85 -54.29
CA VAL B 523 23.61 -31.28 -54.20
C VAL B 523 23.85 -31.78 -52.80
N ILE B 524 22.82 -32.37 -52.19
CA ILE B 524 22.98 -32.92 -50.86
C ILE B 524 24.04 -34.00 -50.87
N ARG B 525 24.84 -34.07 -49.81
CA ARG B 525 25.90 -35.06 -49.74
C ARG B 525 25.33 -36.45 -49.93
N PRO B 526 25.77 -37.16 -50.97
CA PRO B 526 25.25 -38.50 -51.25
C PRO B 526 25.72 -39.52 -50.22
N GLU B 527 24.89 -40.52 -49.95
CA GLU B 527 25.23 -41.53 -48.95
C GLU B 527 26.35 -42.47 -49.37
N ASP B 528 26.80 -42.36 -50.62
CA ASP B 528 27.94 -43.12 -51.12
C ASP B 528 29.21 -42.39 -50.74
N PHE B 529 29.05 -41.11 -50.41
CA PHE B 529 30.19 -40.24 -50.15
C PHE B 529 30.18 -39.57 -48.77
N PRO B 530 29.54 -40.19 -47.76
CA PRO B 530 29.61 -39.58 -46.43
C PRO B 530 30.94 -39.92 -45.77
N LYS B 531 31.48 -41.09 -46.11
CA LYS B 531 32.71 -41.55 -45.54
C LYS B 531 33.74 -40.41 -45.62
N PHE B 532 33.58 -39.52 -46.58
CA PHE B 532 34.47 -38.34 -46.66
C PHE B 532 33.80 -36.96 -46.49
N MET B 533 33.70 -36.50 -45.25
CA MET B 533 33.36 -35.12 -44.93
C MET B 533 34.50 -34.23 -45.41
N GLN B 534 35.43 -34.84 -46.13
CA GLN B 534 36.66 -34.19 -46.56
C GLN B 534 36.43 -33.08 -47.58
N LEU B 535 35.24 -33.01 -48.16
CA LEU B 535 34.93 -31.93 -49.07
C LEU B 535 35.17 -30.59 -48.36
N HIS B 536 34.75 -30.55 -47.09
CA HIS B 536 34.86 -29.36 -46.24
C HIS B 536 36.14 -29.34 -45.41
N GLN B 537 37.17 -30.05 -45.86
CA GLN B 537 38.46 -30.02 -45.19
C GLN B 537 38.85 -28.56 -44.99
N LYS B 538 38.57 -27.74 -46.00
CA LYS B 538 38.90 -26.33 -45.93
C LYS B 538 38.33 -25.74 -44.64
N PHE B 539 37.00 -25.81 -44.52
CA PHE B 539 36.23 -25.26 -43.41
C PHE B 539 36.30 -26.12 -42.14
N TYR B 540 37.29 -27.03 -42.09
CA TYR B 540 37.50 -27.94 -40.94
C TYR B 540 38.91 -27.83 -40.41
N ASP B 541 39.84 -27.50 -41.29
CA ASP B 541 41.25 -27.40 -40.93
C ASP B 541 41.48 -26.19 -40.02
N SER B 542 40.56 -25.21 -40.12
CA SER B 542 40.63 -23.97 -39.33
C SER B 542 40.17 -24.18 -37.89
N LEU B 543 40.54 -25.34 -37.33
CA LEU B 543 40.33 -25.67 -35.91
C LEU B 543 41.63 -26.35 -35.37
N MET C 1 -29.18 7.91 28.02
CA MET C 1 -29.22 6.59 27.40
C MET C 1 -30.63 6.00 27.50
N LEU C 2 -31.04 5.26 26.49
CA LEU C 2 -32.37 4.66 26.48
C LEU C 2 -32.39 3.33 27.21
N CYS C 3 -33.25 2.42 26.76
CA CYS C 3 -33.29 1.09 27.36
C CYS C 3 -33.45 0.06 26.26
N GLU C 4 -33.29 -1.21 26.60
CA GLU C 4 -33.38 -2.26 25.60
C GLU C 4 -34.68 -2.12 24.83
N ILE C 5 -35.77 -1.86 25.53
CA ILE C 5 -37.06 -1.69 24.88
C ILE C 5 -36.99 -0.48 23.96
N GLU C 6 -36.71 0.68 24.55
CA GLU C 6 -36.60 1.89 23.75
C GLU C 6 -35.65 1.73 22.55
N CYS C 7 -34.67 0.82 22.68
CA CYS C 7 -33.71 0.54 21.60
C CYS C 7 -34.23 -0.56 20.66
N ARG C 8 -35.07 -1.44 21.20
CA ARG C 8 -35.71 -2.49 20.41
C ARG C 8 -36.71 -1.86 19.44
N ALA C 9 -37.24 -0.70 19.84
CA ALA C 9 -38.17 0.08 19.01
C ALA C 9 -37.48 0.75 17.85
N LEU C 10 -36.33 1.38 18.11
CA LEU C 10 -35.57 2.01 17.05
C LEU C 10 -35.08 0.97 16.06
N SER C 11 -35.01 -0.28 16.52
CA SER C 11 -34.56 -1.38 15.66
C SER C 11 -35.72 -2.05 14.89
N THR C 12 -36.84 -2.28 15.57
CA THR C 12 -38.02 -2.88 14.93
C THR C 12 -38.54 -1.99 13.79
N ALA C 13 -38.66 -0.70 14.11
CA ALA C 13 -39.07 0.31 13.13
C ALA C 13 -37.88 0.79 12.31
N HIS C 14 -37.04 -0.14 11.87
CA HIS C 14 -35.86 0.23 11.09
C HIS C 14 -36.04 0.09 9.58
N THR C 15 -36.79 -0.93 9.16
CA THR C 15 -37.13 -1.08 7.75
C THR C 15 -37.73 0.23 7.23
N ARG C 16 -38.40 0.96 8.13
CA ARG C 16 -39.08 2.23 7.81
C ARG C 16 -38.20 3.48 7.87
N LEU C 17 -37.39 3.60 8.92
CA LEU C 17 -36.49 4.75 9.10
C LEU C 17 -35.43 4.85 8.00
N ILE C 18 -35.37 3.84 7.15
CA ILE C 18 -34.46 3.83 5.99
C ILE C 18 -35.13 4.35 4.71
N HIS C 19 -36.43 4.07 4.54
CA HIS C 19 -37.18 4.46 3.34
C HIS C 19 -37.51 5.97 3.27
N ASP C 20 -37.73 6.59 4.43
CA ASP C 20 -38.02 8.02 4.51
C ASP C 20 -37.62 8.66 5.86
N PHE C 21 -36.53 9.41 5.86
CA PHE C 21 -35.98 10.03 7.06
C PHE C 21 -34.66 10.69 6.71
N GLU C 22 -34.16 11.55 7.58
CA GLU C 22 -32.87 12.18 7.36
C GLU C 22 -32.38 12.83 8.63
N PRO C 23 -31.20 12.42 9.09
CA PRO C 23 -30.66 12.93 10.35
C PRO C 23 -30.34 14.42 10.28
N ARG C 24 -30.13 14.97 9.09
CA ARG C 24 -29.86 16.41 8.99
C ARG C 24 -31.09 17.19 9.42
N ASP C 25 -32.25 16.62 9.14
CA ASP C 25 -33.53 17.24 9.48
C ASP C 25 -33.73 17.35 10.99
N ALA C 26 -33.14 16.44 11.75
CA ALA C 26 -33.36 16.38 13.19
C ALA C 26 -32.26 17.01 14.03
N LEU C 27 -31.11 17.27 13.41
CA LEU C 27 -29.94 17.77 14.13
C LEU C 27 -30.20 19.12 14.80
N THR C 28 -30.86 20.02 14.07
CA THR C 28 -31.17 21.33 14.61
C THR C 28 -32.16 21.23 15.77
N TYR C 29 -33.17 20.37 15.61
CA TYR C 29 -34.18 20.16 16.64
C TYR C 29 -33.61 19.47 17.89
N LEU C 30 -32.46 18.80 17.74
CA LEU C 30 -31.86 18.11 18.89
C LEU C 30 -30.63 18.80 19.53
N GLU C 31 -29.86 19.57 18.74
CA GLU C 31 -28.84 20.42 19.35
C GLU C 31 -29.60 21.33 20.30
N GLY C 32 -30.88 21.52 19.99
CA GLY C 32 -31.78 22.39 20.72
C GLY C 32 -32.38 21.82 22.00
N LYS C 33 -33.08 20.70 21.89
CA LYS C 33 -33.56 20.06 23.09
C LYS C 33 -32.35 19.60 23.87
N ASN C 34 -31.16 20.04 23.44
CA ASN C 34 -29.92 19.68 24.12
C ASN C 34 -29.63 18.19 24.15
N ILE C 35 -29.56 17.56 22.98
CA ILE C 35 -29.23 16.13 22.93
C ILE C 35 -27.98 15.90 22.10
N PHE C 36 -27.64 16.84 21.23
CA PHE C 36 -26.47 16.70 20.36
C PHE C 36 -25.49 17.86 20.50
N THR C 37 -24.21 17.55 20.69
CA THR C 37 -23.20 18.59 20.79
C THR C 37 -22.90 19.16 19.41
N GLU C 38 -21.99 20.12 19.35
CA GLU C 38 -21.62 20.68 18.04
C GLU C 38 -20.59 19.82 17.29
N ASP C 39 -20.01 18.84 17.96
CA ASP C 39 -19.27 17.80 17.24
C ASP C 39 -20.21 16.67 16.80
N HIS C 40 -21.22 16.38 17.62
CA HIS C 40 -22.20 15.35 17.29
C HIS C 40 -22.83 15.63 15.96
N SER C 41 -23.35 16.85 15.82
CA SER C 41 -24.02 17.29 14.58
C SER C 41 -23.03 17.37 13.41
N GLU C 42 -21.77 17.69 13.72
CA GLU C 42 -20.72 17.66 12.71
C GLU C 42 -20.53 16.23 12.22
N LEU C 43 -20.41 15.29 13.14
CA LEU C 43 -20.16 13.90 12.79
C LEU C 43 -21.27 13.25 11.96
N ILE C 44 -22.53 13.54 12.28
CA ILE C 44 -23.67 12.99 11.54
C ILE C 44 -24.09 13.82 10.31
N SER C 45 -23.75 15.11 10.33
CA SER C 45 -24.08 16.04 9.26
C SER C 45 -23.19 15.95 8.02
N LYS C 46 -21.89 15.66 8.20
CA LYS C 46 -21.02 15.37 7.05
C LYS C 46 -20.82 13.87 6.83
N MET C 47 -21.80 13.23 6.21
CA MET C 47 -21.72 11.80 5.90
C MET C 47 -22.23 11.59 4.49
N SER C 48 -21.42 10.97 3.63
CA SER C 48 -21.76 10.83 2.22
C SER C 48 -23.13 10.19 1.97
N THR C 49 -23.34 8.98 2.49
CA THR C 49 -24.64 8.30 2.36
C THR C 49 -25.53 8.58 3.56
N ARG C 50 -26.83 8.33 3.42
CA ARG C 50 -27.79 8.55 4.51
C ARG C 50 -27.82 7.40 5.54
N LEU C 51 -27.60 6.17 5.07
CA LEU C 51 -27.53 5.01 5.97
C LEU C 51 -26.41 5.20 6.98
N GLU C 52 -25.43 6.03 6.61
CA GLU C 52 -24.37 6.45 7.54
C GLU C 52 -24.91 7.45 8.58
N ARG C 53 -25.55 8.51 8.10
CA ARG C 53 -26.13 9.52 8.98
C ARG C 53 -27.22 8.90 9.86
N ILE C 54 -27.88 7.87 9.35
CA ILE C 54 -28.92 7.18 10.09
C ILE C 54 -28.36 6.26 11.19
N ALA C 55 -27.34 5.47 10.86
CA ALA C 55 -26.69 4.55 11.80
C ALA C 55 -25.94 5.28 12.90
N ASN C 56 -25.35 6.43 12.57
CA ASN C 56 -24.76 7.36 13.57
C ASN C 56 -25.79 8.12 14.42
N PHE C 57 -26.95 8.41 13.85
CA PHE C 57 -28.01 9.11 14.57
C PHE C 57 -28.64 8.16 15.59
N LEU C 58 -28.84 6.91 15.18
CA LEU C 58 -29.37 5.89 16.06
C LEU C 58 -28.36 5.34 17.09
N ARG C 59 -27.07 5.34 16.74
CA ARG C 59 -26.01 5.02 17.71
C ARG C 59 -25.86 6.14 18.74
N ILE C 60 -25.53 7.35 18.26
CA ILE C 60 -25.35 8.53 19.12
C ILE C 60 -26.56 8.83 19.97
N TYR C 61 -27.75 8.62 19.40
CA TYR C 61 -28.98 8.93 20.11
C TYR C 61 -29.21 8.02 21.32
N ARG C 62 -28.98 6.72 21.16
CA ARG C 62 -29.29 5.76 22.22
C ARG C 62 -28.49 6.02 23.50
N ARG C 63 -27.44 6.83 23.39
CA ARG C 63 -26.56 7.13 24.52
C ARG C 63 -26.96 8.42 25.24
N GLN C 64 -27.45 9.38 24.47
CA GLN C 64 -27.63 10.76 24.92
C GLN C 64 -28.93 11.11 25.67
N ALA C 65 -30.05 10.57 25.21
CA ALA C 65 -31.35 10.93 25.76
C ALA C 65 -31.75 10.12 27.00
N SER C 66 -32.37 10.79 27.97
CA SER C 66 -32.90 10.12 29.16
C SER C 66 -34.13 9.28 28.81
N GLU C 67 -34.67 9.48 27.62
CA GLU C 67 -35.89 8.79 27.17
C GLU C 67 -36.13 8.94 25.66
N LEU C 68 -37.21 8.34 25.16
CA LEU C 68 -37.56 8.40 23.74
C LEU C 68 -38.65 9.42 23.45
N GLY C 69 -38.53 10.63 23.99
CA GLY C 69 -39.53 11.66 23.73
C GLY C 69 -39.28 12.61 22.57
N PRO C 70 -38.08 13.22 22.52
CA PRO C 70 -37.80 14.22 21.47
C PRO C 70 -37.94 13.67 20.05
N LEU C 71 -37.47 12.46 19.80
CA LEU C 71 -37.55 11.88 18.47
C LEU C 71 -38.99 11.77 18.02
N ILE C 72 -39.86 11.33 18.93
CA ILE C 72 -41.28 11.24 18.61
C ILE C 72 -41.85 12.63 18.36
N ASP C 73 -41.52 13.57 19.24
CA ASP C 73 -42.01 14.92 19.06
C ASP C 73 -41.66 15.40 17.67
N PHE C 74 -40.49 15.01 17.19
CA PHE C 74 -40.01 15.45 15.88
C PHE C 74 -40.74 14.87 14.67
N PHE C 75 -40.82 13.55 14.53
CA PHE C 75 -41.41 12.99 13.32
C PHE C 75 -42.81 13.58 13.11
N ASN C 76 -43.43 14.00 14.20
CA ASN C 76 -44.67 14.79 14.13
C ASN C 76 -44.43 16.06 13.31
N TYR C 77 -43.60 16.97 13.82
CA TYR C 77 -43.38 18.23 13.11
C TYR C 77 -42.83 18.08 11.69
N ASN C 78 -42.06 17.04 11.41
CA ASN C 78 -41.40 16.90 10.11
C ASN C 78 -42.26 16.29 8.98
N ASN C 79 -43.57 16.26 9.16
CA ASN C 79 -44.49 15.67 8.16
C ASN C 79 -44.24 14.16 7.98
N GLN C 80 -43.40 13.61 8.84
CA GLN C 80 -43.13 12.18 8.89
C GLN C 80 -43.88 11.58 10.09
N SER C 81 -45.12 12.03 10.30
CA SER C 81 -45.89 11.57 11.45
C SER C 81 -46.29 10.12 11.38
N HIS C 82 -46.29 9.54 10.19
CA HIS C 82 -46.55 8.11 10.06
C HIS C 82 -45.47 7.33 10.77
N LEU C 83 -44.37 8.00 11.11
CA LEU C 83 -43.28 7.43 11.91
C LEU C 83 -43.50 7.61 13.42
N ALA C 84 -43.57 8.85 13.88
CA ALA C 84 -43.74 9.12 15.32
C ALA C 84 -44.99 8.47 15.88
N ASP C 85 -45.95 8.14 15.02
CA ASP C 85 -47.15 7.42 15.42
C ASP C 85 -46.86 5.94 15.67
N PHE C 86 -46.11 5.31 14.78
CA PHE C 86 -45.70 3.90 14.95
C PHE C 86 -44.90 3.69 16.23
N LEU C 87 -43.94 4.58 16.50
CA LEU C 87 -43.11 4.46 17.69
C LEU C 87 -43.88 4.75 19.00
N GLU C 88 -44.80 5.71 18.99
CA GLU C 88 -45.61 5.95 20.18
C GLU C 88 -46.58 4.80 20.44
N ASP C 89 -47.03 4.14 19.37
CA ASP C 89 -47.89 2.97 19.50
C ASP C 89 -47.11 1.84 20.18
N TYR C 90 -45.84 1.69 19.79
CA TYR C 90 -44.97 0.64 20.32
C TYR C 90 -44.61 0.85 21.81
N ILE C 91 -44.34 2.10 22.17
CA ILE C 91 -44.03 2.44 23.56
C ILE C 91 -45.26 2.24 24.45
N ASP C 92 -46.45 2.26 23.86
CA ASP C 92 -47.69 2.10 24.62
C ASP C 92 -48.06 0.64 24.85
N PHE C 93 -47.82 -0.21 23.86
CA PHE C 93 -48.04 -1.65 24.02
C PHE C 93 -46.94 -2.32 24.87
N ALA C 94 -46.36 -1.58 25.81
CA ALA C 94 -45.36 -2.14 26.70
C ALA C 94 -45.63 -1.80 28.16
N ILE C 95 -45.78 -0.52 28.47
CA ILE C 95 -46.06 -0.07 29.84
C ILE C 95 -47.47 -0.43 30.33
N ASN C 96 -48.48 0.03 29.59
CA ASN C 96 -49.88 -0.19 29.97
C ASN C 96 -50.34 -1.62 29.69
N GLU C 97 -50.51 -1.94 28.41
CA GLU C 97 -50.92 -3.27 28.00
C GLU C 97 -49.73 -4.14 27.56
N PRO C 98 -49.22 -4.98 28.47
CA PRO C 98 -48.13 -5.93 28.19
C PRO C 98 -48.64 -7.09 27.35
N ASP C 99 -47.75 -7.95 26.88
CA ASP C 99 -48.13 -9.11 26.07
C ASP C 99 -48.51 -8.72 24.64
N LEU C 100 -49.41 -7.74 24.52
CA LEU C 100 -50.02 -7.37 23.24
C LEU C 100 -49.00 -6.88 22.20
N LEU C 101 -47.77 -6.61 22.64
CA LEU C 101 -46.74 -6.06 21.75
C LEU C 101 -46.33 -7.03 20.64
N ARG C 102 -46.10 -8.29 20.99
CA ARG C 102 -45.70 -9.31 20.00
C ARG C 102 -46.81 -9.69 18.99
N PRO C 103 -48.05 -9.95 19.47
CA PRO C 103 -49.14 -10.27 18.54
C PRO C 103 -49.50 -9.08 17.65
N VAL C 104 -49.59 -7.90 18.25
CA VAL C 104 -50.10 -6.71 17.57
C VAL C 104 -49.07 -5.90 16.78
N VAL C 105 -48.11 -5.30 17.50
CA VAL C 105 -47.18 -4.32 16.90
C VAL C 105 -45.84 -4.89 16.36
N ILE C 106 -45.63 -6.19 16.55
CA ILE C 106 -44.38 -6.80 16.10
C ILE C 106 -44.62 -7.86 15.03
N ALA C 107 -45.67 -8.65 15.20
CA ALA C 107 -45.95 -9.73 14.26
C ALA C 107 -46.10 -9.26 12.81
N PRO C 108 -46.89 -8.19 12.58
CA PRO C 108 -47.12 -7.78 11.19
C PRO C 108 -45.82 -7.46 10.48
N GLN C 109 -44.88 -6.84 11.19
CA GLN C 109 -43.63 -6.44 10.57
C GLN C 109 -42.74 -7.63 10.23
N PHE C 110 -43.14 -8.82 10.66
CA PHE C 110 -42.32 -10.01 10.43
C PHE C 110 -42.15 -10.34 8.95
N SER C 111 -41.01 -10.91 8.59
CA SER C 111 -40.79 -11.31 7.20
C SER C 111 -39.73 -12.42 7.17
N ARG C 112 -39.92 -13.40 6.31
CA ARG C 112 -39.00 -14.53 6.27
C ARG C 112 -37.71 -14.21 5.52
N GLN C 113 -37.82 -13.53 4.39
CA GLN C 113 -36.64 -13.24 3.59
C GLN C 113 -35.71 -12.38 4.44
N MET C 114 -36.29 -11.76 5.47
CA MET C 114 -35.60 -10.97 6.48
C MET C 114 -34.86 -11.86 7.49
N LEU C 115 -35.50 -13.00 7.83
CA LEU C 115 -34.88 -14.01 8.68
C LEU C 115 -33.55 -14.37 8.11
N ASP C 116 -33.59 -14.87 6.89
CA ASP C 116 -32.39 -15.35 6.22
C ASP C 116 -31.23 -14.34 6.25
N ARG C 117 -31.52 -13.07 5.99
CA ARG C 117 -30.59 -11.98 6.28
C ARG C 117 -30.05 -12.04 7.70
N LYS C 118 -30.96 -12.14 8.67
CA LYS C 118 -30.55 -12.17 10.08
C LYS C 118 -29.83 -13.48 10.46
N LEU C 119 -30.30 -14.61 9.95
CA LEU C 119 -29.63 -15.89 10.20
C LEU C 119 -28.22 -15.85 9.65
N LEU C 120 -28.07 -15.49 8.38
CA LEU C 120 -26.74 -15.47 7.79
C LEU C 120 -25.75 -14.59 8.55
N LEU C 121 -26.21 -13.42 8.97
CA LEU C 121 -25.31 -12.47 9.60
C LEU C 121 -24.93 -12.87 11.04
N GLY C 122 -25.79 -13.67 11.66
CA GLY C 122 -25.56 -14.19 12.99
C GLY C 122 -24.83 -15.51 12.90
N ASN C 123 -24.32 -15.82 11.71
CA ASN C 123 -23.52 -17.03 11.45
C ASN C 123 -24.21 -18.32 11.83
N VAL C 124 -25.52 -18.36 11.67
CA VAL C 124 -26.28 -19.56 12.01
C VAL C 124 -26.31 -20.52 10.82
N PRO C 125 -26.02 -21.81 11.08
CA PRO C 125 -26.01 -22.81 10.01
C PRO C 125 -27.39 -23.05 9.42
N LYS C 126 -27.44 -23.57 8.20
CA LYS C 126 -28.72 -23.87 7.55
C LYS C 126 -29.31 -25.15 8.12
N GLN C 127 -30.61 -25.12 8.42
CA GLN C 127 -31.26 -26.29 8.99
C GLN C 127 -31.41 -27.42 7.97
N MET C 128 -31.51 -28.66 8.46
CA MET C 128 -31.67 -29.80 7.57
C MET C 128 -33.15 -30.11 7.36
N THR C 129 -33.62 -29.98 6.13
CA THR C 129 -35.03 -30.21 5.86
C THR C 129 -35.40 -31.68 5.69
N CYS C 130 -34.44 -32.49 5.23
CA CYS C 130 -34.76 -33.91 4.98
C CYS C 130 -35.51 -34.53 6.16
N TYR C 131 -34.88 -34.58 7.32
CA TYR C 131 -35.53 -35.15 8.49
C TYR C 131 -35.46 -34.11 9.57
N ILE C 132 -36.56 -33.94 10.28
CA ILE C 132 -36.59 -33.01 11.39
C ILE C 132 -37.04 -33.73 12.63
N ARG C 133 -36.29 -33.59 13.71
CA ARG C 133 -36.75 -34.15 14.96
C ARG C 133 -37.85 -33.25 15.50
N GLU C 134 -39.07 -33.72 15.30
CA GLU C 134 -40.25 -32.96 15.65
C GLU C 134 -40.14 -32.45 17.07
N TYR C 135 -40.27 -33.42 17.98
CA TYR C 135 -40.38 -33.21 19.41
C TYR C 135 -39.44 -32.11 19.90
N HIS C 136 -38.18 -32.29 19.55
CA HIS C 136 -37.09 -31.50 20.13
C HIS C 136 -37.02 -30.07 19.62
N VAL C 137 -36.94 -29.92 18.31
CA VAL C 137 -36.90 -28.59 17.72
C VAL C 137 -38.08 -27.76 18.23
N ASP C 138 -39.20 -28.45 18.44
CA ASP C 138 -40.39 -27.79 18.96
C ASP C 138 -40.17 -27.27 20.39
N ARG C 139 -39.68 -28.17 21.26
CA ARG C 139 -39.54 -27.90 22.67
C ARG C 139 -38.48 -26.87 22.95
N VAL C 140 -37.43 -26.89 22.13
CA VAL C 140 -36.43 -25.82 22.14
C VAL C 140 -37.05 -24.46 21.90
N ILE C 141 -37.80 -24.35 20.79
CA ILE C 141 -38.41 -23.08 20.39
C ILE C 141 -39.35 -22.57 21.45
N LYS C 142 -40.13 -23.49 22.01
CA LYS C 142 -41.06 -23.19 23.07
C LYS C 142 -40.37 -22.54 24.25
N LYS C 143 -39.39 -23.23 24.81
CA LYS C 143 -38.68 -22.75 25.98
C LYS C 143 -37.89 -21.47 25.70
N LEU C 144 -37.66 -21.16 24.43
CA LEU C 144 -37.02 -19.89 24.07
C LEU C 144 -38.04 -18.76 24.04
N ASP C 145 -39.23 -19.06 23.52
CA ASP C 145 -40.35 -18.12 23.53
C ASP C 145 -40.69 -17.70 24.97
N GLU C 146 -40.64 -18.65 25.90
CA GLU C 146 -41.04 -18.37 27.28
C GLU C 146 -40.10 -17.37 27.95
N MET C 147 -38.95 -17.15 27.33
CA MET C 147 -37.88 -16.44 27.99
C MET C 147 -37.49 -15.11 27.34
N CYS C 148 -37.98 -14.81 26.14
CA CYS C 148 -37.65 -13.53 25.51
C CYS C 148 -37.95 -12.37 26.43
N ASP C 149 -38.83 -12.63 27.39
CA ASP C 149 -39.16 -11.68 28.44
C ASP C 149 -37.97 -11.47 29.37
N LEU C 150 -37.37 -12.58 29.80
CA LEU C 150 -36.19 -12.58 30.69
C LEU C 150 -35.02 -11.69 30.25
N ASP C 151 -34.26 -11.20 31.23
CA ASP C 151 -33.17 -10.24 30.97
C ASP C 151 -31.85 -10.93 30.57
N SER C 152 -31.67 -12.17 31.04
CA SER C 152 -30.50 -13.03 30.78
C SER C 152 -30.79 -14.46 31.27
N PHE C 153 -30.38 -15.47 30.51
CA PHE C 153 -30.77 -16.85 30.83
C PHE C 153 -29.94 -17.88 30.03
N PHE C 154 -29.79 -19.10 30.59
CA PHE C 154 -29.10 -20.20 29.90
C PHE C 154 -30.04 -21.30 29.48
N LEU C 155 -29.98 -21.65 28.20
CA LEU C 155 -30.68 -22.83 27.74
C LEU C 155 -29.68 -23.90 27.33
N PHE C 156 -29.70 -25.04 28.00
CA PHE C 156 -28.72 -26.10 27.76
C PHE C 156 -29.26 -27.24 26.93
N LEU C 157 -28.92 -27.23 25.65
CA LEU C 157 -29.28 -28.31 24.76
C LEU C 157 -28.15 -29.32 24.81
N HIS C 158 -28.11 -30.12 25.88
CA HIS C 158 -27.01 -31.05 26.13
C HIS C 158 -27.29 -32.49 25.70
N GLY C 159 -26.27 -33.16 25.17
CA GLY C 159 -26.44 -34.53 24.72
C GLY C 159 -25.11 -35.20 24.44
N ARG C 160 -25.15 -36.44 23.96
CA ARG C 160 -23.93 -37.18 23.68
C ARG C 160 -23.21 -36.59 22.46
N ALA C 161 -21.96 -36.99 22.26
CA ALA C 161 -21.23 -36.53 21.08
C ALA C 161 -22.01 -36.89 19.84
N GLY C 162 -22.24 -35.91 18.96
CA GLY C 162 -22.95 -36.18 17.73
C GLY C 162 -24.38 -36.62 17.98
N SER C 163 -24.84 -36.49 19.22
CA SER C 163 -26.21 -36.86 19.54
C SER C 163 -27.15 -36.00 18.73
N GLY C 164 -26.59 -35.04 17.99
CA GLY C 164 -27.42 -34.18 17.15
C GLY C 164 -27.89 -32.83 17.69
N LYS C 165 -27.32 -32.38 18.80
CA LYS C 165 -27.72 -31.12 19.45
C LYS C 165 -27.60 -29.88 18.54
N SER C 166 -26.46 -29.72 17.89
CA SER C 166 -26.16 -28.51 17.15
C SER C 166 -27.14 -28.37 15.98
N VAL C 167 -27.50 -29.48 15.34
CA VAL C 167 -28.44 -29.45 14.21
C VAL C 167 -29.83 -28.90 14.59
N ILE C 168 -30.32 -29.36 15.74
CA ILE C 168 -31.56 -28.87 16.32
C ILE C 168 -31.58 -27.35 16.59
N ALA C 169 -30.44 -26.75 16.92
CA ALA C 169 -30.45 -25.32 17.18
C ALA C 169 -30.53 -24.64 15.82
N SER C 170 -30.00 -25.30 14.79
CA SER C 170 -30.06 -24.74 13.45
C SER C 170 -31.50 -24.68 13.00
N GLN C 171 -32.27 -25.70 13.35
CA GLN C 171 -33.66 -25.77 12.89
C GLN C 171 -34.57 -24.88 13.72
N ALA C 172 -34.31 -24.79 15.02
CA ALA C 172 -35.18 -24.01 15.89
C ALA C 172 -35.31 -22.58 15.39
N LEU C 173 -34.18 -21.93 15.13
CA LEU C 173 -34.22 -20.55 14.67
C LEU C 173 -34.87 -20.47 13.31
N SER C 174 -34.52 -21.40 12.42
CA SER C 174 -35.07 -21.38 11.07
C SER C 174 -36.51 -21.85 11.02
N LYS C 175 -36.92 -22.68 11.97
CA LYS C 175 -38.27 -23.22 11.96
C LYS C 175 -39.33 -22.14 12.10
N SER C 176 -39.12 -21.22 13.04
CA SER C 176 -40.11 -20.18 13.27
C SER C 176 -39.50 -18.78 13.25
N ASP C 177 -40.10 -17.89 12.47
CA ASP C 177 -39.61 -16.51 12.42
C ASP C 177 -39.76 -15.88 13.80
N GLN C 178 -40.87 -16.16 14.45
CA GLN C 178 -41.12 -15.59 15.77
C GLN C 178 -39.84 -15.41 16.55
N LEU C 179 -39.04 -16.46 16.63
CA LEU C 179 -37.81 -16.38 17.43
C LEU C 179 -36.90 -15.20 17.03
N ILE C 180 -36.75 -15.02 15.72
CA ILE C 180 -36.00 -13.89 15.19
C ILE C 180 -36.92 -12.83 14.54
N GLY C 181 -37.04 -11.67 15.19
CA GLY C 181 -37.91 -10.60 14.72
C GLY C 181 -39.00 -10.27 15.74
N ILE C 182 -39.70 -11.31 16.17
CA ILE C 182 -40.80 -11.23 17.13
C ILE C 182 -40.31 -11.32 18.59
N ASN C 183 -39.60 -12.40 18.93
CA ASN C 183 -39.12 -12.66 20.30
C ASN C 183 -37.74 -12.09 20.61
N TYR C 184 -36.84 -12.21 19.63
CA TYR C 184 -35.48 -11.64 19.73
C TYR C 184 -35.18 -10.88 18.43
N ASP C 185 -34.51 -9.74 18.54
CA ASP C 185 -34.22 -8.87 17.39
C ASP C 185 -33.13 -9.43 16.49
N SER C 186 -32.04 -9.89 17.09
CA SER C 186 -30.89 -10.42 16.33
C SER C 186 -30.39 -11.77 16.85
N ILE C 187 -29.55 -12.43 16.05
CA ILE C 187 -28.89 -13.69 16.43
C ILE C 187 -27.35 -13.65 16.32
N VAL C 188 -26.67 -14.18 17.33
CA VAL C 188 -25.21 -14.40 17.29
C VAL C 188 -24.89 -15.86 17.64
N TRP C 189 -24.45 -16.63 16.66
CA TRP C 189 -24.16 -18.04 16.84
C TRP C 189 -22.68 -18.24 16.60
N LEU C 190 -22.01 -18.66 17.68
CA LEU C 190 -20.57 -18.82 17.76
C LEU C 190 -20.25 -20.21 18.25
N LYS C 191 -19.34 -20.91 17.54
CA LYS C 191 -18.86 -22.22 17.98
C LYS C 191 -17.69 -22.05 18.92
N ASP C 192 -17.76 -22.71 20.08
CA ASP C 192 -16.75 -22.59 21.13
C ASP C 192 -15.64 -23.60 20.90
N SER C 193 -15.76 -24.77 21.52
CA SER C 193 -14.80 -25.88 21.39
C SER C 193 -13.45 -25.54 22.03
N GLY C 194 -13.48 -24.63 23.01
CA GLY C 194 -12.30 -24.12 23.68
C GLY C 194 -11.76 -25.02 24.77
N THR C 195 -10.45 -25.23 24.73
CA THR C 195 -9.74 -26.14 25.65
C THR C 195 -8.63 -25.40 26.38
N ALA C 196 -7.90 -24.58 25.65
CA ALA C 196 -6.87 -23.71 26.25
C ALA C 196 -7.53 -22.75 27.22
N PRO C 197 -6.73 -22.06 28.05
CA PRO C 197 -7.24 -21.06 28.99
C PRO C 197 -7.44 -19.68 28.32
N LYS C 198 -6.78 -19.49 27.19
CA LYS C 198 -6.93 -18.30 26.35
C LYS C 198 -8.20 -18.40 25.51
N SER C 199 -8.80 -19.58 25.44
CA SER C 199 -9.92 -19.81 24.56
C SER C 199 -11.19 -19.05 25.02
N THR C 200 -11.40 -18.97 26.33
CA THR C 200 -12.60 -18.34 26.85
C THR C 200 -12.54 -16.84 26.65
N PHE C 201 -11.34 -16.32 26.38
CA PHE C 201 -11.20 -14.91 26.09
C PHE C 201 -11.27 -14.71 24.60
N ASP C 202 -10.67 -15.62 23.85
CA ASP C 202 -10.67 -15.52 22.39
C ASP C 202 -12.09 -15.60 21.85
N LEU C 203 -12.92 -16.38 22.54
CA LEU C 203 -14.30 -16.54 22.14
C LEU C 203 -14.92 -15.18 22.12
N PHE C 204 -14.86 -14.54 23.28
CA PHE C 204 -15.50 -13.24 23.50
C PHE C 204 -14.85 -12.10 22.71
N THR C 205 -13.69 -12.37 22.12
CA THR C 205 -13.13 -11.46 21.14
C THR C 205 -13.94 -11.50 19.85
N ASP C 206 -14.45 -12.68 19.52
CA ASP C 206 -15.14 -12.84 18.26
C ASP C 206 -16.63 -12.61 18.44
N ILE C 207 -17.10 -12.55 19.68
CA ILE C 207 -18.49 -12.20 19.91
C ILE C 207 -18.60 -10.71 19.64
N LEU C 208 -17.65 -9.95 20.18
CA LEU C 208 -17.66 -8.50 19.99
C LEU C 208 -17.44 -8.14 18.53
N LEU C 209 -16.62 -8.93 17.84
CA LEU C 209 -16.41 -8.68 16.42
C LEU C 209 -17.73 -8.81 15.69
N MET C 210 -18.47 -9.87 15.99
CA MET C 210 -19.77 -10.05 15.37
C MET C 210 -20.67 -8.88 15.68
N LEU C 211 -20.67 -8.45 16.93
CA LEU C 211 -21.50 -7.31 17.33
C LEU C 211 -21.16 -6.04 16.56
N LYS C 212 -19.88 -5.79 16.35
CA LYS C 212 -19.46 -4.56 15.68
C LYS C 212 -19.93 -4.39 14.24
N SER C 213 -20.24 -3.13 13.95
CA SER C 213 -20.81 -2.68 12.69
C SER C 213 -19.94 -3.07 11.52
N GLU C 214 -20.54 -3.16 10.34
CA GLU C 214 -19.81 -3.49 9.12
C GLU C 214 -18.73 -2.43 8.92
N ASP C 215 -19.09 -1.20 9.24
CA ASP C 215 -18.13 -0.11 9.38
C ASP C 215 -17.28 -0.42 10.60
N ASP C 216 -16.02 0.00 10.56
CA ASP C 216 -15.11 -0.24 11.67
C ASP C 216 -14.96 -1.72 11.97
N LEU C 217 -14.74 -2.49 10.92
CA LEU C 217 -14.06 -3.78 11.01
C LEU C 217 -12.68 -3.49 10.44
N LEU C 218 -12.61 -2.39 9.68
CA LEU C 218 -11.34 -1.85 9.20
C LEU C 218 -10.53 -1.32 10.38
N ASN C 219 -11.19 -0.51 11.20
CA ASN C 219 -10.57 0.04 12.40
C ASN C 219 -10.30 -1.00 13.52
N PHE C 220 -10.82 -2.21 13.36
CA PHE C 220 -10.56 -3.27 14.34
C PHE C 220 -9.12 -3.09 14.75
N PRO C 221 -8.88 -2.81 16.04
CA PRO C 221 -7.53 -2.69 16.62
C PRO C 221 -6.83 -4.01 16.97
N SER C 222 -5.59 -3.89 17.44
CA SER C 222 -4.90 -5.04 17.98
C SER C 222 -5.58 -5.37 19.30
N VAL C 223 -6.90 -5.58 19.26
CA VAL C 223 -7.67 -5.92 20.46
C VAL C 223 -7.15 -7.24 21.00
N GLU C 224 -6.47 -7.98 20.13
CA GLU C 224 -5.74 -9.17 20.51
C GLU C 224 -4.96 -8.95 21.82
N HIS C 225 -4.48 -7.73 22.07
CA HIS C 225 -3.80 -7.43 23.34
C HIS C 225 -4.49 -6.35 24.17
N VAL C 226 -5.28 -6.79 25.15
CA VAL C 226 -6.10 -5.92 25.98
C VAL C 226 -6.75 -6.79 27.04
N THR C 227 -6.83 -6.30 28.29
CA THR C 227 -7.25 -7.13 29.42
C THR C 227 -8.63 -7.74 29.29
N SER C 228 -8.92 -8.73 30.14
CA SER C 228 -10.24 -9.34 30.17
C SER C 228 -11.31 -8.38 30.67
N VAL C 229 -10.97 -7.56 31.65
CA VAL C 229 -11.90 -6.56 32.20
C VAL C 229 -12.37 -5.56 31.13
N VAL C 230 -11.51 -5.35 30.14
CA VAL C 230 -11.77 -4.40 29.07
C VAL C 230 -12.53 -4.98 27.88
N LEU C 231 -12.14 -6.16 27.40
CA LEU C 231 -12.95 -6.83 26.37
C LEU C 231 -14.37 -6.98 26.90
N LYS C 232 -14.50 -7.30 28.18
CA LYS C 232 -15.81 -7.46 28.81
C LYS C 232 -16.57 -6.13 28.86
N ARG C 233 -15.90 -5.07 29.33
CA ARG C 233 -16.52 -3.75 29.39
C ARG C 233 -16.77 -3.24 27.98
N MET C 234 -15.83 -3.43 27.07
CA MET C 234 -16.03 -3.01 25.68
C MET C 234 -17.20 -3.74 25.01
N ILE C 235 -17.28 -5.04 25.24
CA ILE C 235 -18.38 -5.82 24.69
C ILE C 235 -19.67 -5.32 25.28
N CYS C 236 -19.70 -5.14 26.59
CA CYS C 236 -20.90 -4.69 27.24
C CYS C 236 -21.28 -3.33 26.67
N ASN C 237 -20.28 -2.51 26.37
CA ASN C 237 -20.54 -1.21 25.74
C ASN C 237 -21.24 -1.36 24.40
N ALA C 238 -20.63 -2.10 23.46
CA ALA C 238 -21.23 -2.18 22.11
C ALA C 238 -22.54 -2.95 22.12
N LEU C 239 -22.95 -3.43 23.29
CA LEU C 239 -24.13 -4.28 23.43
C LEU C 239 -25.42 -3.49 23.63
N ILE C 240 -25.30 -2.16 23.77
CA ILE C 240 -26.48 -1.28 23.91
C ILE C 240 -27.29 -1.32 22.63
N ASP C 241 -26.59 -1.14 21.50
CA ASP C 241 -27.19 -1.08 20.18
C ASP C 241 -27.82 -2.40 19.80
N ARG C 242 -27.83 -3.32 20.75
CA ARG C 242 -28.39 -4.64 20.49
C ARG C 242 -29.47 -5.01 21.49
N PRO C 243 -30.72 -4.64 21.20
CA PRO C 243 -31.79 -5.07 22.11
C PRO C 243 -32.25 -6.49 21.76
N ASN C 244 -32.64 -7.27 22.76
CA ASN C 244 -33.14 -8.63 22.49
C ASN C 244 -32.22 -9.39 21.55
N THR C 245 -30.93 -9.43 21.86
CA THR C 245 -29.99 -10.17 21.03
C THR C 245 -29.71 -11.53 21.64
N LEU C 246 -29.87 -12.58 20.86
CA LEU C 246 -29.68 -13.93 21.37
C LEU C 246 -28.27 -14.44 21.10
N PHE C 247 -27.86 -15.49 21.80
CA PHE C 247 -26.54 -16.04 21.63
C PHE C 247 -26.57 -17.53 21.60
N VAL C 248 -26.23 -18.13 20.46
CA VAL C 248 -25.98 -19.56 20.41
C VAL C 248 -24.49 -19.79 20.57
N PHE C 249 -24.14 -20.61 21.55
CA PHE C 249 -22.77 -20.98 21.83
C PHE C 249 -22.58 -22.45 21.51
N ASP C 250 -22.42 -22.74 20.23
CA ASP C 250 -22.40 -24.10 19.79
C ASP C 250 -21.11 -24.68 20.32
N ASP C 251 -21.25 -25.75 21.12
CA ASP C 251 -20.15 -26.60 21.64
C ASP C 251 -19.28 -26.01 22.75
N VAL C 252 -19.87 -25.78 23.91
CA VAL C 252 -19.10 -25.34 25.04
C VAL C 252 -18.54 -26.56 25.73
N VAL C 253 -17.23 -26.50 26.01
CA VAL C 253 -16.57 -27.51 26.84
C VAL C 253 -16.14 -26.95 28.19
N GLN C 254 -15.65 -25.70 28.20
CA GLN C 254 -15.21 -25.06 29.44
C GLN C 254 -16.25 -24.23 30.18
N GLU C 255 -16.44 -24.46 31.48
CA GLU C 255 -17.39 -23.65 32.26
C GLU C 255 -17.05 -22.15 32.29
N GLU C 256 -15.84 -21.81 31.87
CA GLU C 256 -15.43 -20.42 31.87
C GLU C 256 -16.29 -19.58 30.94
N THR C 257 -16.65 -20.15 29.79
CA THR C 257 -17.51 -19.44 28.86
C THR C 257 -18.84 -19.15 29.52
N ILE C 258 -19.41 -20.15 30.17
CA ILE C 258 -20.67 -19.96 30.88
C ILE C 258 -20.54 -18.82 31.86
N ARG C 259 -19.48 -18.84 32.66
CA ARG C 259 -19.31 -17.79 33.66
C ARG C 259 -19.25 -16.41 33.01
N TRP C 260 -18.45 -16.28 31.96
CA TRP C 260 -18.35 -15.01 31.24
C TRP C 260 -19.71 -14.54 30.80
N ALA C 261 -20.51 -15.46 30.27
CA ALA C 261 -21.84 -15.10 29.80
C ALA C 261 -22.67 -14.55 30.95
N GLN C 262 -22.64 -15.22 32.09
CA GLN C 262 -23.38 -14.75 33.25
C GLN C 262 -22.79 -13.43 33.71
N GLU C 263 -21.47 -13.30 33.64
CA GLU C 263 -20.83 -12.05 34.01
C GLU C 263 -21.38 -10.94 33.14
N LEU C 264 -21.51 -11.22 31.85
CA LEU C 264 -22.04 -10.22 30.93
C LEU C 264 -23.56 -10.25 30.95
N ARG C 265 -24.13 -11.17 31.72
CA ARG C 265 -25.57 -11.25 31.82
C ARG C 265 -26.19 -11.33 30.44
N LEU C 266 -25.87 -12.39 29.70
CA LEU C 266 -26.36 -12.50 28.32
C LEU C 266 -27.50 -13.50 28.17
N ARG C 267 -28.07 -13.56 26.96
CA ARG C 267 -29.15 -14.49 26.70
C ARG C 267 -28.55 -15.58 25.82
N CYS C 268 -28.44 -16.82 26.36
CA CYS C 268 -27.68 -17.91 25.70
C CYS C 268 -28.44 -19.22 25.42
N LEU C 269 -28.40 -19.64 24.17
CA LEU C 269 -28.64 -21.04 23.84
C LEU C 269 -27.27 -21.68 23.94
N VAL C 270 -27.20 -22.91 24.44
CA VAL C 270 -25.92 -23.60 24.63
C VAL C 270 -25.99 -25.07 24.23
N THR C 271 -25.26 -25.45 23.18
CA THR C 271 -25.06 -26.87 22.93
C THR C 271 -23.76 -27.31 23.60
N THR C 272 -23.80 -28.44 24.29
CA THR C 272 -22.67 -29.00 25.01
C THR C 272 -22.86 -30.49 25.21
N ARG C 273 -21.80 -31.19 25.60
CA ARG C 273 -21.91 -32.61 25.90
C ARG C 273 -21.87 -32.84 27.41
N ASP C 274 -21.00 -32.10 28.08
CA ASP C 274 -20.89 -32.12 29.53
C ASP C 274 -21.90 -31.16 30.16
N VAL C 275 -22.82 -31.72 30.95
CA VAL C 275 -23.94 -30.91 31.45
C VAL C 275 -23.58 -30.08 32.66
N GLU C 276 -22.57 -30.52 33.40
CA GLU C 276 -22.26 -29.90 34.68
C GLU C 276 -21.67 -28.49 34.56
N ILE C 277 -21.33 -28.07 33.34
CA ILE C 277 -20.80 -26.71 33.17
C ILE C 277 -21.79 -25.66 33.64
N SER C 278 -23.01 -26.11 33.89
CA SER C 278 -24.11 -25.25 34.29
C SER C 278 -24.05 -24.90 35.76
N ASN C 279 -23.31 -25.71 36.52
CA ASN C 279 -23.09 -25.39 37.91
C ASN C 279 -22.29 -24.06 38.08
N ALA C 280 -21.61 -23.66 37.01
CA ALA C 280 -20.93 -22.36 37.00
C ALA C 280 -21.90 -21.19 37.14
N ALA C 281 -23.12 -21.34 36.62
CA ALA C 281 -24.14 -20.29 36.66
C ALA C 281 -25.09 -20.42 37.85
N SER C 282 -25.17 -19.36 38.66
CA SER C 282 -26.18 -19.26 39.71
C SER C 282 -27.38 -18.52 39.16
N GLN C 283 -28.29 -19.24 38.50
CA GLN C 283 -29.25 -18.58 37.65
C GLN C 283 -30.34 -19.47 37.07
N THR C 284 -31.21 -18.87 36.26
CA THR C 284 -32.25 -19.66 35.61
C THR C 284 -31.66 -20.45 34.44
N CYS C 285 -31.62 -21.77 34.57
CA CYS C 285 -31.06 -22.60 33.51
C CYS C 285 -31.95 -23.80 33.19
N GLU C 286 -32.05 -24.14 31.92
CA GLU C 286 -32.86 -25.29 31.52
C GLU C 286 -31.98 -26.32 30.85
N PHE C 287 -32.44 -27.57 30.77
CA PHE C 287 -31.58 -28.62 30.23
C PHE C 287 -32.30 -29.60 29.32
N ILE C 288 -32.64 -29.17 28.11
CA ILE C 288 -33.26 -30.09 27.15
C ILE C 288 -32.26 -31.13 26.67
N GLU C 289 -32.51 -32.40 26.97
CA GLU C 289 -31.52 -33.45 26.67
C GLU C 289 -31.75 -34.14 25.33
N VAL C 290 -30.74 -34.19 24.49
CA VAL C 290 -30.90 -34.86 23.21
C VAL C 290 -30.62 -36.33 23.41
N THR C 291 -31.68 -37.11 23.59
CA THR C 291 -31.57 -38.54 23.83
C THR C 291 -31.17 -39.35 22.60
N SER C 292 -30.89 -40.62 22.81
CA SER C 292 -30.62 -41.51 21.68
C SER C 292 -31.91 -41.63 20.87
N LEU C 293 -31.81 -41.63 19.54
CA LEU C 293 -32.98 -41.78 18.68
C LEU C 293 -33.85 -43.02 19.00
N GLU C 294 -35.09 -42.81 19.46
CA GLU C 294 -36.04 -43.89 19.73
C GLU C 294 -36.18 -44.83 18.54
N ILE C 295 -36.64 -46.06 18.79
CA ILE C 295 -36.64 -47.09 17.74
C ILE C 295 -37.48 -46.73 16.53
N ASP C 296 -38.57 -45.99 16.78
CA ASP C 296 -39.49 -45.57 15.73
C ASP C 296 -38.91 -44.43 14.91
N GLU C 297 -38.24 -43.49 15.61
CA GLU C 297 -37.60 -42.33 14.98
C GLU C 297 -36.47 -42.78 14.07
N CYS C 298 -35.88 -43.91 14.39
CA CYS C 298 -34.79 -44.41 13.58
C CYS C 298 -35.32 -44.82 12.22
N TYR C 299 -36.48 -45.46 12.22
CA TYR C 299 -37.11 -45.86 10.98
C TYR C 299 -37.32 -44.63 10.10
N ASP C 300 -37.97 -43.61 10.67
CA ASP C 300 -38.33 -42.36 9.99
C ASP C 300 -37.11 -41.75 9.33
N PHE C 301 -36.03 -41.70 10.11
CA PHE C 301 -34.74 -41.15 9.69
C PHE C 301 -34.14 -41.92 8.50
N LEU C 302 -34.38 -43.23 8.48
CA LEU C 302 -33.84 -44.07 7.44
C LEU C 302 -34.58 -43.89 6.13
N GLU C 303 -35.90 -44.05 6.20
CA GLU C 303 -36.78 -43.76 5.08
C GLU C 303 -36.50 -42.38 4.48
N ALA C 304 -36.39 -41.37 5.35
CA ALA C 304 -36.15 -40.00 4.91
C ALA C 304 -34.95 -39.91 3.97
N TYR C 305 -33.91 -40.68 4.27
CA TYR C 305 -32.73 -40.73 3.41
C TYR C 305 -32.71 -42.04 2.65
N GLY C 306 -33.72 -42.23 1.80
CA GLY C 306 -33.80 -43.35 0.88
C GLY C 306 -33.43 -44.74 1.38
N MET C 307 -33.57 -44.98 2.67
CA MET C 307 -33.17 -46.28 3.19
C MET C 307 -34.33 -47.26 3.21
N PRO C 308 -34.16 -48.44 2.58
CA PRO C 308 -35.19 -49.48 2.40
C PRO C 308 -35.73 -50.05 3.71
N MET C 309 -37.06 -50.04 3.86
CA MET C 309 -37.73 -50.53 5.07
C MET C 309 -38.07 -52.02 4.98
N PRO C 310 -37.91 -52.76 6.11
CA PRO C 310 -38.10 -54.22 6.13
C PRO C 310 -39.05 -54.86 5.13
N VAL C 311 -38.65 -56.03 4.62
CA VAL C 311 -39.51 -56.78 3.72
C VAL C 311 -39.65 -58.17 4.29
N GLY C 312 -38.84 -58.50 5.30
CA GLY C 312 -38.91 -59.81 5.91
C GLY C 312 -38.45 -59.82 7.37
N GLU C 313 -38.79 -60.88 8.09
CA GLU C 313 -38.41 -60.98 9.50
C GLU C 313 -36.92 -60.74 9.69
N LYS C 314 -36.09 -61.69 9.27
CA LYS C 314 -34.66 -61.46 9.33
C LYS C 314 -34.22 -60.46 8.26
N GLU C 315 -34.83 -59.27 8.36
CA GLU C 315 -34.51 -58.09 7.57
C GLU C 315 -34.84 -56.86 8.41
N GLU C 316 -35.99 -56.88 9.07
CA GLU C 316 -36.27 -55.93 10.14
C GLU C 316 -35.24 -56.12 11.24
N ASP C 317 -34.79 -57.37 11.37
CA ASP C 317 -33.70 -57.69 12.29
C ASP C 317 -32.34 -57.17 11.82
N VAL C 318 -32.08 -57.23 10.51
CA VAL C 318 -30.83 -56.69 9.94
C VAL C 318 -30.77 -55.23 10.32
N LEU C 319 -31.95 -54.60 10.30
CA LEU C 319 -32.07 -53.18 10.59
C LEU C 319 -32.12 -52.88 12.09
N ASN C 320 -32.64 -53.79 12.89
CA ASN C 320 -32.53 -53.68 14.36
C ASN C 320 -31.10 -53.87 14.83
N LYS C 321 -30.31 -54.62 14.05
CA LYS C 321 -28.88 -54.68 14.29
C LYS C 321 -28.19 -53.32 14.12
N THR C 322 -28.48 -52.61 13.02
CA THR C 322 -27.89 -51.28 12.85
C THR C 322 -28.34 -50.36 13.96
N ILE C 323 -29.63 -50.38 14.26
CA ILE C 323 -30.15 -49.49 15.29
C ILE C 323 -29.60 -49.80 16.68
N GLU C 324 -29.34 -51.08 16.92
CA GLU C 324 -28.72 -51.50 18.17
C GLU C 324 -27.27 -51.08 18.22
N LEU C 325 -26.52 -51.33 17.16
CA LEU C 325 -25.13 -50.92 17.11
C LEU C 325 -25.04 -49.42 17.23
N SER C 326 -25.69 -48.72 16.30
CA SER C 326 -25.68 -47.26 16.33
C SER C 326 -26.37 -46.73 17.57
N SER C 327 -27.21 -47.55 18.18
CA SER C 327 -27.92 -47.14 19.38
C SER C 327 -28.54 -45.76 19.17
N GLY C 328 -29.15 -45.56 18.02
CA GLY C 328 -29.79 -44.28 17.72
C GLY C 328 -28.86 -43.09 17.75
N ASN C 329 -27.65 -43.24 17.24
CA ASN C 329 -26.72 -42.12 17.16
C ASN C 329 -26.75 -41.53 15.77
N PRO C 330 -27.38 -40.36 15.63
CA PRO C 330 -27.51 -39.75 14.30
C PRO C 330 -26.17 -39.69 13.57
N ALA C 331 -25.19 -39.03 14.15
CA ALA C 331 -23.89 -38.89 13.49
C ALA C 331 -23.33 -40.18 12.87
N THR C 332 -23.24 -41.27 13.67
CA THR C 332 -22.75 -42.57 13.16
C THR C 332 -23.75 -43.27 12.25
N LEU C 333 -25.03 -42.94 12.44
CA LEU C 333 -26.09 -43.43 11.58
C LEU C 333 -25.90 -42.82 10.22
N MET C 334 -25.61 -41.52 10.20
CA MET C 334 -25.40 -40.83 8.94
C MET C 334 -24.20 -41.38 8.20
N MET C 335 -23.11 -41.63 8.94
CA MET C 335 -21.90 -42.19 8.37
C MET C 335 -22.21 -43.54 7.73
N PHE C 336 -23.17 -44.24 8.33
CA PHE C 336 -23.63 -45.55 7.85
C PHE C 336 -24.25 -45.42 6.45
N PHE C 337 -25.23 -44.53 6.32
CA PHE C 337 -25.89 -44.32 5.06
C PHE C 337 -24.88 -43.98 3.96
N LYS C 338 -24.09 -42.92 4.17
CA LYS C 338 -23.11 -42.48 3.20
C LYS C 338 -22.24 -43.64 2.74
N SER C 339 -22.24 -44.70 3.56
CA SER C 339 -21.36 -45.84 3.36
C SER C 339 -22.13 -47.13 3.05
N CYS C 340 -23.44 -47.03 2.92
CA CYS C 340 -24.23 -48.19 2.52
C CYS C 340 -24.81 -47.87 1.16
N GLU C 341 -23.95 -47.42 0.24
CA GLU C 341 -24.41 -47.02 -1.08
C GLU C 341 -25.17 -48.12 -1.84
N PRO C 342 -24.69 -49.37 -1.75
CA PRO C 342 -25.45 -50.43 -2.41
C PRO C 342 -26.90 -50.43 -1.95
N LYS C 343 -27.18 -49.87 -0.78
CA LYS C 343 -28.57 -49.75 -0.32
C LYS C 343 -29.17 -51.10 0.06
N THR C 344 -28.75 -52.16 -0.62
CA THR C 344 -29.28 -53.49 -0.34
C THR C 344 -29.40 -53.74 1.16
N PHE C 345 -30.43 -54.45 1.58
CA PHE C 345 -30.47 -55.01 2.93
C PHE C 345 -29.20 -55.82 3.18
N GLU C 346 -28.67 -56.42 2.10
CA GLU C 346 -27.45 -57.23 2.12
C GLU C 346 -26.21 -56.41 2.54
N LYS C 347 -25.84 -55.42 1.74
CA LYS C 347 -24.69 -54.57 2.04
C LYS C 347 -24.88 -53.78 3.33
N MET C 348 -26.14 -53.70 3.78
CA MET C 348 -26.47 -53.08 5.07
C MET C 348 -26.05 -54.03 6.19
N ALA C 349 -26.23 -55.32 5.96
CA ALA C 349 -25.80 -56.33 6.92
C ALA C 349 -24.28 -56.60 6.89
N GLN C 350 -23.65 -56.44 5.72
CA GLN C 350 -22.20 -56.52 5.61
C GLN C 350 -21.56 -55.59 6.62
N LEU C 351 -22.09 -54.37 6.64
CA LEU C 351 -21.59 -53.32 7.51
C LEU C 351 -21.86 -53.67 8.97
N ASN C 352 -23.03 -54.24 9.25
CA ASN C 352 -23.37 -54.62 10.61
C ASN C 352 -22.28 -55.49 11.21
N ASN C 353 -21.60 -56.24 10.34
CA ASN C 353 -20.43 -57.05 10.71
C ASN C 353 -19.20 -56.18 10.95
N LYS C 354 -18.80 -55.47 9.90
CA LYS C 354 -17.67 -54.54 9.91
C LYS C 354 -17.63 -53.74 11.21
N LEU C 355 -18.80 -53.54 11.79
CA LEU C 355 -18.94 -52.74 13.01
C LEU C 355 -18.49 -53.50 14.25
N GLU C 356 -18.67 -54.82 14.26
CA GLU C 356 -18.25 -55.64 15.39
C GLU C 356 -16.75 -55.99 15.33
N SER C 357 -16.24 -56.12 14.11
CA SER C 357 -14.83 -56.45 13.91
C SER C 357 -13.94 -55.28 13.46
N ARG C 358 -14.36 -54.04 13.70
CA ARG C 358 -13.53 -52.88 13.38
C ARG C 358 -13.99 -51.63 14.13
N GLY C 359 -14.98 -51.79 15.00
CA GLY C 359 -15.52 -50.66 15.76
C GLY C 359 -16.06 -49.59 14.82
N LEU C 360 -16.14 -48.36 15.31
CA LEU C 360 -16.72 -47.28 14.51
C LEU C 360 -15.92 -47.03 13.24
N VAL C 361 -14.70 -47.56 13.15
CA VAL C 361 -13.78 -47.26 12.04
C VAL C 361 -14.18 -48.01 10.78
N GLY C 362 -15.21 -48.83 10.91
CA GLY C 362 -15.64 -49.66 9.81
C GLY C 362 -16.57 -48.89 8.91
N VAL C 363 -17.10 -47.79 9.44
CA VAL C 363 -18.11 -46.99 8.77
C VAL C 363 -17.73 -45.49 8.75
N GLU C 364 -16.55 -45.17 9.25
CA GLU C 364 -16.03 -43.81 9.16
C GLU C 364 -16.03 -43.36 7.70
N CYS C 365 -16.60 -42.18 7.49
CA CYS C 365 -16.89 -41.63 6.17
C CYS C 365 -16.87 -40.09 6.18
N ILE C 366 -16.79 -39.49 4.99
CA ILE C 366 -17.00 -38.03 4.82
C ILE C 366 -18.47 -37.69 5.09
N THR C 367 -18.71 -36.87 6.11
CA THR C 367 -20.07 -36.56 6.52
C THR C 367 -20.20 -35.07 6.87
N PRO C 368 -21.41 -34.51 6.77
CA PRO C 368 -21.66 -33.16 7.32
C PRO C 368 -21.07 -32.93 8.73
N TYR C 369 -20.77 -34.01 9.47
CA TYR C 369 -20.02 -33.93 10.73
C TYR C 369 -18.57 -33.48 10.49
N SER C 370 -18.03 -32.62 11.36
CA SER C 370 -16.65 -32.19 11.21
C SER C 370 -15.73 -33.39 11.33
N TYR C 371 -16.30 -34.50 11.75
CA TYR C 371 -15.56 -35.70 12.13
C TYR C 371 -15.75 -36.91 11.21
N LYS C 372 -14.64 -37.55 10.83
CA LYS C 372 -14.69 -38.77 10.04
C LYS C 372 -15.44 -39.89 10.75
N SER C 373 -15.28 -40.02 12.07
CA SER C 373 -15.99 -41.04 12.84
C SER C 373 -16.22 -40.57 14.28
N LEU C 374 -17.22 -41.14 14.92
CA LEU C 374 -17.64 -40.70 16.26
C LEU C 374 -16.48 -40.82 17.28
N ALA C 375 -15.46 -41.57 16.90
CA ALA C 375 -14.32 -41.79 17.78
C ALA C 375 -13.46 -40.54 17.88
N MET C 376 -13.45 -39.74 16.81
CA MET C 376 -12.66 -38.50 16.78
C MET C 376 -13.27 -37.51 17.75
N ALA C 377 -14.58 -37.64 17.96
CA ALA C 377 -15.31 -36.70 18.80
C ALA C 377 -15.09 -37.06 20.24
N LEU C 378 -15.38 -38.32 20.53
CA LEU C 378 -15.36 -38.87 21.86
C LEU C 378 -13.95 -38.78 22.47
N GLN C 379 -12.94 -38.83 21.60
CA GLN C 379 -11.59 -38.60 22.01
C GLN C 379 -11.63 -37.52 23.10
N ARG C 380 -12.10 -36.35 22.73
CA ARG C 380 -12.10 -35.19 23.64
C ARG C 380 -12.89 -35.45 24.93
N CYS C 381 -14.10 -36.00 24.78
CA CYS C 381 -14.98 -36.23 25.91
C CYS C 381 -14.26 -37.02 27.00
N VAL C 382 -13.22 -37.73 26.58
CA VAL C 382 -12.49 -38.67 27.44
C VAL C 382 -11.23 -38.06 28.05
N GLU C 383 -10.66 -37.09 27.33
CA GLU C 383 -9.47 -36.38 27.77
C GLU C 383 -9.82 -35.47 28.93
N VAL C 384 -10.94 -34.81 28.79
CA VAL C 384 -11.43 -33.87 29.79
C VAL C 384 -11.72 -34.54 31.15
N LEU C 385 -11.88 -35.86 31.10
CA LEU C 385 -12.37 -36.61 32.25
C LEU C 385 -11.41 -36.54 33.41
N SER C 386 -11.93 -36.36 34.62
CA SER C 386 -11.12 -36.47 35.82
C SER C 386 -10.17 -37.66 35.67
N ASP C 387 -8.89 -37.48 36.01
CA ASP C 387 -7.86 -38.54 35.88
C ASP C 387 -8.35 -39.91 36.44
N GLU C 388 -9.08 -39.86 37.56
CA GLU C 388 -9.64 -41.02 38.24
C GLU C 388 -10.83 -41.62 37.50
N ASP C 389 -11.64 -40.74 36.90
CA ASP C 389 -12.81 -41.07 36.09
C ASP C 389 -12.43 -41.67 34.73
N ARG C 390 -11.28 -41.24 34.21
CA ARG C 390 -10.74 -41.74 32.94
C ARG C 390 -10.47 -43.24 33.06
N SER C 391 -10.18 -43.64 34.30
CA SER C 391 -9.88 -45.00 34.71
C SER C 391 -11.14 -45.83 34.76
N ALA C 392 -12.21 -45.46 35.44
CA ALA C 392 -13.41 -46.35 35.38
C ALA C 392 -13.74 -46.85 33.94
N LEU C 393 -13.34 -46.07 32.94
CA LEU C 393 -13.69 -46.40 31.54
C LEU C 393 -13.33 -47.77 30.97
N ALA C 394 -12.14 -48.27 31.30
CA ALA C 394 -11.67 -49.52 30.68
C ALA C 394 -12.38 -50.74 31.23
N PHE C 395 -12.34 -50.90 32.54
CA PHE C 395 -12.96 -52.06 33.15
C PHE C 395 -14.44 -52.09 32.83
N ALA C 396 -15.02 -50.92 32.55
CA ALA C 396 -16.43 -50.87 32.17
C ALA C 396 -16.65 -51.65 30.88
N VAL C 397 -15.67 -51.64 29.99
CA VAL C 397 -15.81 -52.34 28.72
C VAL C 397 -16.14 -53.80 28.94
N VAL C 398 -15.61 -54.39 30.01
CA VAL C 398 -15.87 -55.79 30.30
C VAL C 398 -17.37 -56.05 30.32
N MET C 399 -18.13 -55.11 30.87
CA MET C 399 -19.59 -55.26 30.94
C MET C 399 -20.21 -55.31 29.55
N PRO C 400 -21.22 -56.18 29.38
CA PRO C 400 -21.92 -56.26 28.09
C PRO C 400 -22.77 -55.02 27.86
N PRO C 401 -22.82 -54.52 26.62
CA PRO C 401 -23.58 -53.31 26.32
C PRO C 401 -25.07 -53.56 26.16
N GLY C 402 -25.91 -52.65 26.64
CA GLY C 402 -27.35 -52.79 26.48
C GLY C 402 -27.86 -53.84 27.45
N VAL C 403 -27.38 -53.75 28.68
CA VAL C 403 -27.82 -54.64 29.75
C VAL C 403 -27.86 -53.83 31.02
N ASP C 404 -28.96 -53.91 31.75
CA ASP C 404 -29.08 -53.20 33.01
C ASP C 404 -28.43 -54.02 34.12
N ILE C 405 -27.39 -53.47 34.76
CA ILE C 405 -26.58 -54.28 35.66
C ILE C 405 -26.23 -53.54 36.95
N PRO C 406 -26.24 -54.27 38.08
CA PRO C 406 -26.07 -53.73 39.45
C PRO C 406 -24.75 -53.02 39.71
N VAL C 407 -24.72 -52.24 40.79
CA VAL C 407 -23.56 -51.45 41.16
C VAL C 407 -22.45 -52.35 41.64
N LYS C 408 -22.81 -53.33 42.46
CA LYS C 408 -21.81 -54.25 43.00
C LYS C 408 -21.13 -55.04 41.86
N LEU C 409 -21.94 -55.56 40.92
CA LEU C 409 -21.42 -56.23 39.71
C LEU C 409 -20.44 -55.32 38.96
N TRP C 410 -20.44 -54.03 39.27
CA TRP C 410 -19.51 -53.11 38.64
C TRP C 410 -18.32 -52.89 39.54
N SER C 411 -18.58 -52.88 40.85
CA SER C 411 -17.55 -52.69 41.87
C SER C 411 -16.37 -53.65 41.66
N CYS C 412 -16.62 -54.67 40.84
CA CYS C 412 -15.67 -55.75 40.58
C CYS C 412 -14.55 -55.33 39.64
N VAL C 413 -14.86 -54.62 38.56
CA VAL C 413 -13.82 -54.21 37.62
C VAL C 413 -13.22 -52.81 37.91
N ILE C 414 -14.01 -51.95 38.53
CA ILE C 414 -13.60 -50.56 38.75
C ILE C 414 -12.60 -50.41 39.92
N PRO C 415 -11.49 -49.67 39.68
CA PRO C 415 -10.46 -49.30 40.66
C PRO C 415 -10.92 -48.45 41.88
N VAL C 416 -10.04 -48.31 42.88
CA VAL C 416 -10.24 -47.40 44.04
C VAL C 416 -9.03 -47.41 44.99
N GLU C 424 -12.18 -49.39 53.32
CA GLU C 424 -13.39 -49.77 54.04
C GLU C 424 -14.27 -50.74 53.25
N GLN C 425 -15.57 -50.72 53.53
CA GLN C 425 -16.47 -51.74 52.99
C GLN C 425 -17.64 -51.25 52.13
N LEU C 426 -17.95 -49.95 52.17
CA LEU C 426 -18.97 -49.45 51.24
C LEU C 426 -18.44 -48.78 49.97
N ASP C 427 -18.62 -49.49 48.86
CA ASP C 427 -18.25 -49.00 47.54
C ASP C 427 -19.44 -48.33 46.87
N ASP C 428 -19.73 -47.12 47.34
CA ASP C 428 -20.68 -46.24 46.70
C ASP C 428 -19.87 -45.35 45.78
N GLU C 429 -18.61 -45.16 46.14
CA GLU C 429 -17.68 -44.40 45.34
C GLU C 429 -17.76 -44.82 43.88
N VAL C 430 -18.04 -46.10 43.63
CA VAL C 430 -18.23 -46.55 42.26
C VAL C 430 -19.41 -45.82 41.61
N ALA C 431 -20.52 -45.77 42.32
CA ALA C 431 -21.69 -45.06 41.81
C ALA C 431 -21.43 -43.57 41.53
N ASP C 432 -20.66 -42.91 42.40
CA ASP C 432 -20.37 -41.49 42.23
C ASP C 432 -19.62 -41.22 40.95
N ARG C 433 -18.71 -42.11 40.62
CA ARG C 433 -17.94 -42.00 39.39
C ARG C 433 -18.85 -42.24 38.20
N LEU C 434 -19.69 -43.26 38.29
CA LEU C 434 -20.60 -43.60 37.21
C LEU C 434 -21.68 -42.53 36.90
N LYS C 435 -22.06 -41.75 37.91
CA LYS C 435 -22.89 -40.60 37.67
C LYS C 435 -22.13 -39.51 36.90
N ARG C 436 -21.02 -39.03 37.46
CA ARG C 436 -20.14 -38.09 36.74
C ARG C 436 -19.96 -38.55 35.28
N LEU C 437 -19.94 -39.87 35.10
CA LEU C 437 -19.71 -40.51 33.81
C LEU C 437 -20.87 -40.39 32.82
N SER C 438 -22.10 -40.47 33.32
CA SER C 438 -23.25 -40.17 32.47
C SER C 438 -23.47 -38.65 32.34
N LYS C 439 -23.32 -37.88 33.41
CA LYS C 439 -23.35 -36.42 33.31
C LYS C 439 -22.38 -35.79 32.29
N ARG C 440 -21.28 -36.50 32.00
CA ARG C 440 -20.31 -35.96 31.05
C ARG C 440 -20.12 -36.90 29.88
N GLY C 441 -20.66 -36.53 28.73
CA GLY C 441 -20.52 -37.35 27.54
C GLY C 441 -21.52 -38.50 27.50
N ALA C 442 -22.42 -38.54 28.47
CA ALA C 442 -23.42 -39.61 28.51
C ALA C 442 -22.73 -40.95 28.33
N LEU C 443 -21.57 -41.11 28.95
CA LEU C 443 -20.82 -42.34 28.80
C LEU C 443 -21.56 -43.52 29.40
N LEU C 444 -22.44 -43.25 30.35
CA LEU C 444 -23.16 -44.34 31.02
C LEU C 444 -24.66 -44.07 31.10
N SER C 445 -25.42 -45.08 31.51
CA SER C 445 -26.87 -44.92 31.63
C SER C 445 -27.35 -45.18 33.04
N GLY C 446 -27.67 -44.12 33.78
CA GLY C 446 -28.15 -44.27 35.14
C GLY C 446 -29.58 -44.75 35.21
N LYS C 447 -30.01 -45.22 36.38
CA LYS C 447 -31.37 -45.73 36.56
C LYS C 447 -31.67 -46.14 38.01
N ARG C 448 -32.36 -45.25 38.75
CA ARG C 448 -32.47 -45.30 40.22
C ARG C 448 -33.08 -46.56 40.84
N MET C 449 -34.35 -46.81 40.57
CA MET C 449 -35.00 -48.06 40.98
C MET C 449 -35.35 -48.89 39.74
N PRO C 450 -35.67 -50.19 39.92
CA PRO C 450 -35.88 -50.94 41.17
C PRO C 450 -34.66 -50.92 42.08
N VAL C 451 -33.48 -51.10 41.49
CA VAL C 451 -32.21 -51.02 42.21
C VAL C 451 -31.19 -50.19 41.42
N LEU C 452 -30.34 -49.44 42.12
CA LEU C 452 -29.30 -48.60 41.47
C LEU C 452 -28.42 -49.37 40.48
N THR C 453 -28.67 -49.16 39.20
CA THR C 453 -27.97 -49.88 38.15
C THR C 453 -27.63 -48.91 37.02
N PHE C 454 -26.51 -49.16 36.35
CA PHE C 454 -26.15 -48.36 35.19
C PHE C 454 -26.13 -49.25 33.97
N LYS C 455 -25.72 -48.69 32.84
CA LYS C 455 -25.66 -49.48 31.61
C LYS C 455 -24.84 -48.75 30.58
N ILE C 456 -24.06 -49.51 29.81
CA ILE C 456 -23.29 -48.94 28.72
C ILE C 456 -23.89 -49.40 27.39
N ASP C 457 -24.17 -48.45 26.51
CA ASP C 457 -24.73 -48.70 25.18
C ASP C 457 -23.63 -49.24 24.25
N HIS C 458 -23.98 -49.59 23.02
CA HIS C 458 -23.01 -50.27 22.12
C HIS C 458 -21.93 -49.41 21.46
N ILE C 459 -22.29 -48.23 20.98
CA ILE C 459 -21.31 -47.41 20.28
C ILE C 459 -20.13 -47.14 21.19
N ILE C 460 -20.41 -46.60 22.37
CA ILE C 460 -19.34 -46.28 23.31
C ILE C 460 -18.56 -47.53 23.66
N HIS C 461 -19.25 -48.64 23.84
CA HIS C 461 -18.58 -49.89 24.16
C HIS C 461 -17.55 -50.24 23.11
N MET C 462 -17.96 -50.31 21.85
CA MET C 462 -17.03 -50.69 20.78
C MET C 462 -15.89 -49.69 20.69
N PHE C 463 -16.22 -48.42 20.93
CA PHE C 463 -15.20 -47.39 20.89
C PHE C 463 -14.12 -47.72 21.90
N LEU C 464 -14.51 -47.87 23.16
CA LEU C 464 -13.53 -48.15 24.19
C LEU C 464 -12.76 -49.39 23.78
N LYS C 465 -13.47 -50.39 23.28
CA LYS C 465 -12.82 -51.61 22.82
C LYS C 465 -11.64 -51.38 21.88
N HIS C 466 -11.87 -50.77 20.70
CA HIS C 466 -10.72 -50.64 19.77
C HIS C 466 -9.84 -49.50 20.22
N VAL C 467 -10.00 -49.11 21.48
CA VAL C 467 -9.36 -47.89 21.99
C VAL C 467 -8.56 -48.06 23.29
N VAL C 468 -9.07 -48.89 24.21
CA VAL C 468 -8.32 -49.22 25.44
C VAL C 468 -7.21 -50.24 25.14
N ASP C 469 -6.22 -50.29 26.03
CA ASP C 469 -5.07 -51.19 25.90
C ASP C 469 -5.55 -52.63 25.75
N ALA C 470 -5.17 -53.26 24.64
CA ALA C 470 -5.63 -54.63 24.38
C ALA C 470 -5.44 -55.51 25.61
N GLN C 471 -4.45 -55.18 26.44
CA GLN C 471 -4.19 -55.87 27.69
C GLN C 471 -5.26 -55.58 28.73
N THR C 472 -5.52 -54.31 28.97
CA THR C 472 -6.44 -53.88 30.03
C THR C 472 -7.83 -54.45 29.87
N ILE C 473 -8.21 -54.79 28.65
CA ILE C 473 -9.45 -55.51 28.43
C ILE C 473 -9.34 -56.87 29.10
N ALA C 474 -8.38 -57.66 28.68
CA ALA C 474 -8.20 -59.01 29.22
C ALA C 474 -7.91 -59.03 30.73
N ASN C 475 -7.23 -58.01 31.26
CA ASN C 475 -6.96 -57.91 32.71
C ASN C 475 -8.21 -57.64 33.51
N GLY C 476 -9.13 -56.89 32.93
CA GLY C 476 -10.37 -56.55 33.61
C GLY C 476 -11.30 -57.74 33.61
N ILE C 477 -11.22 -58.53 32.55
CA ILE C 477 -12.01 -59.73 32.44
C ILE C 477 -11.62 -60.74 33.52
N SER C 478 -10.32 -60.94 33.70
CA SER C 478 -9.81 -61.82 34.75
C SER C 478 -10.12 -61.25 36.14
N ILE C 479 -9.85 -59.96 36.33
CA ILE C 479 -10.17 -59.27 37.58
C ILE C 479 -11.66 -59.39 37.94
N LEU C 480 -12.49 -59.71 36.96
CA LEU C 480 -13.92 -59.86 37.22
C LEU C 480 -14.15 -61.26 37.77
N GLU C 481 -13.50 -62.23 37.17
CA GLU C 481 -13.64 -63.61 37.62
C GLU C 481 -13.25 -63.71 39.08
N GLN C 482 -12.25 -62.94 39.48
CA GLN C 482 -11.79 -62.97 40.86
C GLN C 482 -12.94 -62.64 41.80
N ARG C 483 -13.78 -61.70 41.41
CA ARG C 483 -14.93 -61.33 42.23
C ARG C 483 -16.14 -62.14 41.82
N LEU C 484 -16.11 -62.68 40.61
CA LEU C 484 -17.25 -63.43 40.10
C LEU C 484 -17.61 -64.58 41.02
N LEU C 485 -16.59 -65.22 41.59
CA LEU C 485 -16.82 -66.33 42.50
C LEU C 485 -17.68 -65.89 43.68
N GLU C 486 -17.55 -64.63 44.06
CA GLU C 486 -18.33 -64.11 45.18
C GLU C 486 -18.15 -65.00 46.40
N ILE C 487 -19.26 -65.46 46.97
CA ILE C 487 -19.19 -66.33 48.13
C ILE C 487 -19.17 -67.79 47.71
N GLU C 521 -31.06 -59.72 30.31
CA GLU C 521 -32.49 -59.97 30.46
C GLU C 521 -33.23 -58.72 30.90
N THR C 522 -34.55 -58.71 30.70
CA THR C 522 -35.34 -57.57 31.14
C THR C 522 -35.18 -57.41 32.63
N VAL C 523 -35.22 -58.52 33.35
CA VAL C 523 -35.04 -58.48 34.80
C VAL C 523 -33.61 -58.04 35.12
N ILE C 524 -33.44 -57.28 36.19
CA ILE C 524 -32.11 -56.88 36.60
C ILE C 524 -31.26 -58.11 36.84
N ARG C 525 -29.96 -58.01 36.61
CA ARG C 525 -29.09 -59.14 36.88
C ARG C 525 -29.43 -59.68 38.25
N PRO C 526 -29.76 -60.97 38.32
CA PRO C 526 -30.19 -61.52 39.61
C PRO C 526 -29.13 -61.35 40.68
N GLU C 527 -29.46 -60.65 41.75
CA GLU C 527 -28.53 -60.51 42.85
C GLU C 527 -28.43 -61.84 43.54
N ASP C 528 -29.36 -62.73 43.25
CA ASP C 528 -29.31 -64.06 43.83
C ASP C 528 -28.51 -64.97 42.91
N PHE C 529 -28.15 -64.44 41.74
CA PHE C 529 -27.39 -65.25 40.77
C PHE C 529 -26.29 -64.45 40.08
N PRO C 530 -25.45 -63.75 40.86
CA PRO C 530 -24.35 -62.96 40.30
C PRO C 530 -23.14 -63.86 40.06
N LYS C 531 -23.01 -64.89 40.89
CA LYS C 531 -21.88 -65.80 40.78
C LYS C 531 -21.73 -66.22 39.32
N PHE C 532 -22.81 -66.18 38.55
CA PHE C 532 -22.71 -66.47 37.11
C PHE C 532 -23.10 -65.33 36.16
N MET C 533 -22.11 -64.51 35.80
CA MET C 533 -22.24 -63.56 34.71
C MET C 533 -22.33 -64.34 33.40
N GLN C 534 -22.47 -65.65 33.55
CA GLN C 534 -22.43 -66.57 32.43
C GLN C 534 -23.64 -66.44 31.50
N LEU C 535 -24.67 -65.72 31.93
CA LEU C 535 -25.82 -65.47 31.06
C LEU C 535 -25.33 -64.82 29.77
N HIS C 536 -24.38 -63.89 29.94
CA HIS C 536 -23.80 -63.13 28.82
C HIS C 536 -22.52 -63.77 28.28
N GLN C 537 -22.36 -65.07 28.48
CA GLN C 537 -21.22 -65.77 27.92
C GLN C 537 -21.15 -65.44 26.44
N LYS C 538 -22.29 -65.37 25.78
CA LYS C 538 -22.34 -65.05 24.37
C LYS C 538 -21.55 -63.76 24.11
N PHE C 539 -22.00 -62.68 24.74
CA PHE C 539 -21.42 -61.34 24.59
C PHE C 539 -20.11 -61.15 25.37
N TYR C 540 -19.49 -62.27 25.77
CA TYR C 540 -18.22 -62.26 26.51
C TYR C 540 -17.17 -63.10 25.84
N ASP C 541 -17.62 -64.13 25.13
CA ASP C 541 -16.72 -65.04 24.44
C ASP C 541 -16.03 -64.34 23.28
N SER C 542 -16.68 -63.28 22.77
CA SER C 542 -16.18 -62.49 21.64
C SER C 542 -15.05 -61.54 22.06
N LEU C 543 -14.19 -62.03 22.95
CA LEU C 543 -12.96 -61.34 23.37
C LEU C 543 -11.81 -62.39 23.44
N ARG D 112 15.50 42.19 -23.89
CA ARG D 112 16.71 41.73 -23.21
C ARG D 112 16.59 41.58 -21.67
N GLN D 113 15.36 41.54 -21.18
CA GLN D 113 15.13 41.42 -19.75
C GLN D 113 14.26 40.18 -19.53
N MET D 114 13.59 39.76 -20.61
CA MET D 114 12.78 38.54 -20.66
C MET D 114 13.65 37.29 -20.77
N LEU D 115 14.76 37.41 -21.52
CA LEU D 115 15.76 36.35 -21.63
C LEU D 115 16.17 35.95 -20.26
N ASP D 116 16.71 36.93 -19.53
CA ASP D 116 17.25 36.68 -18.21
C ASP D 116 16.27 35.93 -17.28
N ARG D 117 15.00 36.34 -17.29
CA ARG D 117 13.93 35.53 -16.69
C ARG D 117 13.95 34.09 -17.19
N LYS D 118 13.99 33.91 -18.51
CA LYS D 118 13.98 32.55 -19.08
C LYS D 118 15.29 31.79 -18.81
N LEU D 119 16.43 32.48 -18.89
CA LEU D 119 17.72 31.85 -18.59
C LEU D 119 17.74 31.37 -17.16
N LEU D 120 17.42 32.26 -16.22
CA LEU D 120 17.45 31.89 -14.81
C LEU D 120 16.56 30.69 -14.49
N LEU D 121 15.37 30.66 -15.06
CA LEU D 121 14.42 29.61 -14.72
C LEU D 121 14.78 28.27 -15.34
N GLY D 122 15.53 28.32 -16.44
CA GLY D 122 16.02 27.13 -17.12
C GLY D 122 17.35 26.72 -16.55
N ASN D 123 17.71 27.32 -15.42
CA ASN D 123 18.95 27.01 -14.69
C ASN D 123 20.22 27.12 -15.51
N VAL D 124 20.21 28.06 -16.46
CA VAL D 124 21.40 28.42 -17.24
C VAL D 124 22.34 29.27 -16.39
N PRO D 125 23.65 28.91 -16.40
CA PRO D 125 24.59 29.65 -15.55
C PRO D 125 24.75 31.09 -16.00
N LYS D 126 25.50 31.88 -15.24
CA LYS D 126 25.70 33.28 -15.58
C LYS D 126 26.56 33.40 -16.83
N GLN D 127 26.55 34.57 -17.46
CA GLN D 127 27.29 34.75 -18.70
C GLN D 127 28.68 35.35 -18.47
N MET D 128 29.70 34.72 -19.04
CA MET D 128 31.06 35.24 -18.92
C MET D 128 31.36 36.11 -20.13
N THR D 129 31.93 37.29 -19.90
CA THR D 129 32.18 38.21 -21.02
C THR D 129 33.66 38.57 -21.16
N CYS D 130 34.44 38.38 -20.11
CA CYS D 130 35.85 38.76 -20.16
C CYS D 130 36.51 38.16 -21.39
N TYR D 131 36.27 36.87 -21.63
CA TYR D 131 36.82 36.23 -22.81
C TYR D 131 35.75 35.40 -23.49
N ILE D 132 35.41 35.75 -24.72
CA ILE D 132 34.36 35.02 -25.43
C ILE D 132 34.90 34.41 -26.71
N ARG D 133 35.11 33.10 -26.71
CA ARG D 133 35.61 32.42 -27.87
C ARG D 133 34.66 32.70 -29.03
N GLU D 134 35.10 33.63 -29.86
CA GLU D 134 34.31 34.11 -30.98
C GLU D 134 33.76 32.94 -31.76
N TYR D 135 34.68 32.31 -32.48
CA TYR D 135 34.41 31.27 -33.45
C TYR D 135 33.33 30.31 -32.99
N HIS D 136 33.54 29.78 -31.79
CA HIS D 136 32.77 28.66 -31.28
C HIS D 136 31.36 29.02 -30.85
N VAL D 137 31.25 30.00 -29.95
CA VAL D 137 29.95 30.44 -29.50
C VAL D 137 29.08 30.79 -30.70
N ASP D 138 29.73 31.33 -31.73
CA ASP D 138 29.02 31.69 -32.94
C ASP D 138 28.46 30.45 -33.66
N ARG D 139 29.34 29.45 -33.86
CA ARG D 139 29.02 28.27 -34.64
C ARG D 139 28.01 27.39 -33.94
N VAL D 140 28.09 27.37 -32.61
CA VAL D 140 27.04 26.75 -31.79
C VAL D 140 25.67 27.34 -32.08
N ILE D 141 25.58 28.68 -31.96
CA ILE D 141 24.31 29.38 -32.12
C ILE D 141 23.74 29.16 -33.50
N LYS D 142 24.62 29.21 -34.49
CA LYS D 142 24.27 28.98 -35.87
C LYS D 142 23.58 27.64 -36.04
N LYS D 143 24.29 26.57 -35.66
CA LYS D 143 23.77 25.22 -35.84
C LYS D 143 22.52 24.95 -34.99
N LEU D 144 22.27 25.80 -34.00
CA LEU D 144 21.04 25.69 -33.22
C LEU D 144 19.88 26.38 -33.95
N ASP D 145 20.17 27.53 -34.56
CA ASP D 145 19.20 28.24 -35.40
C ASP D 145 18.72 27.34 -36.55
N GLU D 146 19.64 26.57 -37.14
CA GLU D 146 19.30 25.75 -38.31
C GLU D 146 18.30 24.65 -37.95
N MET D 147 18.13 24.41 -36.66
CA MET D 147 17.42 23.24 -36.22
C MET D 147 16.13 23.50 -35.45
N CYS D 148 15.86 24.76 -35.07
CA CYS D 148 14.61 25.06 -34.35
C CYS D 148 13.41 24.54 -35.12
N ASP D 149 13.62 24.35 -36.41
CA ASP D 149 12.62 23.75 -37.30
C ASP D 149 12.40 22.27 -36.94
N LEU D 150 13.51 21.55 -36.80
CA LEU D 150 13.52 20.12 -36.46
C LEU D 150 12.66 19.74 -35.24
N ASP D 151 12.16 18.51 -35.23
CA ASP D 151 11.24 18.03 -34.18
C ASP D 151 11.97 17.50 -32.93
N SER D 152 13.20 17.01 -33.14
CA SER D 152 14.10 16.46 -32.10
C SER D 152 15.50 16.23 -32.70
N PHE D 153 16.54 16.56 -31.95
CA PHE D 153 17.90 16.54 -32.50
C PHE D 153 18.99 16.63 -31.41
N PHE D 154 20.18 16.08 -31.71
CA PHE D 154 21.32 16.18 -30.77
C PHE D 154 22.41 17.08 -31.27
N LEU D 155 22.81 18.02 -30.44
CA LEU D 155 23.99 18.80 -30.75
C LEU D 155 25.11 18.48 -29.75
N PHE D 156 26.22 17.96 -30.23
CA PHE D 156 27.32 17.52 -29.37
C PHE D 156 28.46 18.49 -29.32
N LEU D 157 28.51 19.27 -28.24
CA LEU D 157 29.61 20.17 -28.01
C LEU D 157 30.65 19.41 -27.20
N HIS D 158 31.40 18.54 -27.87
CA HIS D 158 32.38 17.71 -27.18
C HIS D 158 33.74 18.36 -27.07
N GLY D 159 34.59 17.83 -26.20
CA GLY D 159 35.93 18.38 -26.02
C GLY D 159 36.61 17.74 -24.84
N ARG D 160 37.85 18.14 -24.57
CA ARG D 160 38.61 17.57 -23.46
C ARG D 160 38.08 18.09 -22.13
N ALA D 161 38.50 17.47 -21.04
CA ALA D 161 38.08 17.94 -19.72
C ALA D 161 38.51 19.39 -19.55
N GLY D 162 37.58 20.24 -19.15
CA GLY D 162 37.90 21.65 -18.97
C GLY D 162 38.33 22.30 -20.26
N SER D 163 37.96 21.71 -21.40
CA SER D 163 38.29 22.29 -22.69
C SER D 163 37.48 23.55 -22.88
N GLY D 164 36.50 23.77 -22.02
CA GLY D 164 35.70 24.97 -22.09
C GLY D 164 34.32 24.76 -22.68
N LYS D 165 33.94 23.51 -22.90
CA LYS D 165 32.65 23.28 -23.57
C LYS D 165 31.45 23.92 -22.86
N SER D 166 31.34 23.71 -21.55
CA SER D 166 30.16 24.11 -20.80
C SER D 166 30.03 25.63 -20.82
N VAL D 167 31.16 26.34 -20.74
CA VAL D 167 31.15 27.81 -20.75
C VAL D 167 30.55 28.40 -22.05
N ILE D 168 30.95 27.83 -23.17
CA ILE D 168 30.41 28.16 -24.49
C ILE D 168 28.88 27.98 -24.61
N ALA D 169 28.29 27.01 -23.91
CA ALA D 169 26.86 26.83 -24.01
C ALA D 169 26.24 27.95 -23.20
N SER D 170 26.94 28.41 -22.17
CA SER D 170 26.43 29.48 -21.33
C SER D 170 26.35 30.75 -22.17
N GLN D 171 27.31 30.91 -23.07
CA GLN D 171 27.46 32.12 -23.90
C GLN D 171 26.60 32.07 -25.16
N ALA D 172 26.53 30.90 -25.76
CA ALA D 172 25.76 30.69 -26.97
C ALA D 172 24.26 30.86 -26.72
N LEU D 173 23.84 30.62 -25.48
CA LEU D 173 22.45 30.89 -25.10
C LEU D 173 22.28 32.24 -24.39
N SER D 174 23.34 33.05 -24.40
CA SER D 174 23.29 34.31 -23.65
C SER D 174 23.63 35.54 -24.52
N LYS D 175 24.27 35.33 -25.66
CA LYS D 175 24.59 36.45 -26.54
C LYS D 175 23.33 36.92 -27.24
N SER D 176 22.99 36.28 -28.34
CA SER D 176 21.78 36.65 -29.08
C SER D 176 20.53 36.29 -28.29
N ASP D 177 19.46 37.06 -28.49
CA ASP D 177 18.21 36.78 -27.79
C ASP D 177 17.27 36.00 -28.70
N GLN D 178 17.75 35.62 -29.88
CA GLN D 178 16.92 34.86 -30.80
C GLN D 178 16.72 33.44 -30.29
N LEU D 179 17.82 32.77 -29.97
CA LEU D 179 17.74 31.39 -29.51
C LEU D 179 16.60 31.14 -28.51
N ILE D 180 16.47 32.06 -27.56
CA ILE D 180 15.38 32.02 -26.59
C ILE D 180 14.32 33.12 -26.85
N GLY D 181 13.14 32.70 -27.31
CA GLY D 181 12.06 33.63 -27.64
C GLY D 181 11.67 33.52 -29.11
N ILE D 182 12.68 33.61 -29.98
CA ILE D 182 12.53 33.56 -31.42
C ILE D 182 12.58 32.13 -31.97
N ASN D 183 13.68 31.40 -31.67
CA ASN D 183 13.89 30.03 -32.18
C ASN D 183 13.34 28.92 -31.28
N TYR D 184 13.52 29.11 -29.96
CA TYR D 184 12.97 28.19 -28.95
C TYR D 184 12.28 29.02 -27.87
N ASP D 185 11.14 28.52 -27.37
CA ASP D 185 10.34 29.24 -26.39
C ASP D 185 10.94 29.25 -25.00
N SER D 186 11.42 28.09 -24.55
CA SER D 186 12.00 27.95 -23.20
C SER D 186 13.34 27.20 -23.20
N ILE D 187 14.04 27.28 -22.06
CA ILE D 187 15.31 26.56 -21.85
C ILE D 187 15.31 25.69 -20.58
N VAL D 188 15.81 24.46 -20.72
CA VAL D 188 16.09 23.57 -19.57
C VAL D 188 17.54 23.07 -19.60
N TRP D 189 18.34 23.56 -18.67
CA TRP D 189 19.76 23.23 -18.62
C TRP D 189 20.01 22.46 -17.33
N LEU D 190 20.40 21.20 -17.51
CA LEU D 190 20.59 20.23 -16.44
C LEU D 190 21.98 19.62 -16.56
N LYS D 191 22.72 19.59 -15.45
CA LYS D 191 24.03 18.93 -15.41
C LYS D 191 23.85 17.46 -15.09
N ASP D 192 24.46 16.61 -15.89
CA ASP D 192 24.33 15.16 -15.77
C ASP D 192 25.39 14.62 -14.80
N SER D 193 26.53 14.20 -15.34
CA SER D 193 27.65 13.68 -14.55
C SER D 193 27.32 12.34 -13.90
N GLY D 194 26.38 11.62 -14.50
CA GLY D 194 25.88 10.35 -13.98
C GLY D 194 26.76 9.15 -14.29
N THR D 195 27.01 8.35 -13.25
CA THR D 195 27.89 7.19 -13.32
C THR D 195 27.16 5.93 -12.90
N ALA D 196 26.37 6.04 -11.83
CA ALA D 196 25.51 4.94 -11.37
C ALA D 196 24.50 4.61 -12.45
N PRO D 197 23.81 3.47 -12.33
CA PRO D 197 22.76 3.09 -13.28
C PRO D 197 21.39 3.74 -12.96
N LYS D 198 21.26 4.21 -11.72
CA LYS D 198 20.11 4.96 -11.27
C LYS D 198 20.21 6.41 -11.71
N SER D 199 21.37 6.82 -12.19
CA SER D 199 21.60 8.23 -12.52
C SER D 199 20.79 8.67 -13.75
N THR D 200 20.67 7.79 -14.74
CA THR D 200 19.99 8.14 -15.98
C THR D 200 18.49 8.29 -15.73
N PHE D 201 18.01 7.75 -14.62
CA PHE D 201 16.62 7.90 -14.26
C PHE D 201 16.47 9.11 -13.36
N ASP D 202 17.43 9.30 -12.47
CA ASP D 202 17.38 10.43 -11.55
C ASP D 202 17.45 11.75 -12.32
N LEU D 203 18.17 11.72 -13.43
CA LEU D 203 18.32 12.90 -14.25
C LEU D 203 16.94 13.32 -14.66
N PHE D 204 16.26 12.40 -15.32
CA PHE D 204 14.94 12.64 -15.90
C PHE D 204 13.85 12.86 -14.85
N THR D 205 14.17 12.54 -13.59
CA THR D 205 13.21 12.80 -12.53
C THR D 205 13.16 14.29 -12.37
N ASP D 206 14.34 14.91 -12.23
CA ASP D 206 14.39 16.35 -12.12
C ASP D 206 13.84 16.99 -13.36
N ILE D 207 14.10 16.38 -14.52
CA ILE D 207 13.57 16.91 -15.77
C ILE D 207 12.08 17.05 -15.64
N LEU D 208 11.42 15.99 -15.15
CA LEU D 208 9.99 16.05 -14.96
C LEU D 208 9.67 17.14 -13.95
N LEU D 209 10.46 17.22 -12.90
CA LEU D 209 10.25 18.25 -11.89
C LEU D 209 10.39 19.62 -12.51
N MET D 210 11.36 19.79 -13.39
CA MET D 210 11.55 21.06 -14.06
C MET D 210 10.29 21.38 -14.85
N LEU D 211 9.71 20.38 -15.48
CA LEU D 211 8.47 20.58 -16.21
C LEU D 211 7.40 21.06 -15.24
N LYS D 212 7.39 20.48 -14.05
CA LYS D 212 6.40 20.87 -13.06
C LYS D 212 6.50 22.36 -12.80
N SER D 213 5.37 23.05 -12.80
CA SER D 213 5.36 24.48 -12.54
C SER D 213 5.58 24.74 -11.06
N GLU D 214 5.73 26.02 -10.70
CA GLU D 214 5.88 26.37 -9.30
C GLU D 214 4.68 25.79 -8.58
N ASP D 215 3.50 25.99 -9.15
CA ASP D 215 2.31 25.39 -8.58
C ASP D 215 2.48 23.89 -8.67
N ASP D 216 2.17 23.17 -7.61
CA ASP D 216 2.38 21.73 -7.60
C ASP D 216 3.86 21.39 -7.74
N LEU D 217 4.67 22.05 -6.93
CA LEU D 217 5.97 21.55 -6.52
C LEU D 217 5.74 21.11 -5.08
N LEU D 218 4.68 21.67 -4.49
CA LEU D 218 4.17 21.24 -3.20
C LEU D 218 3.62 19.83 -3.29
N ASN D 219 2.76 19.62 -4.28
CA ASN D 219 2.20 18.30 -4.53
C ASN D 219 3.20 17.26 -5.07
N PHE D 220 4.41 17.69 -5.43
CA PHE D 220 5.43 16.76 -5.88
C PHE D 220 5.27 15.54 -5.01
N PRO D 221 4.95 14.39 -5.63
CA PRO D 221 4.84 13.09 -4.95
C PRO D 221 6.17 12.36 -4.67
N SER D 222 6.06 11.22 -4.01
CA SER D 222 7.21 10.34 -3.87
C SER D 222 7.47 9.73 -5.23
N VAL D 223 7.66 10.60 -6.24
CA VAL D 223 7.93 10.16 -7.60
C VAL D 223 9.24 9.38 -7.59
N GLU D 224 10.03 9.62 -6.55
CA GLU D 224 11.22 8.86 -6.27
C GLU D 224 10.98 7.34 -6.50
N HIS D 225 9.76 6.86 -6.22
CA HIS D 225 9.43 5.45 -6.48
C HIS D 225 8.31 5.26 -7.50
N VAL D 226 8.69 5.00 -8.75
CA VAL D 226 7.76 4.88 -9.86
C VAL D 226 8.58 4.46 -11.08
N THR D 227 8.05 3.54 -11.90
CA THR D 227 8.83 2.92 -12.96
C THR D 227 9.41 3.89 -13.98
N SER D 228 10.36 3.39 -14.78
CA SER D 228 10.94 4.20 -15.85
C SER D 228 9.93 4.49 -16.96
N VAL D 229 9.08 3.52 -17.28
CA VAL D 229 8.05 3.70 -18.31
C VAL D 229 7.07 4.83 -17.95
N VAL D 230 6.93 5.07 -16.66
CA VAL D 230 6.00 6.07 -16.14
C VAL D 230 6.60 7.46 -16.00
N LEU D 231 7.81 7.59 -15.45
CA LEU D 231 8.50 8.87 -15.46
C LEU D 231 8.59 9.38 -16.90
N LYS D 232 8.86 8.46 -17.83
CA LYS D 232 8.96 8.78 -19.25
C LYS D 232 7.62 9.24 -19.81
N ARG D 233 6.56 8.47 -19.54
CA ARG D 233 5.22 8.82 -20.01
C ARG D 233 4.75 10.09 -19.30
N MET D 234 5.01 10.16 -17.99
CA MET D 234 4.62 11.34 -17.22
C MET D 234 5.35 12.59 -17.68
N ILE D 235 6.66 12.47 -17.93
CA ILE D 235 7.43 13.64 -18.31
C ILE D 235 6.77 14.33 -19.47
N CYS D 236 6.56 13.59 -20.55
CA CYS D 236 5.97 14.20 -21.73
C CYS D 236 4.57 14.72 -21.45
N ASN D 237 3.86 14.09 -20.53
CA ASN D 237 2.55 14.58 -20.16
C ASN D 237 2.66 16.03 -19.77
N ALA D 238 3.69 16.36 -19.01
CA ALA D 238 3.93 17.75 -18.62
C ALA D 238 4.52 18.51 -19.79
N LEU D 239 5.32 17.82 -20.60
CA LEU D 239 5.99 18.48 -21.73
C LEU D 239 4.98 19.09 -22.69
N ILE D 240 3.75 18.59 -22.67
CA ILE D 240 2.73 19.09 -23.58
C ILE D 240 2.64 20.62 -23.50
N ASP D 241 2.80 21.16 -22.30
CA ASP D 241 2.71 22.60 -22.13
C ASP D 241 4.06 23.26 -22.40
N ARG D 242 4.85 22.66 -23.28
CA ARG D 242 6.19 23.18 -23.56
C ARG D 242 6.49 23.18 -25.04
N PRO D 243 6.55 24.36 -25.66
CA PRO D 243 6.89 24.46 -27.07
C PRO D 243 8.35 24.84 -27.27
N ASN D 244 9.01 24.19 -28.23
CA ASN D 244 10.41 24.53 -28.52
C ASN D 244 11.23 24.70 -27.25
N THR D 245 11.30 23.65 -26.44
CA THR D 245 12.08 23.71 -25.22
C THR D 245 13.42 23.03 -25.42
N LEU D 246 14.48 23.81 -25.53
CA LEU D 246 15.81 23.22 -25.66
C LEU D 246 16.24 22.60 -24.34
N PHE D 247 17.03 21.55 -24.40
CA PHE D 247 17.48 20.88 -23.19
C PHE D 247 18.98 20.74 -23.12
N VAL D 248 19.67 21.71 -22.51
CA VAL D 248 21.10 21.57 -22.35
C VAL D 248 21.36 20.51 -21.29
N PHE D 249 22.16 19.51 -21.68
CA PHE D 249 22.55 18.43 -20.81
C PHE D 249 24.04 18.54 -20.53
N ASP D 250 24.37 19.43 -19.60
CA ASP D 250 25.75 19.74 -19.37
C ASP D 250 26.35 18.50 -18.73
N ASP D 251 27.38 17.97 -19.38
CA ASP D 251 28.24 16.86 -18.89
C ASP D 251 27.64 15.45 -18.90
N VAL D 252 27.34 14.93 -20.07
CA VAL D 252 26.88 13.57 -20.17
C VAL D 252 28.09 12.67 -20.22
N VAL D 253 28.03 11.56 -19.49
CA VAL D 253 29.11 10.58 -19.55
C VAL D 253 28.49 9.19 -19.66
N GLN D 254 27.17 9.15 -19.87
CA GLN D 254 26.48 7.87 -20.03
C GLN D 254 25.61 7.84 -21.28
N GLU D 255 25.78 6.81 -22.11
CA GLU D 255 25.01 6.71 -23.35
C GLU D 255 23.52 6.54 -23.10
N GLU D 256 23.16 5.96 -21.96
CA GLU D 256 21.75 5.73 -21.65
C GLU D 256 21.00 7.04 -21.60
N THR D 257 21.65 8.09 -21.11
CA THR D 257 21.02 9.39 -21.07
C THR D 257 20.59 9.78 -22.47
N ILE D 258 21.47 9.61 -23.43
CA ILE D 258 21.14 9.91 -24.82
C ILE D 258 19.98 9.04 -25.24
N ARG D 259 20.07 7.75 -24.92
CA ARG D 259 19.01 6.83 -25.29
C ARG D 259 17.67 7.35 -24.79
N TRP D 260 17.63 7.79 -23.54
CA TRP D 260 16.39 8.38 -23.02
C TRP D 260 16.01 9.64 -23.78
N ALA D 261 16.96 10.54 -23.98
CA ALA D 261 16.72 11.74 -24.78
C ALA D 261 16.05 11.43 -26.13
N GLN D 262 16.32 10.26 -26.72
CA GLN D 262 15.79 9.91 -28.04
C GLN D 262 14.45 9.12 -27.96
N GLU D 263 14.16 8.58 -26.78
CA GLU D 263 12.86 7.94 -26.59
C GLU D 263 11.87 9.04 -26.30
N LEU D 264 12.39 10.12 -25.70
CA LEU D 264 11.58 11.28 -25.28
C LEU D 264 11.52 12.35 -26.37
N ARG D 265 11.99 11.99 -27.57
CA ARG D 265 11.95 12.90 -28.69
C ARG D 265 12.31 14.34 -28.32
N LEU D 266 13.42 14.50 -27.59
CA LEU D 266 13.85 15.81 -27.12
C LEU D 266 14.77 16.57 -28.06
N ARG D 267 14.82 17.88 -27.85
CA ARG D 267 15.74 18.75 -28.55
C ARG D 267 16.88 19.04 -27.57
N CYS D 268 18.09 18.55 -27.88
CA CYS D 268 19.23 18.56 -26.93
C CYS D 268 20.52 19.24 -27.39
N LEU D 269 21.00 20.19 -26.59
CA LEU D 269 22.39 20.57 -26.63
C LEU D 269 23.06 19.62 -25.65
N VAL D 270 24.28 19.17 -25.97
CA VAL D 270 24.99 18.21 -25.13
C VAL D 270 26.48 18.55 -24.99
N THR D 271 26.91 18.89 -23.78
CA THR D 271 28.34 18.94 -23.52
C THR D 271 28.78 17.60 -22.94
N THR D 272 29.89 17.09 -23.47
CA THR D 272 30.45 15.79 -23.07
C THR D 272 31.94 15.74 -23.41
N ARG D 273 32.64 14.76 -22.85
CA ARG D 273 34.06 14.59 -23.19
C ARG D 273 34.21 13.39 -24.13
N ASP D 274 33.47 12.33 -23.83
CA ASP D 274 33.45 11.13 -24.67
C ASP D 274 32.45 11.30 -25.80
N VAL D 275 32.95 11.25 -27.04
CA VAL D 275 32.10 11.59 -28.18
C VAL D 275 31.24 10.43 -28.64
N GLU D 276 31.67 9.20 -28.34
CA GLU D 276 31.02 8.02 -28.88
C GLU D 276 29.63 7.77 -28.28
N ILE D 277 29.26 8.49 -27.24
CA ILE D 277 27.92 8.32 -26.66
C ILE D 277 26.83 8.60 -27.69
N SER D 278 27.24 9.18 -28.81
CA SER D 278 26.33 9.56 -29.88
C SER D 278 25.94 8.37 -30.73
N ASN D 279 26.73 7.31 -30.68
CA ASN D 279 26.38 6.09 -31.37
C ASN D 279 25.07 5.48 -30.80
N ALA D 280 24.71 5.88 -29.59
CA ALA D 280 23.44 5.48 -29.00
C ALA D 280 22.23 6.00 -29.79
N ALA D 281 22.38 7.17 -30.41
CA ALA D 281 21.30 7.80 -31.19
C ALA D 281 21.37 7.47 -32.67
N SER D 282 20.29 6.90 -33.21
CA SER D 282 20.24 6.61 -34.62
C SER D 282 19.93 7.89 -35.37
N GLN D 283 19.30 8.84 -34.70
CA GLN D 283 18.96 10.11 -35.33
C GLN D 283 20.21 10.89 -35.64
N THR D 284 20.16 11.73 -36.67
CA THR D 284 21.32 12.51 -37.05
C THR D 284 21.79 13.41 -35.92
N CYS D 285 23.08 13.35 -35.61
CA CYS D 285 23.63 14.20 -34.56
C CYS D 285 24.75 15.05 -35.14
N GLU D 286 24.62 16.36 -35.02
CA GLU D 286 25.65 17.26 -35.52
C GLU D 286 26.72 17.41 -34.45
N PHE D 287 27.89 17.88 -34.83
CA PHE D 287 28.97 17.95 -33.86
C PHE D 287 29.80 19.22 -33.93
N ILE D 288 30.26 19.68 -32.77
CA ILE D 288 31.20 20.81 -32.67
C ILE D 288 32.29 20.53 -31.63
N GLU D 289 33.53 20.45 -32.08
CA GLU D 289 34.62 20.04 -31.17
C GLU D 289 35.35 21.22 -30.53
N VAL D 290 35.46 21.22 -29.21
CA VAL D 290 36.17 22.32 -28.57
C VAL D 290 37.64 21.96 -28.53
N THR D 291 38.38 22.49 -29.49
CA THR D 291 39.81 22.22 -29.63
C THR D 291 40.67 22.91 -28.57
N SER D 292 41.95 22.56 -28.54
CA SER D 292 42.88 23.24 -27.66
C SER D 292 42.99 24.69 -28.17
N LEU D 293 43.04 25.66 -27.25
CA LEU D 293 43.19 27.06 -27.62
C LEU D 293 44.40 27.34 -28.54
N GLU D 294 44.14 27.77 -29.78
CA GLU D 294 45.18 28.15 -30.74
C GLU D 294 46.17 29.15 -30.13
N ILE D 295 47.37 29.23 -30.69
CA ILE D 295 48.45 30.03 -30.08
C ILE D 295 48.09 31.50 -29.96
N ASP D 296 47.34 32.00 -30.93
CA ASP D 296 46.94 33.41 -30.96
C ASP D 296 45.82 33.68 -29.95
N GLU D 297 44.89 32.74 -29.84
CA GLU D 297 43.77 32.83 -28.89
C GLU D 297 44.27 32.82 -27.45
N CYS D 298 45.41 32.19 -27.25
CA CYS D 298 45.95 32.13 -25.91
C CYS D 298 46.39 33.51 -25.48
N TYR D 299 47.01 34.23 -26.41
CA TYR D 299 47.44 35.59 -26.13
C TYR D 299 46.24 36.42 -25.70
N ASP D 300 45.19 36.40 -26.52
CA ASP D 300 43.95 37.17 -26.31
C ASP D 300 43.39 36.92 -24.91
N PHE D 301 43.34 35.63 -24.57
CA PHE D 301 42.84 35.15 -23.29
C PHE D 301 43.67 35.68 -22.10
N LEU D 302 44.96 35.84 -22.33
CA LEU D 302 45.87 36.30 -21.29
C LEU D 302 45.70 37.79 -21.05
N GLU D 303 45.83 38.55 -22.11
CA GLU D 303 45.56 39.98 -22.08
C GLU D 303 44.21 40.29 -21.42
N ALA D 304 43.18 39.56 -21.85
CA ALA D 304 41.83 39.76 -21.32
C ALA D 304 41.80 39.74 -19.79
N TYR D 305 42.59 38.84 -19.21
CA TYR D 305 42.70 38.77 -17.75
C TYR D 305 44.04 39.33 -17.31
N GLY D 306 44.23 40.62 -17.57
CA GLY D 306 45.38 41.37 -17.10
C GLY D 306 46.76 40.74 -17.18
N MET D 307 46.95 39.82 -18.11
CA MET D 307 48.25 39.14 -18.19
C MET D 307 49.19 39.85 -19.15
N PRO D 308 50.40 40.20 -18.66
CA PRO D 308 51.40 40.99 -19.41
C PRO D 308 51.92 40.31 -20.67
N MET D 309 51.87 41.03 -21.79
CA MET D 309 52.30 40.51 -23.09
C MET D 309 53.79 40.78 -23.36
N PRO D 310 54.49 39.81 -23.97
CA PRO D 310 55.95 39.95 -24.13
C PRO D 310 56.44 41.19 -24.85
N VAL D 311 57.63 41.65 -24.50
CA VAL D 311 58.23 42.78 -25.17
C VAL D 311 59.55 42.28 -25.73
N GLY D 312 59.98 41.11 -25.28
CA GLY D 312 61.23 40.54 -25.75
C GLY D 312 61.08 39.06 -26.06
N GLU D 313 62.05 38.51 -26.80
CA GLU D 313 61.97 37.10 -27.18
C GLU D 313 61.89 36.19 -25.96
N LYS D 314 62.74 36.46 -24.97
CA LYS D 314 62.70 35.66 -23.75
C LYS D 314 61.31 35.75 -23.16
N GLU D 315 60.78 36.96 -23.08
CA GLU D 315 59.47 37.15 -22.48
C GLU D 315 58.42 36.30 -23.17
N GLU D 316 58.41 36.32 -24.49
CA GLU D 316 57.42 35.54 -25.23
C GLU D 316 57.71 34.05 -25.07
N ASP D 317 58.98 33.68 -25.06
CA ASP D 317 59.30 32.28 -24.82
C ASP D 317 58.83 31.79 -23.44
N VAL D 318 58.95 32.64 -22.41
CA VAL D 318 58.45 32.31 -21.07
C VAL D 318 56.98 32.00 -21.19
N LEU D 319 56.32 32.75 -22.07
CA LEU D 319 54.89 32.63 -22.30
C LEU D 319 54.54 31.49 -23.25
N ASN D 320 55.41 31.20 -24.22
CA ASN D 320 55.24 29.98 -25.03
C ASN D 320 55.47 28.71 -24.24
N LYS D 321 56.25 28.81 -23.17
CA LYS D 321 56.34 27.72 -22.21
C LYS D 321 55.00 27.44 -21.51
N THR D 322 54.33 28.47 -21.01
CA THR D 322 53.02 28.26 -20.39
C THR D 322 52.04 27.69 -21.41
N ILE D 323 52.03 28.26 -22.59
CA ILE D 323 51.08 27.81 -23.61
C ILE D 323 51.36 26.38 -24.06
N GLU D 324 52.64 26.02 -24.07
CA GLU D 324 53.03 24.65 -24.39
C GLU D 324 52.64 23.69 -23.28
N LEU D 325 52.93 24.07 -22.04
CA LEU D 325 52.54 23.23 -20.91
C LEU D 325 51.03 23.12 -20.88
N SER D 326 50.35 24.27 -20.86
CA SER D 326 48.89 24.28 -20.81
C SER D 326 48.31 23.68 -22.09
N SER D 327 49.07 23.71 -23.16
CA SER D 327 48.61 23.15 -24.43
C SER D 327 47.20 23.64 -24.73
N GLY D 328 46.96 24.93 -24.55
CA GLY D 328 45.64 25.49 -24.85
C GLY D 328 44.50 24.94 -24.02
N ASN D 329 44.74 24.67 -22.74
CA ASN D 329 43.67 24.20 -21.87
C ASN D 329 43.19 25.33 -20.99
N PRO D 330 42.01 25.88 -21.29
CA PRO D 330 41.49 27.02 -20.52
C PRO D 330 41.49 26.74 -19.03
N ALA D 331 40.80 25.69 -18.61
CA ALA D 331 40.71 25.39 -17.18
C ALA D 331 42.05 25.50 -16.41
N THR D 332 43.10 24.81 -16.88
CA THR D 332 44.44 24.88 -16.23
C THR D 332 45.14 26.21 -16.46
N LEU D 333 44.78 26.87 -17.57
CA LEU D 333 45.27 28.21 -17.87
C LEU D 333 44.71 29.14 -16.83
N MET D 334 43.42 29.00 -16.54
CA MET D 334 42.78 29.85 -15.56
C MET D 334 43.38 29.66 -14.18
N MET D 335 43.63 28.40 -13.82
CA MET D 335 44.25 28.07 -12.54
C MET D 335 45.61 28.74 -12.45
N PHE D 336 46.27 28.87 -13.59
CA PHE D 336 47.57 29.52 -13.71
C PHE D 336 47.49 30.99 -13.29
N PHE D 337 46.58 31.73 -13.93
CA PHE D 337 46.40 33.14 -13.64
C PHE D 337 46.12 33.35 -12.16
N LYS D 338 45.08 32.70 -11.64
CA LYS D 338 44.69 32.84 -10.22
C LYS D 338 45.89 32.63 -9.33
N SER D 339 46.93 31.97 -9.84
CA SER D 339 48.08 31.64 -9.01
C SER D 339 49.33 32.45 -9.34
N CYS D 340 49.16 33.67 -9.85
CA CYS D 340 50.32 34.52 -10.10
C CYS D 340 50.10 35.92 -9.54
N GLU D 341 50.14 36.03 -8.21
CA GLU D 341 49.95 37.33 -7.57
C GLU D 341 50.96 38.35 -8.09
N PRO D 342 52.25 37.97 -8.11
CA PRO D 342 53.21 38.90 -8.70
C PRO D 342 52.89 39.11 -10.17
N LYS D 343 52.53 38.04 -10.88
CA LYS D 343 52.16 38.14 -12.28
C LYS D 343 53.36 38.49 -13.16
N THR D 344 54.42 39.02 -12.55
CA THR D 344 55.62 39.37 -13.30
C THR D 344 56.07 38.24 -14.20
N PHE D 345 56.53 38.57 -15.39
CA PHE D 345 57.04 37.53 -16.30
C PHE D 345 57.88 36.53 -15.50
N GLU D 346 58.51 37.04 -14.44
CA GLU D 346 59.35 36.24 -13.54
C GLU D 346 58.56 35.14 -12.81
N LYS D 347 57.60 35.54 -11.97
CA LYS D 347 56.77 34.58 -11.24
C LYS D 347 55.93 33.72 -12.17
N MET D 348 55.81 34.15 -13.42
CA MET D 348 55.14 33.38 -14.46
C MET D 348 56.04 32.24 -14.88
N ALA D 349 57.35 32.51 -14.94
CA ALA D 349 58.33 31.48 -15.25
C ALA D 349 58.64 30.54 -14.06
N GLN D 350 58.52 31.06 -12.83
CA GLN D 350 58.66 30.22 -11.64
C GLN D 350 57.71 29.05 -11.74
N LEU D 351 56.48 29.37 -12.10
CA LEU D 351 55.40 28.40 -12.22
C LEU D 351 55.69 27.43 -13.37
N ASN D 352 56.22 27.94 -14.48
CA ASN D 352 56.55 27.10 -15.61
C ASN D 352 57.43 25.94 -15.18
N ASN D 353 58.23 26.18 -14.14
CA ASN D 353 59.04 25.14 -13.51
C ASN D 353 58.20 24.19 -12.67
N LYS D 354 57.54 24.76 -11.66
CA LYS D 354 56.64 24.04 -10.74
C LYS D 354 55.80 23.03 -11.50
N LEU D 355 55.53 23.32 -12.77
CA LEU D 355 54.70 22.47 -13.61
C LEU D 355 55.41 21.21 -14.07
N GLU D 356 56.73 21.31 -14.27
CA GLU D 356 57.54 20.15 -14.69
C GLU D 356 57.90 19.25 -13.51
N SER D 357 58.09 19.87 -12.34
CA SER D 357 58.47 19.14 -11.15
C SER D 357 57.34 18.94 -10.12
N ARG D 358 56.08 19.03 -10.55
CA ARG D 358 54.95 18.78 -9.65
C ARG D 358 53.66 18.49 -10.43
N GLY D 359 53.77 18.44 -11.76
CA GLY D 359 52.60 18.21 -12.60
C GLY D 359 51.55 19.29 -12.39
N LEU D 360 50.31 18.98 -12.71
CA LEU D 360 49.24 19.97 -12.61
C LEU D 360 49.05 20.47 -11.17
N VAL D 361 49.62 19.75 -10.19
CA VAL D 361 49.38 20.03 -8.77
C VAL D 361 50.16 21.25 -8.32
N GLY D 362 50.95 21.80 -9.23
CA GLY D 362 51.81 22.91 -8.90
C GLY D 362 51.06 24.21 -9.03
N VAL D 363 49.93 24.14 -9.72
CA VAL D 363 49.12 25.32 -10.06
C VAL D 363 47.63 25.10 -9.69
N GLU D 364 47.33 23.97 -9.07
CA GLU D 364 45.99 23.73 -8.56
C GLU D 364 45.60 24.87 -7.62
N CYS D 365 44.40 25.42 -7.88
CA CYS D 365 43.88 26.62 -7.25
C CYS D 365 42.35 26.61 -7.17
N ILE D 366 41.79 27.49 -6.34
CA ILE D 366 40.35 27.78 -6.34
C ILE D 366 39.95 28.51 -7.63
N THR D 367 39.10 27.87 -8.42
CA THR D 367 38.73 28.42 -9.72
C THR D 367 37.23 28.24 -9.98
N PRO D 368 36.63 29.09 -10.83
CA PRO D 368 35.28 28.84 -11.31
C PRO D 368 35.01 27.36 -11.74
N TYR D 369 36.06 26.60 -12.01
CA TYR D 369 35.95 25.15 -12.22
C TYR D 369 35.55 24.43 -10.92
N SER D 370 34.67 23.42 -11.02
CA SER D 370 34.27 22.67 -9.84
C SER D 370 35.49 21.98 -9.25
N TYR D 371 36.58 22.01 -10.01
CA TYR D 371 37.77 21.22 -9.72
C TYR D 371 39.02 22.06 -9.34
N LYS D 372 39.70 21.64 -8.27
CA LYS D 372 40.95 22.26 -7.86
C LYS D 372 42.02 22.18 -8.94
N SER D 373 42.11 21.05 -9.64
CA SER D 373 43.08 20.88 -10.73
C SER D 373 42.55 19.91 -11.79
N LEU D 374 43.08 20.04 -12.99
CA LEU D 374 42.57 19.28 -14.14
C LEU D 374 42.70 17.75 -13.89
N ALA D 375 43.47 17.39 -12.89
CA ALA D 375 43.70 15.99 -12.58
C ALA D 375 42.46 15.38 -11.92
N MET D 376 41.69 16.22 -11.21
CA MET D 376 40.49 15.76 -10.52
C MET D 376 39.44 15.41 -11.56
N ALA D 377 39.55 16.06 -12.71
CA ALA D 377 38.55 15.89 -13.76
C ALA D 377 38.86 14.62 -14.52
N LEU D 378 40.10 14.57 -14.98
CA LEU D 378 40.60 13.52 -15.83
C LEU D 378 40.53 12.16 -15.11
N GLN D 379 40.64 12.19 -13.79
CA GLN D 379 40.42 11.01 -12.99
C GLN D 379 39.31 10.22 -13.65
N ARG D 380 38.13 10.81 -13.73
CA ARG D 380 36.95 10.12 -14.26
C ARG D 380 37.14 9.63 -15.71
N CYS D 381 37.66 10.49 -16.56
CA CYS D 381 37.82 10.17 -17.97
C CYS D 381 38.60 8.86 -18.14
N VAL D 382 39.35 8.51 -17.10
CA VAL D 382 40.28 7.39 -17.11
C VAL D 382 39.68 6.11 -16.48
N GLU D 383 38.75 6.32 -15.56
CA GLU D 383 38.05 5.25 -14.88
C GLU D 383 37.10 4.58 -15.84
N VAL D 384 36.41 5.40 -16.60
CA VAL D 384 35.43 4.95 -17.56
C VAL D 384 36.04 4.06 -18.67
N LEU D 385 37.35 4.19 -18.83
CA LEU D 385 38.05 3.60 -19.96
C LEU D 385 37.96 2.08 -19.94
N SER D 386 37.72 1.48 -21.10
CA SER D 386 37.81 0.04 -21.24
C SER D 386 39.03 -0.46 -20.45
N ASP D 387 38.87 -1.54 -19.66
CA ASP D 387 39.96 -2.09 -18.83
C ASP D 387 41.30 -2.24 -19.62
N GLU D 388 41.18 -2.64 -20.88
CA GLU D 388 42.31 -2.82 -21.80
C GLU D 388 42.91 -1.51 -22.28
N ASP D 389 42.03 -0.52 -22.48
CA ASP D 389 42.36 0.85 -22.91
C ASP D 389 43.02 1.65 -21.78
N ARG D 390 42.64 1.34 -20.55
CA ARG D 390 43.19 1.96 -19.34
C ARG D 390 44.69 1.69 -19.28
N SER D 391 45.05 0.54 -19.85
CA SER D 391 46.40 0.01 -19.92
C SER D 391 47.20 0.76 -20.98
N ALA D 392 46.68 0.77 -22.20
CA ALA D 392 47.25 1.54 -23.32
C ALA D 392 47.62 2.98 -22.94
N LEU D 393 46.68 3.65 -22.28
CA LEU D 393 46.87 5.03 -21.87
C LEU D 393 47.98 5.12 -20.88
N ALA D 394 47.96 4.19 -19.94
CA ALA D 394 48.86 4.22 -18.81
C ALA D 394 50.33 4.18 -19.23
N PHE D 395 50.61 3.56 -20.38
CA PHE D 395 51.99 3.43 -20.83
C PHE D 395 52.43 4.60 -21.72
N ALA D 396 51.48 5.40 -22.17
CA ALA D 396 51.81 6.50 -23.08
C ALA D 396 52.74 7.50 -22.42
N VAL D 397 52.85 7.46 -21.10
CA VAL D 397 53.68 8.44 -20.39
C VAL D 397 55.09 8.43 -20.93
N VAL D 398 55.63 7.26 -21.22
CA VAL D 398 57.01 7.17 -21.70
C VAL D 398 57.20 7.99 -22.97
N MET D 399 56.16 8.08 -23.79
CA MET D 399 56.28 8.80 -25.06
C MET D 399 56.53 10.29 -24.87
N PRO D 400 57.33 10.87 -25.79
CA PRO D 400 57.59 12.31 -25.72
C PRO D 400 56.37 13.10 -26.20
N PRO D 401 55.97 14.12 -25.43
CA PRO D 401 54.76 14.88 -25.79
C PRO D 401 54.99 15.94 -26.85
N GLY D 402 53.94 16.30 -27.59
CA GLY D 402 54.05 17.31 -28.62
C GLY D 402 55.05 16.88 -29.66
N VAL D 403 54.94 15.63 -30.07
CA VAL D 403 55.77 15.06 -31.13
C VAL D 403 54.93 14.11 -31.91
N ASP D 404 54.94 14.24 -33.23
CA ASP D 404 54.18 13.35 -34.08
C ASP D 404 54.98 12.07 -34.32
N ILE D 405 54.44 10.93 -33.90
CA ILE D 405 55.24 9.69 -33.86
C ILE D 405 54.46 8.49 -34.37
N PRO D 406 55.15 7.60 -35.12
CA PRO D 406 54.56 6.45 -35.84
C PRO D 406 53.87 5.41 -34.95
N VAL D 407 53.05 4.57 -35.58
CA VAL D 407 52.28 3.56 -34.87
C VAL D 407 53.19 2.48 -34.35
N LYS D 408 54.13 2.05 -35.18
CA LYS D 408 55.06 1.00 -34.79
C LYS D 408 55.90 1.44 -33.58
N LEU D 409 56.44 2.66 -33.63
CA LEU D 409 57.16 3.27 -32.50
C LEU D 409 56.30 3.26 -31.22
N TRP D 410 55.01 3.03 -31.36
CA TRP D 410 54.13 2.95 -30.21
C TRP D 410 53.91 1.50 -29.85
N SER D 411 53.85 0.65 -30.87
CA SER D 411 53.65 -0.80 -30.70
C SER D 411 54.64 -1.38 -29.70
N CYS D 412 55.69 -0.61 -29.42
CA CYS D 412 56.80 -1.01 -28.58
C CYS D 412 56.44 -1.00 -27.08
N VAL D 413 55.76 0.05 -26.61
CA VAL D 413 55.40 0.12 -25.20
C VAL D 413 54.01 -0.46 -24.86
N ILE D 414 53.11 -0.43 -25.83
CA ILE D 414 51.73 -0.84 -25.59
C ILE D 414 51.56 -2.38 -25.54
N PRO D 415 50.86 -2.89 -24.50
CA PRO D 415 50.48 -4.30 -24.30
C PRO D 415 49.58 -4.93 -25.40
N VAL D 416 49.41 -6.26 -25.34
CA VAL D 416 48.46 -7.03 -26.19
C VAL D 416 48.47 -8.53 -25.85
N GLU D 424 50.07 -13.02 -33.61
CA GLU D 424 50.40 -12.84 -35.02
C GLU D 424 51.36 -11.67 -35.26
N GLN D 425 51.32 -11.06 -36.44
CA GLN D 425 52.33 -10.10 -36.84
C GLN D 425 51.83 -8.69 -37.17
N LEU D 426 50.53 -8.50 -37.38
CA LEU D 426 50.05 -7.13 -37.57
C LEU D 426 49.43 -6.47 -36.34
N ASP D 427 50.17 -5.51 -35.80
CA ASP D 427 49.73 -4.72 -34.66
C ASP D 427 49.06 -3.43 -35.14
N ASP D 428 47.82 -3.59 -35.60
CA ASP D 428 46.95 -2.48 -35.90
C ASP D 428 46.11 -2.28 -34.66
N GLU D 429 45.95 -3.36 -33.90
CA GLU D 429 45.23 -3.30 -32.65
C GLU D 429 45.70 -2.14 -31.80
N VAL D 430 46.99 -1.78 -31.91
CA VAL D 430 47.49 -0.59 -31.22
C VAL D 430 46.74 0.66 -31.70
N ALA D 431 46.64 0.82 -33.01
CA ALA D 431 45.92 1.94 -33.57
C ALA D 431 44.45 2.02 -33.12
N ASP D 432 43.78 0.88 -33.05
CA ASP D 432 42.37 0.84 -32.65
C ASP D 432 42.17 1.37 -31.25
N ARG D 433 43.09 1.03 -30.38
CA ARG D 433 43.05 1.50 -29.01
C ARG D 433 43.31 2.99 -28.96
N LEU D 434 44.30 3.45 -29.72
CA LEU D 434 44.66 4.86 -29.76
C LEU D 434 43.57 5.78 -30.35
N LYS D 435 42.75 5.25 -31.25
CA LYS D 435 41.58 5.98 -31.70
C LYS D 435 40.55 6.11 -30.57
N ARG D 436 40.07 4.98 -30.05
CA ARG D 436 39.18 4.99 -28.87
C ARG D 436 39.69 6.00 -27.84
N LEU D 437 41.02 6.12 -27.76
CA LEU D 437 41.72 6.97 -26.80
C LEU D 437 41.59 8.46 -27.07
N SER D 438 41.63 8.86 -28.34
CA SER D 438 41.33 10.24 -28.68
C SER D 438 39.82 10.51 -28.71
N LYS D 439 39.01 9.59 -29.24
CA LYS D 439 37.55 9.71 -29.13
C LYS D 439 36.98 9.89 -27.70
N ARG D 440 37.70 9.40 -26.69
CA ARG D 440 37.08 9.28 -25.36
C ARG D 440 37.69 10.13 -24.27
N GLY D 441 37.77 11.43 -24.49
CA GLY D 441 38.28 12.33 -23.50
C GLY D 441 39.33 13.11 -24.20
N ALA D 442 39.53 12.74 -25.46
CA ALA D 442 40.51 13.39 -26.33
C ALA D 442 41.82 13.40 -25.58
N LEU D 443 42.32 12.21 -25.30
CA LEU D 443 43.52 12.07 -24.51
C LEU D 443 44.68 11.98 -25.48
N LEU D 444 44.43 11.38 -26.64
CA LEU D 444 45.49 11.26 -27.64
C LEU D 444 45.19 12.13 -28.86
N SER D 445 46.15 12.23 -29.77
CA SER D 445 45.94 13.01 -30.99
C SER D 445 45.94 12.09 -32.19
N GLY D 446 45.05 12.34 -33.15
CA GLY D 446 44.95 11.49 -34.32
C GLY D 446 45.38 12.16 -35.60
N LYS D 447 46.09 11.44 -36.45
CA LYS D 447 46.53 11.99 -37.73
C LYS D 447 46.62 10.87 -38.77
N ARG D 448 45.97 11.06 -39.91
CA ARG D 448 45.94 9.98 -40.93
C ARG D 448 47.18 9.87 -41.84
N MET D 449 47.40 10.88 -42.67
CA MET D 449 48.62 10.96 -43.49
C MET D 449 49.49 12.13 -43.01
N PRO D 450 50.76 12.18 -43.44
CA PRO D 450 51.47 11.33 -44.41
C PRO D 450 51.44 9.85 -44.04
N VAL D 451 51.66 9.56 -42.75
CA VAL D 451 51.59 8.20 -42.22
C VAL D 451 50.83 8.19 -40.90
N LEU D 452 50.07 7.11 -40.64
CA LEU D 452 49.28 6.98 -39.40
C LEU D 452 50.10 7.17 -38.13
N THR D 453 49.94 8.33 -37.50
CA THR D 453 50.71 8.69 -36.33
C THR D 453 49.79 9.36 -35.32
N PHE D 454 50.09 9.18 -34.04
CA PHE D 454 49.35 9.86 -32.99
C PHE D 454 50.27 10.78 -32.24
N LYS D 455 49.78 11.41 -31.19
CA LYS D 455 50.60 12.32 -30.41
C LYS D 455 49.93 12.61 -29.08
N ILE D 456 50.74 12.69 -28.02
CA ILE D 456 50.22 13.07 -26.72
C ILE D 456 50.72 14.48 -26.37
N ASP D 457 49.79 15.35 -25.99
CA ASP D 457 50.08 16.73 -25.60
C ASP D 457 50.68 16.75 -24.18
N HIS D 458 50.99 17.92 -23.64
CA HIS D 458 51.62 18.01 -22.30
C HIS D 458 50.67 17.95 -21.12
N ILE D 459 49.52 18.62 -21.24
CA ILE D 459 48.55 18.59 -20.14
C ILE D 459 48.14 17.14 -19.99
N ILE D 460 47.84 16.50 -21.13
CA ILE D 460 47.50 15.07 -21.14
C ILE D 460 48.71 14.21 -20.70
N HIS D 461 49.88 14.82 -20.63
CA HIS D 461 51.09 14.05 -20.29
C HIS D 461 51.55 14.29 -18.87
N MET D 462 51.71 15.55 -18.48
CA MET D 462 52.21 15.86 -17.15
C MET D 462 51.38 15.13 -16.11
N PHE D 463 50.08 15.04 -16.34
CA PHE D 463 49.23 14.30 -15.41
C PHE D 463 49.76 12.90 -15.27
N LEU D 464 49.92 12.21 -16.41
CA LEU D 464 50.41 10.85 -16.38
C LEU D 464 51.79 10.80 -15.75
N LYS D 465 52.63 11.78 -16.10
CA LYS D 465 53.99 11.80 -15.59
C LYS D 465 54.01 11.77 -14.07
N HIS D 466 53.08 12.50 -13.45
CA HIS D 466 53.07 12.58 -11.99
C HIS D 466 51.96 11.74 -11.37
N VAL D 467 51.40 10.79 -12.13
CA VAL D 467 50.31 9.98 -11.62
C VAL D 467 50.56 8.48 -11.74
N VAL D 468 50.96 8.03 -12.92
CA VAL D 468 51.14 6.59 -13.14
C VAL D 468 52.19 5.96 -12.23
N ASP D 469 52.00 4.69 -11.87
CA ASP D 469 52.96 3.98 -11.02
C ASP D 469 54.39 4.40 -11.32
N ALA D 470 55.14 4.75 -10.29
CA ALA D 470 56.49 5.23 -10.52
C ALA D 470 57.34 4.15 -11.20
N GLN D 471 57.00 2.88 -10.92
CA GLN D 471 57.67 1.74 -11.55
C GLN D 471 57.31 1.61 -13.02
N THR D 472 56.02 1.61 -13.32
CA THR D 472 55.53 1.37 -14.68
C THR D 472 56.08 2.36 -15.70
N ILE D 473 56.45 3.54 -15.22
CA ILE D 473 57.14 4.49 -16.07
C ILE D 473 58.48 3.88 -16.48
N ALA D 474 59.32 3.59 -15.49
CA ALA D 474 60.65 3.04 -15.75
C ALA D 474 60.62 1.69 -16.48
N ASN D 475 59.59 0.86 -16.24
CA ASN D 475 59.46 -0.43 -16.94
C ASN D 475 59.11 -0.26 -18.40
N GLY D 476 58.36 0.78 -18.72
CA GLY D 476 57.97 1.03 -20.09
C GLY D 476 59.14 1.60 -20.86
N ILE D 477 59.97 2.37 -20.17
CA ILE D 477 61.16 2.95 -20.78
C ILE D 477 62.13 1.85 -21.19
N SER D 478 62.37 0.89 -20.30
CA SER D 478 63.21 -0.26 -20.60
C SER D 478 62.59 -1.14 -21.69
N ILE D 479 61.30 -1.44 -21.56
CA ILE D 479 60.55 -2.20 -22.56
C ILE D 479 60.62 -1.54 -23.95
N LEU D 480 60.98 -0.27 -23.99
CA LEU D 480 61.10 0.42 -25.26
C LEU D 480 62.50 0.19 -25.79
N GLU D 481 63.49 0.27 -24.91
CA GLU D 481 64.87 0.06 -25.30
C GLU D 481 65.03 -1.29 -25.97
N GLN D 482 64.36 -2.30 -25.44
CA GLN D 482 64.48 -3.64 -25.98
C GLN D 482 64.11 -3.67 -27.44
N ARG D 483 63.05 -2.94 -27.80
CA ARG D 483 62.61 -2.91 -29.18
C ARG D 483 63.19 -1.70 -29.91
N LEU D 484 63.89 -0.85 -29.17
CA LEU D 484 64.43 0.36 -29.77
C LEU D 484 65.39 0.05 -30.91
N LEU D 485 66.35 -0.82 -30.65
CA LEU D 485 67.34 -1.16 -31.67
C LEU D 485 66.70 -1.89 -32.84
N GLU D 486 65.66 -2.67 -32.56
CA GLU D 486 65.02 -3.45 -33.62
C GLU D 486 66.06 -4.31 -34.31
N ILE D 487 66.10 -4.24 -35.63
CA ILE D 487 67.08 -5.02 -36.39
C ILE D 487 68.50 -4.60 -36.04
N GLU D 521 60.99 18.76 -35.80
CA GLU D 521 60.83 19.65 -36.95
C GLU D 521 59.64 19.21 -37.80
N THR D 522 59.26 20.05 -38.75
CA THR D 522 58.14 19.75 -39.66
C THR D 522 58.41 18.50 -40.50
N VAL D 523 59.20 17.58 -39.95
CA VAL D 523 59.45 16.29 -40.57
C VAL D 523 59.24 15.16 -39.58
N ILE D 524 58.43 14.18 -39.99
CA ILE D 524 58.15 13.00 -39.20
C ILE D 524 59.38 12.11 -39.17
N ARG D 525 59.53 11.31 -38.12
CA ARG D 525 60.69 10.44 -37.96
C ARG D 525 60.63 9.21 -38.87
N PRO D 526 61.66 9.05 -39.75
CA PRO D 526 61.76 7.99 -40.76
C PRO D 526 62.09 6.61 -40.19
N GLU D 527 61.77 5.55 -40.94
CA GLU D 527 61.98 4.18 -40.51
C GLU D 527 63.43 3.71 -40.59
N ASP D 528 64.29 4.54 -41.16
CA ASP D 528 65.74 4.26 -41.21
C ASP D 528 66.35 4.70 -39.90
N PHE D 529 65.63 5.56 -39.19
CA PHE D 529 66.14 6.19 -37.98
C PHE D 529 65.29 5.95 -36.72
N PRO D 530 64.53 4.83 -36.66
CA PRO D 530 63.79 4.58 -35.42
C PRO D 530 64.73 3.99 -34.37
N LYS D 531 65.74 3.25 -34.83
CA LYS D 531 66.67 2.63 -33.93
C LYS D 531 67.15 3.64 -32.91
N PHE D 532 67.11 4.93 -33.27
CA PHE D 532 67.45 5.98 -32.30
C PHE D 532 66.34 6.99 -31.94
N MET D 533 65.56 6.64 -30.92
CA MET D 533 64.64 7.58 -30.28
C MET D 533 65.47 8.64 -29.57
N GLN D 534 66.77 8.60 -29.83
CA GLN D 534 67.73 9.44 -29.13
C GLN D 534 67.60 10.92 -29.47
N LEU D 535 66.84 11.24 -30.52
CA LEU D 535 66.59 12.65 -30.85
C LEU D 535 66.00 13.34 -29.63
N HIS D 536 65.08 12.64 -28.96
CA HIS D 536 64.38 13.13 -27.77
C HIS D 536 65.07 12.74 -26.46
N GLN D 537 66.37 12.48 -26.52
CA GLN D 537 67.12 12.18 -25.31
C GLN D 537 66.84 13.28 -24.30
N LYS D 538 66.77 14.52 -24.79
CA LYS D 538 66.50 15.66 -23.92
C LYS D 538 65.24 15.36 -23.08
N PHE D 539 64.13 15.18 -23.79
CA PHE D 539 62.81 14.95 -23.19
C PHE D 539 62.62 13.52 -22.66
N TYR D 540 63.74 12.80 -22.47
CA TYR D 540 63.73 11.42 -21.96
C TYR D 540 64.63 11.27 -20.75
N ASP D 541 65.67 12.09 -20.70
CA ASP D 541 66.63 12.05 -19.61
C ASP D 541 65.99 12.54 -18.31
N SER D 542 64.93 13.34 -18.45
CA SER D 542 64.19 13.92 -17.31
C SER D 542 63.26 12.89 -16.66
N LEU D 543 63.74 11.64 -16.58
CA LEU D 543 63.06 10.55 -15.86
C LEU D 543 64.14 9.76 -15.06
N ARG E 112 -35.51 1.79 37.02
CA ARG E 112 -34.96 0.45 37.26
C ARG E 112 -34.35 -0.23 36.02
N GLN E 113 -34.05 0.55 35.01
CA GLN E 113 -33.47 0.01 33.79
C GLN E 113 -32.17 0.75 33.52
N MET E 114 -32.04 1.92 34.15
CA MET E 114 -30.84 2.76 34.15
C MET E 114 -29.76 2.20 35.08
N LEU E 115 -30.20 1.65 36.22
CA LEU E 115 -29.31 0.97 37.15
C LEU E 115 -28.55 -0.07 36.40
N ASP E 116 -29.27 -0.99 35.81
CA ASP E 116 -28.67 -2.12 35.13
C ASP E 116 -27.60 -1.70 34.10
N ARG E 117 -27.84 -0.59 33.42
CA ARG E 117 -26.82 -0.07 32.54
C ARG E 117 -25.62 0.33 33.40
N LYS E 118 -25.88 1.07 34.49
CA LYS E 118 -24.78 1.51 35.34
C LYS E 118 -24.07 0.35 36.05
N LEU E 119 -24.84 -0.64 36.52
CA LEU E 119 -24.25 -1.83 37.15
C LEU E 119 -23.36 -2.55 36.16
N LEU E 120 -23.89 -2.87 34.98
CA LEU E 120 -23.10 -3.59 33.99
C LEU E 120 -21.78 -2.89 33.64
N LEU E 121 -21.85 -1.58 33.47
CA LEU E 121 -20.68 -0.85 33.02
C LEU E 121 -19.62 -0.68 34.12
N GLY E 122 -20.07 -0.75 35.37
CA GLY E 122 -19.19 -0.69 36.52
C GLY E 122 -18.73 -2.07 36.90
N ASN E 123 -18.97 -3.03 36.01
CA ASN E 123 -18.56 -4.44 36.18
C ASN E 123 -19.02 -5.08 37.46
N VAL E 124 -20.20 -4.68 37.93
CA VAL E 124 -20.88 -5.30 39.06
C VAL E 124 -21.50 -6.64 38.63
N PRO E 125 -21.27 -7.70 39.43
CA PRO E 125 -21.91 -8.97 39.10
C PRO E 125 -23.37 -9.00 39.54
N LYS E 126 -24.15 -9.91 38.99
CA LYS E 126 -25.57 -10.01 39.35
C LYS E 126 -25.72 -10.41 40.81
N GLN E 127 -26.66 -9.78 41.50
CA GLN E 127 -26.89 -10.11 42.90
C GLN E 127 -27.57 -11.45 43.07
N MET E 128 -27.28 -12.15 44.15
CA MET E 128 -27.96 -13.42 44.40
C MET E 128 -29.43 -13.15 44.70
N THR E 129 -30.29 -14.07 44.31
CA THR E 129 -31.72 -13.85 44.49
C THR E 129 -32.40 -14.95 45.29
N CYS E 130 -32.07 -16.21 45.00
CA CYS E 130 -32.77 -17.31 45.69
C CYS E 130 -32.66 -17.30 47.23
N TYR E 131 -31.72 -16.53 47.77
CA TYR E 131 -31.68 -16.25 49.20
C TYR E 131 -30.95 -14.94 49.36
N ILE E 132 -31.47 -14.09 50.22
CA ILE E 132 -30.81 -12.83 50.50
C ILE E 132 -30.58 -12.71 51.99
N ARG E 133 -29.35 -12.40 52.38
CA ARG E 133 -29.11 -12.16 53.78
C ARG E 133 -29.66 -10.77 54.11
N GLU E 134 -30.83 -10.79 54.72
CA GLU E 134 -31.57 -9.60 55.04
C GLU E 134 -30.66 -8.60 55.72
N TYR E 135 -30.36 -8.94 56.97
CA TYR E 135 -29.65 -8.09 57.92
C TYR E 135 -28.52 -7.33 57.27
N HIS E 136 -27.66 -8.08 56.60
CA HIS E 136 -26.38 -7.59 56.12
C HIS E 136 -26.47 -6.66 54.93
N VAL E 137 -27.11 -7.14 53.86
CA VAL E 137 -27.28 -6.32 52.68
C VAL E 137 -27.93 -4.99 53.06
N ASP E 138 -28.81 -5.05 54.05
CA ASP E 138 -29.47 -3.84 54.54
C ASP E 138 -28.47 -2.87 55.19
N ARG E 139 -27.66 -3.41 56.11
CA ARG E 139 -26.75 -2.61 56.93
C ARG E 139 -25.62 -2.03 56.11
N VAL E 140 -25.19 -2.80 55.10
CA VAL E 140 -24.27 -2.28 54.10
C VAL E 140 -24.81 -1.04 53.40
N ILE E 141 -26.03 -1.15 52.86
CA ILE E 141 -26.65 -0.07 52.11
C ILE E 141 -26.83 1.17 52.97
N LYS E 142 -27.25 0.93 54.20
CA LYS E 142 -27.42 1.98 55.18
C LYS E 142 -26.16 2.78 55.36
N LYS E 143 -25.09 2.09 55.75
CA LYS E 143 -23.82 2.76 56.04
C LYS E 143 -23.20 3.40 54.79
N LEU E 144 -23.68 3.01 53.61
CA LEU E 144 -23.24 3.66 52.38
C LEU E 144 -24.02 4.95 52.14
N ASP E 145 -25.32 4.90 52.41
CA ASP E 145 -26.17 6.09 52.35
C ASP E 145 -25.64 7.19 53.29
N GLU E 146 -25.17 6.80 54.47
CA GLU E 146 -24.73 7.78 55.47
C GLU E 146 -23.50 8.56 54.99
N MET E 147 -22.86 8.04 53.96
CA MET E 147 -21.55 8.54 53.59
C MET E 147 -21.47 9.19 52.22
N CYS E 148 -22.51 9.10 51.39
CA CYS E 148 -22.47 9.74 50.07
C CYS E 148 -22.13 11.22 50.21
N ASP E 149 -22.36 11.73 51.40
CA ASP E 149 -21.99 13.09 51.75
C ASP E 149 -20.47 13.25 51.80
N LEU E 150 -19.82 12.31 52.50
CA LEU E 150 -18.36 12.26 52.67
C LEU E 150 -17.55 12.39 51.37
N ASP E 151 -16.34 12.93 51.47
CA ASP E 151 -15.49 13.20 50.30
C ASP E 151 -14.65 11.99 49.85
N SER E 152 -14.35 11.11 50.82
CA SER E 152 -13.59 9.86 50.63
C SER E 152 -13.67 9.01 51.92
N PHE E 153 -13.83 7.70 51.77
CA PHE E 153 -14.09 6.85 52.94
C PHE E 153 -13.92 5.34 52.62
N PHE E 154 -13.59 4.54 53.65
CA PHE E 154 -13.48 3.08 53.48
C PHE E 154 -14.58 2.33 54.18
N LEU E 155 -15.25 1.45 53.44
CA LEU E 155 -16.18 0.55 54.07
C LEU E 155 -15.66 -0.88 53.96
N PHE E 156 -15.39 -1.52 55.11
CA PHE E 156 -14.80 -2.85 55.12
C PHE E 156 -15.80 -3.95 55.39
N LEU E 157 -16.20 -4.63 54.33
CA LEU E 157 -17.07 -5.77 54.44
C LEU E 157 -16.19 -7.00 54.59
N HIS E 158 -15.61 -7.18 55.78
CA HIS E 158 -14.69 -8.29 56.00
C HIS E 158 -15.38 -9.57 56.44
N GLY E 159 -14.67 -10.69 56.31
CA GLY E 159 -15.25 -11.97 56.69
C GLY E 159 -14.34 -13.11 56.27
N ARG E 160 -14.74 -14.34 56.57
CA ARG E 160 -13.92 -15.50 56.22
C ARG E 160 -14.00 -15.79 54.73
N ALA E 161 -13.14 -16.67 54.24
CA ALA E 161 -13.20 -17.05 52.85
C ALA E 161 -14.54 -17.68 52.54
N GLY E 162 -15.15 -17.29 51.42
CA GLY E 162 -16.44 -17.83 51.07
C GLY E 162 -17.52 -17.50 52.08
N SER E 163 -17.13 -16.86 53.18
CA SER E 163 -18.12 -16.45 54.19
C SER E 163 -19.21 -15.65 53.55
N GLY E 164 -19.04 -15.26 52.29
CA GLY E 164 -20.12 -14.61 51.54
C GLY E 164 -20.12 -13.09 51.36
N LYS E 165 -18.99 -12.44 51.66
CA LYS E 165 -18.88 -10.98 51.58
C LYS E 165 -19.16 -10.40 50.19
N SER E 166 -18.56 -10.98 49.17
CA SER E 166 -18.61 -10.42 47.82
C SER E 166 -20.04 -10.45 47.31
N VAL E 167 -20.78 -11.52 47.63
CA VAL E 167 -22.18 -11.64 47.18
C VAL E 167 -23.09 -10.52 47.71
N ILE E 168 -22.92 -10.21 49.00
CA ILE E 168 -23.60 -9.10 49.65
C ILE E 168 -23.35 -7.73 48.99
N ALA E 169 -22.17 -7.50 48.43
CA ALA E 169 -21.92 -6.22 47.80
C ALA E 169 -22.67 -6.22 46.48
N SER E 170 -22.85 -7.41 45.90
CA SER E 170 -23.57 -7.52 44.64
C SER E 170 -25.01 -7.14 44.87
N GLN E 171 -25.54 -7.53 46.03
CA GLN E 171 -26.93 -7.24 46.34
C GLN E 171 -27.12 -5.81 46.81
N ALA E 172 -26.22 -5.33 47.65
CA ALA E 172 -26.37 -3.98 48.19
C ALA E 172 -26.54 -2.97 47.07
N LEU E 173 -25.67 -3.03 46.07
CA LEU E 173 -25.74 -2.09 44.96
C LEU E 173 -27.02 -2.32 44.17
N SER E 174 -27.30 -3.57 43.83
CA SER E 174 -28.49 -3.88 43.03
C SER E 174 -29.75 -3.58 43.81
N LYS E 175 -29.78 -3.96 45.08
CA LYS E 175 -30.97 -3.75 45.90
C LYS E 175 -31.33 -2.27 46.01
N SER E 176 -30.35 -1.44 46.30
CA SER E 176 -30.62 -0.02 46.47
C SER E 176 -30.45 0.76 45.19
N ASP E 177 -31.56 1.06 44.53
CA ASP E 177 -31.48 1.87 43.33
C ASP E 177 -30.97 3.24 43.75
N GLN E 178 -31.32 3.67 44.95
CA GLN E 178 -30.83 4.95 45.45
C GLN E 178 -29.31 4.98 45.41
N LEU E 179 -28.67 3.95 45.94
CA LEU E 179 -27.21 3.92 45.96
C LEU E 179 -26.57 4.38 44.63
N ILE E 180 -27.14 3.90 43.53
CA ILE E 180 -26.70 4.32 42.21
C ILE E 180 -27.74 5.24 41.51
N GLY E 181 -27.40 6.53 41.39
CA GLY E 181 -28.29 7.52 40.80
C GLY E 181 -28.62 8.63 41.79
N ILE E 182 -29.05 8.22 42.97
CA ILE E 182 -29.45 9.11 44.06
C ILE E 182 -28.26 9.51 44.96
N ASN E 183 -27.57 8.50 45.52
CA ASN E 183 -26.44 8.71 46.45
C ASN E 183 -25.08 8.82 45.79
N TYR E 184 -24.86 7.96 44.78
CA TYR E 184 -23.63 7.98 43.98
C TYR E 184 -24.01 7.92 42.50
N ASP E 185 -23.30 8.66 41.65
CA ASP E 185 -23.61 8.77 40.22
C ASP E 185 -23.24 7.52 39.45
N SER E 186 -22.04 7.00 39.69
CA SER E 186 -21.54 5.81 38.97
C SER E 186 -20.94 4.76 39.90
N ILE E 187 -20.72 3.55 39.36
CA ILE E 187 -20.07 2.44 40.07
C ILE E 187 -18.85 1.87 39.33
N VAL E 188 -17.77 1.63 40.08
CA VAL E 188 -16.59 0.90 39.58
C VAL E 188 -16.24 -0.27 40.52
N TRP E 189 -16.48 -1.49 40.06
CA TRP E 189 -16.25 -2.68 40.87
C TRP E 189 -15.16 -3.49 40.21
N LEU E 190 -14.05 -3.59 40.95
CA LEU E 190 -12.81 -4.22 40.51
C LEU E 190 -12.39 -5.27 41.51
N LYS E 191 -12.07 -6.48 41.02
CA LYS E 191 -11.54 -7.53 41.88
C LYS E 191 -10.03 -7.40 41.98
N ASP E 192 -9.52 -7.41 43.21
CA ASP E 192 -8.10 -7.22 43.48
C ASP E 192 -7.38 -8.58 43.44
N SER E 193 -7.24 -9.21 44.59
CA SER E 193 -6.59 -10.51 44.73
C SER E 193 -5.09 -10.45 44.44
N GLY E 194 -4.51 -9.26 44.64
CA GLY E 194 -3.11 -8.99 44.35
C GLY E 194 -2.15 -9.45 45.41
N THR E 195 -1.08 -10.12 44.97
CA THR E 195 -0.08 -10.72 45.85
C THR E 195 1.31 -10.20 45.52
N ALA E 196 1.60 -10.10 44.22
CA ALA E 196 2.85 -9.51 43.73
C ALA E 196 2.90 -8.05 44.16
N PRO E 197 4.08 -7.41 44.04
CA PRO E 197 4.24 -5.98 44.36
C PRO E 197 3.82 -5.07 43.18
N LYS E 198 3.78 -5.65 41.99
CA LYS E 198 3.30 -4.99 40.79
C LYS E 198 1.77 -4.98 40.76
N SER E 199 1.14 -5.77 41.63
CA SER E 199 -0.30 -5.93 41.58
C SER E 199 -1.05 -4.64 41.99
N THR E 200 -0.51 -3.93 42.98
CA THR E 200 -1.17 -2.75 43.49
C THR E 200 -1.11 -1.62 42.46
N PHE E 201 -0.22 -1.73 41.50
CA PHE E 201 -0.14 -0.76 40.43
C PHE E 201 -0.99 -1.23 39.27
N ASP E 202 -0.97 -2.52 39.01
CA ASP E 202 -1.75 -3.08 37.91
C ASP E 202 -3.24 -2.87 38.15
N LEU E 203 -3.62 -2.89 39.42
CA LEU E 203 -5.01 -2.70 39.79
C LEU E 203 -5.42 -1.37 39.27
N PHE E 204 -4.75 -0.33 39.75
CA PHE E 204 -5.12 1.04 39.35
C PHE E 204 -4.89 1.27 37.87
N THR E 205 -4.06 0.44 37.25
CA THR E 205 -3.87 0.57 35.83
C THR E 205 -5.23 0.40 35.19
N ASP E 206 -5.95 -0.62 35.64
CA ASP E 206 -7.30 -0.86 35.12
C ASP E 206 -8.20 0.29 35.54
N ILE E 207 -8.04 0.76 36.77
CA ILE E 207 -8.88 1.84 37.26
C ILE E 207 -8.78 3.02 36.32
N LEU E 208 -7.55 3.36 35.92
CA LEU E 208 -7.37 4.44 34.97
C LEU E 208 -8.10 4.11 33.70
N LEU E 209 -7.99 2.87 33.25
CA LEU E 209 -8.67 2.45 32.03
C LEU E 209 -10.17 2.60 32.22
N MET E 210 -10.66 2.26 33.41
CA MET E 210 -12.08 2.38 33.68
C MET E 210 -12.52 3.83 33.47
N LEU E 211 -11.67 4.75 33.91
CA LEU E 211 -11.98 6.16 33.75
C LEU E 211 -12.10 6.52 32.29
N LYS E 212 -11.24 5.92 31.46
CA LYS E 212 -11.26 6.23 30.03
C LYS E 212 -12.65 5.98 29.46
N SER E 213 -13.11 6.90 28.62
CA SER E 213 -14.42 6.75 28.00
C SER E 213 -14.41 5.61 27.00
N GLU E 214 -15.54 5.38 26.34
CA GLU E 214 -15.60 4.31 25.35
C GLU E 214 -14.72 4.71 24.17
N ASP E 215 -14.76 5.99 23.85
CA ASP E 215 -13.79 6.58 22.95
C ASP E 215 -12.45 6.57 23.65
N ASP E 216 -11.37 6.43 22.87
CA ASP E 216 -10.03 6.39 23.42
C ASP E 216 -9.86 5.25 24.41
N LEU E 217 -10.30 4.07 24.00
CA LEU E 217 -9.81 2.81 24.51
C LEU E 217 -8.93 2.29 23.38
N LEU E 218 -9.19 2.83 22.18
CA LEU E 218 -8.35 2.62 21.02
C LEU E 218 -6.99 3.27 21.23
N ASN E 219 -7.03 4.54 21.64
CA ASN E 219 -5.81 5.29 21.94
C ASN E 219 -5.07 4.83 23.20
N PHE E 220 -5.69 3.95 23.99
CA PHE E 220 -5.03 3.41 25.18
C PHE E 220 -3.59 3.21 24.77
N PRO E 221 -2.67 3.93 25.46
CA PRO E 221 -1.21 3.79 25.25
C PRO E 221 -0.54 2.59 25.96
N SER E 222 0.76 2.45 25.73
CA SER E 222 1.53 1.50 26.48
C SER E 222 1.66 2.05 27.89
N VAL E 223 0.51 2.33 28.52
CA VAL E 223 0.49 2.86 29.88
C VAL E 223 1.12 1.83 30.79
N GLU E 224 1.15 0.59 30.31
CA GLU E 224 1.87 -0.48 30.95
C GLU E 224 3.25 -0.01 31.46
N HIS E 225 3.89 0.92 30.75
CA HIS E 225 5.17 1.48 31.21
C HIS E 225 5.12 2.97 31.48
N VAL E 226 4.95 3.34 32.75
CA VAL E 226 4.80 4.72 33.20
C VAL E 226 4.76 4.71 34.71
N THR E 227 5.41 5.68 35.35
CA THR E 227 5.60 5.64 36.82
C THR E 227 4.33 5.59 37.62
N SER E 228 4.47 5.26 38.91
CA SER E 228 3.33 5.25 39.82
C SER E 228 2.78 6.65 40.08
N VAL E 229 3.67 7.63 40.18
CA VAL E 229 3.27 9.03 40.40
C VAL E 229 2.38 9.55 39.26
N VAL E 230 2.57 8.97 38.08
CA VAL E 230 1.86 9.38 36.87
C VAL E 230 0.54 8.66 36.67
N LEU E 231 0.49 7.34 36.82
CA LEU E 231 -0.78 6.63 36.80
C LEU E 231 -1.72 7.26 37.84
N LYS E 232 -1.15 7.60 39.00
CA LYS E 232 -1.91 8.23 40.07
C LYS E 232 -2.41 9.63 39.67
N ARG E 233 -1.52 10.43 39.11
CA ARG E 233 -1.92 11.74 38.64
C ARG E 233 -2.92 11.55 37.53
N MET E 234 -2.58 10.70 36.56
CA MET E 234 -3.47 10.47 35.43
C MET E 234 -4.85 10.05 35.90
N ILE E 235 -4.92 9.13 36.85
CA ILE E 235 -6.20 8.69 37.35
C ILE E 235 -6.94 9.86 37.98
N CYS E 236 -6.26 10.62 38.82
CA CYS E 236 -6.88 11.77 39.45
C CYS E 236 -7.30 12.76 38.37
N ASN E 237 -6.49 12.87 37.32
CA ASN E 237 -6.82 13.77 36.23
C ASN E 237 -8.15 13.39 35.62
N ALA E 238 -8.37 12.09 35.41
CA ALA E 238 -9.64 11.64 34.86
C ALA E 238 -10.66 11.49 35.97
N LEU E 239 -10.20 11.41 37.21
CA LEU E 239 -11.10 11.27 38.35
C LEU E 239 -11.96 12.51 38.47
N ILE E 240 -11.45 13.64 38.01
CA ILE E 240 -12.22 14.87 38.05
C ILE E 240 -13.51 14.68 37.25
N ASP E 241 -13.50 13.72 36.35
CA ASP E 241 -14.70 13.43 35.57
C ASP E 241 -15.44 12.26 36.20
N ARG E 242 -15.27 12.08 37.51
CA ARG E 242 -15.90 10.95 38.18
C ARG E 242 -16.62 11.37 39.46
N PRO E 243 -17.76 12.07 39.32
CA PRO E 243 -18.52 12.50 40.49
C PRO E 243 -19.24 11.34 41.15
N ASN E 244 -19.15 11.24 42.48
CA ASN E 244 -19.82 10.16 43.20
C ASN E 244 -19.57 8.83 42.54
N THR E 245 -18.33 8.59 42.13
CA THR E 245 -17.99 7.31 41.51
C THR E 245 -17.58 6.33 42.59
N LEU E 246 -18.52 5.49 43.02
CA LEU E 246 -18.23 4.54 44.08
C LEU E 246 -17.26 3.47 43.60
N PHE E 247 -16.45 2.94 44.51
CA PHE E 247 -15.48 1.93 44.16
C PHE E 247 -15.65 0.71 45.00
N VAL E 248 -16.02 -0.41 44.37
CA VAL E 248 -15.96 -1.69 45.04
C VAL E 248 -14.65 -2.35 44.68
N PHE E 249 -13.89 -2.72 45.70
CA PHE E 249 -12.62 -3.41 45.54
C PHE E 249 -12.76 -4.82 46.07
N ASP E 250 -13.34 -5.67 45.25
CA ASP E 250 -13.67 -6.99 45.69
C ASP E 250 -12.35 -7.72 45.87
N ASP E 251 -12.12 -8.20 47.10
CA ASP E 251 -11.00 -9.06 47.50
C ASP E 251 -9.62 -8.40 47.62
N VAL E 252 -9.46 -7.49 48.56
CA VAL E 252 -8.16 -6.92 48.80
C VAL E 252 -7.42 -7.82 49.76
N VAL E 253 -6.15 -8.04 49.48
CA VAL E 253 -5.32 -8.82 50.39
C VAL E 253 -4.02 -8.05 50.60
N GLN E 254 -3.99 -6.80 50.14
CA GLN E 254 -2.81 -5.97 50.30
C GLN E 254 -3.15 -4.59 50.87
N GLU E 255 -2.42 -4.17 51.89
CA GLU E 255 -2.67 -2.85 52.48
C GLU E 255 -2.30 -1.72 51.54
N GLU E 256 -1.41 -1.99 50.60
CA GLU E 256 -1.00 -0.96 49.66
C GLU E 256 -2.19 -0.45 48.85
N THR E 257 -3.12 -1.34 48.55
CA THR E 257 -4.31 -0.92 47.83
C THR E 257 -5.00 0.17 48.62
N ILE E 258 -5.15 -0.04 49.92
CA ILE E 258 -5.78 0.96 50.78
C ILE E 258 -5.00 2.26 50.74
N ARG E 259 -3.68 2.16 50.84
CA ARG E 259 -2.85 3.35 50.82
C ARG E 259 -3.08 4.09 49.52
N TRP E 260 -3.03 3.38 48.41
CA TRP E 260 -3.31 4.00 47.12
C TRP E 260 -4.70 4.60 47.19
N ALA E 261 -5.69 3.77 47.51
CA ALA E 261 -7.04 4.29 47.65
C ALA E 261 -7.12 5.59 48.46
N GLN E 262 -6.22 5.78 49.43
CA GLN E 262 -6.25 6.96 50.30
C GLN E 262 -5.37 8.13 49.77
N GLU E 263 -4.47 7.81 48.85
CA GLU E 263 -3.70 8.87 48.21
C GLU E 263 -4.58 9.44 47.11
N LEU E 264 -5.46 8.59 46.59
CA LEU E 264 -6.36 8.94 45.48
C LEU E 264 -7.70 9.46 45.99
N ARG E 265 -7.78 9.71 47.29
CA ARG E 265 -8.98 10.25 47.88
C ARG E 265 -10.26 9.59 47.35
N LEU E 266 -10.28 8.27 47.30
CA LEU E 266 -11.40 7.52 46.75
C LEU E 266 -12.49 7.16 47.76
N ARG E 267 -13.66 6.87 47.22
CA ARG E 267 -14.79 6.38 47.99
C ARG E 267 -14.85 4.88 47.73
N CYS E 268 -14.57 4.06 48.77
CA CYS E 268 -14.39 2.60 48.60
C CYS E 268 -15.27 1.68 49.44
N LEU E 269 -15.95 0.76 48.77
CA LEU E 269 -16.44 -0.43 49.42
C LEU E 269 -15.29 -1.41 49.29
N VAL E 270 -15.07 -2.24 50.32
CA VAL E 270 -13.95 -3.17 50.32
C VAL E 270 -14.34 -4.55 50.90
N THR E 271 -14.33 -5.58 50.06
CA THR E 271 -14.42 -6.93 50.60
C THR E 271 -13.00 -7.47 50.78
N THR E 272 -12.76 -8.08 51.94
CA THR E 272 -11.46 -8.64 52.31
C THR E 272 -11.63 -9.71 53.38
N ARG E 273 -10.59 -10.50 53.61
CA ARG E 273 -10.64 -11.50 54.68
C ARG E 273 -9.80 -11.03 55.87
N ASP E 274 -8.66 -10.44 55.56
CA ASP E 274 -7.78 -9.86 56.58
C ASP E 274 -8.20 -8.44 56.90
N VAL E 275 -8.60 -8.21 58.16
CA VAL E 275 -9.19 -6.93 58.52
C VAL E 275 -8.17 -5.84 58.78
N GLU E 276 -6.96 -6.24 59.14
CA GLU E 276 -5.95 -5.29 59.58
C GLU E 276 -5.42 -4.39 58.46
N ILE E 277 -5.75 -4.71 57.20
CA ILE E 277 -5.29 -3.87 56.10
C ILE E 277 -5.79 -2.43 56.25
N SER E 278 -6.72 -2.25 57.18
CA SER E 278 -7.34 -0.97 57.43
C SER E 278 -6.46 -0.06 58.27
N ASN E 279 -5.49 -0.66 58.96
CA ASN E 279 -4.52 0.14 59.70
C ASN E 279 -3.67 1.00 58.74
N ALA E 280 -3.63 0.63 57.47
CA ALA E 280 -2.96 1.44 56.45
C ALA E 280 -3.61 2.83 56.28
N ALA E 281 -4.93 2.91 56.50
CA ALA E 281 -5.68 4.16 56.35
C ALA E 281 -5.83 4.92 57.66
N SER E 282 -5.38 6.17 57.67
CA SER E 282 -5.64 7.08 58.80
C SER E 282 -6.89 7.89 58.47
N GLN E 283 -8.06 7.31 58.68
CA GLN E 283 -9.29 8.03 58.28
C GLN E 283 -10.57 7.30 58.66
N THR E 284 -11.48 7.18 57.72
CA THR E 284 -12.77 6.54 57.99
C THR E 284 -12.79 5.14 57.42
N CYS E 285 -12.83 4.14 58.29
CA CYS E 285 -12.84 2.75 57.85
C CYS E 285 -13.87 1.94 58.61
N GLU E 286 -15.14 2.07 58.24
CA GLU E 286 -16.19 1.30 58.90
C GLU E 286 -15.94 -0.18 58.70
N PHE E 287 -16.38 -0.99 59.66
CA PHE E 287 -16.12 -2.42 59.57
C PHE E 287 -17.39 -3.26 59.63
N ILE E 288 -17.56 -4.12 58.63
CA ILE E 288 -18.71 -5.01 58.62
C ILE E 288 -18.24 -6.44 58.64
N GLU E 289 -18.62 -7.19 59.66
CA GLU E 289 -18.14 -8.57 59.79
C GLU E 289 -19.17 -9.59 59.32
N VAL E 290 -18.92 -10.20 58.17
CA VAL E 290 -19.81 -11.24 57.69
C VAL E 290 -19.58 -12.48 58.55
N THR E 291 -20.43 -12.65 59.55
CA THR E 291 -20.34 -13.75 60.50
C THR E 291 -20.72 -15.11 59.90
N SER E 292 -20.48 -16.17 60.65
CA SER E 292 -20.94 -17.49 60.23
C SER E 292 -22.47 -17.46 60.25
N LEU E 293 -23.10 -18.08 59.26
CA LEU E 293 -24.56 -18.16 59.20
C LEU E 293 -25.22 -18.72 60.49
N GLU E 294 -25.98 -17.89 61.21
CA GLU E 294 -26.72 -18.32 62.41
C GLU E 294 -27.56 -19.57 62.13
N ILE E 295 -27.91 -20.30 63.19
CA ILE E 295 -28.56 -21.60 63.04
C ILE E 295 -29.89 -21.52 62.29
N ASP E 296 -30.60 -20.42 62.52
CA ASP E 296 -31.90 -20.21 61.89
C ASP E 296 -31.77 -19.82 60.43
N GLU E 297 -30.77 -19.00 60.13
CA GLU E 297 -30.47 -18.56 58.76
C GLU E 297 -30.06 -19.73 57.89
N CYS E 298 -29.48 -20.74 58.52
CA CYS E 298 -29.05 -21.89 57.78
C CYS E 298 -30.27 -22.63 57.25
N TYR E 299 -31.28 -22.74 58.08
CA TYR E 299 -32.52 -23.38 57.67
C TYR E 299 -33.07 -22.68 56.44
N ASP E 300 -33.23 -21.36 56.55
CA ASP E 300 -33.80 -20.50 55.50
C ASP E 300 -33.08 -20.73 54.17
N PHE E 301 -31.75 -20.74 54.26
CA PHE E 301 -30.85 -20.94 53.13
C PHE E 301 -31.06 -22.32 52.46
N LEU E 302 -31.38 -23.31 53.28
CA LEU E 302 -31.57 -24.66 52.79
C LEU E 302 -32.88 -24.81 52.05
N GLU E 303 -33.96 -24.43 52.73
CA GLU E 303 -35.27 -24.37 52.12
C GLU E 303 -35.25 -23.59 50.81
N ALA E 304 -34.61 -22.42 50.81
CA ALA E 304 -34.53 -21.58 49.63
C ALA E 304 -34.03 -22.36 48.41
N TYR E 305 -33.06 -23.24 48.63
CA TYR E 305 -32.55 -24.08 47.56
C TYR E 305 -33.05 -25.50 47.75
N GLY E 306 -34.37 -25.65 47.66
CA GLY E 306 -35.03 -26.96 47.66
C GLY E 306 -34.56 -28.01 48.65
N MET E 307 -34.00 -27.60 49.77
CA MET E 307 -33.48 -28.59 50.72
C MET E 307 -34.53 -28.95 51.76
N PRO E 308 -34.81 -30.26 51.91
CA PRO E 308 -35.86 -30.81 52.78
C PRO E 308 -35.66 -30.51 54.26
N MET E 309 -36.67 -29.95 54.91
CA MET E 309 -36.57 -29.62 56.32
C MET E 309 -36.74 -30.85 57.19
N PRO E 310 -36.19 -30.82 58.41
CA PRO E 310 -36.30 -31.96 59.32
C PRO E 310 -37.73 -32.35 59.63
N VAL E 311 -38.04 -33.64 59.58
CA VAL E 311 -39.37 -34.09 59.94
C VAL E 311 -39.27 -34.94 61.20
N GLY E 312 -38.04 -35.13 61.67
CA GLY E 312 -37.82 -35.92 62.87
C GLY E 312 -36.59 -35.45 63.62
N GLU E 313 -36.48 -35.83 64.89
CA GLU E 313 -35.34 -35.40 65.70
C GLU E 313 -34.04 -35.82 65.05
N LYS E 314 -33.98 -37.07 64.61
CA LYS E 314 -32.79 -37.52 63.92
C LYS E 314 -32.60 -36.68 62.68
N GLU E 315 -33.68 -36.46 61.94
CA GLU E 315 -33.60 -35.70 60.70
C GLU E 315 -33.03 -34.31 60.94
N GLU E 316 -33.54 -33.61 61.95
CA GLU E 316 -33.00 -32.30 62.27
C GLU E 316 -31.56 -32.46 62.73
N ASP E 317 -31.31 -33.51 63.50
CA ASP E 317 -29.93 -33.78 63.90
C ASP E 317 -28.99 -34.05 62.71
N VAL E 318 -29.50 -34.77 61.70
CA VAL E 318 -28.72 -35.02 60.47
C VAL E 318 -28.35 -33.68 59.89
N LEU E 319 -29.28 -32.74 60.01
CA LEU E 319 -29.12 -31.40 59.46
C LEU E 319 -28.31 -30.48 60.38
N ASN E 320 -28.40 -30.69 61.70
CA ASN E 320 -27.50 -30.00 62.63
C ASN E 320 -26.05 -30.47 62.50
N LYS E 321 -25.89 -31.70 62.04
CA LYS E 321 -24.56 -32.17 61.66
C LYS E 321 -23.97 -31.38 60.48
N THR E 322 -24.74 -31.19 59.42
CA THR E 322 -24.24 -30.38 58.30
C THR E 322 -23.94 -28.96 58.75
N ILE E 323 -24.88 -28.37 59.49
CA ILE E 323 -24.67 -27.03 59.99
C ILE E 323 -23.41 -27.03 60.84
N GLU E 324 -23.20 -28.09 61.60
CA GLU E 324 -22.01 -28.18 62.43
C GLU E 324 -20.75 -28.22 61.59
N LEU E 325 -20.71 -29.13 60.63
CA LEU E 325 -19.52 -29.28 59.80
C LEU E 325 -19.29 -28.01 59.00
N SER E 326 -20.34 -27.53 58.34
CA SER E 326 -20.23 -26.31 57.55
C SER E 326 -20.08 -25.10 58.45
N SER E 327 -20.51 -25.22 59.69
CA SER E 327 -20.46 -24.09 60.61
C SER E 327 -21.03 -22.87 59.90
N GLY E 328 -22.17 -23.06 59.24
CA GLY E 328 -22.79 -21.96 58.53
C GLY E 328 -21.85 -21.31 57.52
N ASN E 329 -21.27 -22.12 56.64
CA ASN E 329 -20.36 -21.58 55.64
C ASN E 329 -21.00 -21.49 54.27
N PRO E 330 -21.48 -20.31 53.89
CA PRO E 330 -22.13 -20.08 52.60
C PRO E 330 -21.54 -20.96 51.50
N ALA E 331 -20.27 -20.72 51.22
CA ALA E 331 -19.55 -21.37 50.13
C ALA E 331 -19.51 -22.90 50.19
N THR E 332 -19.10 -23.48 51.33
CA THR E 332 -19.06 -24.96 51.50
C THR E 332 -20.44 -25.56 51.65
N LEU E 333 -21.39 -24.75 52.13
CA LEU E 333 -22.79 -25.14 52.22
C LEU E 333 -23.31 -25.30 50.81
N MET E 334 -22.98 -24.35 49.96
CA MET E 334 -23.42 -24.42 48.57
C MET E 334 -22.87 -25.63 47.87
N MET E 335 -21.58 -25.89 48.10
CA MET E 335 -20.92 -27.05 47.50
C MET E 335 -21.64 -28.32 47.93
N PHE E 336 -22.17 -28.29 49.16
CA PHE E 336 -22.92 -29.40 49.74
C PHE E 336 -24.18 -29.69 48.92
N PHE E 337 -24.99 -28.67 48.73
CA PHE E 337 -26.23 -28.81 47.97
C PHE E 337 -25.94 -29.38 46.58
N LYS E 338 -25.08 -28.70 45.81
CA LYS E 338 -24.75 -29.12 44.45
C LYS E 338 -24.37 -30.59 44.43
N SER E 339 -23.98 -31.11 45.59
CA SER E 339 -23.55 -32.51 45.67
C SER E 339 -24.69 -33.41 46.09
N CYS E 340 -25.71 -32.83 46.71
CA CYS E 340 -26.87 -33.62 47.14
C CYS E 340 -27.88 -33.73 46.02
N GLU E 341 -27.51 -34.42 44.94
CA GLU E 341 -28.44 -34.59 43.82
C GLU E 341 -29.69 -35.30 44.31
N PRO E 342 -29.55 -36.43 45.02
CA PRO E 342 -30.74 -37.04 45.58
C PRO E 342 -31.35 -36.13 46.63
N LYS E 343 -30.51 -35.43 47.38
CA LYS E 343 -31.00 -34.46 48.37
C LYS E 343 -31.66 -35.16 49.56
N THR E 344 -31.75 -36.49 49.49
CA THR E 344 -32.35 -37.25 50.57
C THR E 344 -31.59 -37.07 51.87
N PHE E 345 -32.30 -37.01 53.00
CA PHE E 345 -31.64 -36.88 54.29
C PHE E 345 -30.58 -37.95 54.46
N GLU E 346 -30.89 -39.16 54.02
CA GLU E 346 -29.94 -40.26 54.13
C GLU E 346 -28.66 -39.92 53.40
N LYS E 347 -28.78 -39.52 52.15
CA LYS E 347 -27.60 -39.13 51.38
C LYS E 347 -27.02 -37.91 52.05
N MET E 348 -27.88 -36.98 52.45
CA MET E 348 -27.41 -35.79 53.15
C MET E 348 -26.54 -36.22 54.32
N ALA E 349 -26.92 -37.32 54.97
CA ALA E 349 -26.12 -37.89 56.04
C ALA E 349 -24.88 -38.68 55.55
N GLN E 350 -24.99 -39.28 54.36
CA GLN E 350 -23.83 -39.93 53.73
C GLN E 350 -22.69 -38.95 53.68
N LEU E 351 -23.00 -37.75 53.21
CA LEU E 351 -22.03 -36.69 53.04
C LEU E 351 -21.48 -36.23 54.39
N ASN E 352 -22.37 -36.15 55.39
CA ASN E 352 -21.94 -35.75 56.72
C ASN E 352 -20.78 -36.61 57.20
N ASN E 353 -20.74 -37.85 56.71
CA ASN E 353 -19.64 -38.76 56.97
C ASN E 353 -18.40 -38.40 56.15
N LYS E 354 -18.58 -38.43 54.82
CA LYS E 354 -17.55 -38.08 53.85
C LYS E 354 -16.75 -36.86 54.31
N LEU E 355 -17.40 -36.00 55.09
CA LEU E 355 -16.78 -34.77 55.57
C LEU E 355 -15.79 -35.01 56.70
N GLU E 356 -16.05 -36.02 57.52
CA GLU E 356 -15.16 -36.37 58.63
C GLU E 356 -13.96 -37.22 58.17
N SER E 357 -14.20 -38.03 57.16
CA SER E 357 -13.16 -38.92 56.62
C SER E 357 -12.56 -38.47 55.27
N ARG E 358 -12.68 -37.20 54.93
CA ARG E 358 -12.08 -36.68 53.70
C ARG E 358 -11.95 -35.16 53.71
N GLY E 359 -12.32 -34.54 54.84
CA GLY E 359 -12.27 -33.10 54.97
C GLY E 359 -13.14 -32.44 53.91
N LEU E 360 -12.85 -31.18 53.60
CA LEU E 360 -13.67 -30.44 52.66
C LEU E 360 -13.67 -31.07 51.27
N VAL E 361 -12.74 -31.99 51.01
CA VAL E 361 -12.55 -32.56 49.67
C VAL E 361 -13.62 -33.59 49.35
N GLY E 362 -14.49 -33.83 50.33
CA GLY E 362 -15.51 -34.84 50.18
C GLY E 362 -16.73 -34.27 49.49
N VAL E 363 -16.78 -32.94 49.47
CA VAL E 363 -17.93 -32.21 48.95
C VAL E 363 -17.50 -31.12 47.94
N GLU E 364 -16.21 -31.07 47.62
CA GLU E 364 -15.72 -30.18 46.58
C GLU E 364 -16.47 -30.45 45.29
N CYS E 365 -16.97 -29.36 44.70
CA CYS E 365 -17.87 -29.38 43.56
C CYS E 365 -17.73 -28.12 42.69
N ILE E 366 -18.26 -28.17 41.47
CA ILE E 366 -18.41 -26.97 40.61
C ILE E 366 -19.46 -26.04 41.20
N THR E 367 -19.04 -24.84 41.57
CA THR E 367 -19.94 -23.91 42.25
C THR E 367 -19.72 -22.48 41.72
N PRO E 368 -20.74 -21.62 41.82
CA PRO E 368 -20.55 -20.19 41.56
C PRO E 368 -19.26 -19.59 42.20
N TYR E 369 -18.71 -20.26 43.22
CA TYR E 369 -17.40 -19.91 43.76
C TYR E 369 -16.26 -20.18 42.74
N SER E 370 -15.28 -19.29 42.67
CA SER E 370 -14.16 -19.50 41.74
C SER E 370 -13.43 -20.76 42.12
N TYR E 371 -13.77 -21.29 43.30
CA TYR E 371 -13.05 -22.38 43.94
C TYR E 371 -13.81 -23.71 44.04
N LYS E 372 -13.14 -24.80 43.68
CA LYS E 372 -13.70 -26.14 43.82
C LYS E 372 -14.04 -26.48 45.27
N SER E 373 -13.19 -26.06 46.21
CA SER E 373 -13.45 -26.30 47.64
C SER E 373 -12.83 -25.21 48.50
N LEU E 374 -13.37 -25.03 49.70
CA LEU E 374 -12.95 -23.92 50.57
C LEU E 374 -11.44 -24.00 50.90
N ALA E 375 -10.85 -25.16 50.63
CA ALA E 375 -9.45 -25.36 50.92
C ALA E 375 -8.57 -24.60 49.93
N MET E 376 -9.07 -24.41 48.71
CA MET E 376 -8.32 -23.70 47.67
C MET E 376 -8.24 -22.24 48.04
N ALA E 377 -9.22 -21.78 48.81
CA ALA E 377 -9.30 -20.38 49.18
C ALA E 377 -8.37 -20.11 50.33
N LEU E 378 -8.57 -20.92 51.37
CA LEU E 378 -7.86 -20.79 52.62
C LEU E 378 -6.35 -20.97 52.43
N GLN E 379 -5.98 -21.75 51.43
CA GLN E 379 -4.60 -21.87 51.04
C GLN E 379 -3.95 -20.50 51.22
N ARG E 380 -4.46 -19.52 50.49
CA ARG E 380 -3.87 -18.18 50.48
C ARG E 380 -3.86 -17.53 51.88
N CYS E 381 -4.99 -17.62 52.57
CA CYS E 381 -5.13 -16.98 53.88
C CYS E 381 -4.01 -17.42 54.81
N VAL E 382 -3.42 -18.56 54.49
CA VAL E 382 -2.43 -19.22 55.34
C VAL E 382 -0.99 -18.93 54.91
N GLU E 383 -0.82 -18.65 53.62
CA GLU E 383 0.47 -18.31 53.03
C GLU E 383 0.88 -16.92 53.50
N VAL E 384 -0.08 -16.03 53.50
CA VAL E 384 0.13 -14.64 53.88
C VAL E 384 0.57 -14.50 55.34
N LEU E 385 0.30 -15.53 56.13
CA LEU E 385 0.45 -15.47 57.57
C LEU E 385 1.90 -15.25 57.97
N SER E 386 2.12 -14.38 58.94
CA SER E 386 3.44 -14.24 59.54
C SER E 386 4.07 -15.63 59.71
N ASP E 387 5.34 -15.80 59.33
CA ASP E 387 6.03 -17.11 59.42
C ASP E 387 5.82 -17.81 60.80
N GLU E 388 5.82 -17.01 61.86
CA GLU E 388 5.62 -17.46 63.23
C GLU E 388 4.18 -17.85 63.52
N ASP E 389 3.25 -17.09 62.93
CA ASP E 389 1.80 -17.29 63.02
C ASP E 389 1.33 -18.52 62.23
N ARG E 390 2.04 -18.81 61.14
CA ARG E 390 1.78 -19.97 60.29
C ARG E 390 1.93 -21.25 61.12
N SER E 391 2.80 -21.19 62.13
CA SER E 391 3.03 -22.35 62.97
C SER E 391 2.00 -22.46 64.08
N ALA E 392 1.59 -21.33 64.62
CA ALA E 392 0.60 -21.33 65.69
C ALA E 392 -0.65 -22.04 65.21
N LEU E 393 -1.10 -21.70 64.02
CA LEU E 393 -2.27 -22.37 63.45
C LEU E 393 -1.99 -23.84 63.24
N ALA E 394 -0.79 -24.16 62.79
CA ALA E 394 -0.43 -25.55 62.56
C ALA E 394 -0.54 -26.37 63.84
N PHE E 395 -0.24 -25.75 64.97
CA PHE E 395 -0.32 -26.45 66.25
C PHE E 395 -1.71 -26.34 66.88
N ALA E 396 -2.55 -25.50 66.29
CA ALA E 396 -3.92 -25.35 66.80
C ALA E 396 -4.80 -26.51 66.35
N VAL E 397 -4.31 -27.29 65.39
CA VAL E 397 -5.10 -28.40 64.86
C VAL E 397 -5.48 -29.39 65.94
N VAL E 398 -4.54 -29.72 66.81
CA VAL E 398 -4.81 -30.71 67.85
C VAL E 398 -5.74 -30.21 68.95
N MET E 399 -6.73 -29.41 68.59
CA MET E 399 -7.68 -28.95 69.57
C MET E 399 -9.04 -29.66 69.50
N PRO E 400 -9.98 -29.22 70.32
CA PRO E 400 -11.37 -29.59 70.14
C PRO E 400 -12.08 -28.47 69.40
N PRO E 401 -12.78 -28.80 68.32
CA PRO E 401 -13.42 -27.72 67.58
C PRO E 401 -14.75 -27.42 68.23
N GLY E 402 -15.22 -26.18 68.14
CA GLY E 402 -16.52 -25.83 68.70
C GLY E 402 -16.51 -26.08 70.20
N VAL E 403 -15.44 -25.66 70.84
CA VAL E 403 -15.30 -25.75 72.28
C VAL E 403 -14.57 -24.52 72.75
N ASP E 404 -15.10 -23.86 73.77
CA ASP E 404 -14.47 -22.68 74.32
C ASP E 404 -13.39 -23.11 75.32
N ILE E 405 -12.14 -22.76 75.04
CA ILE E 405 -11.02 -23.32 75.80
C ILE E 405 -9.98 -22.28 76.18
N PRO E 406 -9.42 -22.37 77.40
CA PRO E 406 -8.49 -21.39 78.00
C PRO E 406 -7.19 -21.17 77.25
N VAL E 407 -6.53 -20.06 77.57
CA VAL E 407 -5.28 -19.68 76.91
C VAL E 407 -4.17 -20.62 77.31
N LYS E 408 -4.10 -20.93 78.60
CA LYS E 408 -3.05 -21.81 79.09
C LYS E 408 -3.18 -23.21 78.44
N LEU E 409 -4.38 -23.75 78.40
CA LEU E 409 -4.66 -25.01 77.69
C LEU E 409 -4.19 -24.96 76.23
N TRP E 410 -3.91 -23.77 75.74
CA TRP E 410 -3.41 -23.62 74.38
C TRP E 410 -1.89 -23.49 74.42
N SER E 411 -1.41 -22.81 75.46
CA SER E 411 0.03 -22.58 75.66
C SER E 411 0.82 -23.89 75.57
N CYS E 412 0.08 -24.99 75.67
CA CYS E 412 0.65 -26.34 75.70
C CYS E 412 1.11 -26.83 74.33
N VAL E 413 0.33 -26.59 73.27
CA VAL E 413 0.72 -27.04 71.94
C VAL E 413 1.48 -25.99 71.12
N ILE E 414 1.24 -24.72 71.40
CA ILE E 414 1.80 -23.64 70.61
C ILE E 414 3.29 -23.36 70.94
N PRO E 415 4.16 -23.27 69.90
CA PRO E 415 5.58 -22.90 69.98
C PRO E 415 5.91 -21.51 70.57
N VAL E 416 7.20 -21.27 70.84
CA VAL E 416 7.74 -19.94 71.24
C VAL E 416 9.27 -19.98 71.43
N GLU E 424 10.99 -16.80 79.80
CA GLU E 424 10.34 -16.35 81.04
C GLU E 424 9.09 -17.17 81.38
N GLN E 425 8.16 -16.57 82.10
CA GLN E 425 7.03 -17.32 82.66
C GLN E 425 5.63 -16.87 82.23
N LEU E 426 5.49 -15.67 81.65
CA LEU E 426 4.18 -15.29 81.13
C LEU E 426 3.99 -15.49 79.63
N ASP E 427 3.18 -16.50 79.30
CA ASP E 427 2.82 -16.80 77.92
C ASP E 427 1.50 -16.12 77.56
N ASP E 428 1.62 -14.81 77.33
CA ASP E 428 0.54 -14.02 76.76
C ASP E 428 0.81 -13.98 75.28
N GLU E 429 2.08 -14.13 74.91
CA GLU E 429 2.47 -14.19 73.52
C GLU E 429 1.58 -15.15 72.75
N VAL E 430 1.11 -16.21 73.40
CA VAL E 430 0.17 -17.12 72.75
C VAL E 430 -1.10 -16.37 72.36
N ALA E 431 -1.65 -15.61 73.30
CA ALA E 431 -2.85 -14.82 73.01
C ALA E 431 -2.66 -13.82 71.87
N ASP E 432 -1.49 -13.18 71.80
CA ASP E 432 -1.23 -12.19 70.75
C ASP E 432 -1.27 -12.80 69.38
N ARG E 433 -0.76 -14.02 69.27
CA ARG E 433 -0.77 -14.74 68.02
C ARG E 433 -2.20 -15.13 67.67
N LEU E 434 -2.94 -15.62 68.66
CA LEU E 434 -4.32 -16.04 68.44
C LEU E 434 -5.29 -14.90 68.07
N LYS E 435 -5.00 -13.68 68.50
CA LYS E 435 -5.74 -12.54 68.01
C LYS E 435 -5.42 -12.26 66.54
N ARG E 436 -4.15 -12.02 66.22
CA ARG E 436 -3.72 -11.89 64.81
C ARG E 436 -4.41 -12.97 63.96
N LEU E 437 -4.60 -14.14 64.56
CA LEU E 437 -5.16 -15.32 63.90
C LEU E 437 -6.65 -15.23 63.60
N SER E 438 -7.42 -14.63 64.51
CA SER E 438 -8.81 -14.33 64.20
C SER E 438 -8.95 -13.06 63.33
N LYS E 439 -8.18 -12.02 63.61
CA LYS E 439 -8.15 -10.85 62.72
C LYS E 439 -7.83 -11.14 61.23
N ARG E 440 -7.11 -12.22 60.95
CA ARG E 440 -6.53 -12.38 59.61
C ARG E 440 -7.04 -13.56 58.81
N GLY E 441 -8.35 -13.63 58.64
CA GLY E 441 -8.94 -14.68 57.84
C GLY E 441 -9.98 -15.28 58.72
N ALA E 442 -10.03 -14.75 59.94
CA ALA E 442 -11.00 -15.19 60.93
C ALA E 442 -10.89 -16.69 61.03
N LEU E 443 -9.71 -17.15 61.45
CA LEU E 443 -9.49 -18.59 61.55
C LEU E 443 -9.65 -19.04 62.98
N LEU E 444 -9.99 -18.12 63.87
CA LEU E 444 -10.12 -18.46 65.28
C LEU E 444 -11.24 -17.67 65.94
N SER E 445 -11.72 -18.15 67.09
CA SER E 445 -12.76 -17.42 67.81
C SER E 445 -12.15 -16.64 68.96
N GLY E 446 -12.63 -15.42 69.16
CA GLY E 446 -12.09 -14.59 70.25
C GLY E 446 -13.13 -14.26 71.29
N LYS E 447 -12.80 -14.49 72.56
CA LYS E 447 -13.74 -14.20 73.64
C LYS E 447 -13.02 -13.62 74.84
N ARG E 448 -13.45 -12.45 75.29
CA ARG E 448 -12.74 -11.79 76.42
C ARG E 448 -13.02 -12.34 77.82
N MET E 449 -14.26 -12.20 78.29
CA MET E 449 -14.68 -12.81 79.56
C MET E 449 -15.71 -13.91 79.29
N PRO E 450 -15.99 -14.78 80.28
CA PRO E 450 -15.55 -14.77 81.68
C PRO E 450 -14.03 -14.80 81.83
N VAL E 451 -13.38 -15.63 81.01
CA VAL E 451 -11.91 -15.70 80.97
C VAL E 451 -11.42 -15.75 79.51
N LEU E 452 -10.27 -15.14 79.24
CA LEU E 452 -9.69 -15.12 77.89
C LEU E 452 -9.55 -16.50 77.25
N THR E 453 -10.44 -16.80 76.31
CA THR E 453 -10.48 -18.11 75.68
C THR E 453 -10.72 -17.93 74.19
N PHE E 454 -10.18 -18.83 73.38
CA PHE E 454 -10.43 -18.81 71.96
C PHE E 454 -11.16 -20.09 71.57
N LYS E 455 -11.37 -20.28 70.28
CA LYS E 455 -12.05 -21.48 69.82
C LYS E 455 -11.87 -21.64 68.32
N ILE E 456 -11.69 -22.87 67.90
CA ILE E 456 -11.61 -23.17 66.47
C ILE E 456 -12.86 -23.90 66.03
N ASP E 457 -13.48 -23.41 64.96
CA ASP E 457 -14.70 -24.00 64.39
C ASP E 457 -14.32 -25.25 63.58
N HIS E 458 -15.30 -25.92 62.95
CA HIS E 458 -15.01 -27.15 62.20
C HIS E 458 -14.52 -26.97 60.77
N ILE E 459 -15.08 -26.03 60.03
CA ILE E 459 -14.60 -25.88 58.67
C ILE E 459 -13.10 -25.71 58.72
N ILE E 460 -12.66 -24.64 59.38
CA ILE E 460 -11.23 -24.38 59.50
C ILE E 460 -10.53 -25.55 60.16
N HIS E 461 -11.18 -26.16 61.16
CA HIS E 461 -10.57 -27.28 61.86
C HIS E 461 -10.25 -28.38 60.88
N MET E 462 -11.25 -28.82 60.13
CA MET E 462 -11.06 -29.90 59.18
C MET E 462 -9.97 -29.52 58.19
N PHE E 463 -10.03 -28.28 57.71
CA PHE E 463 -9.03 -27.83 56.76
C PHE E 463 -7.62 -28.05 57.30
N LEU E 464 -7.35 -27.50 58.48
CA LEU E 464 -6.02 -27.62 59.06
C LEU E 464 -5.64 -29.06 59.27
N LYS E 465 -6.57 -29.86 59.78
CA LYS E 465 -6.31 -31.26 60.03
C LYS E 465 -5.82 -31.96 58.77
N HIS E 466 -6.53 -31.74 57.67
CA HIS E 466 -6.16 -32.44 56.43
C HIS E 466 -4.92 -31.85 55.74
N VAL E 467 -4.62 -30.58 56.00
CA VAL E 467 -3.48 -29.94 55.35
C VAL E 467 -2.13 -30.07 56.07
N VAL E 468 -2.14 -30.28 57.38
CA VAL E 468 -0.89 -30.29 58.14
C VAL E 468 -0.20 -31.66 58.06
N ASP E 469 1.11 -31.67 58.31
CA ASP E 469 1.93 -32.89 58.25
C ASP E 469 1.33 -33.96 59.15
N ALA E 470 0.99 -35.11 58.57
CA ALA E 470 0.36 -36.17 59.33
C ALA E 470 1.11 -36.43 60.64
N GLN E 471 2.41 -36.16 60.63
CA GLN E 471 3.26 -36.28 61.82
C GLN E 471 2.95 -35.19 62.84
N THR E 472 2.96 -33.94 62.39
CA THR E 472 2.80 -32.80 63.29
C THR E 472 1.50 -32.82 64.07
N ILE E 473 0.51 -33.50 63.55
CA ILE E 473 -0.72 -33.74 64.30
C ILE E 473 -0.37 -34.59 65.51
N ALA E 474 0.14 -35.80 65.25
CA ALA E 474 0.47 -36.72 66.33
C ALA E 474 1.53 -36.19 67.30
N ASN E 475 2.47 -35.35 66.83
CA ASN E 475 3.48 -34.74 67.70
C ASN E 475 2.90 -33.71 68.63
N GLY E 476 1.88 -33.00 68.17
CA GLY E 476 1.24 -31.99 68.98
C GLY E 476 0.37 -32.62 70.03
N ILE E 477 -0.21 -33.76 69.68
CA ILE E 477 -1.04 -34.52 70.61
C ILE E 477 -0.20 -35.01 71.79
N SER E 478 0.96 -35.57 71.49
CA SER E 478 1.88 -36.02 72.54
C SER E 478 2.43 -34.84 73.34
N ILE E 479 2.86 -33.78 72.65
CA ILE E 479 3.33 -32.54 73.27
C ILE E 479 2.27 -31.94 74.21
N LEU E 480 1.02 -32.37 74.05
CA LEU E 480 -0.07 -31.95 74.93
C LEU E 480 -0.21 -32.86 76.15
N GLU E 481 -0.30 -34.16 75.91
CA GLU E 481 -0.45 -35.13 76.99
C GLU E 481 0.64 -34.95 78.03
N GLN E 482 1.74 -34.29 77.64
CA GLN E 482 2.83 -33.96 78.56
C GLN E 482 2.46 -32.87 79.58
N ARG E 483 2.20 -31.66 79.08
CA ARG E 483 1.88 -30.54 79.96
C ARG E 483 0.60 -30.84 80.73
N LEU E 484 -0.08 -31.88 80.31
CA LEU E 484 -1.39 -32.23 80.82
C LEU E 484 -1.45 -32.77 82.25
N LEU E 485 -0.51 -32.35 83.11
CA LEU E 485 -0.47 -32.85 84.50
C LEU E 485 0.30 -31.87 85.38
N GLU E 486 1.63 -31.82 85.23
CA GLU E 486 2.47 -30.91 86.03
C GLU E 486 2.04 -30.97 87.49
N ILE E 487 1.44 -29.89 88.00
CA ILE E 487 1.00 -29.84 89.43
C ILE E 487 0.39 -31.20 89.80
N GLU E 521 -20.67 -28.08 77.63
CA GLU E 521 -21.86 -27.43 78.18
C GLU E 521 -21.60 -25.94 78.35
N THR E 522 -22.67 -25.20 78.66
CA THR E 522 -22.58 -23.75 78.87
C THR E 522 -21.68 -23.41 80.06
N VAL E 523 -20.70 -24.28 80.33
CA VAL E 523 -19.68 -24.04 81.35
C VAL E 523 -18.29 -24.26 80.79
N ILE E 524 -17.43 -23.26 80.98
CA ILE E 524 -16.04 -23.31 80.57
C ILE E 524 -15.29 -24.28 81.47
N ARG E 525 -14.22 -24.88 80.95
CA ARG E 525 -13.43 -25.86 81.72
C ARG E 525 -12.55 -25.21 82.79
N PRO E 526 -12.75 -25.60 84.06
CA PRO E 526 -12.08 -25.05 85.24
C PRO E 526 -10.62 -25.49 85.38
N GLU E 527 -9.83 -24.72 86.14
CA GLU E 527 -8.40 -24.99 86.31
C GLU E 527 -8.10 -26.13 87.29
N ASP E 528 -9.13 -26.64 87.95
CA ASP E 528 -9.00 -27.80 88.83
C ASP E 528 -9.06 -29.06 87.98
N PHE E 529 -9.60 -28.90 86.77
CA PHE E 529 -9.85 -30.03 85.89
C PHE E 529 -9.16 -29.94 84.52
N PRO E 530 -8.03 -29.23 84.41
CA PRO E 530 -7.34 -29.23 83.11
C PRO E 530 -6.54 -30.51 82.96
N LYS E 531 -6.07 -31.04 84.08
CA LYS E 531 -5.26 -32.24 84.05
C LYS E 531 -5.95 -33.29 83.18
N PHE E 532 -7.27 -33.20 83.05
CA PHE E 532 -7.99 -34.10 82.14
C PHE E 532 -8.75 -33.45 80.97
N MET E 533 -8.04 -33.28 79.85
CA MET E 533 -8.66 -32.93 78.57
C MET E 533 -9.51 -34.12 78.13
N GLN E 534 -9.65 -35.08 79.02
CA GLN E 534 -10.31 -36.34 78.73
C GLN E 534 -11.81 -36.20 78.48
N LEU E 535 -12.38 -35.05 78.80
CA LEU E 535 -13.79 -34.80 78.52
C LEU E 535 -14.03 -35.01 77.02
N HIS E 536 -13.07 -34.52 76.22
CA HIS E 536 -13.12 -34.59 74.75
C HIS E 536 -12.39 -35.83 74.20
N GLN E 537 -12.26 -36.87 75.01
CA GLN E 537 -11.67 -38.11 74.55
C GLN E 537 -12.38 -38.51 73.26
N LYS E 538 -13.70 -38.32 73.22
CA LYS E 538 -14.48 -38.66 72.05
C LYS E 538 -13.85 -38.00 70.82
N PHE E 539 -13.79 -36.68 70.84
CA PHE E 539 -13.29 -35.84 69.74
C PHE E 539 -11.75 -35.82 69.65
N TYR E 540 -11.11 -36.79 70.32
CA TYR E 540 -9.63 -36.92 70.33
C TYR E 540 -9.20 -38.30 69.88
N ASP E 541 -10.03 -39.29 70.14
CA ASP E 541 -9.73 -40.67 69.80
C ASP E 541 -9.74 -40.85 68.28
N SER E 542 -10.47 -39.96 67.59
CA SER E 542 -10.59 -39.99 66.13
C SER E 542 -9.34 -39.45 65.43
N LEU E 543 -8.18 -39.77 65.99
CA LEU E 543 -6.87 -39.47 65.40
C LEU E 543 -5.96 -40.72 65.57
N ARG F 112 -25.39 -9.62 -26.95
CA ARG F 112 -24.18 -10.45 -27.07
C ARG F 112 -22.84 -9.70 -26.86
N GLN F 113 -22.91 -8.53 -26.28
CA GLN F 113 -21.73 -7.74 -26.05
C GLN F 113 -21.65 -7.42 -24.57
N MET F 114 -22.81 -7.55 -23.90
CA MET F 114 -22.97 -7.41 -22.45
C MET F 114 -22.46 -8.65 -21.71
N LEU F 115 -22.69 -9.83 -22.31
CA LEU F 115 -22.16 -11.09 -21.79
C LEU F 115 -20.70 -10.94 -21.60
N ASP F 116 -20.01 -10.66 -22.69
CA ASP F 116 -18.56 -10.58 -22.68
C ASP F 116 -18.00 -9.66 -21.58
N ARG F 117 -18.63 -8.49 -21.38
CA ARG F 117 -18.39 -7.69 -20.19
C ARG F 117 -18.55 -8.50 -18.91
N LYS F 118 -19.67 -9.21 -18.78
CA LYS F 118 -19.91 -9.98 -17.57
C LYS F 118 -18.99 -11.21 -17.44
N LEU F 119 -18.72 -11.89 -18.55
CA LEU F 119 -17.79 -13.02 -18.55
C LEU F 119 -16.42 -12.56 -18.11
N LEU F 120 -15.88 -11.53 -18.77
CA LEU F 120 -14.55 -11.05 -18.42
C LEU F 120 -14.41 -10.68 -16.95
N LEU F 121 -15.41 -10.00 -16.42
CA LEU F 121 -15.31 -9.49 -15.06
C LEU F 121 -15.46 -10.60 -14.01
N GLY F 122 -16.13 -11.68 -14.39
CA GLY F 122 -16.30 -12.85 -13.55
C GLY F 122 -15.16 -13.81 -13.75
N ASN F 123 -14.12 -13.34 -14.43
CA ASN F 123 -12.89 -14.12 -14.68
C ASN F 123 -13.11 -15.45 -15.35
N VAL F 124 -14.14 -15.52 -16.20
CA VAL F 124 -14.40 -16.67 -17.05
C VAL F 124 -13.41 -16.72 -18.22
N PRO F 125 -12.81 -17.89 -18.48
CA PRO F 125 -11.92 -17.97 -19.65
C PRO F 125 -12.69 -18.09 -20.95
N LYS F 126 -12.01 -17.84 -22.07
CA LYS F 126 -12.65 -17.97 -23.38
C LYS F 126 -13.04 -19.42 -23.64
N GLN F 127 -14.23 -19.63 -24.19
CA GLN F 127 -14.68 -20.99 -24.49
C GLN F 127 -13.97 -21.56 -25.70
N MET F 128 -13.76 -22.87 -25.71
CA MET F 128 -13.14 -23.50 -26.87
C MET F 128 -14.11 -23.42 -28.04
N THR F 129 -13.58 -23.30 -29.24
CA THR F 129 -14.44 -23.14 -30.41
C THR F 129 -14.19 -24.19 -31.49
N CYS F 130 -12.92 -24.48 -31.76
CA CYS F 130 -12.63 -25.42 -32.86
C CYS F 130 -13.24 -26.83 -32.71
N TYR F 131 -13.70 -27.18 -31.50
CA TYR F 131 -14.51 -28.37 -31.29
C TYR F 131 -15.31 -28.11 -30.05
N ILE F 132 -16.58 -28.48 -30.10
CA ILE F 132 -17.44 -28.35 -28.93
C ILE F 132 -18.07 -29.68 -28.62
N ARG F 133 -17.96 -30.11 -27.38
CA ARG F 133 -18.65 -31.31 -27.00
C ARG F 133 -20.13 -30.98 -26.86
N GLU F 134 -20.87 -31.35 -27.89
CA GLU F 134 -22.27 -31.03 -27.99
C GLU F 134 -22.98 -31.42 -26.72
N TYR F 135 -23.12 -32.73 -26.56
CA TYR F 135 -23.89 -33.38 -25.52
C TYR F 135 -23.74 -32.68 -24.18
N HIS F 136 -22.49 -32.51 -23.78
CA HIS F 136 -22.15 -32.10 -22.42
C HIS F 136 -22.43 -30.64 -22.13
N VAL F 137 -21.86 -29.75 -22.95
CA VAL F 137 -22.09 -28.33 -22.77
C VAL F 137 -23.59 -28.05 -22.73
N ASP F 138 -24.33 -28.82 -23.51
CA ASP F 138 -25.79 -28.68 -23.54
C ASP F 138 -26.41 -29.05 -22.19
N ARG F 139 -26.04 -30.23 -21.68
CA ARG F 139 -26.64 -30.80 -20.49
C ARG F 139 -26.27 -30.02 -19.24
N VAL F 140 -25.06 -29.48 -19.23
CA VAL F 140 -24.64 -28.53 -18.21
C VAL F 140 -25.59 -27.33 -18.15
N ILE F 141 -25.78 -26.67 -19.31
CA ILE F 141 -26.58 -25.46 -19.41
C ILE F 141 -28.00 -25.72 -18.97
N LYS F 142 -28.52 -26.87 -19.41
CA LYS F 142 -29.85 -27.31 -19.07
C LYS F 142 -30.04 -27.37 -17.56
N LYS F 143 -29.20 -28.17 -16.90
CA LYS F 143 -29.33 -28.37 -15.47
C LYS F 143 -29.04 -27.09 -14.67
N LEU F 144 -28.43 -26.10 -15.31
CA LEU F 144 -28.24 -24.81 -14.66
C LEU F 144 -29.49 -23.95 -14.78
N ASP F 145 -30.13 -24.01 -15.95
CA ASP F 145 -31.42 -23.34 -16.18
C ASP F 145 -32.47 -23.85 -15.18
N GLU F 146 -32.46 -25.15 -14.90
CA GLU F 146 -33.48 -25.73 -14.03
C GLU F 146 -33.38 -25.21 -12.60
N MET F 147 -32.26 -24.57 -12.29
CA MET F 147 -31.94 -24.27 -10.92
C MET F 147 -31.85 -22.78 -10.58
N CYS F 148 -31.86 -21.90 -11.59
CA CYS F 148 -31.81 -20.45 -11.30
C CYS F 148 -32.89 -20.05 -10.33
N ASP F 149 -33.91 -20.89 -10.26
CA ASP F 149 -35.00 -20.73 -9.31
C ASP F 149 -34.50 -20.98 -7.88
N LEU F 150 -33.77 -22.09 -7.70
CA LEU F 150 -33.19 -22.49 -6.42
C LEU F 150 -32.39 -21.40 -5.68
N ASP F 151 -32.37 -21.48 -4.35
CA ASP F 151 -31.73 -20.46 -3.51
C ASP F 151 -30.21 -20.67 -3.33
N SER F 152 -29.79 -21.95 -3.42
CA SER F 152 -28.39 -22.39 -3.32
C SER F 152 -28.29 -23.87 -3.73
N PHE F 153 -27.25 -24.23 -4.47
CA PHE F 153 -27.17 -25.59 -5.05
C PHE F 153 -25.76 -25.91 -5.59
N PHE F 154 -25.42 -27.21 -5.62
CA PHE F 154 -24.13 -27.66 -6.19
C PHE F 154 -24.29 -28.39 -7.49
N LEU F 155 -23.56 -27.96 -8.51
CA LEU F 155 -23.49 -28.73 -9.73
C LEU F 155 -22.08 -29.29 -9.90
N PHE F 156 -21.94 -30.61 -9.93
CA PHE F 156 -20.63 -31.25 -9.99
C PHE F 156 -20.29 -31.76 -11.37
N LEU F 157 -19.46 -31.00 -12.07
CA LEU F 157 -18.96 -31.41 -13.37
C LEU F 157 -17.66 -32.17 -13.13
N HIS F 158 -17.79 -33.41 -12.67
CA HIS F 158 -16.60 -34.20 -12.33
C HIS F 158 -16.06 -35.00 -13.51
N GLY F 159 -14.81 -35.44 -13.39
CA GLY F 159 -14.18 -36.21 -14.46
C GLY F 159 -12.71 -36.41 -14.18
N ARG F 160 -12.03 -37.12 -15.08
CA ARG F 160 -10.61 -37.38 -14.88
C ARG F 160 -9.78 -36.13 -15.14
N ALA F 161 -8.50 -36.18 -14.79
CA ALA F 161 -7.63 -35.04 -15.05
C ALA F 161 -7.58 -34.78 -16.54
N GLY F 162 -7.68 -33.52 -16.93
CA GLY F 162 -7.63 -33.17 -18.34
C GLY F 162 -8.78 -33.77 -19.12
N SER F 163 -9.57 -34.62 -18.47
CA SER F 163 -10.74 -35.20 -19.13
C SER F 163 -11.59 -34.13 -19.77
N GLY F 164 -11.29 -32.86 -19.48
CA GLY F 164 -11.94 -31.75 -20.18
C GLY F 164 -13.08 -31.00 -19.49
N LYS F 165 -13.26 -31.20 -18.18
CA LYS F 165 -14.34 -30.58 -17.42
C LYS F 165 -14.34 -29.03 -17.46
N SER F 166 -13.18 -28.43 -17.21
CA SER F 166 -13.08 -26.99 -17.05
C SER F 166 -13.44 -26.31 -18.36
N VAL F 167 -13.03 -26.89 -19.49
CA VAL F 167 -13.33 -26.30 -20.81
C VAL F 167 -14.84 -26.19 -21.09
N ILE F 168 -15.56 -27.26 -20.77
CA ILE F 168 -17.02 -27.30 -20.85
C ILE F 168 -17.74 -26.21 -20.02
N ALA F 169 -17.17 -25.80 -18.88
CA ALA F 169 -17.83 -24.77 -18.10
C ALA F 169 -17.58 -23.46 -18.82
N SER F 170 -16.45 -23.37 -19.52
CA SER F 170 -16.13 -22.16 -20.26
C SER F 170 -17.15 -21.98 -21.38
N GLN F 171 -17.57 -23.09 -21.96
CA GLN F 171 -18.47 -23.11 -23.12
C GLN F 171 -19.94 -23.02 -22.72
N ALA F 172 -20.29 -23.71 -21.65
CA ALA F 172 -21.65 -23.74 -21.13
C ALA F 172 -22.08 -22.36 -20.63
N LEU F 173 -21.12 -21.54 -20.23
CA LEU F 173 -21.44 -20.19 -19.78
C LEU F 173 -21.35 -19.20 -20.92
N SER F 174 -20.87 -19.66 -22.08
CA SER F 174 -20.71 -18.76 -23.21
C SER F 174 -21.58 -19.15 -24.39
N LYS F 175 -22.17 -20.34 -24.33
CA LYS F 175 -23.00 -20.82 -25.44
C LYS F 175 -24.17 -19.88 -25.70
N SER F 176 -24.84 -19.47 -24.63
CA SER F 176 -26.00 -18.59 -24.78
C SER F 176 -25.95 -17.42 -23.82
N ASP F 177 -26.72 -16.37 -24.10
CA ASP F 177 -26.75 -15.20 -23.23
C ASP F 177 -27.82 -15.36 -22.15
N GLN F 178 -28.46 -16.52 -22.11
CA GLN F 178 -29.49 -16.77 -21.10
C GLN F 178 -28.86 -16.94 -19.73
N LEU F 179 -28.02 -17.97 -19.59
CA LEU F 179 -27.39 -18.24 -18.30
C LEU F 179 -26.94 -16.96 -17.57
N ILE F 180 -26.31 -16.07 -18.32
CA ILE F 180 -25.90 -14.76 -17.79
C ILE F 180 -26.78 -13.61 -18.32
N GLY F 181 -27.61 -13.05 -17.44
CA GLY F 181 -28.53 -11.97 -17.81
C GLY F 181 -29.98 -12.38 -17.56
N ILE F 182 -30.34 -13.54 -18.10
CA ILE F 182 -31.69 -14.11 -18.00
C ILE F 182 -31.87 -14.97 -16.74
N ASN F 183 -31.02 -15.99 -16.56
CA ASN F 183 -31.11 -16.93 -15.43
C ASN F 183 -30.33 -16.51 -14.19
N TYR F 184 -29.13 -15.98 -14.41
CA TYR F 184 -28.29 -15.44 -13.34
C TYR F 184 -27.77 -14.07 -13.76
N ASP F 185 -27.71 -13.13 -12.81
CA ASP F 185 -27.31 -11.75 -13.09
C ASP F 185 -25.83 -11.59 -13.34
N SER F 186 -25.00 -12.21 -12.50
CA SER F 186 -23.54 -12.12 -12.62
C SER F 186 -22.84 -13.47 -12.53
N ILE F 187 -21.55 -13.48 -12.90
CA ILE F 187 -20.69 -14.68 -12.80
C ILE F 187 -19.40 -14.44 -11.99
N VAL F 188 -19.07 -15.39 -11.11
CA VAL F 188 -17.78 -15.42 -10.41
C VAL F 188 -17.10 -16.79 -10.59
N TRP F 189 -16.03 -16.82 -11.37
CA TRP F 189 -15.32 -18.05 -11.68
C TRP F 189 -13.93 -17.96 -11.10
N LEU F 190 -13.70 -18.85 -10.13
CA LEU F 190 -12.48 -18.90 -9.32
C LEU F 190 -11.89 -20.30 -9.38
N LYS F 191 -10.58 -20.38 -9.66
CA LYS F 191 -9.88 -21.66 -9.64
C LYS F 191 -9.38 -21.95 -8.23
N ASP F 192 -9.68 -23.15 -7.75
CA ASP F 192 -9.35 -23.57 -6.38
C ASP F 192 -7.95 -24.16 -6.35
N SER F 193 -7.87 -25.49 -6.47
CA SER F 193 -6.61 -26.23 -6.49
C SER F 193 -5.91 -26.19 -5.12
N GLY F 194 -6.70 -26.00 -4.07
CA GLY F 194 -6.21 -25.87 -2.71
C GLY F 194 -5.88 -27.17 -2.02
N THR F 195 -4.71 -27.20 -1.39
CA THR F 195 -4.18 -28.41 -0.74
C THR F 195 -3.87 -28.13 0.73
N ALA F 196 -3.28 -26.97 0.99
CA ALA F 196 -3.01 -26.50 2.35
C ALA F 196 -4.34 -26.31 3.07
N PRO F 197 -4.30 -26.17 4.40
CA PRO F 197 -5.52 -25.91 5.20
C PRO F 197 -5.93 -24.42 5.21
N LYS F 198 -4.97 -23.57 4.86
CA LYS F 198 -5.19 -22.13 4.70
C LYS F 198 -5.81 -21.84 3.34
N SER F 199 -5.82 -22.84 2.45
CA SER F 199 -6.29 -22.62 1.09
C SER F 199 -7.81 -22.37 1.02
N THR F 200 -8.57 -23.07 1.85
CA THR F 200 -10.02 -22.95 1.81
C THR F 200 -10.47 -21.59 2.34
N PHE F 201 -9.58 -20.92 3.06
CA PHE F 201 -9.87 -19.57 3.53
C PHE F 201 -9.37 -18.58 2.52
N ASP F 202 -8.22 -18.83 1.91
CA ASP F 202 -7.74 -17.94 0.87
C ASP F 202 -8.73 -17.85 -0.29
N LEU F 203 -9.34 -18.99 -0.63
CA LEU F 203 -10.27 -19.02 -1.76
C LEU F 203 -11.46 -18.09 -1.57
N PHE F 204 -12.08 -18.14 -0.39
CA PHE F 204 -13.25 -17.30 -0.14
C PHE F 204 -12.85 -15.85 0.04
N THR F 205 -11.61 -15.63 0.45
CA THR F 205 -11.12 -14.26 0.54
C THR F 205 -11.11 -13.72 -0.86
N ASP F 206 -10.57 -14.50 -1.79
CA ASP F 206 -10.55 -14.09 -3.18
C ASP F 206 -11.97 -13.88 -3.67
N ILE F 207 -12.87 -14.74 -3.23
CA ILE F 207 -14.27 -14.62 -3.62
C ILE F 207 -14.80 -13.24 -3.25
N LEU F 208 -14.66 -12.87 -1.98
CA LEU F 208 -15.15 -11.58 -1.53
C LEU F 208 -14.49 -10.46 -2.29
N LEU F 209 -13.18 -10.59 -2.53
CA LEU F 209 -12.47 -9.57 -3.27
C LEU F 209 -13.09 -9.34 -4.64
N MET F 210 -13.33 -10.41 -5.38
CA MET F 210 -13.94 -10.29 -6.70
C MET F 210 -15.35 -9.71 -6.60
N LEU F 211 -16.10 -10.17 -5.61
CA LEU F 211 -17.45 -9.67 -5.41
C LEU F 211 -17.48 -8.16 -5.24
N LYS F 212 -16.46 -7.61 -4.58
CA LYS F 212 -16.48 -6.16 -4.31
C LYS F 212 -16.71 -5.14 -5.47
N SER F 213 -16.60 -3.85 -5.15
CA SER F 213 -16.70 -2.82 -6.17
C SER F 213 -15.32 -2.40 -6.66
N GLU F 214 -15.28 -1.87 -7.88
CA GLU F 214 -14.04 -1.38 -8.46
C GLU F 214 -13.49 -0.31 -7.54
N ASP F 215 -14.39 0.51 -7.00
CA ASP F 215 -14.07 1.39 -5.89
C ASP F 215 -13.79 0.52 -4.67
N ASP F 216 -12.90 1.00 -3.82
CA ASP F 216 -12.53 0.26 -2.60
C ASP F 216 -11.97 -1.12 -2.94
N LEU F 217 -11.04 -1.13 -3.89
CA LEU F 217 -10.03 -2.17 -3.99
C LEU F 217 -8.77 -1.50 -3.49
N LEU F 218 -8.80 -0.16 -3.50
CA LEU F 218 -7.78 0.68 -2.89
C LEU F 218 -7.81 0.51 -1.38
N ASN F 219 -9.02 0.64 -0.83
CA ASN F 219 -9.23 0.46 0.60
C ASN F 219 -9.09 -0.98 1.10
N PHE F 220 -9.00 -1.94 0.18
CA PHE F 220 -8.78 -3.33 0.56
C PHE F 220 -7.84 -3.28 1.74
N PRO F 221 -8.32 -3.77 2.90
CA PRO F 221 -7.51 -3.88 4.13
C PRO F 221 -6.57 -5.10 4.22
N SER F 222 -5.81 -5.15 5.30
CA SER F 222 -5.04 -6.35 5.59
C SER F 222 -6.03 -7.43 5.99
N VAL F 223 -7.00 -7.69 5.12
CA VAL F 223 -8.01 -8.71 5.39
C VAL F 223 -7.31 -10.05 5.51
N GLU F 224 -6.10 -10.10 4.96
CA GLU F 224 -5.21 -11.23 5.14
C GLU F 224 -5.23 -11.74 6.60
N HIS F 225 -5.40 -10.83 7.56
CA HIS F 225 -5.50 -11.24 8.97
C HIS F 225 -6.84 -10.88 9.62
N VAL F 226 -7.73 -11.86 9.67
CA VAL F 226 -9.10 -11.70 10.17
C VAL F 226 -9.75 -13.07 10.19
N THR F 227 -10.53 -13.38 11.23
CA THR F 227 -11.04 -14.74 11.43
C THR F 227 -11.87 -15.28 10.29
N SER F 228 -12.10 -16.60 10.32
CA SER F 228 -12.97 -17.24 9.32
C SER F 228 -14.42 -16.83 9.48
N VAL F 229 -14.85 -16.68 10.72
CA VAL F 229 -16.20 -16.22 10.96
C VAL F 229 -16.35 -14.84 10.37
N VAL F 230 -15.48 -13.92 10.77
CA VAL F 230 -15.58 -12.53 10.30
C VAL F 230 -15.53 -12.45 8.77
N LEU F 231 -14.59 -13.17 8.16
CA LEU F 231 -14.46 -13.12 6.72
C LEU F 231 -15.75 -13.55 6.07
N LYS F 232 -16.27 -14.70 6.49
CA LYS F 232 -17.50 -15.20 5.90
C LYS F 232 -18.58 -14.17 6.03
N ARG F 233 -18.72 -13.62 7.23
CA ARG F 233 -19.74 -12.61 7.47
C ARG F 233 -19.63 -11.50 6.45
N MET F 234 -18.47 -10.86 6.39
CA MET F 234 -18.29 -9.77 5.46
C MET F 234 -18.69 -10.17 4.06
N ILE F 235 -18.17 -11.29 3.59
CA ILE F 235 -18.46 -11.73 2.23
C ILE F 235 -19.94 -11.83 1.97
N CYS F 236 -20.64 -12.60 2.81
CA CYS F 236 -22.05 -12.82 2.57
C CYS F 236 -22.88 -11.55 2.70
N ASN F 237 -22.46 -10.64 3.57
CA ASN F 237 -23.16 -9.38 3.73
C ASN F 237 -23.02 -8.53 2.48
N ALA F 238 -21.80 -8.47 1.93
CA ALA F 238 -21.61 -7.74 0.69
C ALA F 238 -22.47 -8.38 -0.38
N LEU F 239 -22.59 -9.70 -0.33
CA LEU F 239 -23.35 -10.42 -1.34
C LEU F 239 -24.78 -9.89 -1.58
N ILE F 240 -25.31 -9.06 -0.68
CA ILE F 240 -26.68 -8.53 -0.87
C ILE F 240 -26.77 -7.91 -2.26
N ASP F 241 -25.79 -7.05 -2.56
CA ASP F 241 -25.73 -6.31 -3.82
C ASP F 241 -25.59 -7.24 -5.01
N ARG F 242 -25.62 -8.54 -4.75
CA ARG F 242 -25.44 -9.52 -5.81
C ARG F 242 -26.64 -10.44 -5.95
N PRO F 243 -27.36 -10.34 -7.07
CA PRO F 243 -28.49 -11.23 -7.31
C PRO F 243 -28.12 -12.35 -8.27
N ASN F 244 -28.54 -13.58 -7.96
CA ASN F 244 -28.26 -14.70 -8.85
C ASN F 244 -26.83 -14.70 -9.34
N THR F 245 -25.88 -14.66 -8.42
CA THR F 245 -24.47 -14.71 -8.80
C THR F 245 -23.97 -16.13 -8.76
N LEU F 246 -23.83 -16.75 -9.93
CA LEU F 246 -23.32 -18.12 -9.98
C LEU F 246 -21.83 -18.11 -9.66
N PHE F 247 -21.35 -19.20 -9.07
CA PHE F 247 -19.95 -19.27 -8.69
C PHE F 247 -19.25 -20.50 -9.22
N VAL F 248 -18.53 -20.36 -10.33
CA VAL F 248 -17.76 -21.49 -10.83
C VAL F 248 -16.52 -21.64 -9.98
N PHE F 249 -16.34 -22.83 -9.43
CA PHE F 249 -15.20 -23.16 -8.62
C PHE F 249 -14.33 -24.18 -9.36
N ASP F 250 -13.55 -23.67 -10.30
CA ASP F 250 -12.83 -24.54 -11.17
C ASP F 250 -11.77 -25.21 -10.32
N ASP F 251 -11.81 -26.55 -10.30
CA ASP F 251 -10.82 -27.43 -9.66
C ASP F 251 -10.81 -27.51 -8.14
N VAL F 252 -11.88 -28.02 -7.55
CA VAL F 252 -11.89 -28.23 -6.13
C VAL F 252 -11.26 -29.57 -5.85
N VAL F 253 -10.33 -29.58 -4.89
CA VAL F 253 -9.75 -30.82 -4.35
C VAL F 253 -10.20 -31.08 -2.91
N GLN F 254 -10.27 -30.02 -2.11
CA GLN F 254 -10.68 -30.15 -0.70
C GLN F 254 -12.18 -29.98 -0.41
N GLU F 255 -12.77 -30.96 0.27
CA GLU F 255 -14.17 -30.90 0.69
C GLU F 255 -14.44 -29.79 1.70
N GLU F 256 -13.42 -29.05 2.11
CA GLU F 256 -13.63 -27.93 3.02
C GLU F 256 -14.25 -26.76 2.28
N THR F 257 -13.85 -26.59 1.02
CA THR F 257 -14.42 -25.51 0.21
C THR F 257 -15.91 -25.76 0.04
N ILE F 258 -16.28 -27.01 -0.20
CA ILE F 258 -17.69 -27.34 -0.37
C ILE F 258 -18.46 -26.95 0.88
N ARG F 259 -17.88 -27.28 2.02
CA ARG F 259 -18.53 -26.95 3.29
C ARG F 259 -18.71 -25.45 3.44
N TRP F 260 -17.65 -24.68 3.16
CA TRP F 260 -17.75 -23.23 3.25
C TRP F 260 -18.85 -22.70 2.34
N ALA F 261 -18.94 -23.27 1.14
CA ALA F 261 -19.95 -22.83 0.19
C ALA F 261 -21.36 -23.13 0.70
N GLN F 262 -21.56 -24.32 1.24
CA GLN F 262 -22.86 -24.65 1.79
C GLN F 262 -23.19 -23.68 2.90
N GLU F 263 -22.18 -23.34 3.71
CA GLU F 263 -22.39 -22.37 4.78
C GLU F 263 -22.88 -21.04 4.23
N LEU F 264 -22.19 -20.50 3.24
CA LEU F 264 -22.56 -19.18 2.73
C LEU F 264 -23.86 -19.20 1.94
N ARG F 265 -24.39 -20.39 1.68
CA ARG F 265 -25.59 -20.52 0.88
C ARG F 265 -25.38 -20.08 -0.58
N LEU F 266 -24.30 -20.56 -1.20
CA LEU F 266 -23.95 -20.17 -2.56
C LEU F 266 -24.55 -21.03 -3.65
N ARG F 267 -24.58 -20.46 -4.84
CA ARG F 267 -24.98 -21.17 -6.05
C ARG F 267 -23.70 -21.52 -6.79
N CYS F 268 -23.37 -22.82 -6.87
CA CYS F 268 -22.05 -23.27 -7.38
C CYS F 268 -22.05 -24.26 -8.56
N LEU F 269 -21.31 -23.89 -9.59
CA LEU F 269 -20.84 -24.87 -10.55
C LEU F 269 -19.51 -25.33 -9.98
N VAL F 270 -19.20 -26.61 -10.12
CA VAL F 270 -17.97 -27.18 -9.55
C VAL F 270 -17.28 -28.17 -10.49
N THR F 271 -16.10 -27.82 -10.98
CA THR F 271 -15.28 -28.82 -11.64
C THR F 271 -14.33 -29.43 -10.62
N THR F 272 -14.23 -30.77 -10.64
CA THR F 272 -13.40 -31.54 -9.73
C THR F 272 -13.07 -32.90 -10.33
N ARG F 273 -12.10 -33.59 -9.75
CA ARG F 273 -11.77 -34.94 -10.21
C ARG F 273 -12.30 -35.97 -9.21
N ASP F 274 -12.15 -35.65 -7.94
CA ASP F 274 -12.68 -36.49 -6.87
C ASP F 274 -14.14 -36.16 -6.59
N VAL F 275 -15.02 -37.13 -6.78
CA VAL F 275 -16.45 -36.86 -6.73
C VAL F 275 -17.01 -36.83 -5.32
N GLU F 276 -16.33 -37.52 -4.40
CA GLU F 276 -16.84 -37.71 -3.06
C GLU F 276 -16.86 -36.44 -2.22
N ILE F 277 -16.22 -35.36 -2.70
CA ILE F 277 -16.23 -34.10 -1.95
C ILE F 277 -17.65 -33.60 -1.73
N SER F 278 -18.58 -34.22 -2.45
CA SER F 278 -19.98 -33.84 -2.41
C SER F 278 -20.69 -34.38 -1.19
N ASN F 279 -20.10 -35.41 -0.58
CA ASN F 279 -20.64 -35.91 0.67
C ASN F 279 -20.57 -34.85 1.79
N ALA F 280 -19.71 -33.86 1.61
CA ALA F 280 -19.64 -32.73 2.54
C ALA F 280 -20.95 -31.93 2.58
N ALA F 281 -21.67 -31.87 1.45
CA ALA F 281 -22.92 -31.12 1.35
C ALA F 281 -24.15 -31.98 1.60
N SER F 282 -24.97 -31.58 2.57
CA SER F 282 -26.29 -32.19 2.78
C SER F 282 -27.32 -31.37 2.02
N GLN F 283 -27.46 -31.61 0.72
CA GLN F 283 -28.36 -30.77 -0.05
C GLN F 283 -28.58 -31.27 -1.47
N THR F 284 -28.77 -30.35 -2.41
CA THR F 284 -28.99 -30.72 -3.80
C THR F 284 -27.69 -30.65 -4.59
N CYS F 285 -27.15 -31.81 -4.94
CA CYS F 285 -25.92 -31.83 -5.72
C CYS F 285 -26.10 -32.72 -6.95
N GLU F 286 -26.03 -32.11 -8.12
CA GLU F 286 -26.15 -32.88 -9.36
C GLU F 286 -24.78 -33.38 -9.76
N PHE F 287 -24.74 -34.37 -10.65
CA PHE F 287 -23.45 -34.95 -11.02
C PHE F 287 -23.29 -35.27 -12.49
N ILE F 288 -22.83 -34.31 -13.28
CA ILE F 288 -22.56 -34.57 -14.70
C ILE F 288 -21.13 -35.08 -14.91
N GLU F 289 -20.99 -36.30 -15.38
CA GLU F 289 -19.65 -36.91 -15.48
C GLU F 289 -19.00 -36.74 -16.85
N VAL F 290 -17.79 -36.22 -16.89
CA VAL F 290 -17.12 -36.05 -18.17
C VAL F 290 -16.40 -37.34 -18.50
N THR F 291 -17.05 -38.17 -19.29
CA THR F 291 -16.52 -39.47 -19.68
C THR F 291 -15.35 -39.40 -20.66
N SER F 292 -14.72 -40.54 -20.90
CA SER F 292 -13.68 -40.61 -21.91
C SER F 292 -14.36 -40.37 -23.27
N LEU F 293 -13.71 -39.60 -24.15
CA LEU F 293 -14.24 -39.34 -25.49
C LEU F 293 -14.61 -40.61 -26.28
N GLU F 294 -15.90 -40.81 -26.57
CA GLU F 294 -16.39 -41.94 -27.38
C GLU F 294 -15.62 -42.04 -28.70
N ILE F 295 -15.63 -43.23 -29.30
CA ILE F 295 -14.79 -43.50 -30.48
C ILE F 295 -15.10 -42.58 -31.65
N ASP F 296 -16.38 -42.22 -31.78
CA ASP F 296 -16.84 -41.36 -32.87
C ASP F 296 -16.46 -39.90 -32.63
N GLU F 297 -16.57 -39.47 -31.36
CA GLU F 297 -16.22 -38.11 -30.94
C GLU F 297 -14.73 -37.86 -31.13
N CYS F 298 -13.95 -38.92 -31.05
CA CYS F 298 -12.53 -38.77 -31.22
C CYS F 298 -12.23 -38.38 -32.66
N TYR F 299 -12.92 -39.01 -33.58
CA TYR F 299 -12.75 -38.69 -34.99
C TYR F 299 -13.03 -37.20 -35.20
N ASP F 300 -14.20 -36.75 -34.74
CA ASP F 300 -14.66 -35.37 -34.90
C ASP F 300 -13.62 -34.39 -34.41
N PHE F 301 -13.10 -34.69 -33.22
CA PHE F 301 -12.07 -33.90 -32.55
C PHE F 301 -10.78 -33.80 -33.37
N LEU F 302 -10.47 -34.87 -34.08
CA LEU F 302 -9.25 -34.94 -34.88
C LEU F 302 -9.38 -34.10 -36.14
N GLU F 303 -10.43 -34.39 -36.90
CA GLU F 303 -10.77 -33.60 -38.07
C GLU F 303 -10.82 -32.10 -37.75
N ALA F 304 -11.49 -31.76 -36.64
CA ALA F 304 -11.63 -30.37 -36.23
C ALA F 304 -10.28 -29.66 -36.18
N TYR F 305 -9.25 -30.37 -35.70
CA TYR F 305 -7.91 -29.82 -35.66
C TYR F 305 -7.06 -30.46 -36.75
N GLY F 306 -7.46 -30.22 -38.00
CA GLY F 306 -6.69 -30.62 -39.17
C GLY F 306 -6.07 -32.01 -39.20
N MET F 307 -6.64 -32.95 -38.47
CA MET F 307 -6.04 -34.28 -38.43
C MET F 307 -6.63 -35.20 -39.49
N PRO F 308 -5.76 -35.80 -40.33
CA PRO F 308 -6.14 -36.63 -41.48
C PRO F 308 -6.92 -37.88 -41.12
N MET F 309 -8.07 -38.09 -41.76
CA MET F 309 -8.90 -39.24 -41.45
C MET F 309 -8.36 -40.53 -42.06
N PRO F 310 -8.66 -41.67 -41.44
CA PRO F 310 -8.20 -42.97 -41.95
C PRO F 310 -8.45 -43.16 -43.43
N VAL F 311 -7.48 -43.72 -44.15
CA VAL F 311 -7.66 -43.97 -45.57
C VAL F 311 -7.54 -45.45 -45.88
N GLY F 312 -6.80 -46.19 -45.05
CA GLY F 312 -6.62 -47.61 -45.28
C GLY F 312 -6.86 -48.45 -44.04
N GLU F 313 -7.20 -49.72 -44.23
CA GLU F 313 -7.43 -50.62 -43.10
C GLU F 313 -6.39 -50.38 -42.02
N LYS F 314 -5.13 -50.61 -42.36
CA LYS F 314 -4.06 -50.33 -41.39
C LYS F 314 -3.64 -48.86 -41.48
N GLU F 315 -4.63 -48.00 -41.26
CA GLU F 315 -4.48 -46.55 -41.12
C GLU F 315 -5.59 -46.06 -40.19
N GLU F 316 -6.81 -46.56 -40.39
CA GLU F 316 -7.86 -46.39 -39.40
C GLU F 316 -7.40 -47.08 -38.12
N ASP F 317 -6.62 -48.14 -38.29
CA ASP F 317 -6.00 -48.84 -37.17
C ASP F 317 -4.87 -48.02 -36.51
N VAL F 318 -4.08 -47.30 -37.31
CA VAL F 318 -3.03 -46.43 -36.77
C VAL F 318 -3.70 -45.44 -35.86
N LEU F 319 -4.89 -45.02 -36.25
CA LEU F 319 -5.66 -44.03 -35.53
C LEU F 319 -6.45 -44.63 -34.36
N ASN F 320 -6.87 -45.89 -34.48
CA ASN F 320 -7.46 -46.61 -33.35
C ASN F 320 -6.41 -46.91 -32.28
N LYS F 321 -5.15 -47.01 -32.70
CA LYS F 321 -4.05 -47.07 -31.74
C LYS F 321 -3.93 -45.79 -30.90
N THR F 322 -3.97 -44.62 -31.52
CA THR F 322 -3.93 -43.38 -30.75
C THR F 322 -5.13 -43.29 -29.83
N ILE F 323 -6.31 -43.60 -30.36
CA ILE F 323 -7.52 -43.50 -29.55
C ILE F 323 -7.53 -44.49 -28.39
N GLU F 324 -6.90 -45.64 -28.60
CA GLU F 324 -6.81 -46.62 -27.54
C GLU F 324 -5.94 -46.07 -26.42
N LEU F 325 -4.71 -45.69 -26.76
CA LEU F 325 -3.80 -45.17 -25.76
C LEU F 325 -4.37 -43.94 -25.11
N SER F 326 -4.87 -43.01 -25.92
CA SER F 326 -5.46 -41.79 -25.38
C SER F 326 -6.70 -42.13 -24.59
N SER F 327 -7.36 -43.21 -24.96
CA SER F 327 -8.58 -43.61 -24.26
C SER F 327 -9.50 -42.41 -24.11
N GLY F 328 -9.66 -41.64 -25.17
CA GLY F 328 -10.54 -40.48 -25.13
C GLY F 328 -10.17 -39.41 -24.12
N ASN F 329 -8.87 -39.17 -23.93
CA ASN F 329 -8.44 -38.12 -23.03
C ASN F 329 -8.06 -36.89 -23.82
N PRO F 330 -8.93 -35.87 -23.84
CA PRO F 330 -8.65 -34.68 -24.63
C PRO F 330 -7.27 -34.11 -24.35
N ALA F 331 -6.98 -33.84 -23.08
CA ALA F 331 -5.68 -33.23 -22.76
C ALA F 331 -4.46 -33.90 -23.42
N THR F 332 -4.31 -35.22 -23.28
CA THR F 332 -3.19 -35.96 -23.91
C THR F 332 -3.36 -36.11 -25.41
N LEU F 333 -4.61 -36.07 -25.87
CA LEU F 333 -4.93 -36.06 -27.29
C LEU F 333 -4.42 -34.78 -27.87
N MET F 334 -4.67 -33.67 -27.18
CA MET F 334 -4.22 -32.38 -27.65
C MET F 334 -2.71 -32.30 -27.72
N MET F 335 -2.06 -32.83 -26.69
CA MET F 335 -0.59 -32.86 -26.64
C MET F 335 -0.07 -33.63 -27.84
N PHE F 336 -0.84 -34.64 -28.26
CA PHE F 336 -0.51 -35.47 -29.42
C PHE F 336 -0.46 -34.64 -30.70
N PHE F 337 -1.54 -33.92 -30.97
CA PHE F 337 -1.63 -33.08 -32.15
C PHE F 337 -0.47 -32.10 -32.20
N LYS F 338 -0.29 -31.34 -31.12
CA LYS F 338 0.85 -30.42 -31.05
C LYS F 338 2.16 -31.14 -31.30
N SER F 339 2.13 -32.47 -31.32
CA SER F 339 3.36 -33.24 -31.52
C SER F 339 3.47 -33.79 -32.93
N CYS F 340 2.34 -34.09 -33.56
CA CYS F 340 2.36 -34.66 -34.90
C CYS F 340 2.45 -33.56 -35.96
N GLU F 341 3.59 -32.88 -36.02
CA GLU F 341 3.76 -31.79 -36.98
C GLU F 341 3.71 -32.26 -38.43
N PRO F 342 4.38 -33.38 -38.75
CA PRO F 342 4.29 -33.88 -40.13
C PRO F 342 2.85 -34.24 -40.50
N LYS F 343 1.99 -34.44 -39.51
CA LYS F 343 0.58 -34.72 -39.77
C LYS F 343 0.41 -36.09 -40.45
N THR F 344 1.46 -36.56 -41.11
CA THR F 344 1.41 -37.85 -41.79
C THR F 344 0.77 -38.91 -40.89
N PHE F 345 0.02 -39.83 -41.49
CA PHE F 345 -0.37 -41.06 -40.79
C PHE F 345 0.88 -41.74 -40.24
N GLU F 346 1.98 -41.58 -40.96
CA GLU F 346 3.30 -42.14 -40.59
C GLU F 346 3.81 -41.61 -39.25
N LYS F 347 4.08 -40.31 -39.18
CA LYS F 347 4.57 -39.68 -37.95
C LYS F 347 3.55 -39.78 -36.82
N MET F 348 2.31 -40.08 -37.18
CA MET F 348 1.26 -40.33 -36.20
C MET F 348 1.47 -41.70 -35.57
N ALA F 349 1.92 -42.65 -36.39
CA ALA F 349 2.25 -43.98 -35.90
C ALA F 349 3.61 -44.05 -35.17
N GLN F 350 4.56 -43.20 -35.56
CA GLN F 350 5.83 -43.07 -34.86
C GLN F 350 5.56 -42.83 -33.39
N LEU F 351 4.67 -41.88 -33.15
CA LEU F 351 4.29 -41.47 -31.81
C LEU F 351 3.58 -42.61 -31.08
N ASN F 352 2.72 -43.33 -31.78
CA ASN F 352 2.00 -44.46 -31.18
C ASN F 352 2.99 -45.40 -30.52
N ASN F 353 4.19 -45.47 -31.07
CA ASN F 353 5.29 -46.24 -30.48
C ASN F 353 5.87 -45.56 -29.24
N LYS F 354 6.38 -44.35 -29.46
CA LYS F 354 6.95 -43.50 -28.41
C LYS F 354 6.12 -43.57 -27.13
N LEU F 355 4.83 -43.82 -27.30
CA LEU F 355 3.88 -43.87 -26.18
C LEU F 355 4.02 -45.16 -25.36
N GLU F 356 4.37 -46.26 -26.03
CA GLU F 356 4.55 -47.55 -25.35
C GLU F 356 5.93 -47.65 -24.68
N SER F 357 6.92 -47.03 -25.30
CA SER F 357 8.29 -47.06 -24.79
C SER F 357 8.76 -45.76 -24.10
N ARG F 358 7.83 -44.93 -23.65
CA ARG F 358 8.21 -43.72 -22.91
C ARG F 358 7.03 -43.16 -22.11
N GLY F 359 5.91 -43.88 -22.12
CA GLY F 359 4.71 -43.43 -21.42
C GLY F 359 4.26 -42.06 -21.93
N LEU F 360 3.51 -41.34 -21.11
CA LEU F 360 2.97 -40.06 -21.55
C LEU F 360 4.07 -39.06 -21.87
N VAL F 361 5.31 -39.34 -21.48
CA VAL F 361 6.42 -38.39 -21.60
C VAL F 361 6.93 -38.31 -23.04
N GLY F 362 6.34 -39.14 -23.88
CA GLY F 362 6.77 -39.24 -25.26
C GLY F 362 6.10 -38.18 -26.09
N VAL F 363 5.03 -37.64 -25.55
CA VAL F 363 4.17 -36.69 -26.26
C VAL F 363 3.92 -35.42 -25.42
N GLU F 364 4.55 -35.33 -24.25
CA GLU F 364 4.49 -34.12 -23.45
C GLU F 364 4.95 -32.94 -24.29
N CYS F 365 4.11 -31.89 -24.25
CA CYS F 365 4.23 -30.71 -25.11
C CYS F 365 3.65 -29.46 -24.44
N ILE F 366 3.99 -28.29 -24.97
CA ILE F 366 3.34 -27.01 -24.60
C ILE F 366 1.89 -27.01 -25.09
N THR F 367 0.94 -26.94 -24.16
CA THR F 367 -0.46 -27.04 -24.52
C THR F 367 -1.29 -26.03 -23.70
N PRO F 368 -2.45 -25.62 -24.21
CA PRO F 368 -3.41 -24.85 -23.41
C PRO F 368 -3.62 -25.41 -21.98
N TYR F 369 -3.28 -26.68 -21.75
CA TYR F 369 -3.24 -27.25 -20.39
C TYR F 369 -2.11 -26.63 -19.54
N SER F 370 -2.38 -26.37 -18.27
CA SER F 370 -1.34 -25.80 -17.40
C SER F 370 -0.18 -26.77 -17.30
N TYR F 371 -0.40 -27.98 -17.81
CA TYR F 371 0.50 -29.11 -17.63
C TYR F 371 1.20 -29.59 -18.91
N LYS F 372 2.51 -29.81 -18.81
CA LYS F 372 3.29 -30.36 -19.92
C LYS F 372 2.79 -31.76 -20.33
N SER F 373 2.41 -32.59 -19.36
CA SER F 373 1.89 -33.93 -19.64
C SER F 373 0.91 -34.37 -18.56
N LEU F 374 0.03 -35.30 -18.92
CA LEU F 374 -1.05 -35.72 -18.02
C LEU F 374 -0.49 -36.31 -16.70
N ALA F 375 0.79 -36.61 -16.71
CA ALA F 375 1.44 -37.19 -15.54
C ALA F 375 1.62 -36.14 -14.45
N MET F 376 1.77 -34.88 -14.85
CA MET F 376 1.95 -33.79 -13.90
C MET F 376 0.67 -33.57 -13.15
N ALA F 377 -0.44 -33.92 -13.79
CA ALA F 377 -1.76 -33.68 -13.22
C ALA F 377 -2.07 -34.78 -12.22
N LEU F 378 -1.94 -36.00 -12.73
CA LEU F 378 -2.28 -37.20 -12.00
C LEU F 378 -1.43 -37.35 -10.74
N GLN F 379 -0.21 -36.80 -10.80
CA GLN F 379 0.64 -36.73 -9.63
C GLN F 379 -0.27 -36.47 -8.44
N ARG F 380 -0.95 -35.33 -8.47
CA ARG F 380 -1.78 -34.90 -7.34
C ARG F 380 -2.89 -35.91 -6.98
N CYS F 381 -3.59 -36.38 -8.01
CA CYS F 381 -4.72 -37.29 -7.81
C CYS F 381 -4.30 -38.49 -6.97
N VAL F 382 -2.99 -38.74 -6.98
CA VAL F 382 -2.40 -39.93 -6.36
C VAL F 382 -1.85 -39.67 -4.95
N GLU F 383 -1.46 -38.42 -4.73
CA GLU F 383 -0.94 -37.97 -3.44
C GLU F 383 -2.07 -37.93 -2.44
N VAL F 384 -3.19 -37.40 -2.88
CA VAL F 384 -4.37 -37.23 -2.06
C VAL F 384 -4.92 -38.58 -1.56
N LEU F 385 -4.55 -39.65 -2.23
CA LEU F 385 -5.14 -40.96 -2.02
C LEU F 385 -4.87 -41.47 -0.62
N SER F 386 -5.89 -42.06 0.00
CA SER F 386 -5.70 -42.75 1.27
C SER F 386 -4.40 -43.55 1.19
N ASP F 387 -3.57 -43.49 2.24
CA ASP F 387 -2.26 -44.20 2.27
C ASP F 387 -2.37 -45.69 1.81
N GLU F 388 -3.45 -46.34 2.21
CA GLU F 388 -3.64 -47.75 1.84
C GLU F 388 -4.01 -47.90 0.38
N ASP F 389 -4.97 -47.10 -0.07
CA ASP F 389 -5.43 -47.21 -1.45
C ASP F 389 -4.26 -47.05 -2.41
N ARG F 390 -3.32 -46.18 -2.07
CA ARG F 390 -2.16 -45.96 -2.93
C ARG F 390 -1.40 -47.25 -3.17
N SER F 391 -1.20 -48.03 -2.12
CA SER F 391 -0.48 -49.29 -2.26
C SER F 391 -1.20 -50.20 -3.22
N ALA F 392 -2.51 -50.34 -3.04
CA ALA F 392 -3.29 -51.20 -3.91
C ALA F 392 -3.14 -50.75 -5.35
N LEU F 393 -3.18 -49.44 -5.56
CA LEU F 393 -3.04 -48.90 -6.91
C LEU F 393 -1.70 -49.32 -7.49
N ALA F 394 -0.65 -49.24 -6.70
CA ALA F 394 0.68 -49.60 -7.18
C ALA F 394 0.72 -51.05 -7.63
N PHE F 395 0.06 -51.93 -6.88
CA PHE F 395 0.06 -53.35 -7.23
C PHE F 395 -0.84 -53.65 -8.43
N ALA F 396 -1.74 -52.73 -8.75
CA ALA F 396 -2.68 -52.95 -9.85
C ALA F 396 -2.03 -52.78 -11.21
N VAL F 397 -0.79 -52.29 -11.23
CA VAL F 397 -0.12 -52.04 -12.51
C VAL F 397 -0.04 -53.28 -13.38
N VAL F 398 0.19 -54.44 -12.76
CA VAL F 398 0.34 -55.68 -13.52
C VAL F 398 -0.85 -55.98 -14.42
N MET F 399 -2.04 -55.54 -14.03
CA MET F 399 -3.25 -55.86 -14.80
C MET F 399 -3.20 -55.33 -16.23
N PRO F 400 -3.61 -56.17 -17.19
CA PRO F 400 -3.66 -55.71 -18.59
C PRO F 400 -4.76 -54.69 -18.77
N PRO F 401 -4.46 -53.55 -19.41
CA PRO F 401 -5.46 -52.49 -19.55
C PRO F 401 -6.52 -52.77 -20.61
N GLY F 402 -7.68 -52.12 -20.49
CA GLY F 402 -8.74 -52.28 -21.47
C GLY F 402 -9.16 -53.73 -21.53
N VAL F 403 -9.34 -54.32 -20.35
CA VAL F 403 -9.81 -55.68 -20.23
C VAL F 403 -10.69 -55.74 -19.01
N ASP F 404 -11.88 -56.32 -19.15
CA ASP F 404 -12.79 -56.46 -18.03
C ASP F 404 -12.42 -57.70 -17.23
N ILE F 405 -12.05 -57.54 -15.96
CA ILE F 405 -11.45 -58.63 -15.21
C ILE F 405 -12.01 -58.73 -13.79
N PRO F 406 -12.21 -59.96 -13.29
CA PRO F 406 -12.86 -60.27 -12.01
C PRO F 406 -12.18 -59.73 -10.77
N VAL F 407 -12.92 -59.69 -9.66
CA VAL F 407 -12.43 -59.15 -8.40
C VAL F 407 -11.37 -60.07 -7.82
N LYS F 408 -11.64 -61.36 -7.86
CA LYS F 408 -10.70 -62.33 -7.31
C LYS F 408 -9.36 -62.27 -8.07
N LEU F 409 -9.42 -62.25 -9.40
CA LEU F 409 -8.22 -62.06 -10.24
C LEU F 409 -7.44 -60.80 -9.84
N TRP F 410 -8.07 -59.92 -9.07
CA TRP F 410 -7.39 -58.72 -8.60
C TRP F 410 -6.89 -58.96 -7.19
N SER F 411 -7.66 -59.71 -6.41
CA SER F 411 -7.32 -60.04 -5.02
C SER F 411 -5.91 -60.61 -4.92
N CYS F 412 -5.37 -61.01 -6.07
CA CYS F 412 -4.07 -61.67 -6.17
C CYS F 412 -2.90 -60.68 -6.02
N VAL F 413 -2.97 -59.52 -6.65
CA VAL F 413 -1.87 -58.55 -6.54
C VAL F 413 -2.05 -57.52 -5.41
N ILE F 414 -3.29 -57.23 -5.06
CA ILE F 414 -3.58 -56.18 -4.08
C ILE F 414 -3.32 -56.63 -2.62
N PRO F 415 -2.59 -55.79 -1.85
CA PRO F 415 -2.30 -55.95 -0.40
C PRO F 415 -3.53 -55.99 0.54
N VAL F 416 -3.30 -56.35 1.81
CA VAL F 416 -4.30 -56.29 2.90
C VAL F 416 -3.71 -56.73 4.25
N GLU F 424 -9.09 -63.34 7.50
CA GLU F 424 -10.24 -64.17 7.17
C GLU F 424 -10.26 -64.59 5.69
N GLN F 425 -11.45 -64.85 5.16
CA GLN F 425 -11.56 -65.47 3.83
C GLN F 425 -12.33 -64.67 2.77
N LEU F 426 -13.10 -63.66 3.18
CA LEU F 426 -13.74 -62.82 2.15
C LEU F 426 -13.02 -61.49 1.85
N ASP F 427 -12.41 -61.47 0.67
CA ASP F 427 -11.74 -60.29 0.15
C ASP F 427 -12.69 -59.47 -0.72
N ASP F 428 -13.59 -58.76 -0.03
CA ASP F 428 -14.44 -57.76 -0.65
C ASP F 428 -13.71 -56.44 -0.45
N GLU F 429 -12.90 -56.39 0.60
CA GLU F 429 -12.10 -55.21 0.87
C GLU F 429 -11.38 -54.74 -0.37
N VAL F 430 -11.01 -55.67 -1.26
CA VAL F 430 -10.41 -55.29 -2.53
C VAL F 430 -11.37 -54.43 -3.34
N ALA F 431 -12.61 -54.89 -3.45
CA ALA F 431 -13.63 -54.13 -4.16
C ALA F 431 -13.86 -52.72 -3.58
N ASP F 432 -13.85 -52.60 -2.25
CA ASP F 432 -14.10 -51.31 -1.60
C ASP F 432 -13.03 -50.30 -1.97
N ARG F 433 -11.79 -50.77 -2.06
CA ARG F 433 -10.69 -49.92 -2.44
C ARG F 433 -10.83 -49.52 -3.90
N LEU F 434 -11.16 -50.48 -4.75
CA LEU F 434 -11.32 -50.22 -6.18
C LEU F 434 -12.48 -49.27 -6.55
N LYS F 435 -13.52 -49.23 -5.72
CA LYS F 435 -14.55 -48.22 -5.88
C LYS F 435 -14.01 -46.83 -5.52
N ARG F 436 -13.52 -46.65 -4.29
CA ARG F 436 -12.85 -45.40 -3.89
C ARG F 436 -11.91 -44.94 -5.02
N LEU F 437 -11.31 -45.92 -5.70
CA LEU F 437 -10.32 -45.69 -6.74
C LEU F 437 -10.90 -45.13 -8.05
N SER F 438 -12.08 -45.60 -8.43
CA SER F 438 -12.78 -44.96 -9.56
C SER F 438 -13.49 -43.66 -9.13
N LYS F 439 -14.11 -43.62 -7.96
CA LYS F 439 -14.66 -42.37 -7.43
C LYS F 439 -13.66 -41.20 -7.33
N ARG F 440 -12.37 -41.49 -7.19
CA ARG F 440 -11.42 -40.43 -6.79
C ARG F 440 -10.36 -40.08 -7.80
N GLY F 441 -10.78 -39.74 -9.01
CA GLY F 441 -9.85 -39.32 -10.03
C GLY F 441 -10.18 -40.19 -11.21
N ALA F 442 -11.14 -41.07 -10.97
CA ALA F 442 -11.63 -41.98 -11.99
C ALA F 442 -10.42 -42.68 -12.56
N LEU F 443 -9.74 -43.42 -11.71
CA LEU F 443 -8.50 -44.07 -12.10
C LEU F 443 -8.86 -45.48 -12.53
N LEU F 444 -9.89 -46.02 -11.90
CA LEU F 444 -10.37 -47.33 -12.27
C LEU F 444 -11.58 -47.30 -13.22
N SER F 445 -12.68 -47.94 -12.80
CA SER F 445 -13.80 -48.27 -13.69
C SER F 445 -14.62 -49.43 -13.13
N GLY F 446 -15.74 -49.13 -12.47
CA GLY F 446 -16.61 -50.15 -11.91
C GLY F 446 -17.74 -50.62 -12.84
N LYS F 447 -18.05 -51.91 -12.78
CA LYS F 447 -19.04 -52.55 -13.66
C LYS F 447 -19.75 -53.74 -12.97
N ARG F 448 -20.97 -53.49 -12.47
CA ARG F 448 -21.68 -54.37 -11.51
C ARG F 448 -21.94 -55.81 -11.96
N MET F 449 -22.78 -55.97 -12.97
CA MET F 449 -23.01 -57.28 -13.58
C MET F 449 -22.46 -57.30 -15.01
N PRO F 450 -22.30 -58.49 -15.62
CA PRO F 450 -22.71 -59.82 -15.18
C PRO F 450 -22.11 -60.22 -13.82
N VAL F 451 -20.82 -59.93 -13.65
CA VAL F 451 -20.12 -60.16 -12.38
C VAL F 451 -19.27 -58.94 -12.02
N LEU F 452 -19.16 -58.65 -10.72
CA LEU F 452 -18.35 -57.50 -10.24
C LEU F 452 -16.91 -57.50 -10.75
N THR F 453 -16.65 -56.64 -11.73
CA THR F 453 -15.31 -56.57 -12.31
C THR F 453 -14.91 -55.11 -12.51
N PHE F 454 -13.62 -54.88 -12.70
CA PHE F 454 -13.13 -53.53 -12.95
C PHE F 454 -12.28 -53.51 -14.20
N LYS F 455 -11.75 -52.35 -14.55
CA LYS F 455 -10.87 -52.26 -15.72
C LYS F 455 -9.92 -51.09 -15.60
N ILE F 456 -8.74 -51.22 -16.20
CA ILE F 456 -7.75 -50.14 -16.16
C ILE F 456 -7.55 -49.54 -17.55
N ASP F 457 -7.57 -48.21 -17.63
CA ASP F 457 -7.40 -47.55 -18.92
C ASP F 457 -5.92 -47.41 -19.28
N HIS F 458 -5.66 -47.34 -20.58
CA HIS F 458 -4.28 -47.30 -21.07
C HIS F 458 -3.45 -46.12 -20.62
N ILE F 459 -4.01 -44.91 -20.66
CA ILE F 459 -3.27 -43.76 -20.18
C ILE F 459 -2.84 -44.01 -18.76
N ILE F 460 -3.80 -44.30 -17.89
CA ILE F 460 -3.50 -44.54 -16.50
C ILE F 460 -2.52 -45.69 -16.36
N HIS F 461 -2.71 -46.74 -17.14
CA HIS F 461 -1.83 -47.89 -17.05
C HIS F 461 -0.40 -47.47 -17.27
N MET F 462 -0.13 -46.81 -18.39
CA MET F 462 1.22 -46.40 -18.72
C MET F 462 1.77 -45.49 -17.64
N PHE F 463 0.95 -44.55 -17.19
CA PHE F 463 1.40 -43.65 -16.14
C PHE F 463 1.92 -44.45 -14.97
N LEU F 464 1.09 -45.33 -14.42
CA LEU F 464 1.49 -46.10 -13.26
C LEU F 464 2.74 -46.90 -13.53
N LYS F 465 2.78 -47.55 -14.68
CA LYS F 465 3.93 -48.37 -15.04
C LYS F 465 5.23 -47.58 -14.98
N HIS F 466 5.24 -46.42 -15.62
CA HIS F 466 6.48 -45.64 -15.67
C HIS F 466 6.81 -44.99 -14.33
N VAL F 467 5.79 -44.73 -13.52
CA VAL F 467 6.01 -44.07 -12.23
C VAL F 467 6.37 -45.02 -11.09
N VAL F 468 5.71 -46.18 -11.04
CA VAL F 468 5.92 -47.08 -9.89
C VAL F 468 7.34 -47.66 -9.91
N ASP F 469 7.79 -48.11 -8.73
CA ASP F 469 9.14 -48.67 -8.56
C ASP F 469 9.37 -49.80 -9.55
N ALA F 470 10.39 -49.68 -10.39
CA ALA F 470 10.65 -50.68 -11.41
C ALA F 470 10.61 -52.09 -10.82
N GLN F 471 10.95 -52.19 -9.53
CA GLN F 471 10.90 -53.45 -8.80
C GLN F 471 9.45 -53.90 -8.55
N THR F 472 8.65 -53.01 -7.98
CA THR F 472 7.29 -53.33 -7.58
C THR F 472 6.42 -53.84 -8.72
N ILE F 473 6.78 -53.46 -9.94
CA ILE F 473 6.13 -54.03 -11.10
C ILE F 473 6.44 -55.52 -11.14
N ALA F 474 7.74 -55.84 -11.23
CA ALA F 474 8.16 -57.23 -11.33
C ALA F 474 7.76 -58.09 -10.11
N ASN F 475 7.69 -57.49 -8.91
CA ASN F 475 7.26 -58.21 -7.70
C ASN F 475 5.78 -58.54 -7.72
N GLY F 476 4.99 -57.68 -8.34
CA GLY F 476 3.56 -57.90 -8.41
C GLY F 476 3.25 -58.96 -9.45
N ILE F 477 4.08 -59.00 -10.49
CA ILE F 477 3.93 -59.99 -11.53
C ILE F 477 4.18 -61.39 -10.97
N SER F 478 5.25 -61.54 -10.19
CA SER F 478 5.54 -62.81 -9.54
C SER F 478 4.49 -63.16 -8.50
N ILE F 479 4.12 -62.19 -7.65
CA ILE F 479 3.06 -62.36 -6.66
C ILE F 479 1.74 -62.79 -7.31
N LEU F 480 1.62 -62.60 -8.62
CA LEU F 480 0.45 -63.05 -9.37
C LEU F 480 0.60 -64.49 -9.86
N GLU F 481 1.71 -64.78 -10.50
CA GLU F 481 1.97 -66.13 -10.97
C GLU F 481 1.64 -67.15 -9.88
N GLN F 482 2.01 -66.83 -8.65
CA GLN F 482 1.77 -67.77 -7.55
C GLN F 482 0.29 -68.04 -7.40
N ARG F 483 -0.50 -66.98 -7.31
CA ARG F 483 -1.94 -67.13 -7.17
C ARG F 483 -2.51 -67.69 -8.45
N LEU F 484 -1.80 -67.48 -9.54
CA LEU F 484 -2.26 -67.97 -10.83
C LEU F 484 -2.49 -69.47 -10.78
N LEU F 485 -1.74 -70.15 -9.92
CA LEU F 485 -1.91 -71.59 -9.77
C LEU F 485 -3.34 -71.89 -9.35
N GLU F 486 -3.92 -71.01 -8.54
CA GLU F 486 -5.29 -71.22 -8.07
C GLU F 486 -5.40 -72.55 -7.36
N ILE F 487 -6.40 -73.34 -7.73
CA ILE F 487 -6.58 -74.64 -7.11
C ILE F 487 -5.77 -75.71 -7.84
N GLU F 521 -12.49 -60.55 -25.89
CA GLU F 521 -13.74 -60.59 -26.63
C GLU F 521 -14.90 -60.21 -25.74
N THR F 522 -16.08 -60.01 -26.34
CA THR F 522 -17.29 -59.65 -25.60
C THR F 522 -17.69 -60.75 -24.60
N VAL F 523 -16.70 -61.49 -24.11
CA VAL F 523 -16.90 -62.49 -23.07
C VAL F 523 -15.89 -62.30 -21.94
N ILE F 524 -16.41 -62.22 -20.72
CA ILE F 524 -15.60 -62.10 -19.52
C ILE F 524 -14.90 -63.43 -19.25
N ARG F 525 -13.74 -63.36 -18.59
CA ARG F 525 -12.95 -64.57 -18.30
C ARG F 525 -13.56 -65.44 -17.19
N PRO F 526 -13.87 -66.70 -17.50
CA PRO F 526 -14.52 -67.67 -16.61
C PRO F 526 -13.62 -68.21 -15.50
N GLU F 527 -14.22 -68.71 -14.43
CA GLU F 527 -13.49 -69.23 -13.27
C GLU F 527 -12.86 -70.60 -13.48
N ASP F 528 -13.17 -71.22 -14.62
CA ASP F 528 -12.56 -72.51 -14.99
C ASP F 528 -11.22 -72.23 -15.64
N PHE F 529 -11.06 -70.98 -16.09
CA PHE F 529 -9.89 -70.59 -16.86
C PHE F 529 -9.08 -69.42 -16.25
N PRO F 530 -9.13 -69.24 -14.92
CA PRO F 530 -8.28 -68.18 -14.36
C PRO F 530 -6.85 -68.68 -14.22
N LYS F 531 -6.70 -69.97 -14.00
CA LYS F 531 -5.39 -70.56 -13.83
C LYS F 531 -4.47 -70.06 -14.95
N PHE F 532 -5.04 -69.69 -16.09
CA PHE F 532 -4.24 -69.11 -17.17
C PHE F 532 -4.59 -67.66 -17.58
N MET F 533 -3.94 -66.71 -16.92
CA MET F 533 -3.94 -65.31 -17.35
C MET F 533 -3.16 -65.22 -18.66
N GLN F 534 -2.83 -66.39 -19.19
CA GLN F 534 -1.98 -66.51 -20.36
C GLN F 534 -2.61 -65.98 -21.64
N LEU F 535 -3.92 -65.72 -21.61
CA LEU F 535 -4.59 -65.13 -22.77
C LEU F 535 -3.88 -63.82 -23.13
N HIS F 536 -3.53 -63.07 -22.08
CA HIS F 536 -2.87 -61.77 -22.20
C HIS F 536 -1.35 -61.87 -22.13
N GLN F 537 -0.80 -63.04 -22.46
CA GLN F 537 0.65 -63.20 -22.51
C GLN F 537 1.21 -62.07 -23.37
N LYS F 538 0.52 -61.75 -24.45
CA LYS F 538 0.96 -60.69 -25.34
C LYS F 538 1.23 -59.43 -24.52
N PHE F 539 0.17 -58.94 -23.87
CA PHE F 539 0.19 -57.70 -23.08
C PHE F 539 0.86 -57.87 -21.71
N TYR F 540 1.63 -58.95 -21.55
CA TYR F 540 2.35 -59.25 -20.30
C TYR F 540 3.82 -59.47 -20.53
N ASP F 541 4.15 -59.95 -21.72
CA ASP F 541 5.53 -60.23 -22.09
C ASP F 541 6.32 -58.94 -22.23
N SER F 542 5.61 -57.84 -22.50
CA SER F 542 6.20 -56.51 -22.68
C SER F 542 6.58 -55.87 -21.34
N LEU F 543 7.09 -56.69 -20.43
CA LEU F 543 7.65 -56.26 -19.15
C LEU F 543 8.96 -57.06 -18.89
N MET G 1 -56.69 22.67 16.91
CA MET G 1 -55.83 21.90 17.80
C MET G 1 -56.02 22.33 19.25
N LEU G 2 -55.66 21.44 20.17
CA LEU G 2 -55.71 21.72 21.60
C LEU G 2 -54.50 22.53 22.09
N CYS G 3 -53.69 21.92 22.96
CA CYS G 3 -52.42 22.48 23.43
C CYS G 3 -51.84 21.59 24.54
N GLU G 4 -50.77 22.03 25.19
CA GLU G 4 -50.12 21.24 26.25
C GLU G 4 -50.99 21.05 27.51
N ILE G 5 -51.77 22.06 27.88
CA ILE G 5 -52.66 21.97 29.05
C ILE G 5 -53.80 20.98 28.82
N GLU G 6 -54.51 21.18 27.71
CA GLU G 6 -55.67 20.39 27.37
C GLU G 6 -55.31 18.95 26.99
N CYS G 7 -54.08 18.75 26.50
CA CYS G 7 -53.56 17.41 26.13
C CYS G 7 -52.88 16.72 27.31
N ARG G 8 -52.33 17.52 28.22
CA ARG G 8 -51.76 17.01 29.46
C ARG G 8 -52.86 16.45 30.37
N ALA G 9 -54.06 16.99 30.21
CA ALA G 9 -55.24 16.53 30.93
C ALA G 9 -55.75 15.17 30.44
N LEU G 10 -55.85 15.02 29.12
CA LEU G 10 -56.26 13.74 28.53
C LEU G 10 -55.25 12.65 28.87
N SER G 11 -54.02 13.08 29.18
CA SER G 11 -52.95 12.15 29.52
C SER G 11 -52.91 11.82 31.02
N THR G 12 -53.05 12.84 31.86
CA THR G 12 -53.04 12.65 33.31
C THR G 12 -54.22 11.77 33.76
N ALA G 13 -55.41 12.07 33.25
CA ALA G 13 -56.59 11.28 33.52
C ALA G 13 -56.68 10.09 32.57
N HIS G 14 -55.55 9.41 32.35
CA HIS G 14 -55.52 8.27 31.42
C HIS G 14 -55.66 6.91 32.13
N THR G 15 -55.10 6.79 33.32
CA THR G 15 -55.28 5.59 34.11
C THR G 15 -56.78 5.27 34.23
N ARG G 16 -57.60 6.35 34.22
CA ARG G 16 -59.06 6.27 34.38
C ARG G 16 -59.84 6.00 33.09
N LEU G 17 -59.51 6.72 32.02
CA LEU G 17 -60.19 6.57 30.73
C LEU G 17 -59.97 5.19 30.11
N ILE G 18 -59.16 4.36 30.76
CA ILE G 18 -58.95 2.98 30.35
C ILE G 18 -59.86 1.99 31.11
N HIS G 19 -60.14 2.29 32.38
CA HIS G 19 -60.93 1.39 33.23
C HIS G 19 -62.42 1.41 32.88
N ASP G 20 -62.92 2.57 32.45
CA ASP G 20 -64.34 2.73 32.10
C ASP G 20 -64.59 3.84 31.08
N PHE G 21 -64.82 3.45 29.83
CA PHE G 21 -65.02 4.40 28.74
C PHE G 21 -65.15 3.61 27.46
N GLU G 22 -65.61 4.26 26.40
CA GLU G 22 -65.72 3.60 25.11
C GLU G 22 -65.93 4.64 24.02
N PRO G 23 -65.05 4.66 23.02
CA PRO G 23 -65.15 5.65 21.94
C PRO G 23 -66.39 5.47 21.07
N ARG G 24 -66.96 4.26 21.01
CA ARG G 24 -68.18 4.07 20.24
C ARG G 24 -69.31 4.90 20.83
N ASP G 25 -69.30 5.01 22.15
CA ASP G 25 -70.31 5.76 22.88
C ASP G 25 -70.30 7.25 22.52
N ALA G 26 -69.13 7.76 22.15
CA ALA G 26 -68.99 9.20 21.93
C ALA G 26 -69.03 9.59 20.45
N LEU G 27 -68.89 8.62 19.56
CA LEU G 27 -68.78 8.89 18.13
C LEU G 27 -70.00 9.59 17.58
N THR G 28 -71.18 9.12 18.00
CA THR G 28 -72.43 9.72 17.56
C THR G 28 -72.57 11.15 18.08
N TYR G 29 -72.20 11.36 19.34
CA TYR G 29 -72.27 12.68 19.96
C TYR G 29 -71.25 13.65 19.36
N LEU G 30 -70.22 13.13 18.71
CA LEU G 30 -69.20 14.01 18.12
C LEU G 30 -69.29 14.18 16.60
N GLU G 31 -69.76 13.18 15.87
CA GLU G 31 -70.06 13.38 14.46
C GLU G 31 -71.07 14.52 14.43
N GLY G 32 -71.76 14.68 15.56
CA GLY G 32 -72.82 15.66 15.69
C GLY G 32 -72.36 17.07 16.04
N LYS G 33 -71.71 17.24 17.18
CA LYS G 33 -71.27 18.58 17.58
C LYS G 33 -70.18 19.12 16.66
N ASN G 34 -70.01 18.46 15.51
CA ASN G 34 -69.10 18.88 14.45
C ASN G 34 -67.60 18.88 14.83
N ILE G 35 -67.05 17.69 14.97
CA ILE G 35 -65.69 17.51 15.46
C ILE G 35 -65.14 16.20 14.91
N PHE G 36 -65.93 15.52 14.09
CA PHE G 36 -65.52 14.27 13.44
C PHE G 36 -65.92 14.20 11.97
N THR G 37 -65.63 13.07 11.34
CA THR G 37 -65.96 12.82 9.93
C THR G 37 -66.29 11.35 9.77
N GLU G 38 -67.13 11.02 8.77
CA GLU G 38 -67.63 9.65 8.63
C GLU G 38 -66.53 8.62 8.31
N ASP G 39 -65.32 9.07 7.99
CA ASP G 39 -64.17 8.17 8.03
C ASP G 39 -63.56 8.09 9.43
N HIS G 40 -63.61 9.20 10.16
CA HIS G 40 -63.11 9.23 11.53
C HIS G 40 -63.80 8.19 12.39
N SER G 41 -65.13 8.21 12.36
CA SER G 41 -65.94 7.27 13.14
C SER G 41 -65.78 5.84 12.64
N GLU G 42 -65.55 5.69 11.34
CA GLU G 42 -65.25 4.38 10.78
C GLU G 42 -63.94 3.86 11.36
N LEU G 43 -62.91 4.71 11.34
CA LEU G 43 -61.58 4.32 11.82
C LEU G 43 -61.56 3.92 13.30
N ILE G 44 -62.27 4.66 14.14
CA ILE G 44 -62.29 4.37 15.58
C ILE G 44 -63.37 3.34 15.96
N SER G 45 -64.42 3.24 15.13
CA SER G 45 -65.55 2.34 15.38
C SER G 45 -65.29 0.86 15.05
N LYS G 46 -64.47 0.60 14.03
CA LYS G 46 -64.02 -0.78 13.76
C LYS G 46 -62.59 -1.04 14.27
N MET G 47 -62.47 -1.29 15.56
CA MET G 47 -61.18 -1.60 16.19
C MET G 47 -61.37 -2.73 17.17
N SER G 48 -60.59 -3.81 17.02
CA SER G 48 -60.80 -5.02 17.81
C SER G 48 -60.78 -4.77 19.33
N THR G 49 -59.69 -4.20 19.85
CA THR G 49 -59.63 -3.88 21.28
C THR G 49 -60.03 -2.44 21.54
N ARG G 50 -60.33 -2.12 22.79
CA ARG G 50 -60.78 -0.77 23.16
C ARG G 50 -59.62 0.20 23.33
N LEU G 51 -58.48 -0.29 23.82
CA LEU G 51 -57.27 0.53 23.95
C LEU G 51 -56.86 1.10 22.59
N GLU G 52 -57.29 0.41 21.53
CA GLU G 52 -57.14 0.91 20.16
C GLU G 52 -58.12 2.06 19.88
N ARG G 53 -59.40 1.82 20.14
CA ARG G 53 -60.43 2.83 19.95
C ARG G 53 -60.19 4.03 20.85
N ILE G 54 -59.58 3.80 22.01
CA ILE G 54 -59.25 4.88 22.94
C ILE G 54 -58.05 5.72 22.49
N ALA G 55 -56.98 5.06 22.05
CA ALA G 55 -55.76 5.73 21.57
C ALA G 55 -56.00 6.50 20.27
N ASN G 56 -56.86 5.97 19.40
CA ASN G 56 -57.33 6.70 18.22
C ASN G 56 -58.33 7.85 18.50
N PHE G 57 -59.13 7.70 19.55
CA PHE G 57 -60.08 8.74 19.94
C PHE G 57 -59.33 9.93 20.54
N LEU G 58 -58.32 9.63 21.35
CA LEU G 58 -57.47 10.65 21.96
C LEU G 58 -56.42 11.27 20.99
N ARG G 59 -55.96 10.51 19.99
CA ARG G 59 -55.12 11.07 18.92
C ARG G 59 -55.95 11.97 17.99
N ILE G 60 -56.96 11.39 17.34
CA ILE G 60 -57.88 12.11 16.46
C ILE G 60 -58.54 13.33 17.11
N TYR G 61 -58.92 13.19 18.37
CA TYR G 61 -59.58 14.29 19.08
C TYR G 61 -58.68 15.53 19.27
N ARG G 62 -57.41 15.31 19.63
CA ARG G 62 -56.50 16.41 19.97
C ARG G 62 -56.24 17.34 18.78
N ARG G 63 -56.57 16.86 17.59
CA ARG G 63 -56.37 17.62 16.35
C ARG G 63 -57.60 18.43 15.93
N GLN G 64 -58.78 17.87 16.22
CA GLN G 64 -60.04 18.33 15.64
C GLN G 64 -60.78 19.47 16.37
N ALA G 65 -60.79 19.43 17.69
CA ALA G 65 -61.55 20.39 18.49
C ALA G 65 -60.80 21.69 18.76
N SER G 66 -61.52 22.82 18.71
CA SER G 66 -60.94 24.11 19.07
C SER G 66 -60.71 24.22 20.58
N GLU G 67 -61.27 23.28 21.34
CA GLU G 67 -61.18 23.29 22.80
C GLU G 67 -61.61 21.94 23.42
N LEU G 68 -61.55 21.85 24.75
CA LEU G 68 -61.96 20.64 25.48
C LEU G 68 -63.36 20.74 26.10
N GLY G 69 -64.32 21.22 25.32
CA GLY G 69 -65.67 21.38 25.84
C GLY G 69 -66.60 20.20 25.69
N PRO G 70 -66.94 19.83 24.45
CA PRO G 70 -67.90 18.75 24.23
C PRO G 70 -67.53 17.47 24.99
N LEU G 71 -66.23 17.18 25.07
CA LEU G 71 -65.80 15.97 25.75
C LEU G 71 -66.35 15.93 27.15
N ILE G 72 -66.22 17.04 27.88
CA ILE G 72 -66.77 17.11 29.23
C ILE G 72 -68.27 16.96 29.18
N ASP G 73 -68.89 17.65 28.23
CA ASP G 73 -70.34 17.59 28.11
C ASP G 73 -70.78 16.14 27.96
N PHE G 74 -69.93 15.34 27.33
CA PHE G 74 -70.30 13.95 27.08
C PHE G 74 -70.26 13.06 28.31
N PHE G 75 -69.14 13.05 29.03
CA PHE G 75 -69.03 12.12 30.15
C PHE G 75 -70.15 12.39 31.15
N ASN G 76 -70.65 13.63 31.17
CA ASN G 76 -71.85 13.98 31.92
C ASN G 76 -73.02 13.12 31.48
N TYR G 77 -73.46 13.29 30.22
CA TYR G 77 -74.62 12.55 29.73
C TYR G 77 -74.47 11.00 29.77
N ASN G 78 -73.24 10.51 29.65
CA ASN G 78 -73.01 9.05 29.56
C ASN G 78 -72.94 8.30 30.89
N ASN G 79 -73.42 8.91 31.97
CA ASN G 79 -73.36 8.30 33.31
C ASN G 79 -71.93 8.06 33.78
N GLN G 80 -70.98 8.58 33.01
CA GLN G 80 -69.57 8.56 33.36
C GLN G 80 -69.16 9.95 33.88
N SER G 81 -70.04 10.56 34.68
CA SER G 81 -69.80 11.91 35.17
C SER G 81 -68.61 12.01 36.12
N HIS G 82 -68.25 10.90 36.75
CA HIS G 82 -67.07 10.88 37.60
C HIS G 82 -65.82 11.20 36.76
N LEU G 83 -65.95 11.12 35.44
CA LEU G 83 -64.89 11.49 34.51
C LEU G 83 -64.93 12.98 34.13
N ALA G 84 -66.04 13.44 33.55
CA ALA G 84 -66.17 14.85 33.13
C ALA G 84 -66.00 15.82 34.30
N ASP G 85 -66.19 15.33 35.52
CA ASP G 85 -65.95 16.13 36.71
C ASP G 85 -64.45 16.28 37.00
N PHE G 86 -63.70 15.18 36.90
CA PHE G 86 -62.24 15.22 37.08
C PHE G 86 -61.56 16.16 36.07
N LEU G 87 -61.95 16.07 34.81
CA LEU G 87 -61.36 16.91 33.76
C LEU G 87 -61.76 18.39 33.88
N GLU G 88 -63.00 18.67 34.27
CA GLU G 88 -63.39 20.07 34.49
C GLU G 88 -62.68 20.67 35.72
N ASP G 89 -62.40 19.83 36.72
CA ASP G 89 -61.64 20.26 37.89
C ASP G 89 -60.21 20.64 37.48
N TYR G 90 -59.63 19.85 36.58
CA TYR G 90 -58.26 20.06 36.10
C TYR G 90 -58.12 21.32 35.24
N ILE G 91 -59.12 21.58 34.38
CA ILE G 91 -59.14 22.76 33.53
C ILE G 91 -59.31 24.03 34.36
N ASP G 92 -59.88 23.87 35.56
CA ASP G 92 -60.11 25.02 36.45
C ASP G 92 -58.87 25.37 37.30
N PHE G 93 -58.13 24.36 37.76
CA PHE G 93 -56.90 24.61 38.50
C PHE G 93 -55.77 25.06 37.57
N ALA G 94 -56.15 25.80 36.54
CA ALA G 94 -55.22 26.39 35.58
C ALA G 94 -55.84 27.61 34.91
N ILE G 95 -57.16 27.57 34.68
CA ILE G 95 -57.91 28.69 34.11
C ILE G 95 -58.09 29.85 35.10
N ASN G 96 -58.32 29.55 36.37
CA ASN G 96 -58.53 30.58 37.39
C ASN G 96 -57.27 30.99 38.19
N GLU G 97 -56.11 30.42 37.86
CA GLU G 97 -54.85 30.75 38.56
C GLU G 97 -53.63 30.76 37.63
N PRO G 98 -52.75 31.78 37.79
CA PRO G 98 -51.57 31.97 36.94
C PRO G 98 -50.28 31.35 37.49
N ASP G 99 -50.37 30.24 38.22
CA ASP G 99 -49.18 29.64 38.82
C ASP G 99 -49.21 28.10 38.90
N LEU G 100 -48.08 27.46 38.59
CA LEU G 100 -48.00 25.99 38.50
C LEU G 100 -46.69 25.37 39.03
N MET H 1 -11.40 65.82 -25.17
CA MET H 1 -10.34 64.81 -25.19
C MET H 1 -9.91 64.50 -26.62
N LEU H 2 -8.69 63.98 -26.75
CA LEU H 2 -8.15 63.56 -28.05
C LEU H 2 -8.68 62.20 -28.49
N CYS H 3 -7.76 61.23 -28.60
CA CYS H 3 -8.08 59.82 -28.89
C CYS H 3 -6.78 59.03 -29.09
N GLU H 4 -6.90 57.77 -29.51
CA GLU H 4 -5.72 56.92 -29.73
C GLU H 4 -4.79 57.38 -30.88
N ILE H 5 -5.38 57.90 -31.96
CA ILE H 5 -4.60 58.40 -33.10
C ILE H 5 -3.80 59.65 -32.73
N GLU H 6 -4.51 60.64 -32.19
CA GLU H 6 -3.93 61.92 -31.84
C GLU H 6 -2.95 61.83 -30.67
N CYS H 7 -3.16 60.83 -29.80
CA CYS H 7 -2.28 60.58 -28.63
C CYS H 7 -1.13 59.64 -28.98
N ARG H 8 -1.36 58.77 -29.96
CA ARG H 8 -0.30 57.91 -30.48
C ARG H 8 0.75 58.73 -31.22
N ALA H 9 0.31 59.88 -31.76
CA ALA H 9 1.19 60.81 -32.44
C ALA H 9 2.10 61.58 -31.48
N LEU H 10 1.53 62.09 -30.39
CA LEU H 10 2.31 62.78 -29.37
C LEU H 10 3.31 61.82 -28.74
N SER H 11 3.03 60.53 -28.84
CA SER H 11 3.90 59.50 -28.27
C SER H 11 4.98 59.04 -29.26
N THR H 12 4.59 58.82 -30.52
CA THR H 12 5.53 58.39 -31.55
C THR H 12 6.62 59.46 -31.80
N ALA H 13 6.19 60.71 -31.91
CA ALA H 13 7.09 61.84 -32.06
C ALA H 13 7.59 62.32 -30.70
N HIS H 14 7.95 61.38 -29.82
CA HIS H 14 8.39 61.74 -28.47
C HIS H 14 9.93 61.80 -28.34
N THR H 15 10.62 60.91 -29.04
CA THR H 15 12.08 60.97 -29.06
C THR H 15 12.52 62.39 -29.47
N ARG H 16 11.70 63.07 -30.27
CA ARG H 16 11.97 64.41 -30.81
C ARG H 16 11.56 65.56 -29.87
N LEU H 17 10.35 65.50 -29.33
CA LEU H 17 9.84 66.53 -28.43
C LEU H 17 10.65 66.67 -27.14
N ILE H 18 11.62 65.77 -26.96
CA ILE H 18 12.54 65.84 -25.83
C ILE H 18 13.85 66.57 -26.18
N HIS H 19 14.32 66.42 -27.42
CA HIS H 19 15.59 67.01 -27.85
C HIS H 19 15.51 68.52 -28.05
N ASP H 20 14.35 69.01 -28.48
CA ASP H 20 14.15 70.45 -28.72
C ASP H 20 12.68 70.88 -28.59
N PHE H 21 12.36 71.51 -27.47
CA PHE H 21 11.00 71.95 -27.19
C PHE H 21 10.98 72.54 -25.79
N GLU H 22 9.91 73.22 -25.45
CA GLU H 22 9.76 73.77 -24.11
C GLU H 22 8.33 74.22 -23.88
N PRO H 23 7.70 73.68 -22.84
CA PRO H 23 6.30 73.99 -22.56
C PRO H 23 6.08 75.45 -22.15
N ARG H 24 7.10 76.12 -21.64
CA ARG H 24 6.95 77.53 -21.29
C ARG H 24 6.68 78.35 -22.55
N ASP H 25 7.29 77.93 -23.64
CA ASP H 25 7.15 78.59 -24.93
C ASP H 25 5.71 78.54 -25.45
N ALA H 26 4.97 77.49 -25.08
CA ALA H 26 3.64 77.29 -25.63
C ALA H 26 2.51 77.74 -24.69
N LEU H 27 2.84 77.96 -23.42
CA LEU H 27 1.83 78.26 -22.42
C LEU H 27 1.05 79.53 -22.73
N THR H 28 1.77 80.56 -23.17
CA THR H 28 1.14 81.83 -23.52
C THR H 28 0.24 81.66 -24.75
N TYR H 29 0.71 80.90 -25.74
CA TYR H 29 -0.05 80.66 -26.95
C TYR H 29 -1.28 79.78 -26.70
N LEU H 30 -1.28 79.04 -25.60
CA LEU H 30 -2.42 78.16 -25.29
C LEU H 30 -3.38 78.69 -24.21
N GLU H 31 -2.89 79.46 -23.24
CA GLU H 31 -3.80 80.16 -22.34
C GLU H 31 -4.68 81.00 -23.23
N GLY H 32 -4.16 81.31 -24.41
CA GLY H 32 -4.81 82.17 -25.37
C GLY H 32 -5.85 81.49 -26.25
N LYS H 33 -5.43 80.51 -27.04
CA LYS H 33 -6.37 79.84 -27.95
C LYS H 33 -7.42 79.04 -27.19
N ASN H 34 -7.50 79.29 -25.88
CA ASN H 34 -8.51 78.70 -24.99
C ASN H 34 -8.42 77.17 -24.83
N ILE H 35 -7.39 76.72 -24.13
CA ILE H 35 -7.09 75.31 -24.01
C ILE H 35 -6.34 75.07 -22.70
N PHE H 36 -6.15 76.14 -21.93
CA PHE H 36 -5.48 76.07 -20.63
C PHE H 36 -6.18 76.90 -19.55
N THR H 37 -5.60 76.92 -18.36
CA THR H 37 -6.12 77.68 -17.22
C THR H 37 -4.96 78.20 -16.40
N GLU H 38 -5.15 79.31 -15.69
CA GLU H 38 -4.03 79.97 -14.99
C GLU H 38 -3.43 79.13 -13.86
N ASP H 39 -4.09 78.03 -13.49
CA ASP H 39 -3.41 77.01 -12.67
C ASP H 39 -2.64 76.03 -13.56
N HIS H 40 -3.16 75.75 -14.74
CA HIS H 40 -2.50 74.86 -15.69
C HIS H 40 -1.11 75.35 -16.00
N SER H 41 -1.03 76.62 -16.40
CA SER H 41 0.26 77.24 -16.76
C SER H 41 1.17 77.38 -15.55
N GLU H 42 0.57 77.57 -14.37
CA GLU H 42 1.34 77.59 -13.13
C GLU H 42 1.97 76.21 -12.91
N LEU H 43 1.17 75.16 -13.03
CA LEU H 43 1.64 73.80 -12.80
C LEU H 43 2.78 73.38 -13.74
N ILE H 44 2.67 73.72 -15.02
CA ILE H 44 3.69 73.32 -15.99
C ILE H 44 4.84 74.34 -16.07
N SER H 45 4.57 75.59 -15.68
CA SER H 45 5.56 76.68 -15.75
C SER H 45 6.60 76.66 -14.61
N LYS H 46 6.20 76.24 -13.41
CA LYS H 46 7.16 76.02 -12.32
C LYS H 46 7.54 74.55 -12.15
N MET H 47 8.43 74.06 -12.99
CA MET H 47 8.91 72.68 -12.93
C MET H 47 10.42 72.68 -13.14
N SER H 48 11.17 72.09 -12.21
CA SER H 48 12.62 72.15 -12.24
C SER H 48 13.24 71.65 -13.56
N THR H 49 12.96 70.41 -13.95
CA THR H 49 13.45 69.89 -15.22
C THR H 49 12.42 70.06 -16.33
N ARG H 50 12.85 69.93 -17.57
CA ARG H 50 11.95 70.11 -18.72
C ARG H 50 11.13 68.87 -19.03
N LEU H 51 11.71 67.69 -18.80
CA LEU H 51 10.99 66.42 -18.97
C LEU H 51 9.75 66.38 -18.09
N GLU H 52 9.78 67.18 -17.01
CA GLU H 52 8.62 67.40 -16.16
C GLU H 52 7.59 68.30 -16.86
N ARG H 53 8.04 69.46 -17.33
CA ARG H 53 7.17 70.40 -18.03
C ARG H 53 6.63 69.78 -19.31
N ILE H 54 7.40 68.88 -19.91
CA ILE H 54 6.98 68.17 -21.13
C ILE H 54 5.93 67.09 -20.86
N ALA H 55 6.15 66.27 -19.83
CA ALA H 55 5.23 65.19 -19.43
C ALA H 55 3.89 65.74 -18.90
N ASN H 56 3.94 66.87 -18.20
CA ASN H 56 2.73 67.60 -17.80
C ASN H 56 2.01 68.34 -18.95
N PHE H 57 2.77 68.81 -19.94
CA PHE H 57 2.20 69.49 -21.09
C PHE H 57 1.46 68.49 -21.98
N LEU H 58 2.06 67.31 -22.14
CA LEU H 58 1.46 66.21 -22.91
C LEU H 58 0.33 65.45 -22.16
N ARG H 59 0.39 65.40 -20.84
CA ARG H 59 -0.73 64.86 -20.03
C ARG H 59 -1.92 65.84 -20.04
N ILE H 60 -1.70 67.05 -19.52
CA ILE H 60 -2.70 68.12 -19.50
C ILE H 60 -3.31 68.43 -20.87
N TYR H 61 -2.49 68.43 -21.91
CA TYR H 61 -2.96 68.72 -23.24
C TYR H 61 -3.97 67.69 -23.79
N ARG H 62 -3.70 66.40 -23.57
CA ARG H 62 -4.52 65.33 -24.14
C ARG H 62 -5.96 65.35 -23.63
N ARG H 63 -6.18 66.07 -22.53
CA ARG H 63 -7.50 66.18 -21.91
C ARG H 63 -8.29 67.40 -22.40
N GLN H 64 -7.58 68.48 -22.68
CA GLN H 64 -8.17 69.81 -22.86
C GLN H 64 -8.66 70.18 -24.27
N ALA H 65 -7.90 69.79 -25.29
CA ALA H 65 -8.22 70.18 -26.66
C ALA H 65 -9.22 69.26 -27.35
N SER H 66 -10.14 69.84 -28.13
CA SER H 66 -11.08 69.06 -28.93
C SER H 66 -10.36 68.38 -30.11
N GLU H 67 -9.13 68.77 -30.37
CA GLU H 67 -8.36 68.24 -31.50
C GLU H 67 -6.86 68.59 -31.40
N LEU H 68 -6.07 68.15 -32.38
CA LEU H 68 -4.62 68.42 -32.41
C LEU H 68 -4.26 69.56 -33.38
N GLY H 69 -5.02 70.65 -33.34
CA GLY H 69 -4.75 71.81 -34.17
C GLY H 69 -3.78 72.81 -33.55
N PRO H 70 -4.17 73.42 -32.42
CA PRO H 70 -3.38 74.45 -31.72
C PRO H 70 -2.04 73.97 -31.18
N LEU H 71 -1.41 72.99 -31.83
CA LEU H 71 -0.07 72.56 -31.45
C LEU H 71 0.78 72.36 -32.71
N ILE H 72 0.12 72.17 -33.85
CA ILE H 72 0.80 72.27 -35.13
C ILE H 72 0.92 73.76 -35.46
N ASP H 73 -0.18 74.49 -35.27
CA ASP H 73 -0.22 75.93 -35.41
C ASP H 73 0.61 76.61 -34.32
N PHE H 74 1.61 75.91 -33.78
CA PHE H 74 2.51 76.53 -32.82
C PHE H 74 3.96 76.18 -33.08
N PHE H 75 4.26 74.91 -33.33
CA PHE H 75 5.64 74.56 -33.67
C PHE H 75 6.05 75.30 -34.95
N ASN H 76 5.05 75.64 -35.78
CA ASN H 76 5.26 76.52 -36.92
C ASN H 76 5.85 77.85 -36.47
N TYR H 77 5.07 78.63 -35.72
CA TYR H 77 5.52 79.96 -35.28
C TYR H 77 6.82 79.94 -34.43
N ASN H 78 7.07 78.86 -33.70
CA ASN H 78 8.22 78.82 -32.77
C ASN H 78 9.58 78.42 -33.39
N ASN H 79 9.68 78.49 -34.73
CA ASN H 79 10.91 78.09 -35.42
C ASN H 79 11.25 76.61 -35.24
N GLN H 80 10.31 75.89 -34.61
CA GLN H 80 10.39 74.45 -34.44
C GLN H 80 9.48 73.78 -35.48
N SER H 81 9.47 74.30 -36.69
CA SER H 81 8.58 73.79 -37.73
C SER H 81 8.92 72.37 -38.17
N HIS H 82 10.16 71.95 -37.96
CA HIS H 82 10.52 70.57 -38.25
C HIS H 82 9.70 69.60 -37.40
N LEU H 83 9.07 70.15 -36.36
CA LEU H 83 8.16 69.39 -35.49
C LEU H 83 6.71 69.40 -36.01
N ALA H 84 6.11 70.58 -36.14
CA ALA H 84 4.72 70.68 -36.60
C ALA H 84 4.51 70.07 -37.99
N ASP H 85 5.60 69.93 -38.75
CA ASP H 85 5.55 69.27 -40.05
C ASP H 85 5.46 67.73 -39.89
N PHE H 86 6.26 67.16 -38.99
CA PHE H 86 6.21 65.72 -38.71
C PHE H 86 4.82 65.28 -38.21
N LEU H 87 4.23 66.05 -37.29
CA LEU H 87 2.91 65.73 -36.74
C LEU H 87 1.78 65.92 -37.75
N GLU H 88 1.85 66.95 -38.59
CA GLU H 88 0.84 67.12 -39.63
C GLU H 88 0.94 66.02 -40.70
N ASP H 89 2.15 65.54 -40.95
CA ASP H 89 2.37 64.42 -41.87
C ASP H 89 1.71 63.16 -41.32
N TYR H 90 1.83 62.95 -40.01
CA TYR H 90 1.28 61.77 -39.32
C TYR H 90 -0.26 61.79 -39.28
N ILE H 91 -0.84 62.96 -39.05
CA ILE H 91 -2.29 63.12 -39.02
C ILE H 91 -2.89 62.90 -40.41
N ASP H 92 -2.06 63.10 -41.44
CA ASP H 92 -2.53 62.93 -42.83
C ASP H 92 -2.47 61.47 -43.30
N PHE H 93 -1.44 60.72 -42.89
CA PHE H 93 -1.35 59.31 -43.25
C PHE H 93 -2.32 58.48 -42.41
N ALA H 94 -3.47 59.07 -42.11
CA ALA H 94 -4.56 58.42 -41.38
C ALA H 94 -5.89 59.10 -41.71
N ILE H 95 -5.86 60.42 -41.91
CA ILE H 95 -7.05 61.20 -42.29
C ILE H 95 -7.48 60.96 -43.75
N ASN H 96 -6.51 60.81 -44.65
CA ASN H 96 -6.81 60.61 -46.07
C ASN H 96 -6.83 59.13 -46.54
N GLU H 97 -6.63 58.18 -45.62
CA GLU H 97 -6.64 56.76 -45.95
C GLU H 97 -7.25 55.87 -44.86
N PRO H 98 -8.09 54.89 -45.26
CA PRO H 98 -8.82 54.01 -44.34
C PRO H 98 -8.11 52.68 -44.04
N ASP H 99 -6.77 52.65 -44.05
CA ASP H 99 -6.04 51.40 -43.83
C ASP H 99 -4.71 51.56 -43.08
N LEU H 100 -4.44 50.65 -42.14
CA LEU H 100 -3.25 50.74 -41.26
C LEU H 100 -2.57 49.39 -40.95
N MET I 1 -43.16 20.03 -36.56
CA MET I 1 -42.53 18.79 -36.11
C MET I 1 -43.55 17.65 -36.06
N LEU I 2 -43.04 16.41 -36.14
CA LEU I 2 -43.87 15.22 -36.04
C LEU I 2 -44.24 14.88 -34.59
N CYS I 3 -43.76 13.72 -34.12
CA CYS I 3 -43.90 13.27 -32.74
C CYS I 3 -43.37 11.83 -32.59
N GLU I 4 -43.56 11.23 -31.42
CA GLU I 4 -43.08 9.86 -31.18
C GLU I 4 -43.77 8.78 -32.04
N ILE I 5 -45.08 8.93 -32.28
CA ILE I 5 -45.83 7.98 -33.11
C ILE I 5 -45.39 8.03 -34.56
N GLU I 6 -45.40 9.23 -35.12
CA GLU I 6 -45.08 9.46 -36.52
C GLU I 6 -43.60 9.21 -36.84
N CYS I 7 -42.74 9.37 -35.82
CA CYS I 7 -41.29 9.13 -35.95
C CYS I 7 -40.91 7.69 -35.63
N ARG I 8 -41.72 7.05 -34.77
CA ARG I 8 -41.56 5.64 -34.47
C ARG I 8 -41.90 4.79 -35.69
N ALA I 9 -42.77 5.34 -36.54
CA ALA I 9 -43.17 4.70 -37.79
C ALA I 9 -42.07 4.74 -38.85
N LEU I 10 -41.45 5.90 -39.03
CA LEU I 10 -40.34 6.05 -39.96
C LEU I 10 -39.16 5.18 -39.52
N SER I 11 -39.14 4.84 -38.23
CA SER I 11 -38.08 4.01 -37.67
C SER I 11 -38.40 2.52 -37.76
N THR I 12 -39.63 2.14 -37.43
CA THR I 12 -40.05 0.74 -37.49
C THR I 12 -39.98 0.19 -38.94
N ALA I 13 -40.51 0.98 -39.87
CA ALA I 13 -40.45 0.64 -41.28
C ALA I 13 -39.13 1.09 -41.89
N HIS I 14 -38.03 0.85 -41.19
CA HIS I 14 -36.71 1.28 -41.66
C HIS I 14 -35.93 0.16 -42.38
N THR I 15 -36.09 -1.08 -41.90
CA THR I 15 -35.48 -2.20 -42.60
C THR I 15 -35.90 -2.18 -44.08
N ARG I 16 -37.10 -1.64 -44.35
CA ARG I 16 -37.69 -1.57 -45.70
C ARG I 16 -37.26 -0.35 -46.53
N LEU I 17 -37.30 0.83 -45.93
CA LEU I 17 -36.92 2.07 -46.60
C LEU I 17 -35.45 2.10 -47.04
N ILE I 18 -34.71 1.06 -46.66
CA ILE I 18 -33.33 0.90 -47.08
C ILE I 18 -33.19 -0.01 -48.32
N HIS I 19 -34.06 -1.01 -48.43
CA HIS I 19 -33.99 -1.99 -49.53
C HIS I 19 -34.48 -1.41 -50.85
N ASP I 20 -35.45 -0.51 -50.80
CA ASP I 20 -36.02 0.11 -52.00
C ASP I 20 -36.62 1.49 -51.76
N PHE I 21 -35.89 2.53 -52.15
CA PHE I 21 -36.32 3.91 -51.94
C PHE I 21 -35.20 4.81 -52.41
N GLU I 22 -35.49 6.10 -52.54
CA GLU I 22 -34.48 7.06 -52.94
C GLU I 22 -34.98 8.46 -52.70
N PRO I 23 -34.24 9.24 -51.91
CA PRO I 23 -34.65 10.61 -51.57
C PRO I 23 -34.66 11.55 -52.78
N ARG I 24 -33.88 11.26 -53.81
CA ARG I 24 -33.91 12.10 -55.01
C ARG I 24 -35.29 12.04 -55.65
N ASP I 25 -35.90 10.88 -55.59
CA ASP I 25 -37.22 10.65 -56.15
C ASP I 25 -38.29 11.53 -55.48
N ALA I 26 -38.09 11.86 -54.22
CA ALA I 26 -39.12 12.56 -53.46
C ALA I 26 -38.87 14.06 -53.34
N LEU I 27 -37.65 14.49 -53.65
CA LEU I 27 -37.25 15.89 -53.45
C LEU I 27 -38.11 16.85 -54.25
N THR I 28 -38.37 16.49 -55.51
CA THR I 28 -39.20 17.33 -56.38
C THR I 28 -40.64 17.40 -55.87
N TYR I 29 -41.15 16.25 -55.43
CA TYR I 29 -42.51 16.19 -54.91
C TYR I 29 -42.67 16.91 -53.57
N LEU I 30 -41.56 17.15 -52.87
CA LEU I 30 -41.62 17.83 -51.59
C LEU I 30 -41.19 19.31 -51.60
N GLU I 31 -40.27 19.69 -52.48
CA GLU I 31 -39.99 21.11 -52.67
C GLU I 31 -41.32 21.71 -53.08
N GLY I 32 -42.19 20.86 -53.62
CA GLY I 32 -43.48 21.28 -54.13
C GLY I 32 -44.58 21.41 -53.10
N LYS I 33 -44.91 20.31 -52.42
CA LYS I 33 -46.00 20.36 -51.44
C LYS I 33 -45.63 21.21 -50.23
N ASN I 34 -44.56 22.00 -50.39
CA ASN I 34 -44.10 22.97 -49.39
C ASN I 34 -43.65 22.38 -48.04
N ILE I 35 -42.50 21.71 -48.07
CA ILE I 35 -42.01 20.97 -46.93
C ILE I 35 -40.48 20.90 -47.01
N PHE I 36 -39.91 21.54 -48.04
CA PHE I 36 -38.46 21.61 -48.22
C PHE I 36 -37.98 23.00 -48.63
N THR I 37 -36.67 23.11 -48.87
CA THR I 37 -36.04 24.36 -49.29
C THR I 37 -34.90 24.03 -50.24
N GLU I 38 -34.57 24.96 -51.14
CA GLU I 38 -33.60 24.68 -52.20
C GLU I 38 -32.17 24.40 -51.67
N ASP I 39 -31.93 24.66 -50.38
CA ASP I 39 -30.73 24.10 -49.74
C ASP I 39 -30.98 22.69 -49.22
N HIS I 40 -32.21 22.43 -48.77
CA HIS I 40 -32.59 21.11 -48.29
C HIS I 40 -32.35 20.06 -49.36
N SER I 41 -32.90 20.32 -50.54
CA SER I 41 -32.77 19.39 -51.68
C SER I 41 -31.33 19.30 -52.17
N GLU I 42 -30.58 20.39 -52.04
CA GLU I 42 -29.16 20.38 -52.35
C GLU I 42 -28.44 19.44 -51.39
N LEU I 43 -28.71 19.60 -50.09
CA LEU I 43 -28.04 18.80 -49.07
C LEU I 43 -28.31 17.28 -49.22
N ILE I 44 -29.54 16.90 -49.51
CA ILE I 44 -29.89 15.49 -49.64
C ILE I 44 -29.64 14.95 -51.05
N SER I 45 -29.64 15.84 -52.05
CA SER I 45 -29.46 15.47 -53.46
C SER I 45 -28.02 15.19 -53.87
N LYS I 46 -27.05 15.89 -53.27
CA LYS I 46 -25.63 15.56 -53.48
C LYS I 46 -25.04 14.76 -52.31
N MET I 47 -25.31 13.46 -52.29
CA MET I 47 -24.79 12.56 -51.26
C MET I 47 -24.32 11.27 -51.92
N SER I 48 -23.06 10.90 -51.70
CA SER I 48 -22.47 9.75 -52.40
C SER I 48 -23.27 8.46 -52.26
N THR I 49 -23.50 8.00 -51.02
CA THR I 49 -24.32 6.81 -50.81
C THR I 49 -25.77 7.16 -50.54
N ARG I 50 -26.66 6.18 -50.65
CA ARG I 50 -28.10 6.42 -50.46
C ARG I 50 -28.50 6.42 -48.98
N LEU I 51 -27.83 5.60 -48.17
CA LEU I 51 -28.07 5.59 -46.72
C LEU I 51 -27.81 6.97 -46.12
N GLU I 52 -27.00 7.76 -46.81
CA GLU I 52 -26.80 9.17 -46.47
C GLU I 52 -28.03 10.00 -46.85
N ARG I 53 -28.46 9.90 -48.11
CA ARG I 53 -29.62 10.61 -48.59
C ARG I 53 -30.88 10.19 -47.84
N ILE I 54 -30.90 8.94 -47.39
CA ILE I 54 -32.03 8.43 -46.60
C ILE I 54 -32.06 8.95 -45.16
N ALA I 55 -30.90 8.92 -44.49
CA ALA I 55 -30.75 9.40 -43.11
C ALA I 55 -30.96 10.92 -43.00
N ASN I 56 -30.53 11.66 -44.02
CA ASN I 56 -30.84 13.10 -44.13
C ASN I 56 -32.30 13.42 -44.52
N PHE I 57 -32.93 12.55 -45.29
CA PHE I 57 -34.33 12.73 -45.69
C PHE I 57 -35.24 12.49 -44.49
N LEU I 58 -34.91 11.47 -43.69
CA LEU I 58 -35.64 11.14 -42.47
C LEU I 58 -35.35 12.08 -41.28
N ARG I 59 -34.13 12.63 -41.21
CA ARG I 59 -33.82 13.67 -40.22
C ARG I 59 -34.52 14.99 -40.57
N ILE I 60 -34.19 15.55 -41.75
CA ILE I 60 -34.80 16.78 -42.27
C ILE I 60 -36.33 16.74 -42.32
N TYR I 61 -36.88 15.59 -42.71
CA TYR I 61 -38.33 15.46 -42.81
C TYR I 61 -39.06 15.58 -41.45
N ARG I 62 -38.50 14.96 -40.40
CA ARG I 62 -39.17 14.90 -39.10
C ARG I 62 -39.36 16.29 -38.47
N ARG I 63 -38.62 17.26 -38.99
CA ARG I 63 -38.66 18.64 -38.49
C ARG I 63 -39.66 19.52 -39.25
N GLN I 64 -39.79 19.25 -40.55
CA GLN I 64 -40.46 20.16 -41.48
C GLN I 64 -41.98 20.04 -41.65
N ALA I 65 -42.48 18.80 -41.66
CA ALA I 65 -43.90 18.56 -41.91
C ALA I 65 -44.77 18.66 -40.66
N SER I 66 -45.96 19.25 -40.81
CA SER I 66 -46.94 19.29 -39.72
C SER I 66 -47.54 17.91 -39.45
N GLU I 67 -47.30 16.96 -40.36
CA GLU I 67 -47.87 15.61 -40.25
C GLU I 67 -47.19 14.62 -41.22
N LEU I 68 -47.62 13.37 -41.20
CA LEU I 68 -47.08 12.32 -42.08
C LEU I 68 -47.98 12.03 -43.29
N GLY I 69 -48.47 13.09 -43.93
CA GLY I 69 -49.30 12.94 -45.12
C GLY I 69 -48.52 12.86 -46.41
N PRO I 70 -47.80 13.96 -46.77
CA PRO I 70 -47.03 14.07 -48.02
C PRO I 70 -45.88 13.09 -48.15
N LEU I 71 -46.00 11.90 -47.57
CA LEU I 71 -45.00 10.85 -47.76
C LEU I 71 -45.70 9.51 -47.98
N ILE I 72 -46.96 9.42 -47.56
CA ILE I 72 -47.81 8.32 -47.99
C ILE I 72 -48.33 8.65 -49.39
N ASP I 73 -48.77 9.90 -49.55
CA ASP I 73 -49.18 10.44 -50.85
C ASP I 73 -47.98 10.57 -51.78
N PHE I 74 -46.95 9.77 -51.57
CA PHE I 74 -45.81 9.76 -52.50
C PHE I 74 -45.35 8.35 -52.83
N PHE I 75 -45.19 7.49 -51.83
CA PHE I 75 -44.85 6.11 -52.13
C PHE I 75 -45.92 5.47 -53.01
N ASN I 76 -47.14 6.00 -52.90
CA ASN I 76 -48.23 5.65 -53.81
C ASN I 76 -47.82 5.93 -55.26
N TYR I 77 -47.64 7.21 -55.59
CA TYR I 77 -47.30 7.59 -56.96
C TYR I 77 -45.99 6.96 -57.50
N ASN I 78 -45.03 6.68 -56.61
CA ASN I 78 -43.71 6.20 -57.05
C ASN I 78 -43.59 4.69 -57.30
N ASN I 79 -44.73 4.00 -57.46
CA ASN I 79 -44.74 2.54 -57.66
C ASN I 79 -44.15 1.78 -56.47
N GLN I 80 -43.88 2.53 -55.40
CA GLN I 80 -43.44 1.96 -54.13
C GLN I 80 -44.61 1.92 -53.16
N SER I 81 -45.78 1.57 -53.66
CA SER I 81 -47.00 1.57 -52.84
C SER I 81 -46.98 0.53 -51.73
N HIS I 82 -46.17 -0.50 -51.88
CA HIS I 82 -46.02 -1.49 -50.82
C HIS I 82 -45.45 -0.82 -49.56
N LEU I 83 -44.91 0.38 -49.75
CA LEU I 83 -44.39 1.19 -48.63
C LEU I 83 -45.49 2.10 -48.02
N ALA I 84 -46.08 2.99 -48.82
CA ALA I 84 -47.12 3.90 -48.33
C ALA I 84 -48.32 3.16 -47.73
N ASP I 85 -48.48 1.90 -48.10
CA ASP I 85 -49.52 1.06 -47.51
C ASP I 85 -49.15 0.59 -46.10
N PHE I 86 -47.90 0.16 -45.91
CA PHE I 86 -47.41 -0.24 -44.58
C PHE I 86 -47.50 0.91 -43.57
N LEU I 87 -47.08 2.11 -43.98
CA LEU I 87 -47.11 3.27 -43.09
C LEU I 87 -48.53 3.77 -42.79
N GLU I 88 -49.43 3.73 -43.78
CA GLU I 88 -50.83 4.10 -43.51
C GLU I 88 -51.52 3.08 -42.59
N ASP I 89 -51.12 1.81 -42.70
CA ASP I 89 -51.63 0.77 -41.82
C ASP I 89 -51.20 1.04 -40.38
N TYR I 90 -49.95 1.49 -40.21
CA TYR I 90 -49.38 1.77 -38.90
C TYR I 90 -50.01 3.00 -38.23
N ILE I 91 -50.28 4.03 -39.02
CA ILE I 91 -50.91 5.25 -38.52
C ILE I 91 -52.35 4.98 -38.12
N ASP I 92 -52.95 3.93 -38.68
CA ASP I 92 -54.33 3.57 -38.36
C ASP I 92 -54.47 2.72 -37.09
N PHE I 93 -53.51 1.81 -36.87
CA PHE I 93 -53.52 1.00 -35.65
C PHE I 93 -53.06 1.82 -34.45
N ALA I 94 -53.41 3.10 -34.47
CA ALA I 94 -53.12 4.05 -33.39
C ALA I 94 -54.11 5.22 -33.41
N ILE I 95 -54.51 5.63 -34.62
CA ILE I 95 -55.51 6.69 -34.82
C ILE I 95 -56.94 6.24 -34.45
N ASN I 96 -57.29 5.00 -34.78
CA ASN I 96 -58.63 4.48 -34.50
C ASN I 96 -58.78 3.68 -33.18
N GLU I 97 -57.71 3.59 -32.38
CA GLU I 97 -57.75 2.86 -31.11
C GLU I 97 -56.88 3.51 -30.01
N PRO I 98 -57.43 3.58 -28.78
CA PRO I 98 -56.77 4.24 -27.64
C PRO I 98 -55.96 3.30 -26.75
N ASP I 99 -55.37 2.24 -27.31
CA ASP I 99 -54.63 1.26 -26.50
C ASP I 99 -53.42 0.63 -27.21
N LEU I 100 -52.30 0.50 -26.47
CA LEU I 100 -51.04 0.02 -27.05
C LEU I 100 -50.22 -0.91 -26.13
MG MG J . 29.08 38.24 13.57
PG ATP K . 33.13 37.54 12.54
O1G ATP K . 33.65 37.61 11.15
O2G ATP K . 31.61 37.70 12.60
O3G ATP K . 33.75 36.49 13.43
PB ATP K . 33.25 40.20 12.73
O1B ATP K . 31.82 39.88 12.32
O2B ATP K . 34.34 40.56 11.77
O3B ATP K . 33.71 38.80 13.32
PA ATP K . 31.85 41.74 14.65
O1A ATP K . 31.54 43.17 14.25
O2A ATP K . 30.75 40.70 14.58
O3A ATP K . 33.24 41.24 13.96
O5' ATP K . 32.28 41.83 16.16
C5' ATP K . 31.23 41.66 17.10
C4' ATP K . 31.88 42.11 18.38
O4' ATP K . 33.06 42.89 18.07
C3' ATP K . 30.96 43.01 19.18
O3' ATP K . 30.36 42.25 20.24
C2' ATP K . 31.90 44.05 19.75
O2' ATP K . 32.39 43.50 20.97
C1' ATP K . 33.08 44.14 18.79
N9 ATP K . 32.91 45.30 17.84
C8 ATP K . 33.29 45.34 16.54
N7 ATP K . 33.02 46.51 15.93
C5 ATP K . 32.43 47.29 16.85
C6 ATP K . 31.87 48.67 16.88
N6 ATP K . 31.89 49.45 15.75
N1 ATP K . 31.35 49.11 18.06
C2 ATP K . 31.35 48.33 19.17
N3 ATP K . 31.83 47.08 19.23
C4 ATP K . 32.38 46.51 18.11
MG MG L . 14.26 -4.87 -29.05
PG ATP M . 15.17 -8.84 -30.20
O1G ATP M . 14.13 -9.88 -30.51
O2G ATP M . 14.55 -7.54 -29.68
O3G ATP M . 16.42 -9.34 -29.52
PB ATP M . 14.87 -7.81 -32.64
O1B ATP M . 13.98 -6.98 -31.74
O2B ATP M . 14.41 -8.98 -33.46
O3B ATP M . 15.86 -8.46 -31.59
PA ATP M . 15.70 -5.21 -33.41
O1A ATP M . 14.93 -4.59 -34.56
O2A ATP M . 15.37 -4.77 -31.99
O3A ATP M . 15.76 -6.82 -33.57
O5' ATP M . 17.20 -4.83 -33.65
C5' ATP M . 17.63 -3.63 -33.04
C4' ATP M . 18.94 -3.37 -33.71
O4' ATP M . 19.01 -4.15 -34.92
C3' ATP M . 19.10 -1.92 -34.11
O3' ATP M . 19.95 -1.25 -33.16
C2' ATP M . 19.80 -2.00 -35.45
O2' ATP M . 21.19 -2.04 -35.16
C1' ATP M . 19.42 -3.34 -36.06
N9 ATP M . 18.28 -3.18 -37.04
C8 ATP M . 17.27 -4.08 -37.24
N7 ATP M . 16.39 -3.68 -38.19
C5 ATP M . 16.83 -2.48 -38.63
C6 ATP M . 16.34 -1.49 -39.62
N6 ATP M . 15.19 -1.71 -40.34
N1 ATP M . 17.08 -0.36 -39.78
C2 ATP M . 18.21 -0.14 -39.07
N3 ATP M . 18.71 -1.00 -38.15
C4 ATP M . 18.06 -2.16 -37.88
MG MG N . -21.61 -29.29 15.80
PG ATP O . -21.54 -32.08 18.97
O1G ATP O . -22.07 -31.80 20.35
O2G ATP O . -21.56 -30.84 18.07
O3G ATP O . -20.31 -32.96 18.90
PB ATP O . -24.01 -32.56 18.11
O1B ATP O . -23.74 -31.11 17.77
O2B ATP O . -24.73 -33.01 19.36
O3B ATP O . -22.54 -33.12 18.31
PA ATP O . -24.81 -32.57 15.40
O1A ATP O . -26.27 -32.24 15.13
O2A ATP O . -23.77 -31.50 15.16
O3A ATP O . -24.64 -33.31 16.83
O5' ATP O . -24.46 -33.74 14.40
C5' ATP O . -23.95 -33.33 13.15
C4' ATP O . -24.05 -34.61 12.34
O4' ATP O . -24.95 -35.51 13.00
C3' ATP O . -24.59 -34.34 10.95
O3' ATP O . -23.51 -34.32 10.02
C2' ATP O . -25.48 -35.54 10.70
O2' ATP O . -24.62 -36.54 10.15
C1' ATP O . -25.93 -36.03 12.07
N9 ATP O . -27.30 -35.52 12.39
C8 ATP O . -27.75 -35.15 13.63
N7 ATP O . -29.04 -34.72 13.62
C5 ATP O . -29.46 -34.81 12.35
C6 ATP O . -30.73 -34.49 11.63
N6 ATP O . -31.82 -33.99 12.30
N1 ATP O . -30.75 -34.72 10.29
C2 ATP O . -29.68 -35.22 9.63
N3 ATP O . -28.51 -35.52 10.21
C4 ATP O . -28.33 -35.34 11.55
MG MG P . 31.10 22.28 -16.45
PG ATP Q . 33.77 19.74 -18.51
O1G ATP Q . 33.43 19.01 -19.78
O2G ATP Q . 32.57 20.46 -17.92
O3G ATP Q . 34.69 19.00 -17.56
PB ATP Q . 34.22 21.95 -19.92
O1B ATP Q . 32.80 22.07 -19.43
O2B ATP Q . 34.62 21.44 -21.27
O3B ATP Q . 34.81 20.87 -18.93
PA ATP Q . 34.31 24.56 -18.83
O1A ATP Q . 33.96 25.69 -19.77
O2A ATP Q . 33.26 24.10 -17.83
O3A ATP Q . 35.01 23.35 -19.63
O5' ATP Q . 35.53 25.10 -17.97
C5' ATP Q . 35.17 25.76 -16.78
C4' ATP Q . 36.47 26.43 -16.39
O4' ATP Q . 37.33 26.48 -17.54
C3' ATP Q . 36.26 27.85 -15.93
O3' ATP Q . 36.29 27.90 -14.50
C2' ATP Q . 37.44 28.59 -16.51
O2' ATP Q . 38.47 28.47 -15.54
C1' ATP Q . 37.87 27.81 -17.74
N9 ATP Q . 37.30 28.43 -18.99
C8 ATP Q . 36.88 27.77 -20.10
N7 ATP Q . 36.42 28.59 -21.07
C5 ATP Q . 36.53 29.85 -20.60
C6 ATP Q . 36.22 31.20 -21.12
N6 ATP Q . 35.67 31.37 -22.37
N1 ATP Q . 36.50 32.26 -20.30
C2 ATP Q . 37.05 32.08 -19.09
N3 ATP Q . 37.36 30.88 -18.55
C4 ATP Q . 37.13 29.74 -19.24
MG MG R . -15.60 -13.30 45.42
PG ATP S . -14.05 -14.23 49.24
O1G ATP S . -13.72 -13.20 50.30
O2G ATP S . -14.46 -13.60 47.92
O3G ATP S . -13.12 -15.43 49.20
PB ATP S . -16.62 -14.10 49.93
O1B ATP S . -16.46 -13.16 48.75
O2B ATP S . -16.58 -13.66 51.36
O3B ATP S . -15.34 -15.01 49.77
PA ATP S . -18.75 -15.00 48.31
O1A ATP S . -20.09 -14.33 48.53
O2A ATP S . -17.92 -14.60 47.11
O3A ATP S . -17.90 -15.05 49.68
O5' ATP S . -19.09 -16.53 48.11
C5' ATP S . -19.32 -16.93 46.77
C4' ATP S . -19.94 -18.30 46.95
O4' ATP S . -20.42 -18.43 48.30
C3' ATP S . -21.12 -18.50 46.03
O3' ATP S . -20.73 -19.28 44.90
C2' ATP S . -22.10 -19.27 46.89
O2' ATP S . -21.77 -20.64 46.71
C1' ATP S . -21.78 -18.91 48.34
N9 ATP S . -22.71 -17.84 48.84
C8 ATP S . -22.40 -16.83 49.70
N7 ATP S . -23.43 -16.02 49.99
C5 ATP S . -24.48 -16.49 49.29
C6 ATP S . -25.91 -16.08 49.11
N6 ATP S . -26.41 -14.98 49.76
N1 ATP S . -26.68 -16.85 48.30
C2 ATP S . -26.17 -17.94 47.67
N3 ATP S . -24.91 -18.36 47.76
C4 ATP S . -24.02 -17.69 48.56
MG MG T . -8.48 -26.46 -15.75
PG ATP U . -8.70 -30.54 -14.66
O1G ATP U . -9.83 -31.14 -13.87
O2G ATP U . -8.82 -29.02 -14.79
O3G ATP U . -7.33 -31.12 -14.38
PB ATP U . -10.19 -30.66 -16.87
O1B ATP U . -10.37 -29.26 -16.34
O2B ATP U . -11.13 -31.81 -16.59
O3B ATP U . -8.85 -31.10 -16.14
PA ATP U . -9.67 -29.21 -19.24
O1A ATP U . -10.87 -28.92 -20.12
O2A ATP U . -9.14 -28.10 -18.36
O3A ATP U . -9.86 -30.61 -18.46
O5' ATP U . -8.51 -29.58 -20.24
C5' ATP U . -7.72 -28.48 -20.67
C4' ATP U . -6.96 -29.08 -21.83
O4' ATP U . -7.63 -30.27 -22.27
C3' ATP U . -6.91 -28.13 -23.00
O3' ATP U . -5.63 -27.48 -23.05
C2' ATP U . -7.07 -29.05 -24.19
O2' ATP U . -5.75 -29.48 -24.52
C1' ATP U . -7.83 -30.26 -23.70
N9 ATP U . -9.31 -30.14 -24.03
C8 ATP U . -10.34 -30.58 -23.26
N7 ATP U . -11.55 -30.34 -23.81
C5 ATP U . -11.32 -29.73 -24.99
C6 ATP U . -12.17 -29.17 -26.08
N6 ATP U . -13.53 -29.25 -26.00
N1 ATP U . -11.53 -28.61 -27.14
C2 ATP U . -10.18 -28.55 -27.20
N3 ATP U . -9.35 -29.02 -26.26
C4 ATP U . -9.84 -29.62 -25.14
#